data_3G6J
#
_entry.id   3G6J
#
_cell.length_a   216.436
_cell.length_b   180.417
_cell.length_c   154.584
_cell.angle_alpha   90.00
_cell.angle_beta   115.73
_cell.angle_gamma   90.00
#
_symmetry.space_group_name_H-M   'C 1 2 1'
#
loop_
_entity.id
_entity.type
_entity.pdbx_description
1 polymer 'Complement C3 beta chain'
2 polymer 'Complement C3 alpha chain'
3 polymer 'Fab light chain'
4 polymer 'Fab heavy chain'
5 non-polymer 'CALCIUM ION'
#
loop_
_entity_poly.entity_id
_entity_poly.type
_entity_poly.pdbx_seq_one_letter_code
_entity_poly.pdbx_strand_id
1 'polypeptide(L)'
;SPMYSIITPNILRLESEETMVLEAHDAQGDVPVTVTVHDFPGKKLVLSSEKTVLTPATNHMGNVTFTIPANREFKSEKGR
NKFVTVQATFGTQVVEKVVLVSLQSGYLFIQTDKTIYTPGSTVLYRIFTVNHKLLPVGRTVMVNIENPEGIPVKQDSLSS
QNQLGVLPLSWDIPELVNMGQWKIRAYYENSPQQVFSTEFEVKEYVLPSFEVIVEPTEKFYYIYNEKGLEVTITARFLYG
KKVEGTAFVIFGIQDGEQRISLPESLKRIPIEDGSGEVVLSRKVLLDGVQNPRAEDLVGKSLYVSATVILHSGSDMVQAE
RSGIPIVTSPYQIHFTKTPKYFKPGMPFDLMVFVTNPDGSPAYRVPVAVQGEDTVQSLTQGDGVAKLSINTHPSQKPLSI
TVRTKKQELSEAEQATRTMQALPYSTVGNSNNYLHLSVLRTELRPGETLNVNFLLRMDRAHEAKIRYYTYLIMNKGRLLK
AGRQVREPGQDLVVLPLSITTDFIPSFRLVAYYTLIGASGQREVVADSVWVDVKDSCVGSLVVKSGQSEDRQPVPGQQMT
LKIEGDHGARVVLVAVDKGVFVLNKKNKLTQSKIWDVVEKADIGCTPGSGKDYAGVFSDAGLTFTSSSGQQTAQRAELQC
PQPA
;
A,C
2 'polypeptide(L)'
;SNLDEDIIAEENIVSRSEFPESWLWNVEDLKEPPKNGISTKLMNIFLKDSITTWEILAVSMSDKKGICVADPFEVTVMQD
FFIDLRLPYSVVRNEQVEIRAVLYNYRQNQELKVRVELLHNPAFCSLATTKRRHQQTVTIPPKSSLSVPYVIVPLKTGLQ
EVEVKAAVYHHFISDGVRKSLKVVPEGIRMNKTVAVRTLDPERLGREGVQKEDIPPADLSDQVPDTESETRILLQGTPVA
QMTEDAVDAERLKHLIVTPSGCGEQNMIGMTPTVIAVHYLDETEQWEKFGLEKRQGALELIKKGYTQQLAFRQPSSAFAA
FVKRAPSTWLTAYVVKVFSLAVNLIAIDSQVLCGAVKWLILEKQKPDGVFQEDAPVIHQEMIGGLRNNNEKDMALTAFVL
ISLQEAKDICEEQVNSLPGSITKAGDFLEANYMNLQRSYTVAIAGYALAQMGRLKGPLLNKFLTTAKDKNRWEDPGKQLY
NVEATSYALLALLQLKDFDFVPPVVRWLNEQRYYGGGYGSTQATFMVFQALAQYQKDAPDHQELNLDVSLQLPSRSSKIT
HRIHWESASLLRSEETKENEGFTVTAEGKGQGTLSVVTMYHAKAKDQLTCNKFDLKVTIKPAPETEKRPQDAKNTMILEI
CTRYRGDQDATMSILDISMMTGFAPDTDDLKQLANGVDRYISKYELDKAFSDRNTLIIYLDKVSHSEDDCLAFKVHQYFN
VELIQPGAVKVYAYYNLEESCTRFYHPEKEDGKLNKLCRDELCRCAEENCFIQKSDDKVTLEERLDKACEPGVDYVYKTR
LVKVQLSNDFDEYIMAIEQTIKSGSDEVQVGQQRTFISPIKCREALKLEEKKHYLMWGLSSDFWGEKPNLSYIIGKDTWV
EHWPEEDECQDEENQKQCQDLGAFTESMVVFGCPN
;
B,D
3 'polypeptide(L)'
;DIQMTQSPSSLSASVGDRVTITCRASQDVSTAVAWYQQKPGKAPKLLIYSASFLYSGVPSRFSGSGSGTDFTLTISSLQP
EDFATYYCQQSYATLPTFEQGTKVEIKRTVAAPSVFIFPPSDEQLKSGTASVVCLLNNFYPREAKVQWKVDNALQSGNSQ
ESVTEQDSKDSTYSLSSTLTLSKADYEKHKVYACEVTHQGLSSPVTKSFNRGEC
;
E,G
4 'polypeptide(L)'
;EVQLVESGGGLVQPGGSLRLSCAASGFSFTSSSVSWVRQAPGKGLEWVGLIYPYNGFNYYADSVKGRFTISANTSKNTAY
LQMNSLRAEDTAVYYCARNALYGSGGYYAMDYWGQGTLVTVSSASTKGPSVFPLAPSSKSTSGGTAALGCLVKDYFPEPV
TVSWNSGALTSGVHTFPAVLQSSGLYSLSSVVTVPSSSLGTQTYICNVNHKPSNTKVDKKVEPKSC
;
F,H
#
# COMPACT_ATOMS: atom_id res chain seq x y z
N SER A 1 -63.10 -10.48 23.32
CA SER A 1 -63.96 -9.86 22.28
C SER A 1 -63.08 -9.34 21.14
N PRO A 2 -63.57 -9.42 19.88
CA PRO A 2 -62.75 -9.02 18.73
C PRO A 2 -62.38 -7.54 18.72
N MET A 3 -61.23 -7.22 18.15
CA MET A 3 -60.77 -5.84 17.96
C MET A 3 -60.33 -5.67 16.51
N TYR A 4 -60.85 -4.63 15.87
CA TYR A 4 -60.47 -4.31 14.50
C TYR A 4 -59.62 -3.05 14.50
N SER A 5 -58.55 -3.06 13.71
CA SER A 5 -57.60 -1.94 13.67
C SER A 5 -57.18 -1.59 12.25
N ILE A 6 -56.80 -0.32 12.07
CA ILE A 6 -56.27 0.19 10.81
C ILE A 6 -54.92 0.87 11.05
N ILE A 7 -54.00 0.68 10.12
CA ILE A 7 -52.74 1.42 10.11
C ILE A 7 -52.58 2.10 8.77
N THR A 8 -52.37 3.42 8.78
CA THR A 8 -51.99 4.17 7.60
C THR A 8 -50.84 5.09 7.95
N PRO A 9 -50.13 5.62 6.93
CA PRO A 9 -49.19 6.70 7.15
C PRO A 9 -49.82 7.93 7.79
N ASN A 10 -49.00 8.68 8.54
CA ASN A 10 -49.41 9.95 9.17
C ASN A 10 -49.79 11.02 8.17
N ILE A 11 -49.18 10.95 6.98
CA ILE A 11 -49.45 11.88 5.89
C ILE A 11 -49.71 11.09 4.62
N LEU A 12 -50.80 11.41 3.94
CA LEU A 12 -51.17 10.75 2.68
C LEU A 12 -50.93 11.68 1.50
N ARG A 13 -50.34 11.13 0.44
CA ARG A 13 -49.83 11.92 -0.68
C ARG A 13 -50.73 11.75 -1.91
N LEU A 14 -50.80 12.80 -2.73
CA LEU A 14 -51.71 12.81 -3.88
C LEU A 14 -51.17 12.01 -5.06
N GLU A 15 -52.07 11.35 -5.78
CA GLU A 15 -51.77 10.64 -7.05
C GLU A 15 -50.91 9.37 -6.94
N SER A 16 -50.17 9.23 -5.84
CA SER A 16 -49.35 8.03 -5.60
C SER A 16 -50.10 7.05 -4.71
N GLU A 17 -49.72 5.77 -4.79
CA GLU A 17 -50.36 4.72 -4.00
C GLU A 17 -49.89 4.74 -2.55
N GLU A 18 -50.86 4.77 -1.64
CA GLU A 18 -50.61 4.69 -0.19
C GLU A 18 -51.36 3.49 0.35
N THR A 19 -50.66 2.62 1.08
CA THR A 19 -51.24 1.36 1.55
C THR A 19 -51.80 1.48 2.96
N MET A 20 -52.81 0.66 3.26
CA MET A 20 -53.48 0.66 4.56
C MET A 20 -53.59 -0.77 5.12
N VAL A 21 -52.98 -1.01 6.28
CA VAL A 21 -52.94 -2.36 6.86
C VAL A 21 -54.19 -2.63 7.69
N LEU A 22 -54.79 -3.80 7.49
CA LEU A 22 -56.06 -4.17 8.12
C LEU A 22 -55.95 -5.45 8.95
N GLU A 23 -56.39 -5.38 10.21
CA GLU A 23 -56.26 -6.51 11.13
C GLU A 23 -57.55 -6.77 11.90
N ALA A 24 -57.79 -8.04 12.20
CA ALA A 24 -58.96 -8.48 12.95
C ALA A 24 -58.53 -9.46 14.06
N HIS A 25 -58.18 -8.92 15.21
CA HIS A 25 -57.68 -9.70 16.35
C HIS A 25 -58.85 -10.38 17.06
N ASP A 26 -58.63 -11.60 17.56
CA ASP A 26 -59.69 -12.44 18.14
C ASP A 26 -60.89 -12.56 17.19
N ALA A 27 -60.60 -13.01 15.98
CA ALA A 27 -61.61 -13.07 14.91
C ALA A 27 -62.09 -14.49 14.67
N GLN A 28 -63.26 -14.62 14.05
CA GLN A 28 -63.85 -15.93 13.76
C GLN A 28 -64.39 -16.00 12.33
N GLY A 29 -63.68 -16.73 11.47
CA GLY A 29 -64.10 -16.95 10.10
C GLY A 29 -63.99 -15.72 9.23
N ASP A 30 -64.48 -15.83 8.00
CA ASP A 30 -64.37 -14.74 7.03
C ASP A 30 -65.05 -13.46 7.54
N VAL A 31 -64.41 -12.33 7.28
CA VAL A 31 -64.90 -11.02 7.72
C VAL A 31 -64.63 -9.98 6.64
N PRO A 32 -65.69 -9.48 5.98
CA PRO A 32 -65.50 -8.54 4.87
C PRO A 32 -65.25 -7.14 5.39
N VAL A 33 -64.51 -6.35 4.61
CA VAL A 33 -64.13 -5.01 5.04
C VAL A 33 -64.15 -4.04 3.86
N THR A 34 -64.87 -2.94 4.04
CA THR A 34 -64.92 -1.87 3.06
C THR A 34 -64.05 -0.71 3.53
N VAL A 35 -63.04 -0.37 2.73
CA VAL A 35 -62.20 0.78 3.03
C VAL A 35 -62.70 1.98 2.23
N THR A 36 -63.08 3.04 2.94
CA THR A 36 -63.60 4.26 2.33
C THR A 36 -62.67 5.42 2.61
N VAL A 37 -62.61 6.38 1.68
CA VAL A 37 -61.85 7.63 1.89
C VAL A 37 -62.73 8.82 1.48
N HIS A 38 -63.06 9.68 2.44
CA HIS A 38 -63.87 10.88 2.16
C HIS A 38 -63.08 12.14 2.40
N ASP A 39 -63.54 13.24 1.81
CA ASP A 39 -62.97 14.56 2.09
C ASP A 39 -63.38 15.01 3.50
N PHE A 40 -62.73 16.06 3.99
CA PHE A 40 -62.98 16.57 5.33
C PHE A 40 -62.81 18.10 5.33
N PRO A 41 -63.72 18.82 5.99
CA PRO A 41 -64.92 18.36 6.70
C PRO A 41 -66.06 18.08 5.73
N GLY A 42 -67.07 17.34 6.18
CA GLY A 42 -68.17 16.94 5.31
C GLY A 42 -67.74 15.90 4.28
N LYS A 43 -68.66 15.03 3.87
CA LYS A 43 -68.29 13.83 3.11
C LYS A 43 -68.92 13.70 1.73
N LYS A 44 -68.12 13.98 0.70
CA LYS A 44 -68.35 13.53 -0.66
C LYS A 44 -67.25 12.50 -0.95
N LEU A 45 -67.63 11.26 -1.25
CA LEU A 45 -66.67 10.16 -1.37
C LEU A 45 -65.62 10.38 -2.47
N VAL A 46 -64.38 10.01 -2.19
CA VAL A 46 -63.24 10.22 -3.10
C VAL A 46 -62.60 8.90 -3.57
N LEU A 47 -62.53 7.90 -2.70
CA LEU A 47 -62.18 6.54 -3.14
C LEU A 47 -62.69 5.49 -2.14
N SER A 48 -63.91 5.03 -2.40
CA SER A 48 -64.53 3.95 -1.61
C SER A 48 -64.28 2.59 -2.27
N SER A 49 -63.37 2.55 -3.24
CA SER A 49 -62.93 1.31 -3.83
C SER A 49 -62.26 0.47 -2.75
N GLU A 50 -61.64 -0.64 -3.15
CA GLU A 50 -60.90 -1.48 -2.23
C GLU A 50 -61.81 -2.04 -1.14
N LYS A 51 -62.44 -3.18 -1.45
CA LYS A 51 -63.07 -4.01 -0.46
C LYS A 51 -62.28 -5.31 -0.42
N THR A 52 -62.20 -5.94 0.75
CA THR A 52 -61.39 -7.14 0.92
C THR A 52 -61.94 -7.97 2.08
N VAL A 53 -61.56 -9.26 2.10
CA VAL A 53 -61.96 -10.17 3.19
C VAL A 53 -60.73 -10.84 3.82
N LEU A 54 -60.40 -10.44 5.05
CA LEU A 54 -59.31 -11.08 5.80
C LEU A 54 -59.82 -12.40 6.39
N THR A 55 -59.16 -13.49 6.03
CA THR A 55 -59.65 -14.83 6.33
C THR A 55 -58.73 -15.56 7.32
N PRO A 56 -59.26 -16.58 8.02
CA PRO A 56 -58.45 -17.50 8.83
C PRO A 56 -57.16 -17.92 8.11
N ALA A 57 -57.28 -18.14 6.80
CA ALA A 57 -56.13 -18.49 5.97
C ALA A 57 -54.92 -17.59 6.21
N THR A 58 -55.15 -16.28 6.25
CA THR A 58 -54.05 -15.29 6.41
C THR A 58 -54.03 -14.64 7.80
N ASN A 59 -54.28 -15.44 8.84
CA ASN A 59 -54.25 -14.99 10.23
C ASN A 59 -55.00 -13.68 10.50
N HIS A 60 -56.10 -13.47 9.79
CA HIS A 60 -56.94 -12.27 9.90
C HIS A 60 -56.18 -10.95 9.70
N MET A 61 -55.24 -10.96 8.76
CA MET A 61 -54.53 -9.75 8.36
C MET A 61 -54.47 -9.64 6.84
N GLY A 62 -54.90 -8.50 6.33
CA GLY A 62 -54.79 -8.18 4.90
C GLY A 62 -54.54 -6.70 4.72
N ASN A 63 -54.45 -6.25 3.48
CA ASN A 63 -54.25 -4.83 3.20
C ASN A 63 -55.10 -4.33 2.03
N VAL A 64 -55.10 -3.02 1.86
CA VAL A 64 -55.80 -2.34 0.78
C VAL A 64 -54.85 -1.33 0.12
N THR A 65 -54.92 -1.21 -1.20
CA THR A 65 -54.06 -0.31 -1.97
C THR A 65 -54.92 0.72 -2.69
N PHE A 66 -54.77 1.99 -2.31
CA PHE A 66 -55.61 3.05 -2.87
C PHE A 66 -54.81 4.28 -3.26
N THR A 67 -55.41 5.09 -4.14
CA THR A 67 -54.77 6.32 -4.66
C THR A 67 -55.75 7.49 -4.63
N ILE A 68 -55.24 8.69 -4.34
CA ILE A 68 -56.05 9.89 -4.24
C ILE A 68 -55.83 10.81 -5.45
N PRO A 69 -56.91 11.13 -6.21
CA PRO A 69 -56.79 12.12 -7.29
C PRO A 69 -56.77 13.57 -6.79
N ALA A 70 -56.10 14.44 -7.54
CA ALA A 70 -56.02 15.88 -7.19
C ALA A 70 -57.28 16.61 -7.64
N ASN A 71 -58.40 16.26 -7.02
CA ASN A 71 -59.73 16.70 -7.47
C ASN A 71 -60.06 18.15 -7.14
N ARG A 72 -61.33 18.52 -7.31
CA ARG A 72 -61.74 19.93 -7.34
C ARG A 72 -61.51 20.67 -6.03
N GLU A 73 -61.88 20.04 -4.90
CA GLU A 73 -61.78 20.69 -3.59
C GLU A 73 -60.39 20.62 -2.92
N PHE A 74 -59.40 20.08 -3.64
CA PHE A 74 -58.00 20.06 -3.17
C PHE A 74 -57.10 21.01 -3.96
N LYS A 75 -57.26 21.00 -5.29
CA LYS A 75 -56.45 21.83 -6.20
C LYS A 75 -56.45 23.31 -5.81
N SER A 76 -57.59 23.98 -5.94
CA SER A 76 -57.68 25.42 -5.70
C SER A 76 -57.53 25.78 -4.22
N GLU A 77 -58.16 25.00 -3.35
CA GLU A 77 -58.08 25.25 -1.90
C GLU A 77 -56.73 24.80 -1.33
N LYS A 78 -55.86 25.78 -1.09
CA LYS A 78 -54.55 25.56 -0.47
C LYS A 78 -54.23 26.74 0.47
N GLY A 79 -53.14 26.62 1.22
CA GLY A 79 -52.74 27.63 2.19
C GLY A 79 -52.88 27.07 3.58
N ARG A 80 -54.11 26.73 3.95
CA ARG A 80 -54.38 25.95 5.15
C ARG A 80 -54.33 24.47 4.78
N ASN A 81 -53.91 23.63 5.72
CA ASN A 81 -53.72 22.20 5.46
C ASN A 81 -55.02 21.47 5.13
N LYS A 82 -54.91 20.46 4.28
CA LYS A 82 -56.04 19.63 3.87
C LYS A 82 -56.04 18.30 4.61
N PHE A 83 -57.23 17.75 4.83
CA PHE A 83 -57.41 16.46 5.49
C PHE A 83 -58.43 15.62 4.76
N VAL A 84 -58.37 14.31 4.95
CA VAL A 84 -59.38 13.38 4.46
C VAL A 84 -59.80 12.49 5.62
N THR A 85 -60.73 11.57 5.36
CA THR A 85 -61.20 10.63 6.38
C THR A 85 -61.13 9.21 5.85
N VAL A 86 -60.12 8.46 6.31
CA VAL A 86 -60.01 7.03 6.05
C VAL A 86 -61.00 6.31 6.96
N GLN A 87 -61.67 5.29 6.43
CA GLN A 87 -62.73 4.60 7.16
C GLN A 87 -62.89 3.13 6.76
N ALA A 88 -62.51 2.24 7.68
CA ALA A 88 -62.67 0.80 7.48
C ALA A 88 -63.99 0.36 8.09
N THR A 89 -64.71 -0.52 7.40
CA THR A 89 -65.98 -1.05 7.89
C THR A 89 -65.90 -2.57 7.93
N PHE A 90 -65.43 -3.09 9.07
CA PHE A 90 -65.23 -4.53 9.27
C PHE A 90 -66.59 -5.17 9.52
N GLY A 91 -67.11 -5.87 8.52
CA GLY A 91 -68.48 -6.40 8.57
C GLY A 91 -69.47 -5.29 8.83
N THR A 92 -69.85 -5.12 10.10
CA THR A 92 -70.74 -4.03 10.53
C THR A 92 -69.98 -2.91 11.28
N GLN A 93 -68.90 -3.25 11.98
CA GLN A 93 -68.18 -2.30 12.83
C GLN A 93 -67.38 -1.29 12.02
N VAL A 94 -67.61 0.00 12.29
CA VAL A 94 -66.91 1.07 11.59
C VAL A 94 -65.73 1.58 12.42
N VAL A 95 -64.60 1.80 11.76
CA VAL A 95 -63.43 2.42 12.38
C VAL A 95 -62.90 3.49 11.44
N GLU A 96 -62.67 4.70 11.95
CA GLU A 96 -62.21 5.79 11.11
C GLU A 96 -61.12 6.65 11.75
N LYS A 97 -60.44 7.42 10.91
CA LYS A 97 -59.35 8.27 11.35
C LYS A 97 -59.13 9.37 10.33
N VAL A 98 -59.04 10.61 10.80
CA VAL A 98 -58.68 11.73 9.95
C VAL A 98 -57.16 11.79 9.82
N VAL A 99 -56.68 11.99 8.59
CA VAL A 99 -55.24 12.07 8.31
C VAL A 99 -54.90 13.31 7.49
N LEU A 100 -53.86 14.02 7.90
CA LEU A 100 -53.35 15.18 7.17
C LEU A 100 -52.89 14.76 5.78
N VAL A 101 -53.39 15.46 4.76
CA VAL A 101 -52.98 15.20 3.38
C VAL A 101 -51.98 16.26 2.93
N SER A 102 -50.88 15.80 2.34
CA SER A 102 -49.88 16.68 1.74
C SER A 102 -50.13 16.80 0.24
N LEU A 103 -49.94 18.01 -0.29
CA LEU A 103 -50.14 18.26 -1.71
C LEU A 103 -48.87 17.98 -2.54
N GLN A 104 -47.79 17.55 -1.88
CA GLN A 104 -46.57 17.13 -2.57
C GLN A 104 -46.84 15.89 -3.43
N SER A 105 -46.63 16.03 -4.74
CA SER A 105 -46.88 14.94 -5.69
C SER A 105 -45.71 13.95 -5.71
N GLY A 106 -44.53 14.48 -6.03
CA GLY A 106 -43.32 13.66 -6.17
C GLY A 106 -42.05 14.49 -6.03
N TYR A 107 -41.12 14.33 -6.96
CA TYR A 107 -39.82 15.02 -6.93
C TYR A 107 -39.41 15.54 -8.30
N LEU A 108 -38.82 16.73 -8.32
CA LEU A 108 -38.20 17.29 -9.52
C LEU A 108 -36.74 17.66 -9.25
N PHE A 109 -35.84 17.14 -10.09
CA PHE A 109 -34.42 17.50 -10.05
C PHE A 109 -34.04 18.17 -11.36
N ILE A 110 -33.20 19.20 -11.27
CA ILE A 110 -32.85 20.03 -12.42
C ILE A 110 -31.36 20.02 -12.67
N GLN A 111 -30.96 19.51 -13.84
CA GLN A 111 -29.56 19.54 -14.28
C GLN A 111 -29.32 20.66 -15.28
N THR A 112 -28.27 21.44 -15.06
CA THR A 112 -27.78 22.44 -16.03
C THR A 112 -26.42 21.99 -16.59
N ASP A 113 -26.21 22.14 -17.89
CA ASP A 113 -24.99 21.64 -18.56
C ASP A 113 -23.71 22.19 -17.92
N LYS A 114 -23.72 23.49 -17.61
CA LYS A 114 -22.64 24.13 -16.87
C LYS A 114 -23.18 24.73 -15.57
N THR A 115 -22.23 25.12 -14.72
CA THR A 115 -22.52 25.78 -13.46
C THR A 115 -22.45 27.29 -13.61
N ILE A 116 -21.80 27.76 -14.67
CA ILE A 116 -21.62 29.19 -14.94
C ILE A 116 -21.78 29.45 -16.45
N TYR A 117 -22.17 30.67 -16.80
CA TYR A 117 -22.51 31.01 -18.19
C TYR A 117 -22.21 32.48 -18.48
N THR A 118 -21.82 32.79 -19.72
CA THR A 118 -21.64 34.19 -20.14
C THR A 118 -22.91 34.71 -20.81
N PRO A 119 -23.06 36.05 -20.86
CA PRO A 119 -24.11 36.64 -21.68
C PRO A 119 -24.00 36.20 -23.14
N GLY A 120 -25.14 35.91 -23.77
CA GLY A 120 -25.17 35.52 -25.18
C GLY A 120 -25.14 34.03 -25.44
N SER A 121 -24.67 33.25 -24.48
CA SER A 121 -24.64 31.79 -24.61
C SER A 121 -26.01 31.17 -24.29
N THR A 122 -26.12 29.86 -24.50
CA THR A 122 -27.35 29.11 -24.26
C THR A 122 -27.28 28.18 -23.06
N VAL A 123 -28.26 28.30 -22.16
CA VAL A 123 -28.34 27.42 -21.00
C VAL A 123 -29.10 26.17 -21.38
N LEU A 124 -28.48 25.01 -21.25
CA LEU A 124 -29.14 23.74 -21.52
C LEU A 124 -29.50 23.08 -20.21
N TYR A 125 -30.75 22.63 -20.10
CA TYR A 125 -31.17 21.95 -18.88
C TYR A 125 -32.20 20.86 -19.11
N ARG A 126 -32.13 19.85 -18.25
CA ARG A 126 -33.10 18.77 -18.24
C ARG A 126 -33.79 18.76 -16.88
N ILE A 127 -35.07 18.41 -16.88
CA ILE A 127 -35.83 18.24 -15.65
C ILE A 127 -36.23 16.78 -15.52
N PHE A 128 -35.84 16.16 -14.42
CA PHE A 128 -36.18 14.77 -14.17
C PHE A 128 -37.43 14.69 -13.29
N THR A 129 -38.45 14.00 -13.78
CA THR A 129 -39.74 13.91 -13.10
C THR A 129 -40.02 12.51 -12.57
N VAL A 130 -40.04 12.39 -11.25
CA VAL A 130 -40.28 11.11 -10.58
C VAL A 130 -41.24 11.27 -9.40
N ASN A 131 -41.89 10.17 -9.05
CA ASN A 131 -42.76 10.08 -7.87
C ASN A 131 -41.95 9.85 -6.60
N HIS A 132 -42.63 9.58 -5.48
CA HIS A 132 -41.96 9.40 -4.19
C HIS A 132 -41.12 8.12 -4.10
N LYS A 133 -41.27 7.22 -5.07
CA LYS A 133 -40.41 6.03 -5.20
C LYS A 133 -39.13 6.29 -6.00
N LEU A 134 -38.89 7.55 -6.38
CA LEU A 134 -37.84 7.92 -7.35
C LEU A 134 -37.97 7.14 -8.66
N LEU A 135 -39.22 6.90 -9.07
CA LEU A 135 -39.49 6.25 -10.35
C LEU A 135 -40.16 7.24 -11.29
N PRO A 136 -39.88 7.14 -12.60
CA PRO A 136 -40.27 8.16 -13.54
C PRO A 136 -41.78 8.21 -13.71
N VAL A 137 -42.33 9.41 -13.74
CA VAL A 137 -43.76 9.59 -13.97
C VAL A 137 -43.94 10.42 -15.23
N GLY A 138 -45.17 10.42 -15.75
CA GLY A 138 -45.55 11.28 -16.87
C GLY A 138 -46.58 12.31 -16.44
N ARG A 139 -46.13 13.37 -15.78
CA ARG A 139 -46.98 14.49 -15.36
C ARG A 139 -46.75 15.70 -16.26
N THR A 140 -47.39 16.82 -15.90
CA THR A 140 -47.19 18.11 -16.56
C THR A 140 -46.53 19.09 -15.59
N VAL A 141 -45.33 19.54 -15.95
CA VAL A 141 -44.56 20.47 -15.13
C VAL A 141 -44.68 21.91 -15.63
N MET A 142 -44.53 22.86 -14.71
CA MET A 142 -44.44 24.27 -15.04
C MET A 142 -43.02 24.72 -14.69
N VAL A 143 -42.38 25.46 -15.60
CA VAL A 143 -40.97 25.85 -15.44
C VAL A 143 -40.81 27.36 -15.50
N ASN A 144 -39.98 27.91 -14.62
CA ASN A 144 -39.74 29.35 -14.52
C ASN A 144 -38.26 29.68 -14.42
N ILE A 145 -37.71 30.34 -15.44
CA ILE A 145 -36.37 30.93 -15.36
C ILE A 145 -36.52 32.32 -14.75
N GLU A 146 -35.60 32.67 -13.86
CA GLU A 146 -35.80 33.79 -12.95
C GLU A 146 -34.49 34.55 -12.73
N ASN A 147 -34.49 35.84 -13.04
CA ASN A 147 -33.28 36.68 -12.93
C ASN A 147 -32.86 36.88 -11.46
N PRO A 148 -31.65 37.43 -11.23
CA PRO A 148 -31.08 37.50 -9.87
C PRO A 148 -32.00 38.07 -8.77
N GLU A 149 -32.84 39.04 -9.12
CA GLU A 149 -33.71 39.71 -8.16
C GLU A 149 -35.16 39.20 -8.17
N GLY A 150 -35.38 38.00 -8.70
CA GLY A 150 -36.65 37.30 -8.55
C GLY A 150 -37.73 37.63 -9.57
N ILE A 151 -37.33 38.08 -10.76
CA ILE A 151 -38.29 38.40 -11.82
C ILE A 151 -38.30 37.30 -12.87
N PRO A 152 -39.43 36.59 -13.02
CA PRO A 152 -39.53 35.64 -14.13
C PRO A 152 -39.28 36.30 -15.48
N VAL A 153 -38.80 35.52 -16.45
CA VAL A 153 -38.47 36.05 -17.78
C VAL A 153 -38.84 35.11 -18.92
N LYS A 154 -38.57 33.82 -18.76
CA LYS A 154 -39.12 32.80 -19.67
C LYS A 154 -39.86 31.76 -18.85
N GLN A 155 -40.97 31.28 -19.39
CA GLN A 155 -41.82 30.32 -18.69
C GLN A 155 -42.32 29.25 -19.65
N ASP A 156 -42.41 28.02 -19.15
CA ASP A 156 -42.82 26.88 -19.98
C ASP A 156 -43.83 26.00 -19.25
N SER A 157 -44.52 25.19 -20.03
CA SER A 157 -45.51 24.24 -19.52
C SER A 157 -45.54 23.02 -20.43
N LEU A 158 -44.87 21.95 -20.03
CA LEU A 158 -44.83 20.72 -20.82
C LEU A 158 -45.06 19.49 -19.95
N SER A 159 -45.35 18.38 -20.61
CA SER A 159 -45.60 17.11 -19.95
C SER A 159 -44.56 16.07 -20.32
N SER A 160 -44.14 15.29 -19.32
CA SER A 160 -43.20 14.19 -19.53
C SER A 160 -43.96 12.88 -19.78
N GLN A 161 -45.09 12.96 -20.48
CA GLN A 161 -45.80 11.78 -20.94
C GLN A 161 -45.02 11.21 -22.11
N ASN A 162 -44.99 9.87 -22.20
CA ASN A 162 -44.23 9.17 -23.24
C ASN A 162 -42.80 9.69 -23.34
N GLN A 163 -42.18 9.94 -22.18
CA GLN A 163 -40.93 10.68 -22.11
C GLN A 163 -39.82 9.99 -21.31
N LEU A 164 -40.15 8.92 -20.59
CA LEU A 164 -39.26 8.32 -19.58
C LEU A 164 -38.90 9.27 -18.43
N GLY A 165 -39.72 10.30 -18.22
CA GLY A 165 -39.49 11.27 -17.15
C GLY A 165 -38.20 12.07 -17.31
N VAL A 166 -37.89 12.46 -18.55
CA VAL A 166 -36.74 13.31 -18.85
C VAL A 166 -37.17 14.42 -19.79
N LEU A 167 -37.16 15.66 -19.30
CA LEU A 167 -37.60 16.81 -20.08
C LEU A 167 -36.43 17.67 -20.53
N PRO A 168 -36.10 17.65 -21.83
CA PRO A 168 -35.00 18.48 -22.33
C PRO A 168 -35.45 19.89 -22.72
N LEU A 169 -34.80 20.90 -22.15
CA LEU A 169 -35.16 22.29 -22.40
C LEU A 169 -33.93 23.19 -22.49
N SER A 170 -34.15 24.43 -22.92
CA SER A 170 -33.07 25.39 -23.08
C SER A 170 -33.58 26.82 -23.03
N TRP A 171 -32.64 27.76 -22.99
CA TRP A 171 -32.95 29.19 -22.98
C TRP A 171 -31.73 30.02 -23.37
N ASP A 172 -31.86 30.80 -24.43
CA ASP A 172 -30.77 31.65 -24.92
C ASP A 172 -30.64 32.88 -24.02
N ILE A 173 -29.52 32.98 -23.31
CA ILE A 173 -29.28 34.14 -22.44
C ILE A 173 -29.00 35.36 -23.31
N PRO A 174 -29.78 36.44 -23.13
CA PRO A 174 -29.60 37.64 -23.96
C PRO A 174 -28.27 38.34 -23.67
N GLU A 175 -27.84 39.18 -24.60
CA GLU A 175 -26.52 39.82 -24.51
C GLU A 175 -26.47 40.85 -23.39
N LEU A 176 -27.33 41.86 -23.49
CA LEU A 176 -27.37 42.90 -22.47
C LEU A 176 -28.28 42.44 -21.33
N VAL A 177 -27.68 41.77 -20.35
CA VAL A 177 -28.45 41.13 -19.28
C VAL A 177 -27.80 41.36 -17.92
N ASN A 178 -28.58 41.19 -16.85
CA ASN A 178 -28.07 41.29 -15.48
C ASN A 178 -27.09 40.17 -15.17
N MET A 179 -26.19 40.45 -14.23
CA MET A 179 -25.09 39.57 -13.91
C MET A 179 -25.25 39.11 -12.46
N GLY A 180 -25.33 37.80 -12.25
CA GLY A 180 -25.47 37.26 -10.90
C GLY A 180 -25.97 35.83 -10.85
N GLN A 181 -26.63 35.48 -9.75
CA GLN A 181 -27.11 34.12 -9.53
C GLN A 181 -28.54 33.97 -10.02
N TRP A 182 -28.69 33.35 -11.19
CA TRP A 182 -30.03 33.11 -11.75
C TRP A 182 -30.58 31.79 -11.23
N LYS A 183 -31.89 31.59 -11.38
CA LYS A 183 -32.53 30.36 -10.92
C LYS A 183 -33.44 29.73 -11.98
N ILE A 184 -33.54 28.41 -11.93
CA ILE A 184 -34.56 27.67 -12.65
C ILE A 184 -35.46 27.10 -11.58
N ARG A 185 -36.77 27.31 -11.73
CA ARG A 185 -37.78 26.89 -10.76
C ARG A 185 -38.85 26.04 -11.41
N ALA A 186 -38.81 24.75 -11.15
CA ALA A 186 -39.79 23.82 -11.69
C ALA A 186 -40.66 23.24 -10.58
N TYR A 187 -41.95 23.10 -10.87
CA TYR A 187 -42.91 22.49 -9.95
C TYR A 187 -43.98 21.74 -10.73
N TYR A 188 -44.54 20.70 -10.11
CA TYR A 188 -45.63 19.94 -10.73
C TYR A 188 -46.87 20.82 -10.80
N GLU A 189 -47.64 20.66 -11.88
CA GLU A 189 -48.87 21.43 -12.05
C GLU A 189 -49.73 21.42 -10.79
N ASN A 190 -49.81 20.25 -10.15
CA ASN A 190 -50.68 20.05 -9.00
C ASN A 190 -50.17 20.65 -7.68
N SER A 191 -48.89 21.02 -7.63
CA SER A 191 -48.24 21.34 -6.36
C SER A 191 -47.45 22.65 -6.36
N PRO A 192 -48.11 23.78 -6.68
CA PRO A 192 -47.44 25.09 -6.75
C PRO A 192 -46.66 25.55 -5.52
N GLN A 193 -46.86 24.90 -4.37
CA GLN A 193 -46.11 25.22 -3.15
C GLN A 193 -44.80 24.43 -3.06
N GLN A 194 -44.75 23.26 -3.68
CA GLN A 194 -43.54 22.45 -3.75
C GLN A 194 -42.71 22.83 -5.00
N VAL A 195 -41.88 23.86 -4.86
CA VAL A 195 -41.05 24.37 -5.96
C VAL A 195 -39.60 23.92 -5.82
N PHE A 196 -39.04 23.37 -6.89
CA PHE A 196 -37.66 22.90 -6.91
C PHE A 196 -36.77 23.85 -7.68
N SER A 197 -35.58 24.11 -7.14
CA SER A 197 -34.69 25.12 -7.68
C SER A 197 -33.35 24.59 -8.18
N THR A 198 -32.64 25.43 -8.92
CA THR A 198 -31.24 25.21 -9.27
C THR A 198 -30.65 26.54 -9.70
N GLU A 199 -29.55 26.94 -9.08
CA GLU A 199 -28.88 28.18 -9.45
C GLU A 199 -27.85 27.98 -10.57
N PHE A 200 -27.73 28.97 -11.44
CA PHE A 200 -26.58 29.08 -12.34
C PHE A 200 -26.08 30.53 -12.39
N GLU A 201 -24.76 30.69 -12.31
CA GLU A 201 -24.14 32.02 -12.30
C GLU A 201 -23.97 32.55 -13.71
N VAL A 202 -24.20 33.85 -13.88
CA VAL A 202 -23.90 34.54 -15.13
C VAL A 202 -22.83 35.59 -14.87
N LYS A 203 -21.90 35.72 -15.80
CA LYS A 203 -20.68 36.50 -15.61
C LYS A 203 -19.90 36.58 -16.92
N GLU A 204 -19.11 37.64 -17.08
CA GLU A 204 -18.21 37.74 -18.21
C GLU A 204 -16.87 37.15 -17.82
N TYR A 205 -16.45 36.11 -18.52
CA TYR A 205 -15.22 35.37 -18.19
C TYR A 205 -14.62 34.61 -19.36
N VAL A 206 -13.43 34.07 -19.12
CA VAL A 206 -12.82 33.07 -20.01
C VAL A 206 -12.23 31.93 -19.15
N LEU A 207 -12.29 30.71 -19.68
CA LEU A 207 -11.77 29.54 -18.97
C LEU A 207 -10.30 29.72 -18.63
N PRO A 208 -9.91 29.45 -17.38
CA PRO A 208 -8.49 29.51 -17.05
C PRO A 208 -7.72 28.33 -17.60
N SER A 209 -6.40 28.44 -17.61
CA SER A 209 -5.52 27.40 -18.12
C SER A 209 -5.14 26.36 -17.06
N PHE A 210 -5.41 26.67 -15.79
CA PHE A 210 -5.07 25.78 -14.68
C PHE A 210 -5.97 25.99 -13.47
N GLU A 211 -6.00 25.00 -12.59
CA GLU A 211 -6.77 25.08 -11.35
C GLU A 211 -5.85 25.35 -10.15
N VAL A 212 -6.42 25.85 -9.07
CA VAL A 212 -5.68 26.07 -7.83
C VAL A 212 -6.47 25.49 -6.67
N ILE A 213 -5.79 24.70 -5.85
CA ILE A 213 -6.40 24.05 -4.71
C ILE A 213 -5.77 24.62 -3.44
N VAL A 214 -6.61 24.98 -2.45
CA VAL A 214 -6.12 25.48 -1.17
C VAL A 214 -6.56 24.53 -0.03
N GLU A 215 -5.59 23.83 0.57
CA GLU A 215 -5.88 22.82 1.59
C GLU A 215 -5.14 23.15 2.88
N PRO A 216 -5.85 23.25 4.01
CA PRO A 216 -5.17 23.34 5.32
C PRO A 216 -4.77 21.96 5.85
N THR A 217 -3.66 21.91 6.59
CA THR A 217 -3.14 20.63 7.11
C THR A 217 -4.15 19.96 8.03
N GLU A 218 -4.86 20.75 8.82
CA GLU A 218 -5.99 20.26 9.63
C GLU A 218 -7.30 20.85 9.11
N LYS A 219 -8.39 20.12 9.25
CA LYS A 219 -9.70 20.64 8.82
C LYS A 219 -10.38 21.55 9.86
N PHE A 220 -9.55 22.10 10.75
CA PHE A 220 -10.00 23.04 11.77
C PHE A 220 -8.80 23.78 12.36
N TYR A 221 -9.05 24.74 13.24
CA TYR A 221 -7.98 25.40 13.95
C TYR A 221 -8.26 25.46 15.44
N TYR A 222 -7.42 24.78 16.22
CA TYR A 222 -7.53 24.71 17.67
C TYR A 222 -6.89 25.95 18.30
N ILE A 223 -7.71 26.78 18.93
CA ILE A 223 -7.28 28.13 19.37
C ILE A 223 -6.01 28.24 20.21
N TYR A 224 -5.59 27.16 20.85
CA TYR A 224 -4.34 27.19 21.63
C TYR A 224 -3.16 26.62 20.86
N ASN A 225 -3.44 26.04 19.69
CA ASN A 225 -2.39 25.64 18.77
C ASN A 225 -1.60 26.87 18.38
N GLU A 226 -0.34 26.93 18.81
CA GLU A 226 0.52 28.10 18.55
C GLU A 226 1.37 27.95 17.29
N LYS A 227 1.35 26.75 16.70
CA LYS A 227 1.97 26.55 15.40
C LYS A 227 1.24 27.37 14.33
N GLY A 228 -0.02 27.68 14.58
CA GLY A 228 -0.84 28.48 13.66
C GLY A 228 -1.65 27.58 12.74
N LEU A 229 -2.15 28.16 11.64
CA LEU A 229 -2.91 27.42 10.64
C LEU A 229 -2.04 27.20 9.40
N GLU A 230 -1.68 25.95 9.13
CA GLU A 230 -0.77 25.61 8.03
C GLU A 230 -1.54 25.22 6.76
N VAL A 231 -1.47 26.09 5.75
CA VAL A 231 -2.12 25.85 4.47
C VAL A 231 -1.09 25.42 3.41
N THR A 232 -1.51 24.52 2.52
CA THR A 232 -0.75 24.21 1.32
C THR A 232 -1.54 24.67 0.10
N ILE A 233 -0.84 25.28 -0.85
CA ILE A 233 -1.40 25.69 -2.13
C ILE A 233 -0.87 24.76 -3.22
N THR A 234 -1.78 24.23 -4.04
CA THR A 234 -1.39 23.41 -5.19
C THR A 234 -1.95 24.04 -6.47
N ALA A 235 -1.08 24.21 -7.46
CA ALA A 235 -1.49 24.66 -8.79
C ALA A 235 -1.14 23.58 -9.77
N ARG A 236 -1.99 23.41 -10.78
CA ARG A 236 -1.85 22.30 -11.72
C ARG A 236 -2.58 22.70 -13.00
N PHE A 237 -1.95 22.53 -14.15
CA PHE A 237 -2.65 22.75 -15.42
C PHE A 237 -3.82 21.77 -15.56
N LEU A 238 -4.87 22.21 -16.24
CA LEU A 238 -6.06 21.36 -16.49
C LEU A 238 -5.72 20.02 -17.12
N TYR A 239 -4.68 19.99 -17.97
CA TYR A 239 -4.26 18.73 -18.62
C TYR A 239 -3.43 17.83 -17.72
N GLY A 240 -2.95 18.34 -16.59
CA GLY A 240 -2.28 17.52 -15.58
C GLY A 240 -0.93 18.03 -15.10
N LYS A 241 -0.12 18.60 -15.99
CA LYS A 241 1.24 18.98 -15.61
C LYS A 241 1.24 20.07 -14.54
N LYS A 242 2.28 20.07 -13.70
CA LYS A 242 2.38 21.00 -12.58
C LYS A 242 2.66 22.42 -13.06
N VAL A 243 2.25 23.41 -12.27
CA VAL A 243 2.38 24.82 -12.61
C VAL A 243 3.54 25.48 -11.88
N GLU A 244 4.19 26.43 -12.55
CA GLU A 244 5.22 27.27 -11.96
C GLU A 244 4.66 28.68 -11.80
N GLY A 245 4.92 29.33 -10.67
CA GLY A 245 4.41 30.68 -10.47
C GLY A 245 4.60 31.26 -9.08
N THR A 246 3.84 32.32 -8.81
CA THR A 246 3.88 33.04 -7.54
C THR A 246 2.48 33.06 -6.96
N ALA A 247 2.39 32.89 -5.64
CA ALA A 247 1.10 32.84 -4.95
C ALA A 247 1.02 33.92 -3.89
N PHE A 248 -0.12 34.63 -3.85
CA PHE A 248 -0.43 35.61 -2.81
C PHE A 248 -1.55 35.05 -1.95
N VAL A 249 -1.26 34.66 -0.71
CA VAL A 249 -2.32 34.13 0.16
C VAL A 249 -2.67 35.12 1.27
N ILE A 250 -3.96 35.23 1.59
CA ILE A 250 -4.41 36.08 2.69
C ILE A 250 -5.43 35.33 3.53
N PHE A 251 -5.49 35.66 4.81
CA PHE A 251 -6.39 34.99 5.76
C PHE A 251 -7.41 35.97 6.30
N GLY A 252 -8.55 35.45 6.78
CA GLY A 252 -9.59 36.31 7.36
C GLY A 252 -10.60 35.54 8.19
N ILE A 253 -11.09 36.19 9.26
CA ILE A 253 -12.12 35.60 10.13
C ILE A 253 -13.51 35.86 9.57
N GLN A 254 -14.41 34.89 9.73
CA GLN A 254 -15.82 35.07 9.40
C GLN A 254 -16.74 34.78 10.58
N ASP A 255 -17.38 35.83 11.10
CA ASP A 255 -18.48 35.70 12.06
C ASP A 255 -19.79 35.80 11.29
N GLY A 256 -20.45 34.67 11.08
CA GLY A 256 -21.72 34.61 10.33
C GLY A 256 -21.59 35.24 8.94
N GLU A 257 -22.35 36.30 8.69
CA GLU A 257 -22.34 37.02 7.41
C GLU A 257 -21.13 37.96 7.31
N GLN A 258 -20.73 38.53 8.44
CA GLN A 258 -19.56 39.41 8.51
C GLN A 258 -18.27 38.68 8.10
N ARG A 259 -17.35 39.41 7.50
CA ARG A 259 -16.07 38.86 7.07
C ARG A 259 -14.93 39.86 7.25
N ILE A 260 -14.24 39.77 8.37
CA ILE A 260 -13.01 40.53 8.60
C ILE A 260 -11.88 39.95 7.75
N SER A 261 -11.07 40.81 7.16
CA SER A 261 -9.83 40.37 6.49
C SER A 261 -8.65 40.71 7.40
N LEU A 262 -7.54 39.99 7.23
CA LEU A 262 -6.34 40.19 8.05
C LEU A 262 -5.16 40.57 7.16
N PRO A 263 -5.00 41.87 6.91
CA PRO A 263 -3.95 42.35 6.00
C PRO A 263 -2.56 41.99 6.48
N GLU A 264 -2.38 41.97 7.80
CA GLU A 264 -1.11 41.57 8.43
C GLU A 264 -0.67 40.14 8.03
N SER A 265 -1.62 39.29 7.65
CA SER A 265 -1.35 37.89 7.32
C SER A 265 -0.97 37.62 5.87
N LEU A 266 -1.04 38.64 5.01
CA LEU A 266 -0.80 38.48 3.57
C LEU A 266 0.64 38.05 3.30
N LYS A 267 0.81 37.00 2.49
CA LYS A 267 2.13 36.47 2.14
C LYS A 267 2.30 36.40 0.64
N ARG A 268 3.56 36.25 0.20
CA ARG A 268 3.87 36.06 -1.22
C ARG A 268 4.85 34.91 -1.41
N ILE A 269 4.34 33.68 -1.41
CA ILE A 269 5.21 32.52 -1.56
C ILE A 269 5.42 32.17 -3.03
N PRO A 270 6.60 31.59 -3.36
CA PRO A 270 6.79 30.95 -4.67
C PRO A 270 5.99 29.66 -4.81
N ILE A 271 5.56 29.38 -6.04
CA ILE A 271 5.01 28.05 -6.37
C ILE A 271 6.04 27.32 -7.22
N GLU A 272 6.64 26.29 -6.63
CA GLU A 272 7.70 25.49 -7.26
C GLU A 272 7.24 24.04 -7.35
N ASP A 273 7.30 23.48 -8.56
CA ASP A 273 6.79 22.14 -8.84
C ASP A 273 5.31 22.05 -8.43
N GLY A 274 4.57 23.13 -8.62
CA GLY A 274 3.14 23.17 -8.36
C GLY A 274 2.73 23.16 -6.91
N SER A 275 3.62 23.58 -6.02
CA SER A 275 3.39 23.45 -4.59
C SER A 275 3.94 24.66 -3.82
N GLY A 276 3.35 24.93 -2.66
CA GLY A 276 3.81 26.02 -1.81
C GLY A 276 3.13 25.95 -0.45
N GLU A 277 3.79 26.48 0.57
CA GLU A 277 3.25 26.44 1.93
C GLU A 277 3.21 27.84 2.52
N VAL A 278 2.17 28.12 3.29
CA VAL A 278 2.02 29.40 3.99
C VAL A 278 1.34 29.16 5.33
N VAL A 279 1.66 30.00 6.31
CA VAL A 279 1.14 29.85 7.68
C VAL A 279 0.51 31.15 8.22
N LEU A 280 -0.60 31.01 8.93
CA LEU A 280 -1.19 32.14 9.67
C LEU A 280 -0.74 32.06 11.11
N SER A 281 0.14 32.97 11.52
CA SER A 281 0.69 32.96 12.87
C SER A 281 -0.40 33.31 13.87
N ARG A 282 -0.31 32.73 15.05
CA ARG A 282 -1.33 32.95 16.06
C ARG A 282 -1.36 34.42 16.48
N LYS A 283 -0.18 35.05 16.53
CA LYS A 283 -0.05 36.45 16.93
C LYS A 283 -0.78 37.35 15.96
N VAL A 284 -0.51 37.16 14.67
CA VAL A 284 -1.13 37.93 13.59
C VAL A 284 -2.65 37.80 13.60
N LEU A 285 -3.14 36.63 14.00
CA LEU A 285 -4.58 36.40 14.16
C LEU A 285 -5.12 37.16 15.36
N LEU A 286 -4.50 36.98 16.51
CA LEU A 286 -4.95 37.60 17.76
C LEU A 286 -4.74 39.12 17.79
N ASP A 287 -3.63 39.59 17.19
CA ASP A 287 -3.38 41.02 17.02
C ASP A 287 -4.23 41.61 15.89
N GLY A 288 -4.94 40.76 15.16
CA GLY A 288 -5.82 41.19 14.08
C GLY A 288 -7.23 41.48 14.56
N VAL A 289 -7.56 41.00 15.75
CA VAL A 289 -8.90 41.21 16.31
C VAL A 289 -8.84 42.10 17.57
N GLN A 290 -9.93 42.80 17.82
CA GLN A 290 -9.99 43.80 18.87
C GLN A 290 -10.40 43.20 20.24
N ASN A 291 -10.83 41.94 20.25
CA ASN A 291 -11.17 41.24 21.51
C ASN A 291 -10.01 40.38 22.04
N PRO A 292 -9.42 40.74 23.19
CA PRO A 292 -8.29 39.97 23.73
C PRO A 292 -8.56 38.51 24.10
N ARG A 293 -9.82 38.13 24.24
CA ARG A 293 -10.14 36.78 24.63
C ARG A 293 -9.87 35.81 23.49
N ALA A 294 -8.67 35.23 23.42
CA ALA A 294 -8.51 34.15 22.44
C ALA A 294 -9.82 33.40 22.27
N GLU A 295 -10.46 33.09 23.40
CA GLU A 295 -11.62 32.19 23.45
C GLU A 295 -12.87 32.72 22.75
N ASP A 296 -12.94 34.03 22.53
CA ASP A 296 -14.07 34.63 21.85
C ASP A 296 -14.09 34.27 20.35
N LEU A 297 -12.98 33.72 19.85
CA LEU A 297 -12.91 33.25 18.47
C LEU A 297 -13.59 31.90 18.24
N VAL A 298 -13.84 31.14 19.30
CA VAL A 298 -14.48 29.84 19.18
C VAL A 298 -15.90 30.00 18.64
N GLY A 299 -16.25 29.22 17.61
CA GLY A 299 -17.54 29.33 16.95
C GLY A 299 -17.47 30.11 15.64
N LYS A 300 -16.60 31.13 15.61
CA LYS A 300 -16.28 31.83 14.37
C LYS A 300 -15.38 30.92 13.53
N SER A 301 -15.28 31.20 12.23
CA SER A 301 -14.47 30.40 11.30
C SER A 301 -13.36 31.22 10.62
N LEU A 302 -12.37 30.52 10.06
CA LEU A 302 -11.31 31.15 9.26
C LEU A 302 -11.43 30.77 7.77
N TYR A 303 -11.14 31.72 6.89
CA TYR A 303 -11.05 31.44 5.45
C TYR A 303 -9.71 31.89 4.87
N VAL A 304 -9.18 31.08 3.96
CA VAL A 304 -7.95 31.40 3.23
C VAL A 304 -8.28 31.76 1.78
N SER A 305 -7.52 32.69 1.22
CA SER A 305 -7.68 33.12 -0.17
C SER A 305 -6.33 33.08 -0.87
N ALA A 306 -6.26 32.34 -1.97
CA ALA A 306 -5.01 32.14 -2.71
C ALA A 306 -5.16 32.61 -4.16
N THR A 307 -4.14 33.34 -4.63
CA THR A 307 -4.13 33.93 -5.96
C THR A 307 -2.82 33.56 -6.61
N VAL A 308 -2.86 32.67 -7.59
CA VAL A 308 -1.64 32.22 -8.27
C VAL A 308 -1.51 32.86 -9.64
N ILE A 309 -0.37 33.50 -9.88
CA ILE A 309 -0.06 34.10 -11.17
C ILE A 309 1.12 33.33 -11.76
N LEU A 310 0.96 32.82 -12.98
CA LEU A 310 2.04 32.14 -13.68
C LEU A 310 3.21 33.09 -13.87
N HIS A 311 4.39 32.54 -14.16
CA HIS A 311 5.60 33.36 -14.34
C HIS A 311 5.58 34.19 -15.62
N SER A 312 4.87 33.68 -16.63
CA SER A 312 4.69 34.39 -17.89
C SER A 312 3.84 35.65 -17.69
N GLY A 313 2.86 35.57 -16.80
CA GLY A 313 1.88 36.64 -16.58
C GLY A 313 0.67 36.48 -17.48
N SER A 314 0.64 35.37 -18.20
CA SER A 314 -0.34 35.13 -19.24
C SER A 314 -1.69 34.71 -18.67
N ASP A 315 -1.70 34.25 -17.42
CA ASP A 315 -2.92 33.83 -16.77
C ASP A 315 -2.75 33.81 -15.25
N MET A 316 -3.86 33.95 -14.55
CA MET A 316 -3.90 33.79 -13.09
C MET A 316 -5.28 33.28 -12.69
N VAL A 317 -5.34 32.52 -11.59
CA VAL A 317 -6.61 32.08 -11.03
C VAL A 317 -6.68 32.33 -9.52
N GLN A 318 -7.91 32.38 -9.02
CA GLN A 318 -8.19 32.63 -7.62
C GLN A 318 -9.01 31.47 -7.08
N ALA A 319 -8.58 30.92 -5.95
CA ALA A 319 -9.33 29.91 -5.23
C ALA A 319 -9.39 30.34 -3.78
N GLU A 320 -10.36 29.80 -3.06
CA GLU A 320 -10.43 30.05 -1.63
C GLU A 320 -11.00 28.85 -0.91
N ARG A 321 -10.72 28.79 0.38
CA ARG A 321 -11.21 27.74 1.26
C ARG A 321 -11.73 28.41 2.52
N SER A 322 -13.03 28.32 2.73
CA SER A 322 -13.71 28.98 3.84
C SER A 322 -14.36 27.96 4.76
N GLY A 323 -14.90 28.44 5.88
CA GLY A 323 -15.52 27.58 6.88
C GLY A 323 -14.55 26.61 7.51
N ILE A 324 -13.36 27.08 7.89
CA ILE A 324 -12.46 26.32 8.75
C ILE A 324 -12.82 26.70 10.18
N PRO A 325 -13.39 25.76 10.95
CA PRO A 325 -13.91 26.14 12.25
C PRO A 325 -12.81 26.36 13.29
N ILE A 326 -12.99 27.40 14.10
CA ILE A 326 -12.12 27.68 15.25
C ILE A 326 -12.69 26.90 16.43
N VAL A 327 -11.87 26.04 17.04
CA VAL A 327 -12.39 25.03 17.96
C VAL A 327 -11.57 24.82 19.22
N THR A 328 -12.24 24.34 20.29
CA THR A 328 -11.59 23.96 21.54
C THR A 328 -11.34 22.46 21.58
N SER A 329 -12.15 21.71 20.85
CA SER A 329 -12.00 20.26 20.74
C SER A 329 -11.95 19.84 19.28
N PRO A 330 -11.16 18.81 18.94
CA PRO A 330 -11.12 18.31 17.57
C PRO A 330 -12.35 17.50 17.17
N TYR A 331 -13.23 17.24 18.14
CA TYR A 331 -14.36 16.34 17.95
C TYR A 331 -15.67 17.04 18.28
N GLN A 332 -16.79 16.32 18.09
CA GLN A 332 -18.12 16.91 18.11
C GLN A 332 -19.13 15.81 18.38
N ILE A 333 -19.84 15.88 19.51
CA ILE A 333 -20.77 14.80 19.91
C ILE A 333 -22.23 15.08 19.53
N HIS A 334 -22.85 14.12 18.85
CA HIS A 334 -24.23 14.25 18.38
C HIS A 334 -25.11 13.09 18.86
N PHE A 335 -26.33 13.43 19.24
CA PHE A 335 -27.32 12.45 19.69
C PHE A 335 -28.44 12.29 18.66
N THR A 336 -28.10 12.52 17.39
CA THR A 336 -29.07 12.53 16.31
C THR A 336 -29.37 11.13 15.78
N LYS A 337 -28.57 10.15 16.19
CA LYS A 337 -28.79 8.77 15.78
C LYS A 337 -29.35 7.90 16.91
N THR A 338 -29.64 8.52 18.06
CA THR A 338 -30.10 7.76 19.24
C THR A 338 -31.57 8.04 19.56
N PRO A 339 -32.34 6.97 19.86
CA PRO A 339 -33.70 7.15 20.36
C PRO A 339 -33.72 7.96 21.65
N LYS A 340 -34.72 8.83 21.79
CA LYS A 340 -34.81 9.67 22.98
C LYS A 340 -35.67 9.05 24.09
N TYR A 341 -36.03 7.78 23.93
CA TYR A 341 -36.86 7.06 24.89
C TYR A 341 -36.28 5.70 25.26
N PHE A 342 -36.50 5.29 26.51
CA PHE A 342 -36.03 3.99 27.00
C PHE A 342 -37.17 3.24 27.66
N LYS A 343 -36.93 1.97 27.93
CA LYS A 343 -37.89 1.12 28.61
C LYS A 343 -37.39 0.82 30.02
N PRO A 344 -38.00 1.46 31.04
CA PRO A 344 -37.62 1.29 32.44
C PRO A 344 -37.33 -0.15 32.82
N GLY A 345 -36.17 -0.40 33.41
CA GLY A 345 -35.78 -1.74 33.88
C GLY A 345 -34.90 -2.47 32.88
N MET A 346 -34.73 -1.88 31.70
CA MET A 346 -33.96 -2.46 30.62
C MET A 346 -32.82 -1.49 30.30
N PRO A 347 -31.66 -2.00 29.84
CA PRO A 347 -30.57 -1.06 29.57
C PRO A 347 -30.86 -0.16 28.38
N PHE A 348 -30.67 1.14 28.57
CA PHE A 348 -30.81 2.11 27.51
C PHE A 348 -29.53 2.16 26.69
N ASP A 349 -29.64 1.80 25.41
CA ASP A 349 -28.49 1.77 24.51
C ASP A 349 -28.33 3.11 23.81
N LEU A 350 -27.47 3.96 24.37
CA LEU A 350 -27.26 5.33 23.88
C LEU A 350 -26.30 5.33 22.70
N MET A 351 -26.81 5.68 21.52
CA MET A 351 -26.01 5.72 20.29
C MET A 351 -25.33 7.08 20.09
N VAL A 352 -24.06 7.15 20.51
CA VAL A 352 -23.28 8.37 20.42
C VAL A 352 -22.70 8.53 19.01
N PHE A 353 -22.96 9.67 18.36
CA PHE A 353 -22.41 9.94 17.03
C PHE A 353 -21.34 11.05 17.06
N VAL A 354 -20.08 10.64 17.07
CA VAL A 354 -18.94 11.57 17.15
C VAL A 354 -18.47 11.96 15.75
N THR A 355 -18.13 13.24 15.56
CA THR A 355 -17.69 13.74 14.25
C THR A 355 -16.56 14.76 14.34
N ASN A 356 -15.81 14.87 13.25
CA ASN A 356 -14.85 15.96 13.08
C ASN A 356 -15.59 17.25 12.70
N PRO A 357 -14.98 18.42 12.98
CA PRO A 357 -15.68 19.71 12.94
C PRO A 357 -16.37 20.06 11.61
N ASP A 358 -15.98 19.37 10.54
CA ASP A 358 -16.62 19.53 9.21
C ASP A 358 -17.87 18.68 9.06
N GLY A 359 -18.08 17.74 9.98
CA GLY A 359 -19.25 16.86 9.99
C GLY A 359 -18.93 15.40 9.72
N SER A 360 -17.75 15.13 9.20
CA SER A 360 -17.35 13.78 8.83
C SER A 360 -17.31 12.86 10.04
N PRO A 361 -17.72 11.58 9.86
CA PRO A 361 -17.56 10.56 10.89
C PRO A 361 -16.14 10.48 11.48
N ALA A 362 -16.07 10.38 12.81
CA ALA A 362 -14.82 10.12 13.51
C ALA A 362 -14.55 8.62 13.50
N TYR A 363 -13.48 8.18 14.18
CA TYR A 363 -13.02 6.79 14.09
C TYR A 363 -12.04 6.49 15.22
N ARG A 364 -12.18 5.31 15.83
CA ARG A 364 -11.33 4.90 16.96
C ARG A 364 -11.34 5.92 18.11
N VAL A 365 -12.46 6.61 18.28
CA VAL A 365 -12.60 7.67 19.28
C VAL A 365 -13.26 7.14 20.55
N PRO A 366 -12.54 7.16 21.69
CA PRO A 366 -13.15 6.69 22.94
C PRO A 366 -14.25 7.62 23.44
N VAL A 367 -15.34 7.05 23.94
CA VAL A 367 -16.40 7.84 24.57
C VAL A 367 -16.84 7.14 25.86
N ALA A 368 -16.96 7.92 26.94
CA ALA A 368 -17.33 7.40 28.26
C ALA A 368 -18.52 8.16 28.82
N VAL A 369 -19.32 7.53 29.68
CA VAL A 369 -20.43 8.19 30.37
C VAL A 369 -19.87 8.86 31.62
N GLN A 370 -20.18 10.14 31.81
CA GLN A 370 -19.56 10.95 32.88
C GLN A 370 -19.93 10.42 34.27
N GLY A 371 -18.90 10.04 35.03
CA GLY A 371 -19.08 9.30 36.28
C GLY A 371 -18.39 7.94 36.20
N GLU A 372 -18.58 7.25 35.08
CA GLU A 372 -17.92 5.95 34.82
C GLU A 372 -16.69 6.09 33.93
N ASP A 373 -15.67 5.29 34.22
CA ASP A 373 -14.49 5.15 33.35
C ASP A 373 -14.62 3.86 32.55
N THR A 374 -14.03 3.84 31.35
CA THR A 374 -13.96 2.64 30.51
C THR A 374 -15.30 2.17 29.91
N VAL A 375 -16.43 2.55 30.54
CA VAL A 375 -17.76 2.31 29.95
C VAL A 375 -17.80 2.98 28.57
N GLN A 376 -17.23 2.28 27.59
CA GLN A 376 -16.91 2.87 26.31
C GLN A 376 -16.99 1.87 25.17
N SER A 377 -16.91 2.41 23.96
CA SER A 377 -16.70 1.61 22.76
C SER A 377 -16.15 2.52 21.67
N LEU A 378 -14.84 2.46 21.46
CA LEU A 378 -14.18 3.20 20.38
C LEU A 378 -15.09 3.26 19.15
N THR A 379 -15.48 4.48 18.75
CA THR A 379 -16.41 4.65 17.63
C THR A 379 -15.92 3.94 16.36
N GLN A 380 -16.87 3.42 15.58
CA GLN A 380 -16.54 2.62 14.39
C GLN A 380 -16.63 3.43 13.10
N GLY A 381 -16.55 2.76 11.95
CA GLY A 381 -16.56 3.42 10.65
C GLY A 381 -17.72 4.36 10.40
N ASP A 382 -18.88 4.03 10.95
CA ASP A 382 -20.10 4.86 10.82
C ASP A 382 -20.08 6.13 11.69
N GLY A 383 -19.13 6.22 12.62
CA GLY A 383 -19.01 7.35 13.52
C GLY A 383 -19.75 7.14 14.83
N VAL A 384 -20.38 5.98 14.98
CA VAL A 384 -21.21 5.72 16.15
C VAL A 384 -20.57 4.71 17.12
N ALA A 385 -20.64 5.04 18.40
CA ALA A 385 -20.21 4.18 19.49
C ALA A 385 -21.43 3.91 20.37
N LYS A 386 -21.47 2.74 20.98
CA LYS A 386 -22.65 2.33 21.76
C LYS A 386 -22.32 2.28 23.25
N LEU A 387 -23.10 3.02 24.04
CA LEU A 387 -22.96 3.01 25.49
C LEU A 387 -24.28 2.57 26.10
N SER A 388 -24.26 1.40 26.72
CA SER A 388 -25.46 0.78 27.27
C SER A 388 -25.58 1.03 28.77
N ILE A 389 -26.52 1.89 29.14
CA ILE A 389 -26.74 2.31 30.53
C ILE A 389 -27.85 1.50 31.17
N ASN A 390 -27.63 1.00 32.38
CA ASN A 390 -28.67 0.27 33.10
C ASN A 390 -29.73 1.21 33.63
N THR A 391 -30.99 0.77 33.64
CA THR A 391 -32.11 1.59 34.13
C THR A 391 -33.00 0.83 35.13
N HIS A 392 -33.56 1.56 36.09
CA HIS A 392 -34.52 1.01 37.04
C HIS A 392 -35.93 1.30 36.54
N PRO A 393 -36.93 0.54 37.03
CA PRO A 393 -38.33 0.79 36.67
C PRO A 393 -38.86 2.21 36.93
N SER A 394 -38.14 3.05 37.67
CA SER A 394 -38.59 4.42 37.95
C SER A 394 -38.97 5.18 36.66
N GLN A 395 -39.94 6.09 36.78
CA GLN A 395 -40.37 6.93 35.67
C GLN A 395 -39.67 8.29 35.67
N LYS A 396 -38.53 8.35 36.36
CA LYS A 396 -37.64 9.51 36.33
C LYS A 396 -36.88 9.49 34.99
N PRO A 397 -36.81 10.65 34.30
CA PRO A 397 -36.04 10.64 33.06
C PRO A 397 -34.55 10.43 33.29
N LEU A 398 -33.88 9.85 32.30
CA LEU A 398 -32.42 9.66 32.33
C LEU A 398 -31.72 10.89 31.78
N SER A 399 -30.89 11.51 32.62
CA SER A 399 -30.01 12.60 32.20
C SER A 399 -28.61 12.02 31.99
N ILE A 400 -28.17 11.99 30.74
CA ILE A 400 -26.87 11.38 30.37
C ILE A 400 -25.93 12.42 29.74
N THR A 401 -24.74 12.56 30.33
CA THR A 401 -23.67 13.37 29.77
C THR A 401 -22.61 12.43 29.23
N VAL A 402 -22.33 12.53 27.93
CA VAL A 402 -21.24 11.77 27.31
C VAL A 402 -19.99 12.66 27.20
N ARG A 403 -18.83 12.01 27.20
CA ARG A 403 -17.56 12.68 26.94
C ARG A 403 -16.70 11.80 26.05
N THR A 404 -15.96 12.42 25.14
CA THR A 404 -14.89 11.73 24.44
C THR A 404 -13.72 11.62 25.40
N LYS A 405 -12.91 10.57 25.25
CA LYS A 405 -11.73 10.39 26.10
C LYS A 405 -10.50 9.98 25.28
N LYS A 406 -10.17 10.79 24.29
CA LYS A 406 -9.00 10.54 23.44
C LYS A 406 -7.73 10.83 24.23
N GLN A 407 -6.80 9.87 24.19
CA GLN A 407 -5.73 9.78 25.19
C GLN A 407 -4.73 10.93 25.16
N GLU A 408 -4.22 11.26 23.98
CA GLU A 408 -3.18 12.30 23.86
C GLU A 408 -3.71 13.74 23.96
N LEU A 409 -5.03 13.94 23.82
CA LEU A 409 -5.66 15.24 24.13
C LEU A 409 -5.58 15.52 25.64
N SER A 410 -5.90 16.74 26.04
CA SER A 410 -6.03 17.09 27.45
C SER A 410 -7.52 17.25 27.77
N GLU A 411 -7.86 17.40 29.05
CA GLU A 411 -9.26 17.48 29.47
C GLU A 411 -10.04 18.55 28.70
N ALA A 412 -9.44 19.73 28.55
CA ALA A 412 -10.08 20.88 27.90
C ALA A 412 -10.47 20.60 26.45
N GLU A 413 -9.71 19.73 25.79
CA GLU A 413 -9.89 19.42 24.39
C GLU A 413 -10.86 18.27 24.13
N GLN A 414 -11.34 17.65 25.21
CA GLN A 414 -12.29 16.57 25.08
C GLN A 414 -13.67 17.13 24.77
N ALA A 415 -14.34 16.55 23.78
CA ALA A 415 -15.69 16.96 23.40
C ALA A 415 -16.68 16.45 24.43
N THR A 416 -17.77 17.19 24.61
CA THR A 416 -18.76 16.84 25.62
C THR A 416 -20.16 17.32 25.22
N ARG A 417 -21.15 16.46 25.43
CA ARG A 417 -22.54 16.80 25.16
C ARG A 417 -23.45 16.01 26.10
N THR A 418 -24.54 16.64 26.51
CA THR A 418 -25.51 16.01 27.41
C THR A 418 -26.88 15.79 26.74
N MET A 419 -27.61 14.78 27.19
CA MET A 419 -28.97 14.50 26.71
C MET A 419 -29.92 14.02 27.82
N GLN A 420 -31.20 13.92 27.49
CA GLN A 420 -32.22 13.43 28.40
C GLN A 420 -33.09 12.38 27.68
N ALA A 421 -33.29 11.23 28.33
CA ALA A 421 -34.13 10.15 27.78
C ALA A 421 -35.40 10.01 28.61
N LEU A 422 -36.54 9.97 27.94
CA LEU A 422 -37.82 9.85 28.64
C LEU A 422 -38.29 8.39 28.68
N PRO A 423 -38.99 7.99 29.76
CA PRO A 423 -39.40 6.59 29.85
C PRO A 423 -40.60 6.27 28.98
N TYR A 424 -40.62 5.06 28.42
CA TYR A 424 -41.80 4.51 27.80
C TYR A 424 -42.78 4.16 28.90
N SER A 425 -43.90 4.86 28.95
CA SER A 425 -44.90 4.59 29.98
C SER A 425 -45.85 3.49 29.48
N THR A 426 -46.15 2.55 30.36
CA THR A 426 -46.97 1.39 30.01
C THR A 426 -48.44 1.73 30.22
N VAL A 427 -49.32 0.89 29.66
CA VAL A 427 -50.75 1.09 29.79
C VAL A 427 -51.27 0.52 31.11
N GLY A 428 -51.83 1.39 31.94
CA GLY A 428 -52.35 0.99 33.25
C GLY A 428 -51.27 0.55 34.20
N ASN A 429 -50.06 1.04 33.99
CA ASN A 429 -48.87 0.54 34.68
C ASN A 429 -48.80 -0.98 34.66
N SER A 430 -48.93 -1.54 33.46
CA SER A 430 -48.82 -2.98 33.26
C SER A 430 -47.39 -3.48 33.36
N ASN A 431 -46.43 -2.58 33.11
CA ASN A 431 -45.01 -2.93 33.04
C ASN A 431 -44.71 -4.01 31.97
N ASN A 432 -45.59 -4.09 30.97
CA ASN A 432 -45.35 -4.95 29.83
C ASN A 432 -44.77 -4.08 28.71
N TYR A 433 -43.74 -4.59 28.06
CA TYR A 433 -43.07 -3.87 26.98
C TYR A 433 -42.83 -4.80 25.80
N LEU A 434 -42.45 -4.21 24.69
CA LEU A 434 -41.81 -4.93 23.59
C LEU A 434 -40.52 -4.20 23.28
N HIS A 435 -39.39 -4.91 23.27
CA HIS A 435 -38.15 -4.32 22.81
C HIS A 435 -37.62 -5.00 21.57
N LEU A 436 -37.42 -4.21 20.51
CA LEU A 436 -36.73 -4.64 19.30
C LEU A 436 -35.25 -4.28 19.43
N SER A 437 -34.38 -5.24 19.16
CA SER A 437 -32.93 -4.98 19.10
C SER A 437 -32.39 -5.46 17.75
N VAL A 438 -31.55 -4.63 17.15
CA VAL A 438 -30.96 -4.89 15.85
C VAL A 438 -29.50 -4.44 15.91
N LEU A 439 -28.62 -5.15 15.22
CA LEU A 439 -27.19 -4.84 15.26
C LEU A 439 -26.86 -3.73 14.25
N ARG A 440 -25.81 -2.98 14.55
CA ARG A 440 -25.44 -1.78 13.78
C ARG A 440 -24.25 -2.07 12.85
N THR A 441 -24.55 -2.52 11.63
CA THR A 441 -23.54 -2.71 10.58
C THR A 441 -24.15 -2.34 9.24
N GLU A 442 -23.45 -1.51 8.48
CA GLU A 442 -23.99 -0.92 7.25
C GLU A 442 -24.60 -1.98 6.32
N LEU A 443 -25.89 -1.86 6.06
CA LEU A 443 -26.62 -2.86 5.27
C LEU A 443 -26.56 -2.59 3.77
N ARG A 444 -26.48 -3.66 2.99
CA ARG A 444 -26.51 -3.60 1.54
C ARG A 444 -27.57 -4.55 1.02
N PRO A 445 -28.29 -4.17 -0.04
CA PRO A 445 -29.34 -5.03 -0.57
C PRO A 445 -28.79 -6.36 -1.08
N GLY A 446 -28.89 -7.38 -0.22
CA GLY A 446 -28.32 -8.71 -0.50
C GLY A 446 -28.05 -9.44 0.79
N GLU A 447 -27.36 -8.77 1.71
CA GLU A 447 -27.17 -9.30 3.08
C GLU A 447 -28.48 -9.23 3.87
N THR A 448 -28.51 -9.86 5.05
CA THR A 448 -29.75 -10.05 5.82
C THR A 448 -29.61 -9.55 7.27
N LEU A 449 -30.68 -8.94 7.80
CA LEU A 449 -30.66 -8.31 9.14
C LEU A 449 -31.54 -9.06 10.14
N ASN A 450 -30.92 -9.55 11.21
CA ASN A 450 -31.65 -10.18 12.31
C ASN A 450 -32.43 -9.13 13.08
N VAL A 451 -33.73 -9.34 13.22
CA VAL A 451 -34.55 -8.49 14.07
C VAL A 451 -35.06 -9.27 15.27
N ASN A 452 -34.66 -8.84 16.47
CA ASN A 452 -34.99 -9.54 17.70
C ASN A 452 -36.22 -8.94 18.38
N PHE A 453 -37.21 -9.78 18.68
CA PHE A 453 -38.42 -9.39 19.41
C PHE A 453 -38.39 -9.93 20.85
N LEU A 454 -38.12 -9.06 21.82
CA LEU A 454 -38.09 -9.47 23.23
C LEU A 454 -39.43 -9.21 23.91
N LEU A 455 -40.15 -10.26 24.28
CA LEU A 455 -41.43 -10.11 24.97
C LEU A 455 -41.20 -9.89 26.44
N ARG A 456 -41.46 -8.66 26.87
CA ARG A 456 -41.22 -8.28 28.25
C ARG A 456 -42.57 -8.14 28.98
N MET A 457 -43.24 -9.27 29.13
CA MET A 457 -44.54 -9.33 29.80
C MET A 457 -44.51 -10.39 30.89
N ASP A 458 -45.24 -10.13 31.96
CA ASP A 458 -45.25 -11.00 33.13
C ASP A 458 -46.12 -12.26 32.90
N ARG A 459 -45.62 -13.38 33.44
CA ARG A 459 -45.99 -14.75 33.02
C ARG A 459 -47.47 -15.08 32.88
N ALA A 460 -48.31 -14.50 33.74
CA ALA A 460 -49.69 -14.94 33.90
C ALA A 460 -50.53 -14.85 32.62
N HIS A 461 -50.17 -13.94 31.71
CA HIS A 461 -50.96 -13.73 30.49
C HIS A 461 -50.15 -13.85 29.19
N GLU A 462 -48.85 -14.10 29.30
CA GLU A 462 -47.99 -14.11 28.12
C GLU A 462 -48.47 -15.09 27.04
N ALA A 463 -49.10 -16.18 27.46
CA ALA A 463 -49.57 -17.21 26.53
C ALA A 463 -50.59 -16.69 25.51
N LYS A 464 -51.10 -15.48 25.76
CA LYS A 464 -52.07 -14.85 24.87
C LYS A 464 -51.41 -14.18 23.65
N ILE A 465 -50.11 -13.86 23.74
CA ILE A 465 -49.41 -13.26 22.62
C ILE A 465 -49.04 -14.35 21.64
N ARG A 466 -49.66 -14.32 20.47
CA ARG A 466 -49.48 -15.34 19.46
C ARG A 466 -48.82 -14.81 18.18
N TYR A 467 -48.59 -13.50 18.12
CA TYR A 467 -47.92 -12.86 16.99
C TYR A 467 -47.54 -11.40 17.29
N TYR A 468 -46.48 -10.93 16.63
CA TYR A 468 -46.21 -9.50 16.55
C TYR A 468 -46.53 -9.03 15.13
N THR A 469 -47.26 -7.92 15.03
CA THR A 469 -47.49 -7.29 13.73
C THR A 469 -46.39 -6.26 13.51
N TYR A 470 -45.62 -6.43 12.44
CA TYR A 470 -44.52 -5.52 12.14
C TYR A 470 -44.73 -4.80 10.81
N LEU A 471 -44.23 -3.56 10.74
CA LEU A 471 -44.37 -2.70 9.56
C LEU A 471 -43.06 -2.04 9.23
N ILE A 472 -42.77 -1.90 7.94
CA ILE A 472 -41.52 -1.29 7.47
C ILE A 472 -41.77 -0.03 6.66
N MET A 473 -41.30 1.09 7.18
CA MET A 473 -41.41 2.39 6.51
C MET A 473 -40.14 2.69 5.74
N ASN A 474 -40.28 3.07 4.48
CA ASN A 474 -39.16 3.44 3.61
C ASN A 474 -39.59 4.55 2.68
N LYS A 475 -38.77 5.58 2.56
CA LYS A 475 -39.03 6.61 1.55
C LYS A 475 -40.38 7.27 1.83
N GLY A 476 -40.76 7.31 3.11
CA GLY A 476 -41.99 7.99 3.54
C GLY A 476 -43.31 7.28 3.28
N ARG A 477 -43.26 5.98 3.03
CA ARG A 477 -44.50 5.20 2.84
C ARG A 477 -44.36 3.76 3.37
N LEU A 478 -45.48 3.02 3.36
CA LEU A 478 -45.50 1.64 3.83
C LEU A 478 -44.89 0.71 2.78
N LEU A 479 -43.69 0.20 3.05
CA LEU A 479 -43.02 -0.71 2.12
C LEU A 479 -43.52 -2.14 2.30
N LYS A 480 -43.57 -2.61 3.54
CA LYS A 480 -44.06 -3.96 3.85
C LYS A 480 -44.60 -4.05 5.26
N ALA A 481 -45.65 -4.86 5.42
CA ALA A 481 -46.14 -5.25 6.74
C ALA A 481 -46.35 -6.76 6.75
N GLY A 482 -45.96 -7.42 7.84
CA GLY A 482 -46.07 -8.88 7.94
C GLY A 482 -46.42 -9.33 9.36
N ARG A 483 -46.11 -10.58 9.67
CA ARG A 483 -46.35 -11.15 10.99
C ARG A 483 -45.22 -12.05 11.46
N GLN A 484 -44.62 -11.70 12.59
CA GLN A 484 -43.71 -12.61 13.26
C GLN A 484 -44.51 -13.40 14.28
N VAL A 485 -44.81 -14.65 13.97
CA VAL A 485 -45.58 -15.50 14.89
C VAL A 485 -44.78 -15.81 16.15
N ARG A 486 -45.51 -16.08 17.21
CA ARG A 486 -44.93 -16.33 18.51
C ARG A 486 -45.70 -17.47 19.15
N GLU A 487 -45.02 -18.28 19.94
CA GLU A 487 -45.63 -19.42 20.62
C GLU A 487 -45.33 -19.36 22.11
N PRO A 488 -46.31 -19.76 22.95
CA PRO A 488 -46.21 -19.61 24.40
C PRO A 488 -44.84 -20.01 24.94
N GLY A 489 -44.26 -19.13 25.75
CA GLY A 489 -42.96 -19.38 26.37
C GLY A 489 -41.79 -18.79 25.62
N GLN A 490 -41.94 -18.52 24.33
CA GLN A 490 -40.88 -17.87 23.53
C GLN A 490 -40.74 -16.42 23.97
N ASP A 491 -39.78 -16.17 24.86
CA ASP A 491 -39.49 -14.80 25.35
C ASP A 491 -38.76 -13.94 24.31
N LEU A 492 -37.97 -14.58 23.45
CA LEU A 492 -37.26 -13.88 22.38
C LEU A 492 -37.33 -14.68 21.07
N VAL A 493 -37.69 -14.00 19.98
CA VAL A 493 -37.69 -14.63 18.65
C VAL A 493 -37.04 -13.69 17.64
N VAL A 494 -36.29 -14.26 16.71
CA VAL A 494 -35.64 -13.47 15.65
C VAL A 494 -36.31 -13.63 14.28
N LEU A 495 -36.65 -12.49 13.68
CA LEU A 495 -37.12 -12.44 12.31
C LEU A 495 -35.91 -12.22 11.40
N PRO A 496 -35.59 -13.21 10.55
CA PRO A 496 -34.54 -12.97 9.58
C PRO A 496 -35.08 -12.13 8.43
N LEU A 497 -34.84 -10.82 8.51
CA LEU A 497 -35.33 -9.88 7.50
C LEU A 497 -34.26 -9.63 6.44
N SER A 498 -34.63 -9.86 5.19
CA SER A 498 -33.69 -9.71 4.08
C SER A 498 -33.77 -8.30 3.51
N ILE A 499 -32.60 -7.76 3.15
CA ILE A 499 -32.49 -6.41 2.59
C ILE A 499 -32.49 -6.44 1.06
N THR A 500 -33.32 -5.59 0.46
CA THR A 500 -33.36 -5.43 -0.99
C THR A 500 -33.16 -3.95 -1.34
N THR A 501 -33.05 -3.63 -2.62
CA THR A 501 -32.80 -2.25 -3.07
C THR A 501 -33.95 -1.30 -2.71
N ASP A 502 -35.13 -1.88 -2.44
CA ASP A 502 -36.27 -1.11 -1.97
C ASP A 502 -36.02 -0.45 -0.61
N PHE A 503 -35.11 -1.03 0.18
CA PHE A 503 -34.76 -0.52 1.51
C PHE A 503 -33.83 0.72 1.51
N ILE A 504 -33.34 1.09 0.33
CA ILE A 504 -32.51 2.29 0.16
C ILE A 504 -33.42 3.52 0.23
N PRO A 505 -32.98 4.60 0.91
CA PRO A 505 -31.72 4.85 1.62
C PRO A 505 -31.66 4.34 3.07
N SER A 506 -32.83 4.27 3.71
CA SER A 506 -32.95 3.78 5.09
C SER A 506 -34.38 3.36 5.34
N PHE A 507 -34.64 2.81 6.51
CA PHE A 507 -35.99 2.35 6.84
C PHE A 507 -36.22 2.25 8.34
N ARG A 508 -37.50 2.14 8.71
CA ARG A 508 -37.91 1.98 10.09
C ARG A 508 -38.74 0.72 10.23
N LEU A 509 -38.43 -0.09 11.23
CA LEU A 509 -39.21 -1.28 11.54
C LEU A 509 -40.05 -0.97 12.76
N VAL A 510 -41.37 -0.92 12.58
CA VAL A 510 -42.31 -0.73 13.69
C VAL A 510 -43.12 -1.99 13.91
N ALA A 511 -43.17 -2.47 15.15
CA ALA A 511 -43.91 -3.69 15.48
C ALA A 511 -44.70 -3.51 16.76
N TYR A 512 -45.75 -4.33 16.93
CA TYR A 512 -46.59 -4.24 18.12
C TYR A 512 -47.32 -5.55 18.44
N TYR A 513 -47.82 -5.66 19.67
CA TYR A 513 -48.77 -6.73 20.07
C TYR A 513 -49.97 -6.17 20.86
N THR A 514 -50.97 -7.02 21.09
CA THR A 514 -52.18 -6.59 21.79
C THR A 514 -52.87 -7.72 22.57
N LEU A 515 -53.50 -7.38 23.69
CA LEU A 515 -54.10 -8.38 24.56
C LEU A 515 -54.99 -7.80 25.66
N ILE A 516 -55.55 -8.69 26.48
CA ILE A 516 -56.15 -8.33 27.77
C ILE A 516 -55.54 -9.19 28.91
N GLY A 517 -55.26 -8.58 30.06
CA GLY A 517 -54.69 -9.32 31.21
C GLY A 517 -54.51 -8.50 32.48
N ALA A 518 -53.70 -7.45 32.40
CA ALA A 518 -53.55 -6.49 33.50
C ALA A 518 -54.84 -5.68 33.59
N SER A 519 -55.79 -6.22 34.36
CA SER A 519 -57.17 -5.72 34.37
C SER A 519 -57.91 -6.11 33.09
N GLY A 520 -59.17 -5.72 32.97
CA GLY A 520 -59.99 -6.02 31.79
C GLY A 520 -59.70 -5.01 30.68
N GLN A 521 -58.41 -4.82 30.40
CA GLN A 521 -57.93 -3.75 29.54
C GLN A 521 -57.46 -4.26 28.19
N ARG A 522 -57.95 -3.65 27.12
CA ARG A 522 -57.35 -3.85 25.81
C ARG A 522 -56.05 -3.06 25.80
N GLU A 523 -54.95 -3.79 26.00
CA GLU A 523 -53.61 -3.21 26.08
C GLU A 523 -52.93 -3.30 24.72
N VAL A 524 -52.19 -2.25 24.35
CA VAL A 524 -51.34 -2.27 23.15
C VAL A 524 -49.91 -1.84 23.49
N VAL A 525 -48.97 -2.66 23.06
CA VAL A 525 -47.56 -2.46 23.32
C VAL A 525 -46.86 -2.44 21.97
N ALA A 526 -45.99 -1.46 21.77
CA ALA A 526 -45.31 -1.29 20.49
C ALA A 526 -43.88 -0.80 20.65
N ASP A 527 -43.09 -0.95 19.59
CA ASP A 527 -41.75 -0.37 19.52
C ASP A 527 -41.36 -0.14 18.06
N SER A 528 -40.49 0.85 17.84
CA SER A 528 -39.96 1.12 16.50
C SER A 528 -38.44 1.16 16.54
N VAL A 529 -37.83 1.07 15.37
CA VAL A 529 -36.38 1.15 15.24
C VAL A 529 -36.02 1.64 13.84
N TRP A 530 -35.15 2.65 13.78
CA TRP A 530 -34.65 3.17 12.50
C TRP A 530 -33.33 2.50 12.14
N VAL A 531 -33.20 2.07 10.89
CA VAL A 531 -31.99 1.42 10.43
C VAL A 531 -31.55 2.01 9.10
N ASP A 532 -30.28 2.38 9.04
CA ASP A 532 -29.69 2.99 7.86
C ASP A 532 -29.13 1.94 6.90
N VAL A 533 -29.24 2.22 5.61
CA VAL A 533 -28.67 1.38 4.55
C VAL A 533 -27.67 2.20 3.73
N LYS A 534 -26.76 1.51 3.05
CA LYS A 534 -25.80 2.16 2.16
C LYS A 534 -26.53 2.87 1.02
N ASP A 535 -26.30 4.17 0.88
CA ASP A 535 -27.03 5.00 -0.09
C ASP A 535 -26.49 4.93 -1.52
N SER A 536 -26.47 3.72 -2.07
CA SER A 536 -26.06 3.51 -3.45
C SER A 536 -27.21 3.84 -4.41
N CYS A 537 -26.97 3.68 -5.70
CA CYS A 537 -28.05 3.72 -6.68
C CYS A 537 -28.93 2.49 -6.48
N VAL A 538 -30.18 2.57 -6.94
CA VAL A 538 -31.05 1.40 -7.01
C VAL A 538 -30.47 0.45 -8.06
N GLY A 539 -30.29 0.97 -9.27
CA GLY A 539 -29.60 0.25 -10.33
C GLY A 539 -28.11 0.52 -10.25
N SER A 540 -27.50 0.78 -11.40
CA SER A 540 -26.11 1.26 -11.46
C SER A 540 -25.83 1.96 -12.80
N LEU A 541 -24.90 2.91 -12.78
CA LEU A 541 -24.48 3.62 -13.98
C LEU A 541 -23.01 3.98 -13.89
N VAL A 542 -22.25 3.56 -14.89
CA VAL A 542 -20.81 3.79 -14.90
C VAL A 542 -20.34 4.13 -16.30
N VAL A 543 -19.53 5.19 -16.41
CA VAL A 543 -18.90 5.56 -17.66
C VAL A 543 -17.40 5.34 -17.56
N LYS A 544 -16.84 4.66 -18.55
CA LYS A 544 -15.40 4.43 -18.62
C LYS A 544 -14.95 4.31 -20.07
N SER A 545 -13.64 4.19 -20.27
CA SER A 545 -13.05 4.11 -21.60
C SER A 545 -13.09 2.68 -22.13
N GLY A 546 -13.50 2.54 -23.39
CA GLY A 546 -13.28 1.31 -24.15
C GLY A 546 -12.01 1.43 -25.00
N GLN A 547 -11.47 2.64 -25.05
CA GLN A 547 -10.35 2.98 -25.95
C GLN A 547 -9.04 2.38 -25.46
N SER A 548 -8.95 1.05 -25.44
CA SER A 548 -7.77 0.32 -24.94
C SER A 548 -7.01 1.09 -23.85
N GLU A 549 -7.75 1.87 -23.06
CA GLU A 549 -7.25 2.94 -22.18
C GLU A 549 -5.72 3.24 -22.30
N ASP A 550 -5.05 3.57 -21.20
CA ASP A 550 -3.61 3.90 -21.19
C ASP A 550 -3.07 4.37 -22.55
N ARG A 551 -3.35 5.63 -22.91
CA ARG A 551 -2.81 6.20 -24.14
C ARG A 551 -2.80 7.73 -24.13
N GLN A 552 -3.91 8.32 -23.69
CA GLN A 552 -4.07 9.77 -23.65
C GLN A 552 -4.43 10.26 -25.05
N PRO A 553 -5.71 10.53 -25.30
CA PRO A 553 -6.11 10.96 -26.62
C PRO A 553 -5.64 12.37 -26.97
N VAL A 554 -5.92 12.75 -28.19
CA VAL A 554 -5.43 13.99 -28.80
C VAL A 554 -6.62 14.80 -29.32
N PRO A 555 -6.49 16.13 -29.43
CA PRO A 555 -7.58 16.92 -29.98
C PRO A 555 -8.10 16.40 -31.31
N GLY A 556 -9.42 16.41 -31.50
CA GLY A 556 -10.05 15.91 -32.73
C GLY A 556 -10.28 14.41 -32.81
N GLN A 557 -9.60 13.67 -31.94
CA GLN A 557 -9.52 12.21 -32.01
C GLN A 557 -10.84 11.53 -31.67
N GLN A 558 -11.09 10.40 -32.30
CA GLN A 558 -12.21 9.54 -31.93
C GLN A 558 -11.87 8.82 -30.64
N MET A 559 -12.90 8.48 -29.86
CA MET A 559 -12.73 7.50 -28.78
C MET A 559 -14.02 6.75 -28.49
N THR A 560 -13.87 5.61 -27.83
CA THR A 560 -15.00 4.76 -27.50
C THR A 560 -15.28 4.86 -26.01
N LEU A 561 -16.56 4.96 -25.69
CA LEU A 561 -17.02 5.21 -24.34
C LEU A 561 -17.92 4.05 -23.90
N LYS A 562 -17.51 3.35 -22.84
CA LYS A 562 -18.32 2.27 -22.26
C LYS A 562 -19.34 2.81 -21.26
N ILE A 563 -20.63 2.57 -21.52
CA ILE A 563 -21.71 2.88 -20.57
C ILE A 563 -22.26 1.57 -19.98
N GLU A 564 -22.26 1.48 -18.66
CA GLU A 564 -22.72 0.28 -17.95
C GLU A 564 -23.94 0.58 -17.07
N GLY A 565 -25.12 0.57 -17.67
CA GLY A 565 -26.36 0.88 -16.96
C GLY A 565 -27.28 -0.31 -16.76
N ASP A 566 -28.54 0.00 -16.44
CA ASP A 566 -29.60 -1.01 -16.30
C ASP A 566 -30.19 -1.28 -17.68
N HIS A 567 -30.63 -2.51 -17.91
CA HIS A 567 -31.19 -2.90 -19.20
C HIS A 567 -32.47 -2.12 -19.51
N GLY A 568 -32.59 -1.62 -20.73
CA GLY A 568 -33.77 -0.87 -21.15
C GLY A 568 -33.92 0.50 -20.53
N ALA A 569 -32.85 1.00 -19.92
CA ALA A 569 -32.85 2.30 -19.24
C ALA A 569 -32.32 3.38 -20.18
N ARG A 570 -32.92 4.57 -20.10
CA ARG A 570 -32.43 5.73 -20.83
C ARG A 570 -31.27 6.37 -20.07
N VAL A 571 -30.33 6.94 -20.81
CA VAL A 571 -29.12 7.55 -20.24
C VAL A 571 -28.81 8.87 -20.94
N VAL A 572 -28.80 9.95 -20.19
CA VAL A 572 -28.47 11.28 -20.72
C VAL A 572 -27.05 11.72 -20.30
N LEU A 573 -26.39 12.50 -21.17
CA LEU A 573 -24.95 12.75 -21.05
C LEU A 573 -24.56 14.22 -21.18
N VAL A 574 -23.36 14.53 -20.69
CA VAL A 574 -22.75 15.84 -20.86
C VAL A 574 -21.25 15.74 -20.65
N ALA A 575 -20.50 16.59 -21.35
CA ALA A 575 -19.06 16.70 -21.15
C ALA A 575 -18.74 18.18 -20.89
N VAL A 576 -17.97 18.46 -19.84
CA VAL A 576 -17.67 19.84 -19.45
C VAL A 576 -16.17 20.02 -19.26
N ASP A 577 -15.65 21.14 -19.77
CA ASP A 577 -14.24 21.50 -19.57
C ASP A 577 -14.06 21.83 -18.10
N LYS A 578 -13.22 21.07 -17.41
CA LYS A 578 -13.04 21.23 -15.96
C LYS A 578 -12.59 22.62 -15.54
N GLY A 579 -12.17 23.44 -16.50
CA GLY A 579 -11.87 24.85 -16.25
C GLY A 579 -13.10 25.59 -15.76
N VAL A 580 -14.27 25.15 -16.20
CA VAL A 580 -15.55 25.69 -15.76
C VAL A 580 -15.68 25.61 -14.23
N PHE A 581 -15.19 24.52 -13.65
CA PHE A 581 -15.31 24.29 -12.20
C PHE A 581 -14.25 25.01 -11.38
N VAL A 582 -13.18 25.44 -12.03
CA VAL A 582 -12.22 26.35 -11.39
C VAL A 582 -12.93 27.67 -11.02
N LEU A 583 -13.94 28.02 -11.82
CA LEU A 583 -14.69 29.27 -11.67
C LEU A 583 -15.97 29.08 -10.84
N ASN A 584 -16.60 27.93 -10.97
CA ASN A 584 -17.83 27.66 -10.22
C ASN A 584 -18.13 26.18 -10.20
N LYS A 585 -18.33 25.64 -9.01
CA LYS A 585 -18.65 24.21 -8.84
C LYS A 585 -19.95 23.94 -8.07
N LYS A 586 -20.71 25.01 -7.78
CA LYS A 586 -21.93 24.88 -7.02
C LYS A 586 -23.06 24.31 -7.87
N ASN A 587 -24.03 23.70 -7.21
CA ASN A 587 -25.28 23.22 -7.84
C ASN A 587 -25.08 22.09 -8.83
N LYS A 588 -24.16 21.17 -8.53
CA LYS A 588 -23.99 20.00 -9.37
C LYS A 588 -24.87 18.86 -8.89
N LEU A 589 -25.63 18.27 -9.82
CA LEU A 589 -26.51 17.13 -9.51
C LEU A 589 -25.66 15.93 -9.07
N THR A 590 -26.09 15.28 -8.00
CA THR A 590 -25.36 14.14 -7.42
C THR A 590 -26.35 13.09 -6.92
N GLN A 591 -25.90 11.84 -6.87
CA GLN A 591 -26.75 10.78 -6.34
C GLN A 591 -26.99 10.93 -4.84
N SER A 592 -25.98 11.38 -4.10
CA SER A 592 -26.16 11.60 -2.67
C SER A 592 -27.05 12.83 -2.43
N LYS A 593 -27.09 13.75 -3.38
CA LYS A 593 -27.98 14.91 -3.32
C LYS A 593 -29.45 14.52 -3.53
N ILE A 594 -29.68 13.47 -4.33
CA ILE A 594 -31.03 12.94 -4.54
C ILE A 594 -31.54 12.28 -3.27
N TRP A 595 -30.70 11.46 -2.64
CA TRP A 595 -31.06 10.82 -1.37
C TRP A 595 -31.19 11.82 -0.22
N ASP A 596 -30.36 12.86 -0.21
CA ASP A 596 -30.45 13.89 0.82
C ASP A 596 -31.82 14.54 0.78
N VAL A 597 -32.26 14.88 -0.43
CA VAL A 597 -33.61 15.41 -0.64
C VAL A 597 -34.66 14.42 -0.12
N VAL A 598 -34.53 13.16 -0.51
CA VAL A 598 -35.53 12.14 -0.16
C VAL A 598 -35.69 11.98 1.34
N GLU A 599 -34.57 11.85 2.04
CA GLU A 599 -34.60 11.61 3.49
C GLU A 599 -35.07 12.83 4.28
N LYS A 600 -34.89 14.02 3.73
CA LYS A 600 -35.40 15.25 4.35
C LYS A 600 -36.92 15.36 4.20
N ALA A 601 -37.50 14.56 3.32
CA ALA A 601 -38.95 14.53 3.11
C ALA A 601 -39.62 13.32 3.79
N ASP A 602 -38.92 12.72 4.74
CA ASP A 602 -39.48 11.60 5.49
C ASP A 602 -40.52 12.13 6.46
N ILE A 603 -41.59 11.37 6.68
CA ILE A 603 -42.62 11.76 7.65
C ILE A 603 -42.32 11.22 9.06
N GLY A 604 -41.48 10.19 9.15
CA GLY A 604 -40.95 9.75 10.44
C GLY A 604 -39.95 10.78 10.96
N CYS A 605 -39.91 10.99 12.28
CA CYS A 605 -39.04 12.02 12.85
C CYS A 605 -38.00 11.52 13.85
N THR A 606 -38.29 10.41 14.54
CA THR A 606 -37.42 9.92 15.61
C THR A 606 -36.53 8.79 15.11
N PRO A 607 -35.29 8.70 15.62
CA PRO A 607 -34.46 7.50 15.41
C PRO A 607 -35.07 6.17 15.91
N GLY A 608 -36.15 6.24 16.69
CA GLY A 608 -36.85 5.03 17.16
C GLY A 608 -37.54 5.23 18.50
N SER A 609 -38.31 4.21 18.90
CA SER A 609 -39.05 4.22 20.16
C SER A 609 -40.10 5.33 20.24
N GLY A 610 -40.57 5.60 21.45
CA GLY A 610 -41.56 6.65 21.70
C GLY A 610 -41.89 6.75 23.18
N LYS A 611 -42.68 7.76 23.56
CA LYS A 611 -43.05 7.95 24.97
C LYS A 611 -44.15 6.97 25.40
N ASP A 612 -44.86 6.42 24.43
CA ASP A 612 -45.84 5.35 24.64
C ASP A 612 -46.19 4.71 23.30
N TYR A 613 -47.13 3.77 23.27
CA TYR A 613 -47.44 3.05 22.03
C TYR A 613 -47.93 3.97 20.94
N ALA A 614 -48.82 4.91 21.28
CA ALA A 614 -49.29 5.89 20.31
C ALA A 614 -48.13 6.73 19.81
N GLY A 615 -47.25 7.12 20.73
CA GLY A 615 -46.05 7.91 20.41
C GLY A 615 -45.08 7.20 19.47
N VAL A 616 -44.96 5.88 19.62
CA VAL A 616 -44.08 5.08 18.76
C VAL A 616 -44.57 5.08 17.31
N PHE A 617 -45.86 4.87 17.12
CA PHE A 617 -46.48 4.92 15.79
C PHE A 617 -46.32 6.30 15.15
N SER A 618 -46.71 7.34 15.87
CA SER A 618 -46.66 8.71 15.36
C SER A 618 -45.24 9.14 14.97
N ASP A 619 -44.29 8.91 15.87
CA ASP A 619 -42.91 9.31 15.61
C ASP A 619 -42.30 8.63 14.38
N ALA A 620 -42.76 7.42 14.05
CA ALA A 620 -42.27 6.71 12.86
C ALA A 620 -43.14 6.99 11.62
N GLY A 621 -44.15 7.84 11.77
CA GLY A 621 -44.99 8.27 10.67
C GLY A 621 -46.13 7.34 10.33
N LEU A 622 -46.80 6.81 11.35
CA LEU A 622 -47.89 5.85 11.18
C LEU A 622 -49.06 6.20 12.07
N THR A 623 -50.27 6.08 11.53
CA THR A 623 -51.47 6.19 12.34
C THR A 623 -51.80 4.81 12.89
N PHE A 624 -52.44 4.79 14.05
CA PHE A 624 -53.06 3.57 14.57
C PHE A 624 -54.41 3.94 15.13
N THR A 625 -55.43 3.17 14.77
CA THR A 625 -56.78 3.41 15.27
C THR A 625 -57.53 2.09 15.37
N SER A 626 -58.22 1.90 16.49
CA SER A 626 -58.93 0.64 16.76
C SER A 626 -60.37 0.85 17.22
N SER A 627 -61.18 -0.19 17.03
CA SER A 627 -62.58 -0.18 17.45
C SER A 627 -62.75 -0.07 18.97
N SER A 628 -61.72 -0.44 19.73
CA SER A 628 -61.76 -0.37 21.19
C SER A 628 -61.27 0.96 21.77
N GLY A 629 -61.11 1.99 20.93
CA GLY A 629 -60.77 3.34 21.39
C GLY A 629 -59.31 3.77 21.28
N GLN A 630 -58.39 2.80 21.24
CA GLN A 630 -56.95 3.09 21.18
C GLN A 630 -56.55 3.67 19.83
N GLN A 631 -55.88 4.82 19.85
CA GLN A 631 -55.41 5.44 18.62
C GLN A 631 -54.25 6.44 18.82
N THR A 632 -53.56 6.73 17.72
CA THR A 632 -52.52 7.74 17.72
C THR A 632 -53.14 9.13 17.81
N ALA A 633 -52.34 10.10 18.21
CA ALA A 633 -52.82 11.48 18.32
C ALA A 633 -53.09 12.06 16.93
N GLN A 634 -53.67 13.25 16.92
CA GLN A 634 -53.88 13.99 15.68
C GLN A 634 -52.56 14.62 15.23
N ARG A 635 -52.20 14.37 13.98
CA ARG A 635 -51.08 15.07 13.33
C ARG A 635 -51.63 16.04 12.29
N ALA A 636 -51.51 17.33 12.58
CA ALA A 636 -51.88 18.38 11.61
C ALA A 636 -50.63 19.09 11.07
N GLU A 637 -49.45 18.65 11.51
CA GLU A 637 -48.19 19.27 11.11
C GLU A 637 -47.58 18.53 9.92
N LEU A 638 -47.40 19.23 8.81
CA LEU A 638 -46.76 18.64 7.62
C LEU A 638 -45.25 18.46 7.80
N GLN A 639 -44.67 19.23 8.73
CA GLN A 639 -43.23 19.19 9.00
C GLN A 639 -42.97 18.50 10.34
N CYS A 640 -41.73 18.06 10.57
CA CYS A 640 -41.37 17.45 11.84
C CYS A 640 -41.32 18.49 12.97
N PRO A 641 -41.41 18.02 14.23
CA PRO A 641 -41.39 18.94 15.38
C PRO A 641 -40.06 19.66 15.56
N GLN A 642 -40.11 20.83 16.19
CA GLN A 642 -38.93 21.61 16.58
C GLN A 642 -39.32 22.82 17.42
N ASP B 4 10.42 29.17 -45.87
CA ASP B 4 11.75 28.51 -45.65
C ASP B 4 11.70 27.00 -45.90
N GLU B 5 12.84 26.35 -45.70
CA GLU B 5 13.02 24.94 -46.02
C GLU B 5 12.91 24.08 -44.74
N ASP B 6 12.42 22.85 -44.90
CA ASP B 6 12.39 21.85 -43.83
C ASP B 6 11.37 22.15 -42.72
N ILE B 7 10.29 22.83 -43.07
CA ILE B 7 9.24 23.23 -42.12
C ILE B 7 7.89 23.22 -42.81
N ILE B 8 6.82 22.96 -42.09
CA ILE B 8 5.46 23.00 -42.67
C ILE B 8 5.07 24.44 -43.00
N ALA B 9 4.46 24.60 -44.18
CA ALA B 9 4.04 25.90 -44.68
C ALA B 9 2.74 26.35 -44.00
N GLU B 10 2.62 27.65 -43.76
CA GLU B 10 1.45 28.24 -43.09
C GLU B 10 0.11 27.82 -43.71
N GLU B 11 0.08 27.73 -45.04
CA GLU B 11 -1.13 27.44 -45.80
C GLU B 11 -1.65 26.03 -45.54
N ASN B 12 -0.75 25.12 -45.17
CA ASN B 12 -1.08 23.71 -44.94
C ASN B 12 -1.48 23.40 -43.50
N ILE B 13 -1.21 24.34 -42.59
CA ILE B 13 -1.61 24.21 -41.18
C ILE B 13 -3.08 24.56 -41.04
N VAL B 14 -3.88 23.62 -40.57
CA VAL B 14 -5.28 23.89 -40.25
C VAL B 14 -5.43 24.12 -38.73
N SER B 15 -5.82 25.34 -38.34
CA SER B 15 -5.87 25.72 -36.92
C SER B 15 -7.00 25.00 -36.19
N ARG B 16 -6.73 24.69 -34.93
CA ARG B 16 -7.75 24.17 -34.02
C ARG B 16 -8.76 25.26 -33.73
N SER B 17 -10.02 24.86 -33.69
CA SER B 17 -11.13 25.80 -33.68
C SER B 17 -12.24 25.49 -32.66
N GLU B 18 -12.49 24.20 -32.41
CA GLU B 18 -13.65 23.78 -31.63
C GLU B 18 -13.35 23.74 -30.14
N PHE B 19 -13.67 24.82 -29.44
CA PHE B 19 -13.36 24.94 -28.02
C PHE B 19 -14.61 25.22 -27.16
N PRO B 20 -15.61 24.33 -27.21
CA PRO B 20 -16.82 24.56 -26.41
C PRO B 20 -16.57 24.27 -24.93
N GLU B 21 -17.36 24.91 -24.07
CA GLU B 21 -17.24 24.72 -22.63
C GLU B 21 -18.00 23.46 -22.21
N SER B 22 -19.03 23.12 -22.98
CA SER B 22 -19.82 21.91 -22.75
C SER B 22 -20.35 21.34 -24.07
N TRP B 23 -20.34 20.02 -24.14
CA TRP B 23 -20.77 19.29 -25.34
C TRP B 23 -21.19 17.87 -24.95
N LEU B 24 -21.62 17.08 -25.93
CA LEU B 24 -22.10 15.71 -25.70
C LEU B 24 -23.44 15.71 -24.98
N TRP B 25 -24.30 16.66 -25.32
CA TRP B 25 -25.63 16.76 -24.73
C TRP B 25 -26.57 15.77 -25.42
N ASN B 26 -26.31 14.49 -25.19
CA ASN B 26 -26.93 13.41 -25.96
C ASN B 26 -27.73 12.43 -25.10
N VAL B 27 -28.61 11.70 -25.77
CA VAL B 27 -29.43 10.67 -25.16
C VAL B 27 -29.11 9.33 -25.79
N GLU B 28 -29.01 8.29 -24.97
CA GLU B 28 -28.76 6.94 -25.47
C GLU B 28 -29.52 5.92 -24.64
N ASP B 29 -30.34 5.11 -25.31
CA ASP B 29 -31.09 4.03 -24.66
C ASP B 29 -30.30 2.73 -24.71
N LEU B 30 -30.15 2.08 -23.56
CA LEU B 30 -29.49 0.77 -23.49
C LEU B 30 -30.45 -0.31 -23.97
N LYS B 31 -30.04 -1.03 -25.03
CA LYS B 31 -30.94 -1.94 -25.75
C LYS B 31 -30.41 -3.38 -25.75
N GLU B 32 -29.14 -3.54 -26.09
CA GLU B 32 -28.48 -4.86 -26.12
C GLU B 32 -28.66 -5.59 -24.78
N PRO B 33 -28.65 -6.94 -24.80
CA PRO B 33 -29.11 -7.75 -23.67
C PRO B 33 -28.18 -7.68 -22.45
N PRO B 34 -28.72 -7.93 -21.25
CA PRO B 34 -27.92 -7.78 -20.04
C PRO B 34 -27.12 -9.03 -19.69
N LYS B 35 -25.83 -9.00 -19.98
CA LYS B 35 -24.92 -10.07 -19.57
C LYS B 35 -24.52 -9.76 -18.12
N ASN B 36 -24.73 -10.71 -17.22
CA ASN B 36 -24.44 -10.50 -15.79
C ASN B 36 -25.39 -9.45 -15.17
N GLY B 37 -26.56 -9.29 -15.77
CA GLY B 37 -27.53 -8.29 -15.30
C GLY B 37 -27.08 -6.84 -15.45
N ILE B 38 -26.19 -6.59 -16.40
CA ILE B 38 -25.69 -5.24 -16.67
C ILE B 38 -25.56 -5.02 -18.17
N SER B 39 -26.42 -4.16 -18.73
CA SER B 39 -26.34 -3.80 -20.14
C SER B 39 -25.09 -2.97 -20.41
N THR B 40 -24.70 -2.92 -21.68
CA THR B 40 -23.48 -2.21 -22.09
C THR B 40 -23.63 -1.60 -23.47
N LYS B 41 -23.44 -0.28 -23.56
CA LYS B 41 -23.36 0.42 -24.85
C LYS B 41 -21.96 0.95 -25.05
N LEU B 42 -21.46 0.80 -26.27
CA LEU B 42 -20.20 1.40 -26.69
C LEU B 42 -20.53 2.65 -27.52
N MET B 43 -20.08 3.81 -27.02
CA MET B 43 -20.31 5.09 -27.68
C MET B 43 -19.04 5.59 -28.36
N ASN B 44 -19.16 5.97 -29.63
CA ASN B 44 -18.06 6.55 -30.37
C ASN B 44 -18.22 8.05 -30.45
N ILE B 45 -17.40 8.74 -29.66
CA ILE B 45 -17.39 10.20 -29.59
C ILE B 45 -16.20 10.74 -30.35
N PHE B 46 -16.36 11.97 -30.85
CA PHE B 46 -15.27 12.71 -31.46
C PHE B 46 -14.82 13.83 -30.51
N LEU B 47 -13.64 13.67 -29.92
CA LEU B 47 -13.12 14.67 -29.00
C LEU B 47 -12.95 16.04 -29.69
N LYS B 48 -13.31 17.10 -28.96
CA LYS B 48 -13.15 18.47 -29.44
C LYS B 48 -11.67 18.90 -29.40
N ASP B 49 -11.39 20.13 -29.81
CA ASP B 49 -10.02 20.60 -29.98
C ASP B 49 -9.33 21.09 -28.69
N SER B 50 -10.11 21.51 -27.70
CA SER B 50 -9.57 21.97 -26.42
C SER B 50 -8.57 20.99 -25.83
N ILE B 51 -7.41 21.52 -25.46
CA ILE B 51 -6.37 20.79 -24.73
C ILE B 51 -6.62 20.98 -23.23
N THR B 52 -7.30 20.02 -22.61
CA THR B 52 -7.80 20.16 -21.25
C THR B 52 -8.23 18.81 -20.71
N THR B 53 -8.95 18.82 -19.59
CA THR B 53 -9.60 17.60 -19.07
C THR B 53 -11.12 17.78 -19.08
N TRP B 54 -11.81 16.88 -19.79
CA TRP B 54 -13.25 16.87 -19.81
C TRP B 54 -13.79 16.08 -18.63
N GLU B 55 -14.96 16.47 -18.14
CA GLU B 55 -15.66 15.68 -17.12
C GLU B 55 -17.02 15.26 -17.67
N ILE B 56 -17.21 13.95 -17.81
CA ILE B 56 -18.43 13.41 -18.39
C ILE B 56 -19.37 12.90 -17.31
N LEU B 57 -20.60 13.40 -17.32
CA LEU B 57 -21.58 13.05 -16.31
C LEU B 57 -22.82 12.41 -16.94
N ALA B 58 -23.07 11.16 -16.55
CA ALA B 58 -24.19 10.38 -17.06
C ALA B 58 -25.27 10.22 -15.99
N VAL B 59 -26.51 10.54 -16.35
CA VAL B 59 -27.66 10.22 -15.52
C VAL B 59 -28.55 9.28 -16.30
N SER B 60 -28.99 8.20 -15.64
CA SER B 60 -29.86 7.20 -16.25
C SER B 60 -31.21 7.12 -15.56
N MET B 61 -32.24 6.86 -16.37
CA MET B 61 -33.62 6.78 -15.89
C MET B 61 -34.26 5.48 -16.37
N SER B 62 -34.86 4.76 -15.43
CA SER B 62 -35.47 3.46 -15.69
C SER B 62 -36.87 3.40 -15.09
N ASP B 63 -37.78 2.69 -15.76
CA ASP B 63 -39.16 2.52 -15.29
C ASP B 63 -39.25 1.86 -13.91
N LYS B 64 -38.36 0.90 -13.68
CA LYS B 64 -38.41 0.03 -12.51
C LYS B 64 -37.36 0.40 -11.47
N LYS B 65 -36.12 0.61 -11.91
CA LYS B 65 -35.01 0.92 -11.00
C LYS B 65 -34.84 2.43 -10.78
N GLY B 66 -35.58 3.23 -11.52
CA GLY B 66 -35.66 4.66 -11.26
C GLY B 66 -34.45 5.47 -11.70
N ILE B 67 -34.26 6.61 -11.05
CA ILE B 67 -33.21 7.56 -11.41
C ILE B 67 -31.87 7.16 -10.80
N CYS B 68 -30.78 7.46 -11.51
CA CYS B 68 -29.44 7.14 -11.03
C CYS B 68 -28.41 8.05 -11.70
N VAL B 69 -27.37 8.40 -10.95
CA VAL B 69 -26.38 9.40 -11.37
C VAL B 69 -24.96 8.85 -11.20
N ALA B 70 -24.26 8.69 -12.31
CA ALA B 70 -22.92 8.10 -12.32
C ALA B 70 -21.89 9.00 -11.64
N ASP B 71 -20.76 8.41 -11.28
CA ASP B 71 -19.60 9.20 -10.87
C ASP B 71 -19.02 9.88 -12.10
N PRO B 72 -18.51 11.11 -11.93
CA PRO B 72 -17.99 11.77 -13.12
C PRO B 72 -16.81 10.99 -13.66
N PHE B 73 -16.70 10.97 -14.99
CA PHE B 73 -15.63 10.26 -15.67
C PHE B 73 -14.77 11.24 -16.44
N GLU B 74 -13.48 11.28 -16.12
CA GLU B 74 -12.58 12.24 -16.74
C GLU B 74 -11.88 11.69 -17.99
N VAL B 75 -11.62 12.58 -18.94
CA VAL B 75 -10.85 12.27 -20.14
C VAL B 75 -9.88 13.44 -20.36
N THR B 76 -8.60 13.15 -20.50
CA THR B 76 -7.61 14.21 -20.71
C THR B 76 -7.10 14.19 -22.15
N VAL B 77 -7.28 15.31 -22.84
CA VAL B 77 -6.77 15.47 -24.19
C VAL B 77 -5.54 16.37 -24.14
N MET B 78 -4.53 16.03 -24.94
CA MET B 78 -3.17 16.57 -24.76
C MET B 78 -2.29 16.37 -26.01
N GLN B 79 -1.34 17.28 -26.20
CA GLN B 79 -0.30 17.13 -27.22
C GLN B 79 1.06 17.47 -26.65
N ASP B 80 2.10 17.02 -27.34
CA ASP B 80 3.47 17.32 -26.94
C ASP B 80 3.84 18.77 -27.22
N PHE B 81 3.24 19.38 -28.24
CA PHE B 81 3.48 20.79 -28.58
C PHE B 81 2.20 21.46 -29.02
N PHE B 82 1.87 22.61 -28.42
CA PHE B 82 0.67 23.34 -28.79
C PHE B 82 0.70 24.81 -28.39
N ILE B 83 -0.20 25.58 -29.00
CA ILE B 83 -0.37 26.99 -28.71
C ILE B 83 -1.52 27.18 -27.76
N ASP B 84 -1.35 28.05 -26.77
CA ASP B 84 -2.47 28.48 -25.92
C ASP B 84 -2.69 29.98 -26.15
N LEU B 85 -3.65 30.31 -27.01
CA LEU B 85 -3.96 31.70 -27.35
C LEU B 85 -4.85 32.33 -26.28
N ARG B 86 -4.26 33.18 -25.45
CA ARG B 86 -4.93 33.75 -24.28
C ARG B 86 -5.69 35.03 -24.62
N LEU B 87 -6.92 34.88 -25.10
CA LEU B 87 -7.76 36.02 -25.43
C LEU B 87 -8.62 36.44 -24.23
N PRO B 88 -8.84 37.76 -24.06
CA PRO B 88 -9.78 38.25 -23.06
C PRO B 88 -11.20 37.95 -23.44
N TYR B 89 -12.13 38.28 -22.56
CA TYR B 89 -13.55 38.09 -22.84
C TYR B 89 -14.00 39.07 -23.92
N SER B 90 -13.57 40.32 -23.78
CA SER B 90 -13.91 41.37 -24.73
C SER B 90 -12.81 42.42 -24.81
N VAL B 91 -12.88 43.25 -25.85
CA VAL B 91 -11.97 44.38 -25.97
C VAL B 91 -12.74 45.56 -26.56
N VAL B 92 -12.36 46.77 -26.14
CA VAL B 92 -12.97 47.98 -26.64
C VAL B 92 -12.40 48.31 -28.02
N ARG B 93 -13.28 48.80 -28.90
CA ARG B 93 -12.93 49.15 -30.27
C ARG B 93 -12.07 50.40 -30.34
N ASN B 94 -11.09 50.37 -31.24
CA ASN B 94 -10.09 51.42 -31.38
C ASN B 94 -9.22 51.60 -30.15
N GLU B 95 -9.08 50.55 -29.35
CA GLU B 95 -8.25 50.59 -28.14
C GLU B 95 -7.17 49.53 -28.29
N GLN B 96 -5.92 49.98 -28.41
CA GLN B 96 -4.80 49.04 -28.53
C GLN B 96 -4.73 48.15 -27.28
N VAL B 97 -4.39 46.90 -27.51
CA VAL B 97 -4.37 45.90 -26.47
C VAL B 97 -3.26 44.93 -26.81
N GLU B 98 -2.79 44.22 -25.81
CA GLU B 98 -1.80 43.19 -26.03
C GLU B 98 -2.39 41.84 -25.67
N ILE B 99 -2.13 40.83 -26.50
CA ILE B 99 -2.52 39.46 -26.17
C ILE B 99 -1.31 38.56 -26.23
N ARG B 100 -1.31 37.51 -25.42
CA ARG B 100 -0.23 36.54 -25.41
C ARG B 100 -0.66 35.23 -26.07
N ALA B 101 0.22 34.69 -26.94
CA ALA B 101 0.13 33.31 -27.38
C ALA B 101 1.21 32.52 -26.63
N VAL B 102 0.80 31.56 -25.82
CA VAL B 102 1.75 30.76 -25.03
C VAL B 102 2.05 29.43 -25.72
N LEU B 103 3.31 29.22 -26.05
CA LEU B 103 3.76 28.00 -26.75
C LEU B 103 4.36 27.02 -25.75
N TYR B 104 3.94 25.76 -25.82
CA TYR B 104 4.35 24.73 -24.86
C TYR B 104 5.13 23.61 -25.55
N ASN B 105 6.17 23.12 -24.89
CA ASN B 105 6.97 21.99 -25.38
C ASN B 105 7.09 20.94 -24.27
N TYR B 106 6.18 19.97 -24.28
CA TYR B 106 6.18 18.93 -23.25
C TYR B 106 7.05 17.74 -23.62
N ARG B 107 7.92 17.91 -24.62
CA ARG B 107 8.96 16.92 -24.91
C ARG B 107 9.98 16.94 -23.78
N GLN B 108 10.52 15.76 -23.48
CA GLN B 108 11.29 15.54 -22.26
C GLN B 108 12.76 15.91 -22.37
N ASN B 109 13.38 15.73 -23.54
CA ASN B 109 14.83 15.93 -23.68
C ASN B 109 15.23 16.38 -25.09
N GLN B 110 14.73 17.56 -25.44
CA GLN B 110 14.66 18.03 -26.81
C GLN B 110 14.10 19.44 -26.80
N GLU B 111 14.87 20.42 -27.27
CA GLU B 111 14.30 21.74 -27.52
C GLU B 111 13.60 21.71 -28.86
N LEU B 112 12.65 22.61 -29.07
CA LEU B 112 11.97 22.73 -30.35
C LEU B 112 12.17 24.13 -30.89
N LYS B 113 12.58 24.21 -32.15
CA LYS B 113 12.65 25.48 -32.86
C LYS B 113 11.32 25.69 -33.57
N VAL B 114 10.59 26.71 -33.16
CA VAL B 114 9.29 27.01 -33.75
C VAL B 114 9.30 28.35 -34.51
N ARG B 115 8.53 28.40 -35.58
CA ARG B 115 8.15 29.67 -36.21
C ARG B 115 6.69 29.95 -35.81
N VAL B 116 6.46 31.08 -35.14
CA VAL B 116 5.12 31.43 -34.67
C VAL B 116 4.64 32.64 -35.46
N GLU B 117 3.37 32.64 -35.85
CA GLU B 117 2.85 33.66 -36.75
C GLU B 117 1.48 34.19 -36.38
N LEU B 118 1.33 35.51 -36.44
CA LEU B 118 0.02 36.14 -36.32
C LEU B 118 -0.54 36.36 -37.72
N LEU B 119 -1.69 35.75 -38.00
CA LEU B 119 -2.38 35.99 -39.27
C LEU B 119 -2.97 37.39 -39.30
N HIS B 120 -3.16 37.92 -40.50
CA HIS B 120 -3.69 39.25 -40.69
C HIS B 120 -5.19 39.16 -40.87
N ASN B 121 -5.90 40.08 -40.22
CA ASN B 121 -7.35 40.17 -40.28
C ASN B 121 -7.73 41.63 -40.40
N PRO B 122 -8.40 42.03 -41.49
CA PRO B 122 -8.89 43.41 -41.69
C PRO B 122 -9.51 44.05 -40.46
N ALA B 123 -10.20 43.26 -39.63
CA ALA B 123 -10.81 43.76 -38.40
C ALA B 123 -9.79 44.32 -37.41
N PHE B 124 -8.54 43.88 -37.52
CA PHE B 124 -7.49 44.26 -36.57
C PHE B 124 -6.33 44.95 -37.24
N CYS B 125 -5.93 46.08 -36.65
CA CYS B 125 -4.69 46.73 -37.01
C CYS B 125 -3.56 46.05 -36.25
N SER B 126 -2.56 45.56 -36.97
CA SER B 126 -1.37 44.99 -36.36
C SER B 126 -0.23 45.03 -37.35
N LEU B 127 0.92 44.46 -36.99
CA LEU B 127 2.06 44.38 -37.90
C LEU B 127 1.81 43.33 -38.98
N ALA B 128 0.90 42.40 -38.73
CA ALA B 128 0.41 41.52 -39.78
C ALA B 128 -0.39 42.41 -40.72
N THR B 129 0.04 42.48 -41.97
CA THR B 129 -0.65 43.28 -42.98
C THR B 129 -0.91 42.48 -44.23
N THR B 130 -1.73 43.06 -45.10
CA THR B 130 -2.11 42.48 -46.38
C THR B 130 -0.97 41.81 -47.16
N LYS B 131 0.20 42.45 -47.17
CA LYS B 131 1.33 41.98 -47.97
C LYS B 131 2.59 41.73 -47.13
N ARG B 132 2.42 41.56 -45.82
CA ARG B 132 3.54 41.30 -44.91
C ARG B 132 3.12 40.40 -43.76
N ARG B 133 3.76 39.24 -43.64
CA ARG B 133 3.51 38.35 -42.51
C ARG B 133 4.16 38.89 -41.25
N HIS B 134 3.66 38.47 -40.09
CA HIS B 134 4.30 38.81 -38.81
C HIS B 134 4.74 37.53 -38.12
N GLN B 135 5.98 37.12 -38.39
CA GLN B 135 6.50 35.83 -37.89
C GLN B 135 7.78 35.96 -37.05
N GLN B 136 7.75 35.40 -35.83
CA GLN B 136 8.96 35.24 -35.00
C GLN B 136 9.49 33.83 -35.15
N THR B 137 10.78 33.65 -34.87
CA THR B 137 11.38 32.33 -34.67
C THR B 137 11.93 32.19 -33.26
N VAL B 138 11.40 31.22 -32.52
CA VAL B 138 11.78 31.00 -31.12
C VAL B 138 12.18 29.56 -30.86
N THR B 139 12.95 29.36 -29.79
CA THR B 139 13.42 28.04 -29.38
C THR B 139 12.92 27.72 -27.96
N ILE B 140 11.99 26.77 -27.87
CA ILE B 140 11.36 26.42 -26.60
C ILE B 140 12.06 25.24 -25.96
N PRO B 141 12.63 25.41 -24.75
CA PRO B 141 13.34 24.29 -24.13
C PRO B 141 12.39 23.15 -23.79
N PRO B 142 12.93 22.01 -23.36
CA PRO B 142 12.06 20.89 -23.00
C PRO B 142 11.30 21.20 -21.72
N LYS B 143 10.15 20.55 -21.55
CA LYS B 143 9.33 20.69 -20.35
C LYS B 143 9.14 22.15 -19.94
N SER B 144 8.81 23.00 -20.91
CA SER B 144 8.71 24.43 -20.62
C SER B 144 7.93 25.17 -21.70
N SER B 145 7.68 26.46 -21.47
CA SER B 145 6.83 27.26 -22.32
C SER B 145 7.42 28.63 -22.61
N LEU B 146 6.77 29.38 -23.50
CA LEU B 146 7.31 30.65 -23.98
C LEU B 146 6.17 31.57 -24.42
N SER B 147 6.11 32.76 -23.83
CA SER B 147 5.06 33.74 -24.17
C SER B 147 5.44 34.48 -25.42
N VAL B 148 4.49 34.62 -26.33
CA VAL B 148 4.66 35.44 -27.53
C VAL B 148 3.58 36.52 -27.53
N PRO B 149 3.96 37.78 -27.26
CA PRO B 149 2.98 38.86 -27.25
C PRO B 149 2.65 39.41 -28.63
N TYR B 150 1.43 39.89 -28.80
CA TYR B 150 1.01 40.58 -30.02
C TYR B 150 0.18 41.81 -29.66
N VAL B 151 0.64 42.99 -30.08
CA VAL B 151 -0.18 44.20 -29.95
C VAL B 151 -1.08 44.36 -31.17
N ILE B 152 -2.38 44.47 -30.90
CA ILE B 152 -3.37 44.67 -31.95
C ILE B 152 -4.44 45.64 -31.50
N VAL B 153 -5.01 46.36 -32.45
CA VAL B 153 -6.08 47.31 -32.19
C VAL B 153 -7.33 46.87 -32.96
N PRO B 154 -8.40 46.48 -32.26
CA PRO B 154 -9.61 46.07 -32.95
C PRO B 154 -10.30 47.29 -33.54
N LEU B 155 -10.74 47.16 -34.79
CA LEU B 155 -11.27 48.28 -35.57
C LEU B 155 -12.76 48.16 -35.87
N LYS B 156 -13.22 46.92 -36.00
CA LYS B 156 -14.60 46.61 -36.36
C LYS B 156 -15.28 45.99 -35.13
N THR B 157 -16.52 46.38 -34.89
CA THR B 157 -17.26 45.94 -33.71
C THR B 157 -17.75 44.51 -33.89
N GLY B 158 -18.20 43.91 -32.79
CA GLY B 158 -18.85 42.60 -32.85
C GLY B 158 -17.94 41.42 -32.56
N LEU B 159 -18.42 40.23 -32.88
CA LEU B 159 -17.68 39.00 -32.67
C LEU B 159 -16.59 38.90 -33.73
N GLN B 160 -15.34 38.80 -33.28
CA GLN B 160 -14.19 38.88 -34.17
C GLN B 160 -13.17 37.81 -33.84
N GLU B 161 -12.31 37.51 -34.81
CA GLU B 161 -11.50 36.31 -34.80
C GLU B 161 -10.00 36.63 -34.86
N VAL B 162 -9.22 35.98 -33.99
CA VAL B 162 -7.75 36.02 -34.04
C VAL B 162 -7.19 34.63 -34.31
N GLU B 163 -6.19 34.55 -35.18
CA GLU B 163 -5.56 33.27 -35.53
C GLU B 163 -4.04 33.35 -35.42
N VAL B 164 -3.44 32.49 -34.61
CA VAL B 164 -1.99 32.30 -34.66
C VAL B 164 -1.70 30.85 -35.01
N LYS B 165 -0.63 30.63 -35.77
CA LYS B 165 -0.19 29.29 -36.14
C LYS B 165 1.29 29.13 -35.80
N ALA B 166 1.76 27.89 -35.82
CA ALA B 166 3.14 27.56 -35.43
C ALA B 166 3.58 26.23 -36.01
N ALA B 167 4.69 26.26 -36.75
CA ALA B 167 5.31 25.05 -37.26
C ALA B 167 6.62 24.86 -36.51
N VAL B 168 7.02 23.62 -36.29
CA VAL B 168 8.35 23.36 -35.73
C VAL B 168 9.27 22.89 -36.84
N TYR B 169 10.45 23.49 -36.93
CA TYR B 169 11.48 23.08 -37.88
C TYR B 169 11.91 21.64 -37.63
N HIS B 170 12.32 20.95 -38.70
CA HIS B 170 12.95 19.64 -38.61
C HIS B 170 12.06 18.52 -38.13
N HIS B 171 10.76 18.77 -38.07
CA HIS B 171 9.78 17.76 -37.64
C HIS B 171 8.47 17.97 -38.38
N PHE B 172 7.70 16.91 -38.54
CA PHE B 172 6.36 17.04 -39.11
C PHE B 172 5.37 17.39 -37.97
N ILE B 173 5.57 18.56 -37.37
CA ILE B 173 4.79 19.01 -36.22
C ILE B 173 4.32 20.44 -36.47
N SER B 174 3.02 20.67 -36.30
CA SER B 174 2.44 22.00 -36.48
C SER B 174 1.25 22.22 -35.55
N ASP B 175 0.80 23.46 -35.46
CA ASP B 175 -0.38 23.81 -34.67
C ASP B 175 -0.90 25.20 -35.04
N GLY B 176 -2.15 25.45 -34.66
CA GLY B 176 -2.76 26.76 -34.81
C GLY B 176 -4.03 26.87 -33.99
N VAL B 177 -4.31 28.06 -33.49
CA VAL B 177 -5.50 28.28 -32.70
C VAL B 177 -6.31 29.43 -33.29
N ARG B 178 -7.60 29.17 -33.49
CA ARG B 178 -8.55 30.13 -34.05
C ARG B 178 -9.66 30.37 -33.02
N LYS B 179 -9.44 31.34 -32.13
CA LYS B 179 -10.45 31.73 -31.14
C LYS B 179 -11.12 33.02 -31.60
N SER B 180 -12.19 33.41 -30.90
CA SER B 180 -12.87 34.69 -31.14
C SER B 180 -13.02 35.49 -29.86
N LEU B 181 -13.15 36.81 -30.00
CA LEU B 181 -13.42 37.68 -28.85
C LEU B 181 -14.42 38.76 -29.25
N LYS B 182 -15.19 39.22 -28.27
CA LYS B 182 -16.24 40.22 -28.51
C LYS B 182 -15.64 41.62 -28.49
N VAL B 183 -15.67 42.29 -29.63
CA VAL B 183 -15.31 43.69 -29.67
C VAL B 183 -16.57 44.50 -29.39
N VAL B 184 -16.44 45.52 -28.55
CA VAL B 184 -17.57 46.27 -28.03
C VAL B 184 -17.30 47.78 -28.15
N PRO B 185 -18.37 48.61 -28.28
CA PRO B 185 -18.26 50.08 -28.18
C PRO B 185 -17.83 50.58 -26.79
N GLU B 186 -18.22 51.81 -26.42
CA GLU B 186 -17.75 52.41 -25.16
C GLU B 186 -18.88 52.42 -24.08
N GLY B 187 -19.52 53.58 -23.87
CA GLY B 187 -20.63 53.78 -22.89
C GLY B 187 -20.93 52.75 -21.83
N ILE B 188 -22.21 52.63 -21.49
CA ILE B 188 -22.70 51.57 -20.60
C ILE B 188 -24.24 51.54 -20.59
N ARG B 189 -24.81 50.68 -19.75
CA ARG B 189 -26.23 50.31 -19.79
C ARG B 189 -27.08 51.17 -18.86
N MET B 190 -28.18 51.69 -19.38
CA MET B 190 -29.02 52.67 -18.66
C MET B 190 -30.49 52.26 -18.61
N ASN B 191 -30.96 51.87 -17.42
CA ASN B 191 -32.37 51.61 -17.18
C ASN B 191 -33.07 52.94 -16.90
N LYS B 192 -34.32 53.07 -17.35
CA LYS B 192 -35.09 54.30 -17.13
C LYS B 192 -36.59 54.11 -17.43
N THR B 193 -37.44 54.59 -16.53
CA THR B 193 -38.90 54.44 -16.67
C THR B 193 -39.57 55.72 -17.20
N VAL B 194 -40.61 55.55 -18.01
CA VAL B 194 -41.36 56.68 -18.60
C VAL B 194 -42.73 56.86 -17.94
N ALA B 195 -43.42 55.74 -17.68
CA ALA B 195 -44.74 55.77 -17.04
C ALA B 195 -44.84 54.78 -15.87
N VAL B 196 -45.71 55.07 -14.90
CA VAL B 196 -46.01 54.16 -13.79
C VAL B 196 -47.52 54.17 -13.51
N ARG B 197 -48.28 53.59 -14.43
CA ARG B 197 -49.75 53.67 -14.43
C ARG B 197 -50.41 52.59 -13.55
N THR B 198 -51.72 52.71 -13.41
CA THR B 198 -52.54 51.72 -12.68
C THR B 198 -53.82 51.42 -13.49
N LEU B 199 -53.84 50.24 -14.12
CA LEU B 199 -54.94 49.85 -15.01
C LEU B 199 -56.18 49.40 -14.23
N ASP B 200 -56.90 50.37 -13.64
CA ASP B 200 -58.06 50.10 -12.79
C ASP B 200 -59.32 50.83 -13.30
N PRO B 201 -60.06 50.23 -14.25
CA PRO B 201 -61.36 50.75 -14.66
C PRO B 201 -62.43 50.68 -13.55
N GLU B 202 -63.49 51.48 -13.73
CA GLU B 202 -64.46 51.81 -12.65
C GLU B 202 -63.80 52.58 -11.49
N ARG B 203 -62.62 53.16 -11.74
CA ARG B 203 -61.93 54.05 -10.80
C ARG B 203 -61.21 55.14 -11.60
N LEU B 204 -61.98 56.11 -12.10
CA LEU B 204 -61.51 57.16 -13.02
C LEU B 204 -61.10 56.65 -14.43
N GLY B 205 -61.07 55.33 -14.61
CA GLY B 205 -61.01 54.71 -15.93
C GLY B 205 -62.38 54.75 -16.59
N ARG B 206 -63.42 54.85 -15.75
CA ARG B 206 -64.80 55.17 -16.16
C ARG B 206 -65.54 54.03 -16.88
N GLU B 207 -66.78 54.32 -17.30
CA GLU B 207 -67.65 53.34 -17.95
C GLU B 207 -67.17 52.91 -19.34
N GLY B 208 -66.55 53.83 -20.06
CA GLY B 208 -66.02 53.54 -21.40
C GLY B 208 -64.64 52.91 -21.37
N VAL B 209 -64.55 51.74 -20.72
CA VAL B 209 -63.31 50.97 -20.51
C VAL B 209 -61.99 51.73 -20.68
N GLN B 210 -61.32 51.99 -19.56
CA GLN B 210 -60.06 52.76 -19.50
C GLN B 210 -59.23 52.71 -20.79
N LYS B 211 -59.09 53.86 -21.45
CA LYS B 211 -58.27 53.99 -22.66
C LYS B 211 -57.00 54.83 -22.39
N GLU B 212 -55.84 54.17 -22.44
CA GLU B 212 -54.56 54.76 -22.03
C GLU B 212 -53.67 55.13 -23.23
N ASP B 213 -52.79 56.11 -23.02
CA ASP B 213 -51.77 56.52 -24.01
C ASP B 213 -50.41 56.70 -23.32
N ILE B 214 -49.39 55.96 -23.79
CA ILE B 214 -48.03 56.08 -23.23
C ILE B 214 -46.99 56.37 -24.32
N PRO B 215 -46.55 57.65 -24.44
CA PRO B 215 -45.54 58.08 -25.42
C PRO B 215 -44.15 57.38 -25.29
N PRO B 216 -43.21 57.68 -26.22
CA PRO B 216 -41.94 56.96 -26.32
C PRO B 216 -40.84 57.46 -25.38
N ALA B 217 -39.60 56.98 -25.59
CA ALA B 217 -38.42 57.46 -24.89
C ALA B 217 -37.74 58.60 -25.66
N ASP B 218 -36.98 59.43 -24.94
CA ASP B 218 -36.32 60.60 -25.51
C ASP B 218 -35.12 60.17 -26.38
N LEU B 219 -34.09 59.62 -25.73
CA LEU B 219 -32.96 58.97 -26.42
C LEU B 219 -32.27 59.84 -27.47
N SER B 220 -31.90 61.06 -27.08
CA SER B 220 -31.14 61.98 -27.94
C SER B 220 -29.68 62.18 -27.48
N ASP B 221 -29.29 61.51 -26.38
CA ASP B 221 -27.89 61.50 -25.93
C ASP B 221 -27.21 60.17 -26.30
N GLN B 222 -27.82 59.44 -27.22
CA GLN B 222 -27.43 58.06 -27.53
C GLN B 222 -26.19 57.98 -28.42
N VAL B 223 -25.34 56.99 -28.18
CA VAL B 223 -24.14 56.74 -29.02
C VAL B 223 -24.51 55.80 -30.19
N PRO B 224 -23.98 56.08 -31.40
CA PRO B 224 -24.47 55.42 -32.61
C PRO B 224 -24.28 53.90 -32.65
N ASP B 225 -25.12 53.26 -33.45
CA ASP B 225 -24.95 51.86 -33.84
C ASP B 225 -24.99 50.89 -32.65
N THR B 226 -26.13 50.90 -31.93
CA THR B 226 -26.40 49.93 -30.88
C THR B 226 -27.89 49.58 -30.89
N GLU B 227 -28.28 48.62 -30.06
CA GLU B 227 -29.68 48.23 -29.93
C GLU B 227 -30.46 49.20 -29.03
N SER B 228 -31.75 48.95 -28.85
CA SER B 228 -32.59 49.74 -27.94
C SER B 228 -33.86 48.99 -27.54
N GLU B 229 -33.72 48.05 -26.61
CA GLU B 229 -34.81 47.18 -26.19
C GLU B 229 -35.66 47.80 -25.09
N THR B 230 -36.92 48.10 -25.40
CA THR B 230 -37.88 48.53 -24.41
C THR B 230 -38.27 47.31 -23.55
N ARG B 231 -38.73 47.56 -22.32
CA ARG B 231 -39.25 46.48 -21.47
C ARG B 231 -40.44 46.93 -20.62
N ILE B 232 -41.58 46.28 -20.83
CA ILE B 232 -42.79 46.59 -20.09
C ILE B 232 -42.91 45.66 -18.89
N LEU B 233 -43.54 46.14 -17.82
CA LEU B 233 -43.80 45.34 -16.64
C LEU B 233 -45.31 45.40 -16.36
N LEU B 234 -46.05 44.43 -16.90
CA LEU B 234 -47.51 44.37 -16.71
C LEU B 234 -47.87 43.54 -15.49
N GLN B 235 -47.84 44.19 -14.33
CA GLN B 235 -48.03 43.53 -13.03
C GLN B 235 -49.51 43.26 -12.75
N GLY B 236 -49.77 42.53 -11.67
CA GLY B 236 -51.12 42.35 -11.14
C GLY B 236 -51.11 42.35 -9.63
N THR B 237 -50.95 43.54 -9.04
CA THR B 237 -50.89 43.71 -7.58
C THR B 237 -52.22 43.32 -6.93
N PRO B 238 -52.28 42.11 -6.33
CA PRO B 238 -53.58 41.51 -6.08
C PRO B 238 -54.17 41.68 -4.68
N VAL B 239 -55.26 42.43 -4.61
CA VAL B 239 -56.32 42.17 -3.62
C VAL B 239 -57.39 41.34 -4.36
N ALA B 240 -57.08 40.98 -5.61
CA ALA B 240 -57.88 40.06 -6.43
C ALA B 240 -58.19 38.77 -5.67
N GLN B 241 -59.24 38.10 -6.13
CA GLN B 241 -60.04 37.22 -5.29
C GLN B 241 -60.56 38.11 -4.16
N MET B 242 -61.47 39.01 -4.51
CA MET B 242 -62.03 40.00 -3.56
C MET B 242 -62.42 39.29 -2.28
N THR B 243 -61.42 39.12 -1.43
CA THR B 243 -61.53 38.36 -0.20
C THR B 243 -60.62 39.01 0.82
N GLU B 244 -61.18 39.98 1.55
CA GLU B 244 -60.49 40.55 2.70
C GLU B 244 -60.40 39.44 3.74
N ASP B 245 -59.23 39.26 4.32
CA ASP B 245 -58.94 38.10 5.17
C ASP B 245 -60.06 37.83 6.16
N ALA B 246 -60.39 36.54 6.32
CA ALA B 246 -61.47 36.11 7.19
C ALA B 246 -61.17 36.41 8.66
N VAL B 247 -62.19 36.29 9.50
CA VAL B 247 -62.04 36.50 10.93
C VAL B 247 -61.17 35.39 11.52
N ASP B 248 -60.20 35.78 12.35
CA ASP B 248 -59.23 34.84 12.93
C ASP B 248 -59.92 33.74 13.72
N ALA B 249 -59.37 32.52 13.63
CA ALA B 249 -59.96 31.34 14.25
C ALA B 249 -59.74 31.30 15.77
N GLU B 250 -58.68 31.94 16.24
CA GLU B 250 -58.32 31.94 17.68
C GLU B 250 -59.23 32.87 18.51
N ARG B 251 -60.03 33.70 17.85
CA ARG B 251 -60.90 34.68 18.52
C ARG B 251 -62.26 34.07 18.87
N LEU B 252 -62.63 33.01 18.16
CA LEU B 252 -63.95 32.39 18.30
C LEU B 252 -63.97 31.23 19.31
N LYS B 253 -62.97 31.17 20.18
CA LYS B 253 -62.87 30.07 21.15
C LYS B 253 -64.03 30.06 22.15
N HIS B 254 -64.58 31.24 22.43
CA HIS B 254 -65.69 31.38 23.39
C HIS B 254 -67.08 31.07 22.79
N LEU B 255 -67.14 30.85 21.47
CA LEU B 255 -68.42 30.58 20.79
C LEU B 255 -68.93 29.15 21.03
N ILE B 256 -68.04 28.17 21.14
CA ILE B 256 -68.45 26.79 21.40
C ILE B 256 -69.08 26.73 22.79
N VAL B 257 -70.39 26.98 22.84
CA VAL B 257 -71.15 27.01 24.09
C VAL B 257 -71.94 25.72 24.23
N THR B 258 -71.80 25.07 25.40
CA THR B 258 -72.59 23.90 25.73
C THR B 258 -74.04 24.33 25.97
N PRO B 259 -74.96 23.99 25.06
CA PRO B 259 -76.34 24.46 25.22
C PRO B 259 -77.02 23.87 26.45
N SER B 260 -77.62 24.73 27.27
CA SER B 260 -78.34 24.30 28.46
C SER B 260 -79.36 25.35 28.91
N GLY B 261 -80.60 24.92 29.13
CA GLY B 261 -81.66 25.81 29.58
C GLY B 261 -83.05 25.22 29.44
N CYS B 262 -84.02 26.07 29.03
CA CYS B 262 -85.40 25.64 28.80
C CYS B 262 -85.66 25.41 27.31
N GLY B 263 -86.45 26.29 26.69
CA GLY B 263 -86.75 26.19 25.26
C GLY B 263 -86.14 27.31 24.43
N GLU B 264 -85.90 28.45 25.06
CA GLU B 264 -85.27 29.61 24.41
C GLU B 264 -83.79 29.71 24.78
N GLN B 265 -83.46 29.41 26.03
CA GLN B 265 -82.06 29.41 26.49
C GLN B 265 -81.24 28.29 25.82
N ASN B 266 -81.90 27.21 25.42
CA ASN B 266 -81.28 26.14 24.65
C ASN B 266 -80.91 26.62 23.25
N MET B 267 -81.76 27.46 22.66
CA MET B 267 -81.53 28.04 21.33
C MET B 267 -80.61 29.27 21.35
N ILE B 268 -80.37 29.82 22.55
CA ILE B 268 -79.39 30.90 22.70
C ILE B 268 -77.98 30.32 22.68
N GLY B 269 -77.78 29.22 23.41
CA GLY B 269 -76.49 28.55 23.47
C GLY B 269 -76.11 27.82 22.19
N MET B 270 -77.10 27.28 21.49
CA MET B 270 -76.89 26.54 20.24
C MET B 270 -76.55 27.45 19.05
N THR B 271 -76.89 28.74 19.17
CA THR B 271 -76.65 29.71 18.09
C THR B 271 -75.17 29.92 17.75
N PRO B 272 -74.33 30.30 18.74
CA PRO B 272 -72.91 30.52 18.43
C PRO B 272 -72.12 29.27 18.04
N THR B 273 -72.56 28.09 18.48
CA THR B 273 -71.86 26.85 18.20
C THR B 273 -72.10 26.36 16.76
N VAL B 274 -73.37 26.36 16.35
CA VAL B 274 -73.76 25.90 15.00
C VAL B 274 -73.19 26.79 13.91
N ILE B 275 -73.19 28.10 14.14
CA ILE B 275 -72.65 29.07 13.18
C ILE B 275 -71.12 29.05 13.16
N ALA B 276 -70.51 28.71 14.29
CA ALA B 276 -69.05 28.59 14.38
C ALA B 276 -68.54 27.41 13.53
N VAL B 277 -69.35 26.37 13.41
CA VAL B 277 -69.03 25.21 12.57
C VAL B 277 -69.26 25.55 11.09
N HIS B 278 -70.43 26.11 10.79
CA HIS B 278 -70.77 26.56 9.43
C HIS B 278 -69.70 27.49 8.85
N TYR B 279 -69.10 28.30 9.74
CA TYR B 279 -68.02 29.20 9.34
C TYR B 279 -66.71 28.43 9.09
N LEU B 280 -66.28 27.66 10.09
CA LEU B 280 -65.00 26.94 10.03
C LEU B 280 -64.97 25.87 8.93
N ASP B 281 -66.14 25.35 8.56
CA ASP B 281 -66.25 24.36 7.48
C ASP B 281 -65.87 24.93 6.12
N GLU B 282 -66.38 26.11 5.78
CA GLU B 282 -66.12 26.74 4.48
C GLU B 282 -64.76 27.45 4.41
N THR B 283 -64.35 28.08 5.51
CA THR B 283 -63.08 28.81 5.57
C THR B 283 -61.86 27.91 5.74
N GLU B 284 -62.08 26.61 6.00
CA GLU B 284 -61.01 25.62 6.16
C GLU B 284 -60.00 26.02 7.24
N GLN B 285 -60.51 26.52 8.36
CA GLN B 285 -59.67 26.98 9.47
C GLN B 285 -59.64 25.98 10.62
N TRP B 286 -59.96 24.71 10.34
CA TRP B 286 -59.95 23.66 11.36
C TRP B 286 -58.53 23.21 11.73
N GLU B 287 -57.55 23.56 10.90
CA GLU B 287 -56.15 23.20 11.16
C GLU B 287 -55.64 23.84 12.45
N LYS B 288 -55.81 25.16 12.56
CA LYS B 288 -55.27 25.94 13.68
C LYS B 288 -56.07 25.78 14.97
N PHE B 289 -57.39 25.90 14.87
CA PHE B 289 -58.30 25.88 16.01
C PHE B 289 -58.24 24.59 16.83
N GLY B 290 -58.11 23.46 16.13
CA GLY B 290 -58.14 22.14 16.76
C GLY B 290 -59.01 21.21 15.93
N LEU B 291 -58.38 20.24 15.27
CA LEU B 291 -59.08 19.39 14.29
C LEU B 291 -59.98 18.35 14.96
N GLU B 292 -59.48 17.72 16.02
CA GLU B 292 -60.24 16.69 16.75
C GLU B 292 -61.28 17.30 17.70
N LYS B 293 -61.29 18.63 17.82
CA LYS B 293 -62.33 19.35 18.57
C LYS B 293 -63.67 19.42 17.82
N ARG B 294 -63.65 19.22 16.49
CA ARG B 294 -64.87 19.23 15.68
C ARG B 294 -65.77 18.03 16.02
N GLN B 295 -65.16 16.88 16.27
CA GLN B 295 -65.91 15.66 16.63
C GLN B 295 -66.59 15.82 18.00
N GLY B 296 -66.00 16.63 18.88
CA GLY B 296 -66.58 16.96 20.18
C GLY B 296 -67.49 18.20 20.18
N ALA B 297 -67.31 19.06 19.18
CA ALA B 297 -68.14 20.26 19.00
C ALA B 297 -69.44 19.97 18.22
N LEU B 298 -69.37 18.99 17.32
CA LEU B 298 -70.58 18.47 16.65
C LEU B 298 -71.54 17.80 17.65
N GLU B 299 -70.98 17.22 18.70
CA GLU B 299 -71.76 16.54 19.72
C GLU B 299 -72.42 17.48 20.72
N LEU B 300 -72.01 18.76 20.75
CA LEU B 300 -72.73 19.79 21.49
C LEU B 300 -73.97 20.24 20.70
N ILE B 301 -73.89 20.19 19.37
CA ILE B 301 -75.02 20.50 18.49
C ILE B 301 -76.02 19.34 18.46
N LYS B 302 -75.51 18.11 18.47
CA LYS B 302 -76.35 16.91 18.61
C LYS B 302 -76.97 16.82 20.00
N LYS B 303 -76.24 17.34 21.00
CA LYS B 303 -76.76 17.46 22.36
C LYS B 303 -77.80 18.58 22.45
N GLY B 304 -77.56 19.66 21.70
CA GLY B 304 -78.52 20.76 21.60
C GLY B 304 -79.77 20.41 20.80
N TYR B 305 -79.58 19.59 19.76
CA TYR B 305 -80.67 19.13 18.89
C TYR B 305 -81.57 18.10 19.60
N THR B 306 -80.95 17.11 20.22
CA THR B 306 -81.67 16.04 20.93
C THR B 306 -82.44 16.56 22.15
N GLN B 307 -81.87 17.56 22.82
CA GLN B 307 -82.57 18.27 23.92
C GLN B 307 -83.69 19.16 23.39
N GLN B 308 -83.49 19.74 22.20
CA GLN B 308 -84.46 20.66 21.60
C GLN B 308 -85.74 19.95 21.15
N LEU B 309 -85.63 18.70 20.70
CA LEU B 309 -86.80 17.91 20.30
C LEU B 309 -87.63 17.46 21.49
N ALA B 310 -87.08 17.60 22.70
CA ALA B 310 -87.82 17.37 23.94
C ALA B 310 -88.87 18.45 24.21
N PHE B 311 -88.74 19.60 23.55
CA PHE B 311 -89.71 20.69 23.63
C PHE B 311 -90.54 20.80 22.34
N ARG B 312 -90.63 19.68 21.61
CA ARG B 312 -91.44 19.59 20.39
C ARG B 312 -92.88 19.23 20.76
N GLN B 313 -93.79 20.18 20.59
CA GLN B 313 -95.20 19.99 20.93
C GLN B 313 -95.90 19.08 19.90
N PRO B 314 -97.02 18.43 20.30
CA PRO B 314 -97.78 17.54 19.41
C PRO B 314 -98.09 18.09 18.02
N SER B 315 -98.33 19.40 17.92
CA SER B 315 -98.67 20.05 16.65
C SER B 315 -97.44 20.52 15.86
N SER B 316 -96.26 20.00 16.19
CA SER B 316 -94.99 20.42 15.58
C SER B 316 -94.76 21.93 15.72
N ALA B 317 -94.61 22.38 16.96
CA ALA B 317 -94.32 23.77 17.28
C ALA B 317 -93.44 23.84 18.52
N PHE B 318 -92.84 25.00 18.76
CA PHE B 318 -91.87 25.18 19.85
C PHE B 318 -92.16 26.40 20.72
N ALA B 319 -91.72 26.33 21.96
CA ALA B 319 -91.91 27.42 22.93
C ALA B 319 -90.95 27.26 24.12
N ALA B 320 -91.08 28.13 25.12
CA ALA B 320 -90.20 28.10 26.30
C ALA B 320 -90.30 26.76 27.04
N PHE B 321 -91.51 26.45 27.50
CA PHE B 321 -91.83 25.15 28.09
C PHE B 321 -92.91 24.46 27.25
N VAL B 322 -93.12 23.18 27.52
CA VAL B 322 -94.21 22.42 26.88
C VAL B 322 -95.58 22.94 27.34
N LYS B 323 -95.64 23.46 28.57
CA LYS B 323 -96.87 24.01 29.14
C LYS B 323 -97.37 25.28 28.44
N ARG B 324 -96.43 26.06 27.90
CA ARG B 324 -96.75 27.36 27.28
C ARG B 324 -97.39 27.20 25.90
N ALA B 325 -98.19 28.19 25.50
CA ALA B 325 -98.72 28.27 24.15
C ALA B 325 -97.59 28.57 23.17
N PRO B 326 -97.71 28.09 21.92
CA PRO B 326 -96.61 28.14 20.95
C PRO B 326 -96.28 29.54 20.41
N SER B 327 -94.98 29.81 20.25
CA SER B 327 -94.48 31.07 19.70
C SER B 327 -94.27 30.95 18.19
N THR B 328 -94.56 32.03 17.47
CA THR B 328 -94.47 32.05 16.01
C THR B 328 -93.03 32.21 15.50
N TRP B 329 -92.28 33.12 16.12
CA TRP B 329 -90.89 33.41 15.73
C TRP B 329 -89.93 32.27 16.08
N LEU B 330 -90.10 31.69 17.26
CA LEU B 330 -89.20 30.64 17.77
C LEU B 330 -89.23 29.38 16.90
N THR B 331 -90.40 29.04 16.37
CA THR B 331 -90.54 27.90 15.45
C THR B 331 -89.86 28.19 14.11
N ALA B 332 -89.82 29.46 13.73
CA ALA B 332 -89.14 29.89 12.50
C ALA B 332 -87.62 29.90 12.67
N TYR B 333 -87.15 30.35 13.84
CA TYR B 333 -85.71 30.35 14.15
C TYR B 333 -85.16 28.94 14.25
N VAL B 334 -85.97 28.02 14.76
CA VAL B 334 -85.59 26.61 14.85
C VAL B 334 -85.42 26.01 13.44
N VAL B 335 -86.23 26.48 12.49
CA VAL B 335 -86.10 26.03 11.09
C VAL B 335 -84.84 26.60 10.42
N LYS B 336 -84.43 27.81 10.83
CA LYS B 336 -83.21 28.44 10.29
C LYS B 336 -81.93 27.77 10.80
N VAL B 337 -81.90 27.42 12.09
CA VAL B 337 -80.76 26.75 12.71
C VAL B 337 -80.66 25.27 12.30
N PHE B 338 -81.82 24.65 12.06
CA PHE B 338 -81.88 23.25 11.62
C PHE B 338 -81.60 23.13 10.11
N SER B 339 -82.02 24.14 9.33
CA SER B 339 -81.74 24.18 7.88
C SER B 339 -80.24 24.39 7.60
N LEU B 340 -79.61 25.25 8.41
CA LEU B 340 -78.18 25.50 8.33
C LEU B 340 -77.35 24.34 8.91
N ALA B 341 -77.95 23.55 9.80
CA ALA B 341 -77.28 22.40 10.42
C ALA B 341 -77.73 21.04 9.86
N VAL B 342 -78.25 21.03 8.63
CA VAL B 342 -78.58 19.78 7.93
C VAL B 342 -77.32 19.06 7.47
N ASN B 343 -76.30 19.84 7.10
CA ASN B 343 -75.01 19.29 6.63
C ASN B 343 -74.14 18.74 7.76
N LEU B 344 -74.30 19.27 8.97
CA LEU B 344 -73.40 18.93 10.09
C LEU B 344 -73.85 17.72 10.92
N ILE B 345 -75.13 17.66 11.29
CA ILE B 345 -75.65 16.56 12.10
C ILE B 345 -76.90 15.92 11.48
N ALA B 346 -77.24 14.72 11.97
CA ALA B 346 -78.39 13.96 11.49
C ALA B 346 -79.71 14.55 11.99
N ILE B 347 -80.40 15.28 11.12
CA ILE B 347 -81.72 15.86 11.42
C ILE B 347 -82.81 14.89 10.97
N ASP B 348 -83.96 14.91 11.66
CA ASP B 348 -85.10 14.06 11.31
C ASP B 348 -85.95 14.78 10.26
N SER B 349 -86.40 14.03 9.25
CA SER B 349 -87.22 14.58 8.17
C SER B 349 -88.56 15.08 8.70
N GLN B 350 -89.13 14.36 9.67
CA GLN B 350 -90.41 14.71 10.29
C GLN B 350 -90.36 16.05 11.03
N VAL B 351 -89.19 16.40 11.55
CA VAL B 351 -89.03 17.59 12.41
C VAL B 351 -89.00 18.92 11.63
N LEU B 352 -88.08 19.05 10.68
CA LEU B 352 -87.81 20.34 10.02
C LEU B 352 -89.01 20.89 9.21
N CYS B 353 -89.46 20.12 8.23
CA CYS B 353 -90.63 20.51 7.42
C CYS B 353 -91.91 20.48 8.24
N GLY B 354 -91.91 19.70 9.33
CA GLY B 354 -93.05 19.65 10.26
C GLY B 354 -93.26 20.96 10.99
N ALA B 355 -92.17 21.62 11.36
CA ALA B 355 -92.22 22.96 11.96
C ALA B 355 -92.63 24.01 10.93
N VAL B 356 -92.40 23.70 9.65
CA VAL B 356 -92.78 24.59 8.55
C VAL B 356 -94.27 24.47 8.20
N LYS B 357 -94.82 23.27 8.32
CA LYS B 357 -96.26 23.04 8.05
C LYS B 357 -97.14 23.81 9.03
N TRP B 358 -96.74 23.78 10.31
CA TRP B 358 -97.46 24.48 11.37
C TRP B 358 -97.48 26.00 11.14
N LEU B 359 -96.37 26.55 10.65
CA LEU B 359 -96.22 28.00 10.45
C LEU B 359 -97.12 28.58 9.36
N ILE B 360 -97.18 27.91 8.22
CA ILE B 360 -97.93 28.42 7.05
C ILE B 360 -99.44 28.29 7.25
N LEU B 361 -99.87 27.15 7.80
CA LEU B 361 -101.30 26.88 8.01
C LEU B 361 -101.88 27.69 9.17
N GLU B 362 -101.23 27.61 10.33
CA GLU B 362 -101.73 28.27 11.56
C GLU B 362 -101.48 29.77 11.55
N LYS B 363 -100.21 30.15 11.36
CA LYS B 363 -99.76 31.55 11.56
C LYS B 363 -99.56 32.32 10.25
N GLN B 364 -100.67 32.74 9.64
CA GLN B 364 -100.61 33.70 8.52
C GLN B 364 -101.96 34.42 8.30
N LYS B 365 -101.89 35.74 8.14
CA LYS B 365 -103.06 36.62 7.97
C LYS B 365 -103.44 36.74 6.49
N PRO B 366 -104.58 37.40 6.19
CA PRO B 366 -105.00 37.63 4.79
C PRO B 366 -103.91 38.05 3.81
N ASP B 367 -103.15 39.09 4.16
CA ASP B 367 -102.10 39.61 3.26
C ASP B 367 -100.72 38.96 3.45
N GLY B 368 -100.54 38.23 4.55
CA GLY B 368 -99.35 37.38 4.77
C GLY B 368 -98.38 37.82 5.85
N VAL B 369 -98.89 38.53 6.86
CA VAL B 369 -98.07 38.97 7.98
C VAL B 369 -98.00 37.87 9.04
N PHE B 370 -96.89 37.15 9.07
CA PHE B 370 -96.67 36.09 10.06
C PHE B 370 -96.57 36.72 11.45
N GLN B 371 -97.72 37.03 12.06
CA GLN B 371 -97.76 37.77 13.32
C GLN B 371 -97.40 36.88 14.51
N GLU B 372 -96.83 37.50 15.54
CA GLU B 372 -96.43 36.79 16.76
C GLU B 372 -97.66 36.44 17.59
N ASP B 373 -97.67 35.21 18.12
CA ASP B 373 -98.76 34.74 19.00
C ASP B 373 -98.30 34.51 20.45
N ALA B 374 -97.01 34.25 20.65
CA ALA B 374 -96.43 34.07 21.98
C ALA B 374 -95.06 34.75 22.07
N PRO B 375 -95.03 35.99 22.60
CA PRO B 375 -93.75 36.68 22.80
C PRO B 375 -92.82 35.96 23.78
N VAL B 376 -91.55 35.86 23.42
CA VAL B 376 -90.57 35.13 24.22
C VAL B 376 -90.22 35.87 25.53
N ILE B 377 -89.84 35.11 26.55
CA ILE B 377 -89.37 35.70 27.81
C ILE B 377 -88.02 36.37 27.56
N HIS B 378 -87.09 35.61 26.99
CA HIS B 378 -85.80 36.15 26.57
C HIS B 378 -85.97 36.91 25.25
N GLN B 379 -86.51 38.12 25.34
CA GLN B 379 -86.77 38.96 24.16
C GLN B 379 -85.50 39.53 23.52
N GLU B 380 -84.40 39.56 24.27
CA GLU B 380 -83.11 40.03 23.73
C GLU B 380 -82.58 39.17 22.57
N MET B 381 -83.07 37.94 22.47
CA MET B 381 -82.59 37.00 21.46
C MET B 381 -83.00 37.36 20.03
N ILE B 382 -84.19 37.91 19.86
CA ILE B 382 -84.73 38.20 18.51
C ILE B 382 -84.08 39.42 17.84
N GLY B 383 -83.30 40.20 18.60
CA GLY B 383 -82.48 41.27 18.04
C GLY B 383 -83.24 42.54 17.71
N GLY B 384 -83.16 42.97 16.45
CA GLY B 384 -83.80 44.20 15.99
C GLY B 384 -85.32 44.13 15.95
N LEU B 385 -85.87 42.92 15.90
CA LEU B 385 -87.32 42.72 16.01
C LEU B 385 -87.84 43.10 17.40
N ARG B 386 -86.98 43.05 18.42
CA ARG B 386 -87.35 43.43 19.80
C ARG B 386 -87.92 44.84 19.87
N ASN B 387 -87.38 45.73 19.04
CA ASN B 387 -87.93 47.07 18.92
C ASN B 387 -89.35 47.00 18.36
N ASN B 388 -90.27 47.73 18.99
CA ASN B 388 -91.70 47.64 18.68
C ASN B 388 -92.07 48.36 17.37
N ASN B 389 -91.16 49.19 16.86
CA ASN B 389 -91.37 49.93 15.61
C ASN B 389 -91.40 49.03 14.38
N GLU B 390 -92.60 48.85 13.82
CA GLU B 390 -92.80 48.11 12.56
C GLU B 390 -92.50 46.61 12.70
N LYS B 391 -93.01 45.99 13.77
CA LYS B 391 -92.74 44.56 14.05
C LYS B 391 -93.68 43.58 13.33
N ASP B 392 -94.39 44.07 12.31
CA ASP B 392 -95.14 43.21 11.38
C ASP B 392 -94.49 43.18 9.98
N MET B 393 -93.53 44.09 9.74
CA MET B 393 -92.80 44.13 8.47
C MET B 393 -91.55 43.27 8.51
N ALA B 394 -90.77 43.43 9.58
CA ALA B 394 -89.59 42.58 9.79
C ALA B 394 -90.00 41.15 10.11
N LEU B 395 -91.02 40.99 10.94
CA LEU B 395 -91.49 39.67 11.39
C LEU B 395 -92.05 38.81 10.25
N THR B 396 -92.56 39.46 9.20
CA THR B 396 -92.99 38.76 7.98
C THR B 396 -91.79 38.26 7.18
N ALA B 397 -90.71 39.06 7.17
CA ALA B 397 -89.49 38.72 6.43
C ALA B 397 -88.66 37.63 7.10
N PHE B 398 -88.57 37.67 8.43
CA PHE B 398 -87.75 36.71 9.19
C PHE B 398 -88.25 35.28 9.02
N VAL B 399 -89.55 35.07 9.23
CA VAL B 399 -90.17 33.76 9.07
C VAL B 399 -90.08 33.28 7.63
N LEU B 400 -90.15 34.22 6.69
CA LEU B 400 -90.05 33.90 5.27
C LEU B 400 -88.65 33.41 4.90
N ILE B 401 -87.61 34.03 5.45
CA ILE B 401 -86.22 33.63 5.19
C ILE B 401 -85.98 32.18 5.60
N SER B 402 -86.60 31.76 6.70
CA SER B 402 -86.52 30.36 7.17
C SER B 402 -87.19 29.41 6.17
N LEU B 403 -88.25 29.88 5.52
CA LEU B 403 -88.92 29.11 4.46
C LEU B 403 -88.05 29.01 3.20
N GLN B 404 -87.38 30.11 2.84
CA GLN B 404 -86.58 30.18 1.61
C GLN B 404 -85.29 29.38 1.68
N GLU B 405 -84.69 29.31 2.86
CA GLU B 405 -83.48 28.49 3.07
C GLU B 405 -83.82 27.01 3.18
N ALA B 406 -85.02 26.70 3.65
CA ALA B 406 -85.50 25.32 3.79
C ALA B 406 -86.31 24.82 2.58
N LYS B 407 -86.40 25.64 1.53
CA LYS B 407 -87.20 25.30 0.33
C LYS B 407 -86.51 24.28 -0.59
N ASP B 408 -85.18 24.24 -0.54
CA ASP B 408 -84.41 23.26 -1.32
C ASP B 408 -84.73 21.81 -0.90
N ILE B 409 -85.14 21.63 0.35
CA ILE B 409 -85.55 20.32 0.89
C ILE B 409 -87.08 20.15 0.89
N CYS B 410 -87.79 21.00 1.63
CA CYS B 410 -89.26 20.92 1.72
C CYS B 410 -89.93 21.44 0.44
N GLU B 411 -90.34 20.51 -0.43
CA GLU B 411 -91.03 20.87 -1.69
C GLU B 411 -92.43 20.26 -1.76
N GLU B 412 -92.49 18.94 -1.89
CA GLU B 412 -93.75 18.22 -2.16
C GLU B 412 -94.56 17.96 -0.88
N GLN B 413 -93.89 18.04 0.27
CA GLN B 413 -94.52 17.76 1.57
C GLN B 413 -95.42 18.92 2.00
N VAL B 414 -94.84 20.11 2.12
CA VAL B 414 -95.61 21.33 2.36
C VAL B 414 -96.14 21.83 1.01
N ASN B 415 -97.40 21.51 0.72
CA ASN B 415 -97.96 21.69 -0.62
C ASN B 415 -97.98 23.14 -1.11
N SER B 416 -98.74 24.00 -0.44
CA SER B 416 -98.88 25.41 -0.86
C SER B 416 -97.77 26.31 -0.29
N LEU B 417 -96.53 25.85 -0.38
CA LEU B 417 -95.37 26.63 0.03
C LEU B 417 -95.08 27.73 -1.01
N PRO B 418 -95.04 27.38 -2.31
CA PRO B 418 -95.08 28.45 -3.29
C PRO B 418 -96.46 29.08 -3.32
N GLY B 419 -96.58 30.28 -2.77
CA GLY B 419 -97.88 30.90 -2.51
C GLY B 419 -97.85 31.62 -1.17
N SER B 420 -97.25 30.98 -0.18
CA SER B 420 -96.94 31.62 1.11
C SER B 420 -95.67 32.47 0.96
N ILE B 421 -94.90 32.18 -0.09
CA ILE B 421 -93.70 32.96 -0.46
C ILE B 421 -94.05 34.14 -1.37
N THR B 422 -95.03 33.96 -2.25
CA THR B 422 -95.42 35.00 -3.21
C THR B 422 -96.24 36.12 -2.55
N LYS B 423 -97.17 35.76 -1.67
CA LYS B 423 -98.03 36.74 -0.99
C LYS B 423 -97.28 37.53 0.09
N ALA B 424 -96.40 36.86 0.82
CA ALA B 424 -95.54 37.53 1.80
C ALA B 424 -94.58 38.48 1.09
N GLY B 425 -94.18 38.13 -0.13
CA GLY B 425 -93.35 39.00 -0.98
C GLY B 425 -94.10 40.14 -1.63
N ASP B 426 -95.42 40.17 -1.48
CA ASP B 426 -96.24 41.29 -1.95
C ASP B 426 -96.37 42.33 -0.83
N PHE B 427 -96.67 41.86 0.38
CA PHE B 427 -96.84 42.73 1.55
C PHE B 427 -95.60 43.56 1.85
N LEU B 428 -94.44 42.92 1.85
CA LEU B 428 -93.18 43.59 2.16
C LEU B 428 -92.66 44.44 1.00
N GLU B 429 -92.85 43.97 -0.22
CA GLU B 429 -92.43 44.71 -1.42
C GLU B 429 -93.22 46.01 -1.59
N ALA B 430 -94.54 45.93 -1.42
CA ALA B 430 -95.40 47.10 -1.49
C ALA B 430 -95.03 48.11 -0.41
N ASN B 431 -94.93 47.65 0.83
CA ASN B 431 -94.60 48.50 1.98
C ASN B 431 -93.10 48.69 2.22
N TYR B 432 -92.28 48.40 1.20
CA TYR B 432 -90.83 48.59 1.28
C TYR B 432 -90.47 50.07 1.28
N MET B 433 -91.33 50.89 0.68
CA MET B 433 -91.13 52.33 0.62
C MET B 433 -91.75 53.05 1.83
N ASN B 434 -92.08 52.29 2.87
CA ASN B 434 -92.61 52.83 4.13
C ASN B 434 -91.78 52.34 5.33
N LEU B 435 -90.45 52.45 5.21
CA LEU B 435 -89.54 51.99 6.27
C LEU B 435 -88.44 53.01 6.53
N GLN B 436 -88.52 53.64 7.70
CA GLN B 436 -87.54 54.64 8.13
C GLN B 436 -86.23 53.98 8.55
N ARG B 437 -86.32 53.07 9.50
CA ARG B 437 -85.15 52.38 10.05
C ARG B 437 -84.41 51.57 8.99
N SER B 438 -83.09 51.48 9.13
CA SER B 438 -82.25 50.70 8.23
C SER B 438 -82.41 49.20 8.45
N TYR B 439 -82.90 48.82 9.64
CA TYR B 439 -83.07 47.40 9.99
C TYR B 439 -84.20 46.74 9.19
N THR B 440 -85.39 47.36 9.21
CA THR B 440 -86.55 46.82 8.48
C THR B 440 -86.38 46.96 6.97
N VAL B 441 -85.58 47.94 6.55
CA VAL B 441 -85.20 48.10 5.15
C VAL B 441 -84.35 46.93 4.65
N ALA B 442 -83.44 46.45 5.50
CA ALA B 442 -82.46 45.42 5.12
C ALA B 442 -82.99 43.99 5.26
N ILE B 443 -83.67 43.71 6.37
CA ILE B 443 -84.21 42.37 6.64
C ILE B 443 -85.28 41.97 5.62
N ALA B 444 -86.03 42.96 5.14
CA ALA B 444 -86.98 42.78 4.06
C ALA B 444 -86.26 42.63 2.71
N GLY B 445 -85.14 43.34 2.57
CA GLY B 445 -84.34 43.34 1.34
C GLY B 445 -83.70 42.01 0.97
N TYR B 446 -83.33 41.21 1.96
CA TYR B 446 -82.75 39.88 1.72
C TYR B 446 -83.84 38.88 1.33
N ALA B 447 -85.01 39.04 1.95
CA ALA B 447 -86.18 38.21 1.61
C ALA B 447 -86.60 38.39 0.15
N LEU B 448 -86.52 39.63 -0.35
CA LEU B 448 -86.88 39.95 -1.74
C LEU B 448 -85.86 39.39 -2.76
N ALA B 449 -84.58 39.60 -2.48
CA ALA B 449 -83.50 39.25 -3.43
C ALA B 449 -83.33 37.74 -3.68
N GLN B 450 -83.77 36.93 -2.72
CA GLN B 450 -83.73 35.47 -2.86
C GLN B 450 -84.65 34.95 -3.96
N MET B 451 -85.72 35.69 -4.25
CA MET B 451 -86.69 35.31 -5.28
C MET B 451 -86.35 35.92 -6.65
N GLY B 452 -85.66 37.07 -6.64
CA GLY B 452 -85.36 37.81 -7.86
C GLY B 452 -86.43 38.85 -8.13
N ARG B 453 -86.83 39.56 -7.08
CA ARG B 453 -87.86 40.61 -7.15
C ARG B 453 -87.38 41.93 -6.51
N LEU B 454 -86.06 42.12 -6.42
CA LEU B 454 -85.47 43.33 -5.84
C LEU B 454 -84.86 44.21 -6.95
N LYS B 455 -85.70 45.07 -7.53
CA LYS B 455 -85.30 45.94 -8.65
C LYS B 455 -85.98 47.31 -8.61
N GLY B 456 -85.29 48.33 -9.13
CA GLY B 456 -85.85 49.68 -9.27
C GLY B 456 -85.68 50.55 -8.03
N PRO B 457 -86.76 51.25 -7.61
CA PRO B 457 -86.69 52.12 -6.43
C PRO B 457 -86.55 51.36 -5.11
N LEU B 458 -87.02 50.10 -5.08
CA LEU B 458 -86.83 49.22 -3.93
C LEU B 458 -85.39 48.68 -3.86
N LEU B 459 -84.74 48.57 -5.02
CA LEU B 459 -83.33 48.19 -5.08
C LEU B 459 -82.42 49.38 -4.79
N ASN B 460 -82.95 50.59 -4.96
CA ASN B 460 -82.21 51.83 -4.69
C ASN B 460 -82.26 52.23 -3.22
N LYS B 461 -83.46 52.18 -2.63
CA LYS B 461 -83.66 52.49 -1.20
C LYS B 461 -82.80 51.57 -0.32
N PHE B 462 -82.62 50.34 -0.77
CA PHE B 462 -81.69 49.39 -0.14
C PHE B 462 -80.25 49.94 -0.15
N LEU B 463 -79.81 50.41 -1.31
CA LEU B 463 -78.44 50.90 -1.48
C LEU B 463 -78.17 52.20 -0.70
N THR B 464 -79.13 53.12 -0.72
CA THR B 464 -78.93 54.47 -0.17
C THR B 464 -79.20 54.60 1.33
N THR B 465 -79.91 53.63 1.93
CA THR B 465 -80.10 53.60 3.39
C THR B 465 -78.76 53.44 4.11
N ALA B 466 -77.80 52.80 3.43
CA ALA B 466 -76.45 52.62 3.95
C ALA B 466 -75.73 53.96 4.11
N LYS B 467 -75.47 54.35 5.36
CA LYS B 467 -74.78 55.61 5.65
C LYS B 467 -73.30 55.48 5.30
N ASP B 468 -72.84 56.34 4.40
CA ASP B 468 -71.47 56.29 3.81
C ASP B 468 -71.25 55.10 2.86
N LYS B 469 -72.34 54.51 2.35
CA LYS B 469 -72.29 53.40 1.39
C LYS B 469 -71.55 52.16 1.92
N ASN B 470 -71.91 51.71 3.11
CA ASN B 470 -71.30 50.50 3.69
C ASN B 470 -72.16 49.78 4.76
N ARG B 471 -72.72 50.53 5.71
CA ARG B 471 -73.43 49.94 6.85
C ARG B 471 -74.86 50.49 7.04
N TRP B 472 -75.76 49.60 7.44
CA TRP B 472 -77.18 49.93 7.66
C TRP B 472 -77.43 50.21 9.14
N GLU B 473 -76.84 51.27 9.66
CA GLU B 473 -76.88 51.57 11.09
C GLU B 473 -78.22 52.16 11.57
N ASP B 474 -78.39 52.24 12.88
CA ASP B 474 -79.59 52.81 13.53
C ASP B 474 -79.22 53.50 14.85
N PRO B 475 -80.09 54.42 15.33
CA PRO B 475 -79.75 55.23 16.50
C PRO B 475 -79.88 54.48 17.84
N GLY B 476 -78.78 54.35 18.56
CA GLY B 476 -78.77 53.74 19.89
C GLY B 476 -77.83 52.56 20.03
N LYS B 477 -78.40 51.36 20.07
CA LYS B 477 -77.65 50.13 20.31
C LYS B 477 -76.97 49.63 19.04
N GLN B 478 -75.67 49.36 19.14
CA GLN B 478 -74.82 49.08 17.98
C GLN B 478 -74.78 47.59 17.57
N LEU B 479 -75.43 46.74 18.35
CA LEU B 479 -75.59 45.32 18.00
C LEU B 479 -76.65 45.15 16.89
N TYR B 480 -77.67 46.00 16.91
CA TYR B 480 -78.69 46.01 15.84
C TYR B 480 -78.12 46.54 14.52
N ASN B 481 -77.06 47.33 14.60
CA ASN B 481 -76.39 47.87 13.41
C ASN B 481 -75.66 46.79 12.63
N VAL B 482 -74.90 45.95 13.35
CA VAL B 482 -74.13 44.88 12.73
C VAL B 482 -75.03 43.76 12.18
N GLU B 483 -76.19 43.56 12.80
CA GLU B 483 -77.15 42.55 12.33
C GLU B 483 -77.81 42.94 11.01
N ALA B 484 -78.23 44.20 10.91
CA ALA B 484 -78.93 44.70 9.73
C ALA B 484 -78.07 44.63 8.46
N THR B 485 -76.78 44.91 8.60
CA THR B 485 -75.84 44.89 7.48
C THR B 485 -75.51 43.48 6.98
N SER B 486 -75.43 42.52 7.92
CA SER B 486 -75.11 41.13 7.58
C SER B 486 -76.24 40.44 6.82
N TYR B 487 -77.49 40.75 7.20
CA TYR B 487 -78.65 40.37 6.39
C TYR B 487 -78.50 40.96 4.98
N ALA B 488 -78.08 42.22 4.93
CA ALA B 488 -77.90 42.94 3.66
C ALA B 488 -76.78 42.35 2.80
N LEU B 489 -75.73 41.83 3.44
CA LEU B 489 -74.61 41.21 2.72
C LEU B 489 -75.05 39.90 2.06
N LEU B 490 -75.93 39.16 2.74
CA LEU B 490 -76.57 37.98 2.15
C LEU B 490 -77.46 38.36 0.97
N ALA B 491 -78.02 39.58 1.01
CA ALA B 491 -78.78 40.12 -0.11
C ALA B 491 -77.86 40.47 -1.29
N LEU B 492 -76.76 41.15 -0.99
CA LEU B 492 -75.79 41.56 -2.02
C LEU B 492 -75.09 40.39 -2.71
N LEU B 493 -74.92 39.28 -1.98
CA LEU B 493 -74.31 38.07 -2.54
C LEU B 493 -75.22 37.36 -3.53
N GLN B 494 -76.52 37.38 -3.24
CA GLN B 494 -77.52 36.75 -4.11
C GLN B 494 -77.75 37.56 -5.39
N LEU B 495 -77.72 38.89 -5.27
CA LEU B 495 -77.89 39.79 -6.42
C LEU B 495 -76.80 39.65 -7.50
N LYS B 496 -75.62 39.19 -7.10
CA LYS B 496 -74.44 39.11 -7.99
C LYS B 496 -73.99 40.50 -8.46
N ASP B 497 -74.14 41.49 -7.58
CA ASP B 497 -73.64 42.84 -7.79
C ASP B 497 -72.35 42.99 -6.99
N PHE B 498 -71.22 42.63 -7.62
CA PHE B 498 -69.91 42.66 -6.96
C PHE B 498 -69.28 44.06 -6.88
N ASP B 499 -70.03 45.08 -7.29
CA ASP B 499 -69.62 46.48 -7.13
C ASP B 499 -69.77 46.94 -5.68
N PHE B 500 -70.92 46.63 -5.08
CA PHE B 500 -71.26 47.11 -3.73
C PHE B 500 -70.89 46.14 -2.61
N VAL B 501 -70.28 45.00 -2.94
CA VAL B 501 -69.93 43.98 -1.94
C VAL B 501 -68.72 44.35 -1.07
N PRO B 502 -67.59 44.76 -1.70
CA PRO B 502 -66.35 45.03 -0.93
C PRO B 502 -66.45 46.04 0.23
N PRO B 503 -67.09 47.21 0.02
CA PRO B 503 -67.18 48.20 1.12
C PRO B 503 -67.95 47.71 2.36
N VAL B 504 -68.93 46.85 2.14
CA VAL B 504 -69.78 46.33 3.22
C VAL B 504 -68.99 45.37 4.13
N VAL B 505 -68.25 44.45 3.53
CA VAL B 505 -67.45 43.46 4.27
C VAL B 505 -66.23 44.10 4.92
N ARG B 506 -65.67 45.12 4.27
CA ARG B 506 -64.50 45.86 4.78
C ARG B 506 -64.79 46.50 6.14
N TRP B 507 -66.01 47.01 6.31
CA TRP B 507 -66.45 47.59 7.58
C TRP B 507 -66.61 46.51 8.66
N LEU B 508 -67.17 45.37 8.28
CA LEU B 508 -67.35 44.24 9.19
C LEU B 508 -66.01 43.69 9.70
N ASN B 509 -64.99 43.72 8.84
CA ASN B 509 -63.62 43.37 9.24
C ASN B 509 -63.01 44.39 10.22
N GLU B 510 -63.46 45.65 10.12
CA GLU B 510 -63.00 46.71 11.04
C GLU B 510 -63.95 46.90 12.24
N GLN B 511 -64.88 45.96 12.43
CA GLN B 511 -65.69 45.87 13.65
C GLN B 511 -65.15 44.79 14.58
N ARG B 512 -64.75 43.66 13.98
CA ARG B 512 -64.24 42.49 14.72
C ARG B 512 -65.14 42.05 15.89
N TYR B 513 -66.45 42.08 15.64
CA TYR B 513 -67.43 41.63 16.62
C TYR B 513 -67.43 40.10 16.68
N TYR B 514 -66.81 39.55 17.73
CA TYR B 514 -66.62 38.10 17.85
C TYR B 514 -67.86 37.36 18.39
N GLY B 515 -68.96 38.10 18.58
CA GLY B 515 -70.22 37.50 19.00
C GLY B 515 -70.22 37.15 20.48
N GLY B 516 -71.12 36.24 20.86
CA GLY B 516 -71.20 35.76 22.24
C GLY B 516 -71.56 36.83 23.25
N GLY B 517 -71.25 36.58 24.51
CA GLY B 517 -71.58 37.50 25.59
C GLY B 517 -73.02 37.36 26.03
N TYR B 518 -73.86 38.34 25.66
CA TYR B 518 -75.29 38.30 26.00
C TYR B 518 -76.13 39.14 25.03
N GLY B 519 -77.29 38.63 24.66
CA GLY B 519 -78.18 39.29 23.72
C GLY B 519 -77.58 39.42 22.32
N SER B 520 -76.73 38.46 21.95
CA SER B 520 -75.99 38.50 20.69
C SER B 520 -76.39 37.36 19.74
N THR B 521 -77.54 36.74 20.01
CA THR B 521 -78.01 35.59 19.23
C THR B 521 -78.02 35.90 17.73
N GLN B 522 -78.75 36.95 17.35
CA GLN B 522 -78.93 37.31 15.94
C GLN B 522 -77.69 37.96 15.33
N ALA B 523 -76.96 38.74 16.13
CA ALA B 523 -75.71 39.35 15.68
C ALA B 523 -74.63 38.30 15.42
N THR B 524 -74.73 37.15 16.11
CA THR B 524 -73.80 36.05 15.93
C THR B 524 -74.16 35.20 14.72
N PHE B 525 -75.40 34.71 14.69
CA PHE B 525 -75.86 33.82 13.62
C PHE B 525 -75.73 34.46 12.24
N MET B 526 -76.06 35.75 12.13
CA MET B 526 -76.14 36.41 10.83
C MET B 526 -74.80 36.93 10.31
N VAL B 527 -73.91 37.37 11.19
CA VAL B 527 -72.60 37.89 10.77
C VAL B 527 -71.64 36.78 10.33
N PHE B 528 -71.73 35.62 10.96
CA PHE B 528 -70.89 34.48 10.63
C PHE B 528 -71.50 33.57 9.56
N GLN B 529 -72.77 33.79 9.25
CA GLN B 529 -73.41 33.14 8.09
C GLN B 529 -73.09 33.95 6.83
N ALA B 530 -73.29 35.27 6.92
CA ALA B 530 -73.09 36.17 5.77
C ALA B 530 -71.63 36.27 5.34
N LEU B 531 -70.72 36.26 6.29
CA LEU B 531 -69.28 36.23 5.99
C LEU B 531 -68.77 34.82 5.71
N ALA B 532 -69.59 33.80 5.99
CA ALA B 532 -69.31 32.41 5.62
C ALA B 532 -69.77 32.13 4.19
N GLN B 533 -70.95 32.65 3.84
CA GLN B 533 -71.48 32.57 2.47
C GLN B 533 -70.69 33.47 1.52
N TYR B 534 -69.98 34.45 2.09
CA TYR B 534 -69.11 35.35 1.33
C TYR B 534 -67.90 34.64 0.75
N GLN B 535 -67.29 33.75 1.53
CA GLN B 535 -66.11 33.01 1.06
C GLN B 535 -66.45 32.02 -0.06
N LYS B 536 -67.68 31.51 -0.06
CA LYS B 536 -68.19 30.69 -1.16
C LYS B 536 -68.32 31.51 -2.45
N ASP B 537 -69.29 32.42 -2.45
CA ASP B 537 -69.72 33.12 -3.66
C ASP B 537 -68.79 34.24 -4.09
N ALA B 538 -67.88 34.66 -3.20
CA ALA B 538 -66.86 35.65 -3.56
C ALA B 538 -65.99 35.07 -4.67
N PRO B 539 -65.76 35.84 -5.75
CA PRO B 539 -65.06 35.33 -6.93
C PRO B 539 -63.84 34.45 -6.63
N ASP B 540 -63.82 33.26 -7.22
CA ASP B 540 -62.69 32.32 -7.08
C ASP B 540 -61.46 32.86 -7.83
N HIS B 541 -61.69 33.41 -9.02
CA HIS B 541 -60.69 34.18 -9.80
C HIS B 541 -61.46 35.34 -10.46
N GLN B 542 -61.04 36.59 -10.21
CA GLN B 542 -62.02 37.69 -9.90
C GLN B 542 -62.80 38.56 -10.90
N GLU B 543 -62.21 39.52 -11.62
CA GLU B 543 -61.07 39.34 -12.52
C GLU B 543 -59.89 40.31 -12.37
N LEU B 544 -58.91 40.13 -13.26
CA LEU B 544 -57.92 41.14 -13.62
C LEU B 544 -57.86 41.19 -15.16
N ASN B 545 -59.04 41.42 -15.77
CA ASN B 545 -59.26 41.13 -17.21
C ASN B 545 -59.01 42.32 -18.16
N LEU B 546 -57.74 42.69 -18.30
CA LEU B 546 -57.33 43.79 -19.18
C LEU B 546 -56.99 43.30 -20.61
N ASP B 547 -57.60 43.93 -21.62
CA ASP B 547 -57.26 43.67 -23.03
C ASP B 547 -56.36 44.79 -23.58
N VAL B 548 -55.07 44.73 -23.23
CA VAL B 548 -54.11 45.78 -23.60
C VAL B 548 -53.57 45.57 -25.01
N SER B 549 -53.91 46.49 -25.92
CA SER B 549 -53.48 46.41 -27.31
C SER B 549 -52.40 47.45 -27.63
N LEU B 550 -51.16 46.99 -27.75
CA LEU B 550 -50.02 47.87 -28.04
C LEU B 550 -49.74 47.94 -29.54
N GLN B 551 -49.87 49.14 -30.11
CA GLN B 551 -49.69 49.36 -31.54
C GLN B 551 -48.48 50.25 -31.80
N LEU B 552 -47.39 49.64 -32.26
CA LEU B 552 -46.17 50.38 -32.61
C LEU B 552 -46.15 50.69 -34.12
N PRO B 553 -45.86 51.96 -34.49
CA PRO B 553 -45.85 52.34 -35.91
C PRO B 553 -44.70 51.71 -36.71
N SER B 554 -43.66 51.28 -36.00
CA SER B 554 -42.61 50.44 -36.59
C SER B 554 -43.19 49.09 -37.00
N ARG B 555 -44.04 48.55 -36.11
CA ARG B 555 -44.67 47.25 -36.32
C ARG B 555 -45.83 47.31 -37.31
N SER B 556 -46.14 46.18 -37.93
CA SER B 556 -47.29 46.04 -38.83
C SER B 556 -48.61 45.89 -38.06
N SER B 557 -48.61 44.98 -37.09
CA SER B 557 -49.82 44.59 -36.36
C SER B 557 -49.83 45.04 -34.89
N LYS B 558 -51.02 45.14 -34.32
CA LYS B 558 -51.19 45.32 -32.89
C LYS B 558 -50.74 44.05 -32.15
N ILE B 559 -50.66 44.13 -30.83
CA ILE B 559 -50.47 42.95 -29.98
C ILE B 559 -51.40 43.02 -28.76
N THR B 560 -52.63 42.54 -28.95
CA THR B 560 -53.64 42.54 -27.88
C THR B 560 -53.31 41.49 -26.83
N HIS B 561 -52.47 41.88 -25.88
CA HIS B 561 -52.08 41.01 -24.78
C HIS B 561 -53.24 40.85 -23.79
N ARG B 562 -53.63 39.60 -23.57
CA ARG B 562 -54.64 39.29 -22.56
C ARG B 562 -54.01 39.27 -21.16
N ILE B 563 -54.81 39.63 -20.17
CA ILE B 563 -54.41 39.55 -18.76
C ILE B 563 -55.52 38.86 -17.97
N HIS B 564 -55.14 37.91 -17.11
CA HIS B 564 -56.09 37.18 -16.27
C HIS B 564 -55.42 36.82 -14.95
N TRP B 565 -56.12 37.05 -13.83
CA TRP B 565 -55.69 36.53 -12.54
C TRP B 565 -55.93 35.01 -12.55
N GLU B 566 -54.91 34.28 -12.99
CA GLU B 566 -54.95 32.82 -13.15
C GLU B 566 -53.57 32.32 -13.59
N SER B 567 -53.03 32.93 -14.64
CA SER B 567 -51.64 32.70 -15.04
C SER B 567 -50.71 33.22 -13.95
N ALA B 568 -49.88 32.33 -13.41
CA ALA B 568 -49.06 32.64 -12.23
C ALA B 568 -47.88 33.61 -12.50
N SER B 569 -47.85 34.20 -13.70
CA SER B 569 -46.80 35.13 -14.09
C SER B 569 -47.16 36.58 -13.76
N LEU B 570 -48.23 37.06 -14.39
CA LEU B 570 -48.62 38.48 -14.33
C LEU B 570 -47.46 39.41 -14.67
N LEU B 571 -46.81 39.15 -15.80
CA LEU B 571 -45.74 40.01 -16.35
C LEU B 571 -45.36 39.58 -17.76
N ARG B 572 -45.05 40.57 -18.61
CA ARG B 572 -44.60 40.31 -19.98
C ARG B 572 -43.48 41.29 -20.36
N SER B 573 -42.93 41.11 -21.56
CA SER B 573 -41.86 41.98 -22.06
C SER B 573 -41.63 41.85 -23.57
N GLU B 574 -41.72 42.97 -24.27
CA GLU B 574 -41.44 43.04 -25.71
C GLU B 574 -40.00 43.51 -25.94
N GLU B 575 -39.55 43.49 -27.21
CA GLU B 575 -38.16 43.87 -27.54
C GLU B 575 -38.08 44.75 -28.80
N THR B 576 -38.13 46.07 -28.60
CA THR B 576 -38.12 47.05 -29.69
C THR B 576 -36.75 47.19 -30.34
N LYS B 577 -36.74 47.50 -31.64
CA LYS B 577 -35.52 47.74 -32.41
C LYS B 577 -35.30 49.22 -32.74
N GLU B 578 -36.39 49.97 -32.87
CA GLU B 578 -36.33 51.40 -33.23
C GLU B 578 -37.16 52.25 -32.28
N ASN B 579 -36.63 53.41 -31.90
CA ASN B 579 -37.28 54.32 -30.95
C ASN B 579 -38.52 54.99 -31.55
N GLU B 580 -39.69 54.41 -31.29
CA GLU B 580 -40.95 54.86 -31.89
C GLU B 580 -42.04 55.11 -30.85
N GLY B 581 -42.94 56.03 -31.17
CA GLY B 581 -44.08 56.38 -30.31
C GLY B 581 -45.30 55.52 -30.56
N PHE B 582 -45.74 54.80 -29.53
CA PHE B 582 -46.79 53.77 -29.67
C PHE B 582 -47.94 53.99 -28.68
N THR B 583 -49.14 53.57 -29.09
CA THR B 583 -50.32 53.64 -28.22
C THR B 583 -50.37 52.37 -27.36
N VAL B 584 -50.95 52.49 -26.17
CA VAL B 584 -51.11 51.37 -25.24
C VAL B 584 -52.47 51.45 -24.54
N THR B 585 -53.52 50.96 -25.21
CA THR B 585 -54.91 51.10 -24.73
C THR B 585 -55.39 49.91 -23.89
N ALA B 586 -55.73 50.17 -22.63
CA ALA B 586 -56.25 49.13 -21.72
C ALA B 586 -57.73 48.88 -21.97
N GLU B 587 -58.33 47.95 -21.21
CA GLU B 587 -59.78 47.67 -21.30
C GLU B 587 -60.34 46.77 -20.18
N GLY B 588 -61.06 47.36 -19.23
CA GLY B 588 -61.93 46.62 -18.30
C GLY B 588 -61.28 45.88 -17.13
N LYS B 589 -61.67 46.28 -15.91
CA LYS B 589 -61.36 45.55 -14.66
C LYS B 589 -59.86 45.38 -14.30
N GLY B 590 -59.61 45.15 -13.02
CA GLY B 590 -58.29 44.74 -12.53
C GLY B 590 -57.35 45.85 -12.12
N GLN B 591 -56.04 45.57 -12.21
CA GLN B 591 -54.98 46.54 -11.92
C GLN B 591 -53.64 46.03 -12.46
N GLY B 592 -52.72 46.96 -12.73
CA GLY B 592 -51.39 46.58 -13.20
C GLY B 592 -50.42 47.72 -13.47
N THR B 593 -49.13 47.44 -13.29
CA THR B 593 -48.05 48.39 -13.59
C THR B 593 -47.89 48.49 -15.11
N LEU B 594 -47.16 49.52 -15.57
CA LEU B 594 -46.94 49.71 -17.01
C LEU B 594 -45.72 50.59 -17.27
N SER B 595 -44.53 50.00 -17.18
CA SER B 595 -43.27 50.73 -17.34
C SER B 595 -42.74 50.68 -18.78
N VAL B 596 -41.72 51.52 -19.06
CA VAL B 596 -41.09 51.59 -20.40
C VAL B 596 -39.59 51.83 -20.26
N VAL B 597 -38.81 50.73 -20.24
CA VAL B 597 -37.36 50.79 -20.02
C VAL B 597 -36.54 50.42 -21.26
N THR B 598 -36.11 51.44 -22.00
CA THR B 598 -35.14 51.25 -23.10
C THR B 598 -33.76 50.98 -22.51
N MET B 599 -32.77 50.73 -23.38
CA MET B 599 -31.40 50.44 -22.93
C MET B 599 -30.37 50.74 -24.01
N TYR B 600 -29.45 51.66 -23.71
CA TYR B 600 -28.54 52.20 -24.71
C TYR B 600 -27.08 52.28 -24.25
N HIS B 601 -26.23 52.87 -25.08
CA HIS B 601 -24.84 53.18 -24.75
C HIS B 601 -24.62 54.68 -24.92
N ALA B 602 -24.05 55.33 -23.91
CA ALA B 602 -23.80 56.78 -23.95
C ALA B 602 -22.35 57.05 -24.39
N LYS B 603 -21.96 58.32 -24.41
CA LYS B 603 -20.55 58.67 -24.61
C LYS B 603 -19.75 58.36 -23.34
N ALA B 604 -18.44 58.50 -23.44
CA ALA B 604 -17.53 57.97 -22.42
C ALA B 604 -17.48 58.76 -21.11
N LYS B 605 -17.18 60.06 -21.20
CA LYS B 605 -16.68 60.86 -20.08
C LYS B 605 -15.24 60.46 -19.73
N ASP B 606 -14.39 61.45 -19.44
CA ASP B 606 -12.95 61.21 -19.29
C ASP B 606 -12.54 60.62 -17.93
N GLN B 607 -12.94 59.37 -17.68
CA GLN B 607 -12.37 58.56 -16.59
C GLN B 607 -12.56 57.06 -16.84
N LEU B 608 -12.32 56.64 -18.08
CA LEU B 608 -12.34 55.22 -18.44
C LEU B 608 -10.98 54.62 -18.05
N THR B 609 -10.18 54.21 -19.03
CA THR B 609 -8.75 53.98 -18.88
C THR B 609 -8.29 53.53 -17.48
N CYS B 610 -7.49 54.36 -16.81
CA CYS B 610 -6.77 53.95 -15.61
C CYS B 610 -7.37 54.57 -14.36
N ASN B 611 -8.55 54.06 -14.01
CA ASN B 611 -9.28 54.48 -12.82
C ASN B 611 -8.52 54.41 -11.48
N LYS B 612 -7.65 53.42 -11.30
CA LYS B 612 -7.01 53.13 -9.99
C LYS B 612 -5.49 53.34 -9.93
N PHE B 613 -4.82 53.39 -11.07
CA PHE B 613 -3.37 53.59 -11.10
C PHE B 613 -2.96 54.68 -12.10
N ASP B 614 -1.83 55.33 -11.82
CA ASP B 614 -1.17 56.19 -12.79
C ASP B 614 0.06 55.45 -13.24
N LEU B 615 0.24 55.33 -14.56
CA LEU B 615 1.36 54.60 -15.13
C LEU B 615 2.04 55.46 -16.20
N LYS B 616 3.36 55.53 -16.13
CA LYS B 616 4.14 56.40 -16.99
C LYS B 616 5.36 55.61 -17.40
N VAL B 617 5.51 55.36 -18.70
CA VAL B 617 6.60 54.55 -19.19
C VAL B 617 7.35 55.28 -20.31
N THR B 618 8.67 55.30 -20.23
CA THR B 618 9.51 55.94 -21.24
C THR B 618 10.65 55.03 -21.67
N ILE B 619 11.01 55.10 -22.94
CA ILE B 619 12.16 54.38 -23.47
C ILE B 619 13.06 55.36 -24.22
N LYS B 620 14.33 55.40 -23.83
CA LYS B 620 15.30 56.36 -24.38
C LYS B 620 16.63 55.65 -24.70
N PRO B 621 17.51 56.30 -25.48
CA PRO B 621 18.83 55.71 -25.76
C PRO B 621 19.75 55.74 -24.54
N ALA B 622 20.80 54.94 -24.56
CA ALA B 622 21.72 54.81 -23.42
C ALA B 622 22.90 55.80 -23.49
N PRO B 623 23.74 55.84 -22.43
CA PRO B 623 24.97 56.64 -22.42
C PRO B 623 26.16 56.03 -23.20
N GLU B 624 27.35 56.59 -22.99
CA GLU B 624 28.58 56.23 -23.75
C GLU B 624 29.03 54.76 -23.59
N THR B 625 29.48 54.17 -24.70
CA THR B 625 30.15 52.87 -24.69
C THR B 625 31.14 52.78 -25.85
N LYS B 633 24.89 45.93 -29.19
CA LYS B 633 24.97 47.04 -30.15
C LYS B 633 24.04 48.18 -29.72
N ASN B 634 22.74 48.05 -30.01
CA ASN B 634 21.75 49.03 -29.64
C ASN B 634 21.30 48.73 -28.23
N THR B 635 21.23 49.75 -27.37
CA THR B 635 20.69 49.59 -26.01
C THR B 635 19.86 50.81 -25.60
N MET B 636 18.92 50.59 -24.69
CA MET B 636 17.99 51.64 -24.28
C MET B 636 17.65 51.55 -22.78
N ILE B 637 16.97 52.59 -22.29
CA ILE B 637 16.62 52.70 -20.87
C ILE B 637 15.12 52.77 -20.70
N LEU B 638 14.51 51.62 -20.38
CA LEU B 638 13.11 51.57 -20.01
C LEU B 638 12.95 52.11 -18.60
N GLU B 639 11.99 53.01 -18.42
CA GLU B 639 11.71 53.56 -17.11
C GLU B 639 10.22 53.50 -16.84
N ILE B 640 9.85 52.83 -15.75
CA ILE B 640 8.45 52.69 -15.35
C ILE B 640 8.21 53.54 -14.12
N CYS B 641 7.20 54.41 -14.18
CA CYS B 641 6.83 55.24 -13.07
C CYS B 641 5.34 55.12 -12.78
N THR B 642 5.03 54.71 -11.57
CA THR B 642 3.66 54.41 -11.21
C THR B 642 3.36 54.86 -9.80
N ARG B 643 2.11 55.27 -9.56
CA ARG B 643 1.56 55.30 -8.21
C ARG B 643 0.05 55.06 -8.17
N TYR B 644 -0.41 54.60 -7.01
CA TYR B 644 -1.82 54.26 -6.78
C TYR B 644 -2.65 55.54 -6.74
N ARG B 645 -3.95 55.44 -6.53
CA ARG B 645 -4.83 56.60 -6.52
C ARG B 645 -5.60 56.73 -5.20
N GLY B 646 -5.24 57.75 -4.44
CA GLY B 646 -5.67 57.91 -3.05
C GLY B 646 -4.43 57.87 -2.18
N ASP B 647 -4.27 58.88 -1.33
CA ASP B 647 -3.09 59.00 -0.45
C ASP B 647 -3.11 57.89 0.60
N GLN B 648 -2.85 56.67 0.14
CA GLN B 648 -2.90 55.47 1.00
C GLN B 648 -2.27 54.29 0.26
N ASP B 649 -0.98 54.08 0.50
CA ASP B 649 -0.18 53.04 -0.18
C ASP B 649 -0.98 51.78 -0.49
N ALA B 650 -0.99 51.37 -1.76
CA ALA B 650 -1.57 50.10 -2.17
C ALA B 650 -0.67 48.97 -1.68
N THR B 651 -1.28 47.83 -1.38
CA THR B 651 -0.53 46.67 -0.93
C THR B 651 -0.26 45.73 -2.08
N MET B 652 1.01 45.39 -2.30
CA MET B 652 1.41 44.25 -3.12
C MET B 652 0.85 44.34 -4.55
N SER B 653 1.71 44.73 -5.49
CA SER B 653 1.27 44.94 -6.87
C SER B 653 2.19 44.27 -7.87
N ILE B 654 1.71 44.17 -9.10
CA ILE B 654 2.44 43.48 -10.15
C ILE B 654 2.78 44.47 -11.26
N LEU B 655 4.00 44.34 -11.80
CA LEU B 655 4.37 45.00 -13.04
C LEU B 655 4.69 43.91 -14.04
N ASP B 656 3.83 43.75 -15.03
CA ASP B 656 4.00 42.75 -16.07
C ASP B 656 4.53 43.43 -17.33
N ILE B 657 5.80 43.20 -17.62
CA ILE B 657 6.51 43.88 -18.71
C ILE B 657 6.67 42.93 -19.89
N SER B 658 6.64 43.49 -21.10
CA SER B 658 6.90 42.73 -22.33
C SER B 658 7.87 43.50 -23.20
N MET B 659 8.81 42.79 -23.79
CA MET B 659 9.89 43.42 -24.55
C MET B 659 9.44 43.84 -25.93
N MET B 660 10.09 44.86 -26.46
CA MET B 660 10.01 45.19 -27.88
C MET B 660 10.73 44.05 -28.59
N THR B 661 10.18 43.56 -29.71
CA THR B 661 10.79 42.43 -30.40
C THR B 661 12.29 42.64 -30.65
N GLY B 662 13.09 41.70 -30.18
CA GLY B 662 14.54 41.74 -30.36
C GLY B 662 15.30 42.28 -29.16
N PHE B 663 14.58 42.79 -28.16
CA PHE B 663 15.19 43.35 -26.96
C PHE B 663 15.00 42.46 -25.74
N ALA B 664 15.95 42.52 -24.82
CA ALA B 664 15.91 41.74 -23.57
C ALA B 664 16.52 42.54 -22.43
N PRO B 665 16.05 42.32 -21.18
CA PRO B 665 16.53 43.17 -20.08
C PRO B 665 17.96 42.85 -19.66
N ASP B 666 18.61 43.84 -19.05
CA ASP B 666 19.98 43.69 -18.57
C ASP B 666 20.00 42.92 -17.25
N THR B 667 20.41 41.65 -17.32
CA THR B 667 20.45 40.76 -16.14
C THR B 667 21.09 41.42 -14.91
N ASP B 668 22.13 42.23 -15.13
CA ASP B 668 22.79 42.96 -14.04
C ASP B 668 21.87 43.98 -13.37
N ASP B 669 21.21 44.80 -14.18
CA ASP B 669 20.25 45.80 -13.68
C ASP B 669 19.06 45.16 -12.96
N LEU B 670 18.68 43.96 -13.39
CA LEU B 670 17.54 43.27 -12.81
C LEU B 670 17.85 42.78 -11.40
N LYS B 671 18.97 42.09 -11.24
CA LYS B 671 19.39 41.55 -9.94
C LYS B 671 19.58 42.70 -8.95
N GLN B 672 20.18 43.79 -9.44
CA GLN B 672 20.24 45.06 -8.71
C GLN B 672 18.86 45.49 -8.15
N LEU B 673 17.83 45.38 -8.99
CA LEU B 673 16.46 45.78 -8.60
C LEU B 673 15.84 44.82 -7.59
N ALA B 674 15.99 43.52 -7.85
CA ALA B 674 15.40 42.47 -7.01
C ALA B 674 15.96 42.48 -5.59
N ASN B 675 17.24 42.83 -5.47
CA ASN B 675 17.88 42.95 -4.16
C ASN B 675 17.39 44.14 -3.37
N GLY B 676 16.94 45.17 -4.07
CA GLY B 676 16.32 46.33 -3.44
C GLY B 676 15.12 45.91 -2.60
N VAL B 677 14.89 46.62 -1.50
CA VAL B 677 13.78 46.32 -0.61
C VAL B 677 12.48 46.83 -1.23
N ASP B 678 11.36 46.23 -0.83
CA ASP B 678 10.02 46.51 -1.39
C ASP B 678 9.88 46.11 -2.86
N ARG B 679 10.79 45.24 -3.33
CA ARG B 679 10.83 44.78 -4.72
C ARG B 679 11.32 43.35 -4.79
N TYR B 680 10.66 42.55 -5.62
CA TYR B 680 10.98 41.13 -5.76
C TYR B 680 10.85 40.65 -7.20
N ILE B 681 11.82 39.85 -7.65
CA ILE B 681 11.76 39.17 -8.94
C ILE B 681 12.10 37.69 -8.69
N SER B 682 11.20 36.80 -9.10
CA SER B 682 11.38 35.37 -8.88
C SER B 682 12.72 34.88 -9.40
N LYS B 683 13.35 33.99 -8.63
CA LYS B 683 14.59 33.34 -9.04
C LYS B 683 14.42 32.73 -10.43
N TYR B 684 13.27 32.09 -10.65
CA TYR B 684 12.93 31.48 -11.94
C TYR B 684 13.16 32.40 -13.14
N GLU B 685 12.84 33.67 -12.98
CA GLU B 685 12.99 34.66 -14.05
C GLU B 685 14.46 34.98 -14.24
N LEU B 686 15.17 35.16 -13.13
CA LEU B 686 16.59 35.48 -13.13
C LEU B 686 17.46 34.35 -13.67
N ASP B 687 17.10 33.11 -13.34
CA ASP B 687 17.88 31.93 -13.75
C ASP B 687 17.68 31.55 -15.23
N LYS B 688 16.75 32.21 -15.91
CA LYS B 688 16.47 31.93 -17.32
C LYS B 688 17.54 32.55 -18.21
N ALA B 689 17.65 32.05 -19.44
CA ALA B 689 18.63 32.55 -20.41
C ALA B 689 18.40 34.01 -20.79
N PHE B 690 19.36 34.60 -21.50
CA PHE B 690 19.25 36.00 -21.93
C PHE B 690 18.30 36.13 -23.11
N SER B 691 18.49 35.27 -24.11
CA SER B 691 17.68 35.28 -25.33
C SER B 691 16.25 34.80 -25.09
N ASP B 692 16.09 33.74 -24.29
CA ASP B 692 14.77 33.18 -24.00
C ASP B 692 14.13 33.88 -22.80
N ARG B 693 13.95 35.19 -22.90
CA ARG B 693 13.32 35.97 -21.83
C ARG B 693 12.75 37.27 -22.37
N ASN B 694 11.54 37.21 -22.90
CA ASN B 694 10.89 38.39 -23.48
C ASN B 694 9.63 38.85 -22.75
N THR B 695 9.25 38.16 -21.68
CA THR B 695 8.24 38.66 -20.73
C THR B 695 8.82 38.62 -19.34
N LEU B 696 8.35 39.54 -18.51
CA LEU B 696 8.96 39.76 -17.20
C LEU B 696 7.90 40.24 -16.21
N ILE B 697 7.99 39.76 -14.98
CA ILE B 697 7.12 40.22 -13.89
C ILE B 697 7.96 40.75 -12.74
N ILE B 698 7.76 42.02 -12.40
CA ILE B 698 8.41 42.63 -11.25
C ILE B 698 7.37 42.86 -10.19
N TYR B 699 7.60 42.26 -9.02
CA TYR B 699 6.65 42.31 -7.92
C TYR B 699 7.03 43.44 -6.96
N LEU B 700 6.13 44.40 -6.82
CA LEU B 700 6.28 45.48 -5.86
C LEU B 700 5.51 45.15 -4.59
N ASP B 701 6.05 45.56 -3.45
CA ASP B 701 5.39 45.35 -2.16
C ASP B 701 4.33 46.42 -1.89
N LYS B 702 4.46 47.58 -2.55
CA LYS B 702 3.53 48.68 -2.31
C LYS B 702 3.67 49.81 -3.34
N VAL B 703 2.81 50.81 -3.20
CA VAL B 703 2.83 52.03 -4.02
C VAL B 703 1.59 52.88 -3.67
N SER B 704 1.77 54.18 -3.40
CA SER B 704 0.64 55.08 -2.93
C SER B 704 0.16 56.14 -3.92
N HIS B 705 -0.27 57.30 -3.40
CA HIS B 705 -0.35 58.53 -4.21
C HIS B 705 0.24 59.72 -3.48
N SER B 706 1.22 59.46 -2.62
CA SER B 706 2.10 60.50 -2.09
C SER B 706 2.97 61.07 -3.22
N GLU B 707 3.87 60.24 -3.75
CA GLU B 707 4.87 60.65 -4.72
C GLU B 707 4.63 59.93 -6.05
N ASP B 708 5.71 59.49 -6.70
CA ASP B 708 5.67 58.48 -7.76
C ASP B 708 6.76 57.45 -7.46
N ASP B 709 6.39 56.17 -7.37
CA ASP B 709 7.35 55.09 -7.28
C ASP B 709 7.94 54.84 -8.65
N CYS B 710 9.25 55.06 -8.79
CA CYS B 710 9.92 54.91 -10.10
C CYS B 710 11.04 53.88 -10.09
N LEU B 711 11.19 53.21 -11.23
CA LEU B 711 12.28 52.29 -11.46
C LEU B 711 12.61 52.25 -12.94
N ALA B 712 13.83 51.85 -13.26
CA ALA B 712 14.27 51.79 -14.64
C ALA B 712 15.36 50.75 -14.77
N PHE B 713 15.53 50.23 -15.97
CA PHE B 713 16.57 49.24 -16.22
C PHE B 713 16.96 49.14 -17.69
N LYS B 714 18.19 48.73 -17.93
CA LYS B 714 18.73 48.65 -19.27
C LYS B 714 18.09 47.49 -20.03
N VAL B 715 17.77 47.74 -21.30
CA VAL B 715 17.36 46.72 -22.25
C VAL B 715 18.30 46.75 -23.46
N HIS B 716 18.70 45.56 -23.92
CA HIS B 716 19.68 45.42 -25.00
C HIS B 716 19.06 44.69 -26.20
N GLN B 717 19.31 45.22 -27.40
CA GLN B 717 18.87 44.59 -28.63
C GLN B 717 19.85 43.49 -29.02
N TYR B 718 19.37 42.25 -29.05
CA TYR B 718 20.21 41.09 -29.36
C TYR B 718 19.93 40.58 -30.78
N PHE B 719 18.64 40.46 -31.13
CA PHE B 719 18.21 40.07 -32.48
C PHE B 719 17.88 41.36 -33.25
N ASN B 720 18.22 41.38 -34.53
CA ASN B 720 17.99 42.54 -35.38
C ASN B 720 16.81 42.30 -36.31
N VAL B 721 15.87 43.24 -36.35
CA VAL B 721 14.66 43.08 -37.17
C VAL B 721 14.04 44.42 -37.58
N GLU B 722 13.28 44.38 -38.68
CA GLU B 722 12.56 45.54 -39.19
C GLU B 722 11.21 45.72 -38.47
N LEU B 723 10.68 46.94 -38.56
CA LEU B 723 9.42 47.34 -37.88
C LEU B 723 9.51 47.31 -36.34
N ILE B 724 9.61 46.10 -35.78
CA ILE B 724 9.68 45.84 -34.33
C ILE B 724 8.43 46.30 -33.53
N GLN B 725 7.84 45.34 -32.82
CA GLN B 725 6.58 45.53 -32.12
C GLN B 725 6.77 46.26 -30.79
N PRO B 726 5.91 47.25 -30.49
CA PRO B 726 5.99 47.92 -29.20
C PRO B 726 5.98 46.98 -28.00
N GLY B 727 6.62 47.42 -26.92
CA GLY B 727 6.57 46.70 -25.65
C GLY B 727 5.37 47.19 -24.86
N ALA B 728 5.21 46.67 -23.64
CA ALA B 728 4.05 47.00 -22.83
C ALA B 728 4.28 46.76 -21.35
N VAL B 729 3.87 47.72 -20.53
CA VAL B 729 3.90 47.59 -19.07
C VAL B 729 2.46 47.65 -18.53
N LYS B 730 2.11 46.69 -17.68
CA LYS B 730 0.77 46.58 -17.10
C LYS B 730 0.89 46.55 -15.58
N VAL B 731 0.12 47.41 -14.89
CA VAL B 731 0.14 47.48 -13.43
C VAL B 731 -1.20 47.06 -12.87
N TYR B 732 -1.16 46.35 -11.73
CA TYR B 732 -2.37 46.04 -10.98
C TYR B 732 -2.03 45.54 -9.58
N ALA B 733 -2.98 45.69 -8.66
CA ALA B 733 -2.88 45.10 -7.33
C ALA B 733 -3.30 43.63 -7.40
N TYR B 734 -2.74 42.79 -6.52
CA TYR B 734 -2.98 41.34 -6.57
C TYR B 734 -4.44 40.96 -6.41
N TYR B 735 -5.15 41.71 -5.57
CA TYR B 735 -6.53 41.38 -5.21
C TYR B 735 -7.55 41.79 -6.28
N ASN B 736 -7.11 42.39 -7.37
CA ASN B 736 -8.02 42.81 -8.44
C ASN B 736 -7.32 43.07 -9.78
N LEU B 737 -7.30 42.06 -10.64
CA LEU B 737 -6.72 42.19 -11.99
C LEU B 737 -7.53 43.14 -12.86
N GLU B 738 -8.85 43.15 -12.67
CA GLU B 738 -9.75 43.89 -13.55
C GLU B 738 -9.41 45.38 -13.60
N GLU B 739 -9.23 46.00 -12.44
CA GLU B 739 -8.81 47.40 -12.37
C GLU B 739 -7.31 47.50 -12.56
N SER B 740 -6.88 47.47 -13.82
CA SER B 740 -5.47 47.55 -14.18
C SER B 740 -5.18 48.84 -14.94
N CYS B 741 -3.94 48.97 -15.39
CA CYS B 741 -3.57 50.05 -16.29
C CYS B 741 -2.33 49.63 -17.07
N THR B 742 -2.41 49.73 -18.39
CA THR B 742 -1.30 49.37 -19.28
C THR B 742 -0.87 50.55 -20.16
N ARG B 743 0.44 50.74 -20.27
CA ARG B 743 1.02 51.64 -21.27
C ARG B 743 1.93 50.83 -22.19
N PHE B 744 2.15 51.34 -23.39
CA PHE B 744 3.05 50.71 -24.34
C PHE B 744 4.27 51.61 -24.52
N TYR B 745 5.35 51.05 -25.04
CA TYR B 745 6.55 51.82 -25.29
C TYR B 745 7.26 51.33 -26.56
N HIS B 746 7.78 52.28 -27.33
CA HIS B 746 8.45 52.03 -28.62
C HIS B 746 9.45 53.15 -28.90
N PRO B 747 10.58 52.85 -29.58
CA PRO B 747 11.63 53.86 -29.69
C PRO B 747 11.28 55.04 -30.61
N GLU B 748 10.37 54.82 -31.55
CA GLU B 748 10.06 55.81 -32.59
C GLU B 748 8.57 56.14 -32.75
N LYS B 749 7.74 55.76 -31.79
CA LYS B 749 6.29 56.02 -31.87
C LYS B 749 5.74 56.72 -30.64
N GLU B 750 6.26 56.35 -29.47
CA GLU B 750 5.90 56.97 -28.20
C GLU B 750 4.40 56.82 -27.90
N ASP B 751 4.11 56.48 -26.65
CA ASP B 751 2.86 55.81 -26.27
C ASP B 751 2.76 54.50 -27.04
N GLY B 752 3.91 53.99 -27.49
CA GLY B 752 3.99 52.80 -28.35
C GLY B 752 2.73 52.41 -29.10
N LYS B 753 2.12 53.39 -29.76
CA LYS B 753 0.84 53.20 -30.40
C LYS B 753 1.06 52.87 -31.88
N LEU B 754 0.39 51.83 -32.37
CA LEU B 754 0.51 51.48 -33.78
C LEU B 754 -0.18 52.56 -34.59
N ASN B 755 0.43 52.92 -35.72
CA ASN B 755 -0.07 53.98 -36.58
C ASN B 755 -1.47 53.67 -37.10
N LYS B 756 -2.46 54.32 -36.49
CA LYS B 756 -3.84 54.26 -36.96
C LYS B 756 -4.27 55.68 -37.34
N LEU B 757 -5.48 55.78 -37.88
CA LEU B 757 -5.97 57.04 -38.43
C LEU B 757 -7.41 57.20 -38.00
N CYS B 758 -7.61 57.89 -36.87
CA CYS B 758 -8.93 57.95 -36.25
C CYS B 758 -9.59 59.30 -36.39
N ARG B 759 -10.90 59.27 -36.63
CA ARG B 759 -11.76 60.42 -36.33
C ARG B 759 -13.22 60.01 -36.17
N ASP B 760 -13.87 60.61 -35.16
CA ASP B 760 -15.21 60.24 -34.74
C ASP B 760 -15.30 58.75 -34.34
N GLU B 761 -16.10 57.97 -35.07
CA GLU B 761 -16.42 56.61 -34.65
C GLU B 761 -15.26 55.66 -34.95
N LEU B 762 -14.97 55.47 -36.24
CA LEU B 762 -14.09 54.38 -36.68
C LEU B 762 -12.64 54.84 -36.95
N CYS B 763 -11.76 53.85 -37.17
CA CYS B 763 -10.33 54.07 -37.36
C CYS B 763 -9.74 53.21 -38.49
N ARG B 764 -8.85 53.81 -39.28
CA ARG B 764 -8.18 53.11 -40.37
C ARG B 764 -6.85 52.61 -39.85
N CYS B 765 -6.50 51.38 -40.20
CA CYS B 765 -5.15 50.90 -39.94
C CYS B 765 -4.18 51.60 -40.91
N ALA B 766 -3.29 52.41 -40.35
CA ALA B 766 -2.39 53.26 -41.14
C ALA B 766 -0.93 52.79 -41.11
N GLU B 767 -0.72 51.52 -40.74
CA GLU B 767 0.63 50.94 -40.71
C GLU B 767 1.15 50.66 -42.14
N GLU B 768 0.25 50.67 -43.12
CA GLU B 768 0.61 50.53 -44.53
C GLU B 768 1.51 51.68 -45.02
N ASN B 769 1.95 51.58 -46.26
CA ASN B 769 2.78 52.62 -46.88
C ASN B 769 1.96 53.88 -47.18
N CYS B 770 2.61 55.03 -47.06
CA CYS B 770 2.00 56.29 -47.49
C CYS B 770 2.04 56.34 -49.01
N PHE B 771 0.89 56.58 -49.65
CA PHE B 771 0.76 56.58 -51.13
C PHE B 771 1.44 55.42 -51.88
N ILE B 772 1.13 55.26 -53.17
CA ILE B 772 1.78 54.23 -53.99
C ILE B 772 3.20 54.65 -54.32
N GLN B 773 4.15 53.82 -53.92
CA GLN B 773 5.56 54.21 -53.87
C GLN B 773 6.26 54.31 -55.23
N LYS B 774 6.79 55.50 -55.53
CA LYS B 774 7.74 55.72 -56.63
C LYS B 774 7.28 55.11 -57.95
N ASP B 777 11.62 55.33 -60.33
CA ASP B 777 12.47 54.63 -61.29
C ASP B 777 12.08 54.94 -62.74
N LYS B 778 10.94 54.39 -63.17
CA LYS B 778 10.51 54.48 -64.57
C LYS B 778 9.47 55.58 -64.81
N VAL B 779 8.36 55.53 -64.06
CA VAL B 779 7.22 56.44 -64.28
C VAL B 779 6.91 56.60 -65.77
N THR B 780 6.67 55.47 -66.44
CA THR B 780 6.33 55.43 -67.86
C THR B 780 4.89 55.90 -68.08
N LEU B 781 4.57 56.27 -69.32
CA LEU B 781 3.18 56.55 -69.69
C LEU B 781 2.37 55.25 -69.64
N GLU B 782 2.99 54.17 -70.10
CA GLU B 782 2.33 52.85 -70.15
C GLU B 782 2.18 52.23 -68.75
N GLU B 783 2.88 52.79 -67.76
CA GLU B 783 2.73 52.38 -66.35
C GLU B 783 1.50 53.02 -65.72
N ARG B 784 1.42 54.34 -65.84
CA ARG B 784 0.30 55.10 -65.27
C ARG B 784 -1.05 54.64 -65.79
N LEU B 785 -1.14 54.36 -67.09
CA LEU B 785 -2.38 53.92 -67.73
C LEU B 785 -2.83 52.52 -67.30
N ASP B 786 -1.90 51.70 -66.80
CA ASP B 786 -2.28 50.40 -66.25
C ASP B 786 -2.81 50.57 -64.82
N LYS B 787 -1.99 51.16 -63.97
CA LYS B 787 -2.28 51.28 -62.52
C LYS B 787 -3.43 52.24 -62.21
N ALA B 788 -3.71 53.17 -63.12
CA ALA B 788 -4.87 54.06 -62.98
C ALA B 788 -6.17 53.35 -63.34
N CYS B 789 -6.07 52.16 -63.93
CA CYS B 789 -7.24 51.36 -64.29
C CYS B 789 -7.42 50.14 -63.39
N GLU B 790 -6.59 50.01 -62.36
CA GLU B 790 -6.73 48.90 -61.42
C GLU B 790 -8.11 48.96 -60.76
N PRO B 791 -8.71 47.79 -60.51
CA PRO B 791 -10.11 47.61 -60.08
C PRO B 791 -10.76 48.72 -59.24
N GLY B 792 -10.16 49.03 -58.09
CA GLY B 792 -10.79 49.97 -57.15
C GLY B 792 -10.84 51.42 -57.57
N VAL B 793 -9.92 51.83 -58.45
CA VAL B 793 -9.73 53.24 -58.82
C VAL B 793 -11.04 53.94 -59.24
N ASP B 794 -11.53 54.84 -58.38
CA ASP B 794 -12.82 55.50 -58.59
C ASP B 794 -12.69 57.00 -58.89
N TYR B 795 -11.47 57.50 -59.04
CA TYR B 795 -11.26 58.89 -59.44
C TYR B 795 -9.84 59.09 -59.95
N VAL B 796 -9.67 60.04 -60.87
CA VAL B 796 -8.35 60.56 -61.24
C VAL B 796 -8.49 62.06 -61.48
N TYR B 797 -7.77 62.86 -60.69
CA TYR B 797 -7.91 64.32 -60.74
C TYR B 797 -6.61 65.02 -61.14
N LYS B 798 -6.74 66.23 -61.65
CA LYS B 798 -5.66 67.22 -61.60
C LYS B 798 -6.07 68.25 -60.56
N THR B 799 -5.22 68.47 -59.56
CA THR B 799 -5.57 69.31 -58.42
C THR B 799 -4.49 70.31 -58.05
N ARG B 800 -4.93 71.47 -57.57
CA ARG B 800 -4.06 72.52 -57.04
C ARG B 800 -4.27 72.60 -55.54
N LEU B 801 -3.18 72.52 -54.79
CA LEU B 801 -3.24 72.55 -53.33
C LEU B 801 -3.50 73.98 -52.82
N VAL B 802 -4.75 74.25 -52.44
CA VAL B 802 -5.16 75.60 -52.00
C VAL B 802 -4.57 75.96 -50.64
N LYS B 803 -4.92 75.19 -49.61
CA LYS B 803 -4.49 75.48 -48.25
C LYS B 803 -4.03 74.21 -47.51
N VAL B 804 -2.75 74.19 -47.12
CA VAL B 804 -2.18 73.13 -46.28
C VAL B 804 -2.48 73.43 -44.82
N GLN B 805 -3.09 72.47 -44.12
CA GLN B 805 -3.38 72.59 -42.69
C GLN B 805 -2.91 71.35 -41.93
N LEU B 806 -1.96 71.54 -41.01
CA LEU B 806 -1.31 70.42 -40.32
C LEU B 806 -1.91 70.15 -38.93
N SER B 807 -1.50 69.03 -38.35
CA SER B 807 -1.91 68.61 -37.00
C SER B 807 -1.02 67.46 -36.51
N ASN B 808 -1.29 66.95 -35.31
CA ASN B 808 -0.56 65.77 -34.80
C ASN B 808 -1.23 64.45 -35.20
N ASP B 809 -2.56 64.40 -35.12
CA ASP B 809 -3.30 63.19 -35.52
C ASP B 809 -3.32 62.99 -37.04
N PHE B 810 -3.90 63.95 -37.78
CA PHE B 810 -3.93 63.89 -39.25
C PHE B 810 -3.91 65.27 -39.93
N ASP B 811 -3.13 65.37 -41.00
CA ASP B 811 -2.97 66.60 -41.77
C ASP B 811 -4.12 66.72 -42.76
N GLU B 812 -4.77 67.88 -42.79
CA GLU B 812 -5.89 68.13 -43.71
C GLU B 812 -5.47 68.92 -44.96
N TYR B 813 -5.07 68.20 -46.01
CA TYR B 813 -4.71 68.81 -47.29
C TYR B 813 -5.96 69.14 -48.13
N ILE B 814 -6.24 70.43 -48.33
CA ILE B 814 -7.36 70.86 -49.16
C ILE B 814 -6.92 71.04 -50.61
N MET B 815 -7.57 70.32 -51.52
CA MET B 815 -7.25 70.38 -52.95
C MET B 815 -8.37 71.05 -53.74
N ALA B 816 -7.99 71.92 -54.67
CA ALA B 816 -8.90 72.48 -55.67
C ALA B 816 -8.84 71.57 -56.89
N ILE B 817 -9.98 71.42 -57.57
CA ILE B 817 -10.07 70.53 -58.74
C ILE B 817 -10.01 71.32 -60.05
N GLU B 818 -8.94 71.11 -60.81
CA GLU B 818 -8.73 71.80 -62.09
C GLU B 818 -9.60 71.13 -63.15
N GLN B 819 -9.39 69.82 -63.33
CA GLN B 819 -10.18 69.00 -64.25
C GLN B 819 -10.36 67.60 -63.68
N THR B 820 -11.43 66.96 -64.14
CA THR B 820 -11.81 65.64 -63.65
C THR B 820 -11.52 64.58 -64.70
N ILE B 821 -10.28 64.13 -64.76
CA ILE B 821 -9.83 63.12 -65.72
C ILE B 821 -10.75 61.90 -65.71
N LYS B 822 -11.11 61.44 -64.51
CA LYS B 822 -12.05 60.35 -64.32
C LYS B 822 -12.93 60.65 -63.10
N SER B 823 -14.25 60.57 -63.28
CA SER B 823 -15.21 60.77 -62.19
C SER B 823 -15.72 59.43 -61.69
N GLY B 824 -16.10 59.38 -60.42
CA GLY B 824 -16.59 58.15 -59.79
C GLY B 824 -17.79 58.38 -58.93
N SER B 825 -17.80 57.76 -57.74
CA SER B 825 -18.95 57.88 -56.85
C SER B 825 -19.14 59.32 -56.38
N ASP B 826 -18.03 59.99 -56.07
CA ASP B 826 -18.04 61.40 -55.69
C ASP B 826 -18.22 62.24 -56.95
N GLU B 827 -19.41 62.83 -57.10
CA GLU B 827 -19.77 63.59 -58.29
C GLU B 827 -19.28 65.03 -58.23
N VAL B 828 -17.96 65.20 -58.11
CA VAL B 828 -17.36 66.53 -58.00
C VAL B 828 -17.34 67.26 -59.34
N GLN B 829 -17.68 68.55 -59.31
CA GLN B 829 -17.69 69.41 -60.49
C GLN B 829 -16.47 70.34 -60.45
N VAL B 830 -15.89 70.62 -61.63
CA VAL B 830 -14.65 71.41 -61.74
C VAL B 830 -14.75 72.76 -61.01
N GLY B 831 -13.70 73.12 -60.28
CA GLY B 831 -13.68 74.34 -59.49
C GLY B 831 -13.90 74.08 -58.01
N GLN B 832 -14.72 73.07 -57.70
CA GLN B 832 -15.02 72.69 -56.32
C GLN B 832 -13.78 72.16 -55.60
N GLN B 833 -13.89 72.07 -54.27
CA GLN B 833 -12.76 71.68 -53.42
C GLN B 833 -13.08 70.42 -52.62
N ARG B 834 -12.13 69.50 -52.57
CA ARG B 834 -12.24 68.27 -51.78
C ARG B 834 -11.05 68.14 -50.84
N THR B 835 -11.33 67.69 -49.61
CA THR B 835 -10.32 67.58 -48.57
C THR B 835 -9.64 66.21 -48.60
N PHE B 836 -8.33 66.20 -48.82
CA PHE B 836 -7.54 64.96 -48.70
C PHE B 836 -6.97 64.82 -47.30
N ILE B 837 -6.77 63.59 -46.88
CA ILE B 837 -6.37 63.28 -45.51
C ILE B 837 -5.20 62.32 -45.48
N SER B 838 -4.21 62.63 -44.63
CA SER B 838 -3.01 61.82 -44.50
C SER B 838 -2.54 61.81 -43.04
N PRO B 839 -1.97 60.68 -42.58
CA PRO B 839 -1.42 60.59 -41.22
C PRO B 839 -0.25 61.53 -40.94
N ILE B 840 0.14 61.60 -39.66
CA ILE B 840 1.26 62.43 -39.23
C ILE B 840 2.57 62.04 -39.93
N LYS B 841 2.79 60.75 -40.09
CA LYS B 841 4.10 60.20 -40.48
C LYS B 841 4.35 60.15 -42.00
N CYS B 842 3.36 60.56 -42.78
CA CYS B 842 3.46 60.58 -44.25
C CYS B 842 3.93 61.93 -44.79
N ARG B 843 3.74 62.97 -43.99
CA ARG B 843 4.13 64.34 -44.33
C ARG B 843 5.59 64.46 -44.79
N GLU B 844 6.47 63.66 -44.17
CA GLU B 844 7.90 63.65 -44.47
C GLU B 844 8.16 63.29 -45.93
N ALA B 845 7.50 62.24 -46.42
CA ALA B 845 7.71 61.72 -47.77
C ALA B 845 6.74 62.29 -48.82
N LEU B 846 5.74 63.05 -48.37
CA LEU B 846 4.73 63.61 -49.28
C LEU B 846 5.18 64.93 -49.92
N LYS B 847 5.62 65.88 -49.08
CA LYS B 847 6.10 67.20 -49.52
C LYS B 847 5.02 68.03 -50.24
N LEU B 848 3.77 67.88 -49.82
CA LEU B 848 2.66 68.59 -50.49
C LEU B 848 2.73 70.09 -50.21
N GLU B 849 2.96 70.86 -51.27
CA GLU B 849 3.25 72.29 -51.16
C GLU B 849 2.09 73.11 -51.70
N GLU B 850 1.86 74.29 -51.12
CA GLU B 850 0.72 75.13 -51.49
C GLU B 850 0.85 75.63 -52.93
N LYS B 851 -0.28 75.64 -53.64
CA LYS B 851 -0.37 76.07 -55.05
C LYS B 851 0.54 75.31 -56.05
N LYS B 852 1.03 74.14 -55.64
CA LYS B 852 1.68 73.20 -56.56
C LYS B 852 0.65 72.18 -57.02
N HIS B 853 0.63 71.91 -58.33
CA HIS B 853 -0.39 71.08 -58.94
C HIS B 853 -0.06 69.59 -58.80
N TYR B 854 -1.11 68.77 -58.74
CA TYR B 854 -0.96 67.34 -58.45
C TYR B 854 -1.88 66.43 -59.26
N LEU B 855 -1.35 65.26 -59.64
CA LEU B 855 -2.11 64.18 -60.27
C LEU B 855 -2.40 63.08 -59.26
N MET B 856 -3.67 62.95 -58.85
CA MET B 856 -4.05 62.02 -57.78
C MET B 856 -5.19 61.08 -58.21
N TRP B 857 -5.01 59.79 -57.93
CA TRP B 857 -6.08 58.81 -58.07
C TRP B 857 -6.05 57.82 -56.89
N GLY B 858 -7.21 57.27 -56.56
CA GLY B 858 -7.32 56.35 -55.43
C GLY B 858 -8.61 55.55 -55.45
N LEU B 859 -8.79 54.69 -54.44
CA LEU B 859 -9.88 53.72 -54.42
C LEU B 859 -11.15 54.25 -53.76
N SER B 860 -12.21 53.44 -53.85
CA SER B 860 -13.49 53.71 -53.17
C SER B 860 -13.42 53.42 -51.68
N SER B 861 -12.50 52.54 -51.29
CA SER B 861 -12.22 52.26 -49.88
C SER B 861 -11.49 53.40 -49.15
N ASP B 862 -11.18 54.48 -49.87
CA ASP B 862 -10.51 55.66 -49.29
C ASP B 862 -11.46 56.81 -48.96
N PHE B 863 -12.77 56.60 -49.03
CA PHE B 863 -13.73 57.65 -48.72
C PHE B 863 -14.15 57.62 -47.25
N TRP B 864 -13.65 58.59 -46.49
CA TRP B 864 -14.02 58.71 -45.09
C TRP B 864 -15.04 59.81 -44.97
N GLY B 865 -16.27 59.42 -44.64
CA GLY B 865 -17.33 60.38 -44.42
C GLY B 865 -18.66 59.96 -44.99
N GLU B 866 -19.70 60.66 -44.53
CA GLU B 866 -21.07 60.42 -44.94
C GLU B 866 -21.24 61.19 -46.26
N LYS B 867 -22.14 62.17 -46.30
CA LYS B 867 -22.21 63.15 -47.38
C LYS B 867 -22.92 64.42 -46.86
N PRO B 868 -22.32 65.61 -47.05
CA PRO B 868 -21.02 65.93 -47.67
C PRO B 868 -19.88 66.08 -46.64
N ASN B 869 -19.72 65.08 -45.77
CA ASN B 869 -18.53 64.97 -44.91
C ASN B 869 -17.40 64.24 -45.63
N LEU B 870 -17.36 64.38 -46.96
CA LEU B 870 -16.49 63.58 -47.80
C LEU B 870 -15.04 63.98 -47.63
N SER B 871 -14.21 63.01 -47.28
CA SER B 871 -12.77 63.18 -47.24
C SER B 871 -12.12 62.11 -48.09
N TYR B 872 -10.89 62.38 -48.51
CA TYR B 872 -10.11 61.46 -49.33
C TYR B 872 -8.90 60.96 -48.56
N ILE B 873 -8.82 59.66 -48.31
CA ILE B 873 -7.67 59.09 -47.62
C ILE B 873 -6.55 58.80 -48.62
N ILE B 874 -5.33 59.22 -48.28
CA ILE B 874 -4.15 58.98 -49.10
C ILE B 874 -3.46 57.72 -48.61
N GLY B 875 -4.10 56.58 -48.88
CA GLY B 875 -3.62 55.28 -48.42
C GLY B 875 -2.57 54.65 -49.33
N LYS B 876 -2.28 53.38 -49.07
CA LYS B 876 -1.26 52.62 -49.79
C LYS B 876 -1.56 52.43 -51.30
N ASP B 877 -2.84 52.48 -51.65
CA ASP B 877 -3.28 52.30 -53.03
C ASP B 877 -3.63 53.62 -53.71
N THR B 878 -3.43 54.73 -53.00
CA THR B 878 -3.63 56.06 -53.59
C THR B 878 -2.36 56.51 -54.27
N TRP B 879 -2.50 57.12 -55.44
CA TRP B 879 -1.37 57.59 -56.23
C TRP B 879 -1.42 59.11 -56.24
N VAL B 880 -0.38 59.75 -55.71
CA VAL B 880 -0.22 61.19 -55.80
C VAL B 880 1.14 61.48 -56.43
N GLU B 881 1.20 62.56 -57.21
CA GLU B 881 2.36 62.87 -58.06
C GLU B 881 2.37 64.33 -58.49
N HIS B 882 3.56 64.95 -58.41
CA HIS B 882 3.71 66.38 -58.66
C HIS B 882 3.59 66.77 -60.15
N TRP B 883 2.90 67.88 -60.37
CA TRP B 883 2.66 68.43 -61.72
C TRP B 883 3.25 69.83 -61.82
N PRO B 884 4.44 69.97 -62.46
CA PRO B 884 5.03 71.30 -62.68
C PRO B 884 4.06 72.30 -63.32
N GLU B 885 4.26 73.59 -63.05
CA GLU B 885 3.36 74.64 -63.51
C GLU B 885 3.29 74.71 -65.04
N GLU B 886 2.20 75.27 -65.57
CA GLU B 886 1.99 75.41 -67.02
C GLU B 886 3.17 76.07 -67.76
N ASP B 887 3.71 77.13 -67.14
CA ASP B 887 4.85 77.87 -67.70
C ASP B 887 6.21 77.33 -67.22
N GLU B 888 6.19 76.61 -66.10
CA GLU B 888 7.40 75.96 -65.56
C GLU B 888 7.78 74.70 -66.36
N CYS B 889 6.81 74.14 -67.08
CA CYS B 889 7.04 72.95 -67.92
C CYS B 889 8.11 73.17 -69.00
N GLN B 890 8.15 74.38 -69.54
CA GLN B 890 9.12 74.73 -70.57
C GLN B 890 10.53 74.85 -69.97
N ASP B 891 11.15 73.70 -69.69
CA ASP B 891 12.50 73.70 -69.11
C ASP B 891 13.17 72.33 -69.28
N GLU B 892 14.46 72.36 -69.64
CA GLU B 892 15.24 71.18 -70.04
C GLU B 892 14.74 69.87 -69.41
N GLU B 893 15.07 69.64 -68.13
CA GLU B 893 14.67 68.42 -67.44
C GLU B 893 13.36 68.67 -66.72
N ASN B 894 12.41 67.75 -66.91
CA ASN B 894 10.99 67.88 -66.50
C ASN B 894 10.06 68.12 -67.71
N GLN B 895 10.64 68.27 -68.91
CA GLN B 895 9.89 68.26 -70.16
C GLN B 895 9.41 66.84 -70.45
N LYS B 896 10.26 65.87 -70.11
CA LYS B 896 9.96 64.45 -70.28
C LYS B 896 8.68 64.09 -69.51
N GLN B 897 8.62 64.54 -68.26
CA GLN B 897 7.47 64.29 -67.37
C GLN B 897 6.23 65.05 -67.84
N CYS B 898 6.34 66.38 -67.94
CA CYS B 898 5.20 67.25 -68.29
C CYS B 898 4.41 66.72 -69.48
N GLN B 899 5.12 66.20 -70.47
CA GLN B 899 4.51 65.66 -71.69
C GLN B 899 3.75 64.35 -71.41
N ASP B 900 4.33 63.48 -70.60
CA ASP B 900 3.71 62.19 -70.27
C ASP B 900 2.43 62.32 -69.48
N LEU B 901 2.36 63.33 -68.62
CA LEU B 901 1.13 63.66 -67.89
C LEU B 901 0.03 64.08 -68.88
N GLY B 902 0.33 65.08 -69.71
CA GLY B 902 -0.58 65.52 -70.76
C GLY B 902 -0.91 64.41 -71.75
N ALA B 903 0.08 63.57 -72.03
CA ALA B 903 -0.11 62.38 -72.88
C ALA B 903 -1.02 61.34 -72.22
N PHE B 904 -0.93 61.25 -70.89
CA PHE B 904 -1.73 60.33 -70.08
C PHE B 904 -3.15 60.85 -69.92
N THR B 905 -3.27 62.15 -69.75
CA THR B 905 -4.58 62.80 -69.61
C THR B 905 -5.45 62.65 -70.85
N GLU B 906 -4.86 62.64 -72.04
CA GLU B 906 -5.64 62.53 -73.27
C GLU B 906 -6.06 61.10 -73.56
N SER B 907 -5.18 60.14 -73.25
CA SER B 907 -5.56 58.73 -73.35
C SER B 907 -6.73 58.44 -72.40
N MET B 908 -6.65 58.98 -71.19
CA MET B 908 -7.69 58.75 -70.18
C MET B 908 -8.98 59.50 -70.49
N VAL B 909 -8.86 60.75 -70.95
CA VAL B 909 -10.03 61.56 -71.25
C VAL B 909 -10.76 60.98 -72.46
N VAL B 910 -10.01 60.66 -73.52
CA VAL B 910 -10.59 60.16 -74.76
C VAL B 910 -11.10 58.73 -74.63
N PHE B 911 -10.18 57.79 -74.41
CA PHE B 911 -10.52 56.36 -74.44
C PHE B 911 -10.98 55.85 -73.08
N GLY B 912 -10.51 56.47 -72.00
CA GLY B 912 -10.81 56.00 -70.66
C GLY B 912 -10.16 54.65 -70.43
N CYS B 913 -10.63 53.94 -69.40
CA CYS B 913 -10.07 52.62 -69.10
C CYS B 913 -10.75 51.54 -69.94
N PRO B 914 -10.01 50.48 -70.28
CA PRO B 914 -10.65 49.33 -70.92
C PRO B 914 -11.45 48.46 -69.94
N ASN B 915 -11.34 48.76 -68.64
CA ASN B 915 -11.92 47.95 -67.57
C ASN B 915 -11.55 46.47 -67.69
N SER C 1 -34.90 -18.91 55.03
CA SER C 1 -33.94 -19.35 56.08
C SER C 1 -32.51 -19.35 55.53
N PRO C 2 -31.54 -18.78 56.28
CA PRO C 2 -30.18 -18.62 55.75
C PRO C 2 -29.56 -19.87 55.10
N MET C 3 -29.23 -19.75 53.82
CA MET C 3 -28.53 -20.81 53.08
C MET C 3 -27.03 -20.48 52.96
N TYR C 4 -26.20 -21.51 53.08
CA TYR C 4 -24.75 -21.34 53.02
C TYR C 4 -24.15 -22.11 51.85
N SER C 5 -23.58 -21.38 50.91
CA SER C 5 -22.99 -21.97 49.70
C SER C 5 -21.48 -21.79 49.69
N ILE C 6 -20.79 -22.77 49.12
CA ILE C 6 -19.35 -22.63 48.85
C ILE C 6 -19.00 -23.11 47.45
N ILE C 7 -18.16 -22.32 46.77
CA ILE C 7 -17.63 -22.69 45.46
C ILE C 7 -16.12 -22.89 45.54
N THR C 8 -15.65 -23.99 44.97
CA THR C 8 -14.23 -24.24 44.77
C THR C 8 -14.08 -24.85 43.38
N PRO C 9 -12.84 -24.87 42.85
CA PRO C 9 -12.61 -25.58 41.60
C PRO C 9 -12.89 -27.08 41.72
N ASN C 10 -13.39 -27.68 40.64
CA ASN C 10 -13.53 -29.13 40.49
C ASN C 10 -12.28 -29.93 40.88
N ILE C 11 -11.14 -29.50 40.37
CA ILE C 11 -9.85 -30.15 40.62
C ILE C 11 -8.91 -29.15 41.28
N LEU C 12 -8.52 -29.41 42.53
CA LEU C 12 -7.53 -28.57 43.21
C LEU C 12 -6.12 -29.02 42.83
N ARG C 13 -5.16 -28.14 43.04
CA ARG C 13 -3.78 -28.42 42.68
C ARG C 13 -2.88 -28.33 43.91
N LEU C 14 -1.75 -29.04 43.84
CA LEU C 14 -0.76 -29.02 44.92
C LEU C 14 0.05 -27.73 44.93
N GLU C 15 0.55 -27.38 46.12
CA GLU C 15 1.54 -26.30 46.31
C GLU C 15 1.22 -25.05 45.50
N SER C 16 -0.06 -24.66 45.49
CA SER C 16 -0.52 -23.49 44.74
C SER C 16 -1.82 -22.98 45.33
N GLU C 17 -1.85 -21.71 45.70
CA GLU C 17 -3.02 -21.09 46.31
C GLU C 17 -4.25 -21.26 45.45
N GLU C 18 -5.28 -21.88 46.02
CA GLU C 18 -6.61 -21.94 45.41
C GLU C 18 -7.51 -20.99 46.19
N THR C 19 -8.75 -20.82 45.74
CA THR C 19 -9.71 -19.98 46.46
C THR C 19 -11.04 -20.69 46.68
N MET C 20 -11.66 -20.41 47.82
CA MET C 20 -12.99 -20.91 48.15
C MET C 20 -13.91 -19.73 48.38
N VAL C 21 -14.91 -19.58 47.52
CA VAL C 21 -15.91 -18.52 47.64
C VAL C 21 -17.04 -18.97 48.57
N LEU C 22 -17.27 -18.17 49.62
CA LEU C 22 -18.28 -18.47 50.64
C LEU C 22 -19.38 -17.40 50.60
N GLU C 23 -20.63 -17.87 50.61
CA GLU C 23 -21.76 -16.96 50.63
C GLU C 23 -22.80 -17.41 51.63
N ALA C 24 -23.30 -16.47 52.43
CA ALA C 24 -24.43 -16.69 53.31
C ALA C 24 -25.64 -15.95 52.75
N HIS C 25 -26.47 -16.66 51.99
CA HIS C 25 -27.68 -16.08 51.41
C HIS C 25 -28.77 -15.99 52.47
N ASP C 26 -29.58 -14.93 52.43
CA ASP C 26 -30.68 -14.72 53.39
C ASP C 26 -30.26 -14.76 54.87
N ALA C 27 -29.13 -14.13 55.19
CA ALA C 27 -28.59 -14.17 56.54
C ALA C 27 -28.57 -12.78 57.17
N GLN C 28 -29.00 -12.70 58.42
CA GLN C 28 -29.03 -11.44 59.17
C GLN C 28 -27.78 -11.34 60.04
N GLY C 29 -26.96 -10.33 59.78
CA GLY C 29 -25.81 -10.02 60.63
C GLY C 29 -24.61 -10.93 60.43
N ASP C 30 -23.54 -10.66 61.19
CA ASP C 30 -22.27 -11.36 61.04
C ASP C 30 -22.42 -12.87 61.23
N VAL C 31 -21.66 -13.63 60.43
CA VAL C 31 -21.66 -15.10 60.49
C VAL C 31 -20.24 -15.62 60.27
N PRO C 32 -19.62 -16.22 61.31
CA PRO C 32 -18.23 -16.70 61.19
C PRO C 32 -18.12 -18.02 60.42
N VAL C 33 -17.02 -18.15 59.67
CA VAL C 33 -16.74 -19.36 58.90
C VAL C 33 -15.30 -19.80 59.14
N THR C 34 -15.10 -21.11 59.25
CA THR C 34 -13.77 -21.68 59.36
C THR C 34 -13.63 -22.77 58.30
N VAL C 35 -12.90 -22.44 57.25
CA VAL C 35 -12.68 -23.36 56.15
C VAL C 35 -11.55 -24.31 56.54
N THR C 36 -11.67 -25.57 56.12
CA THR C 36 -10.74 -26.62 56.53
C THR C 36 -10.67 -27.72 55.47
N VAL C 37 -9.45 -28.19 55.20
CA VAL C 37 -9.21 -29.28 54.24
C VAL C 37 -8.61 -30.49 54.95
N HIS C 38 -9.08 -31.69 54.59
CA HIS C 38 -8.50 -32.96 55.08
C HIS C 38 -8.30 -33.93 53.92
N ASP C 39 -7.42 -34.92 54.10
CA ASP C 39 -7.27 -35.98 53.10
C ASP C 39 -8.45 -36.96 53.20
N PHE C 40 -8.73 -37.69 52.12
CA PHE C 40 -9.96 -38.47 52.03
C PHE C 40 -9.81 -39.98 51.91
N PRO C 41 -9.26 -40.60 52.94
CA PRO C 41 -9.99 -41.72 53.50
C PRO C 41 -10.48 -41.21 54.86
N GLY C 42 -9.62 -41.27 55.88
CA GLY C 42 -9.90 -40.69 57.20
C GLY C 42 -9.26 -39.32 57.37
N LYS C 43 -9.82 -38.54 58.28
CA LYS C 43 -9.54 -37.11 58.37
C LYS C 43 -8.27 -36.74 59.16
N LYS C 44 -7.34 -36.09 58.47
CA LYS C 44 -6.16 -35.50 59.09
C LYS C 44 -5.94 -34.11 58.46
N LEU C 45 -5.97 -33.08 59.30
CA LEU C 45 -5.89 -31.68 58.85
C LEU C 45 -4.69 -31.41 57.92
N VAL C 46 -4.97 -30.84 56.74
CA VAL C 46 -3.90 -30.44 55.79
C VAL C 46 -3.79 -28.91 55.70
N LEU C 47 -4.93 -28.22 55.81
CA LEU C 47 -4.92 -26.78 56.09
C LEU C 47 -6.25 -26.38 56.75
N SER C 48 -6.30 -26.59 58.06
CA SER C 48 -7.48 -26.24 58.88
C SER C 48 -7.51 -24.75 59.21
N SER C 49 -6.40 -24.06 58.98
CA SER C 49 -6.31 -22.63 59.20
C SER C 49 -7.23 -21.89 58.24
N GLU C 50 -7.14 -20.56 58.25
CA GLU C 50 -7.98 -19.70 57.43
C GLU C 50 -9.42 -19.72 57.95
N LYS C 51 -9.79 -18.64 58.61
CA LYS C 51 -11.16 -18.38 59.03
C LYS C 51 -11.51 -16.93 58.68
N THR C 52 -12.78 -16.66 58.45
CA THR C 52 -13.23 -15.31 58.15
C THR C 52 -14.68 -15.13 58.60
N VAL C 53 -15.14 -13.88 58.56
CA VAL C 53 -16.51 -13.55 58.93
C VAL C 53 -17.20 -12.85 57.76
N LEU C 54 -18.42 -13.29 57.46
CA LEU C 54 -19.20 -12.74 56.35
C LEU C 54 -20.16 -11.67 56.87
N THR C 55 -19.69 -10.43 56.93
CA THR C 55 -20.49 -9.34 57.46
C THR C 55 -21.45 -8.80 56.40
N PRO C 56 -22.57 -8.18 56.83
CA PRO C 56 -23.50 -7.54 55.88
C PRO C 56 -22.90 -6.35 55.11
N ALA C 57 -21.78 -5.81 55.58
CA ALA C 57 -21.10 -4.70 54.88
C ALA C 57 -20.42 -5.14 53.58
N THR C 58 -20.27 -6.46 53.39
CA THR C 58 -19.83 -7.05 52.12
C THR C 58 -20.96 -7.94 51.61
N ASN C 59 -22.18 -7.42 51.66
CA ASN C 59 -23.42 -8.22 51.76
C ASN C 59 -23.23 -9.75 51.70
N HIS C 60 -22.65 -10.28 52.78
CA HIS C 60 -22.54 -11.72 53.02
C HIS C 60 -21.81 -12.51 51.94
N MET C 61 -20.79 -11.90 51.36
CA MET C 61 -19.87 -12.61 50.48
C MET C 61 -18.44 -12.43 50.99
N GLY C 62 -17.60 -13.41 50.69
CA GLY C 62 -16.19 -13.39 51.08
C GLY C 62 -15.45 -14.58 50.53
N ASN C 63 -14.12 -14.47 50.45
CA ASN C 63 -13.29 -15.57 49.98
C ASN C 63 -12.27 -15.99 51.05
N VAL C 64 -11.68 -17.16 50.83
CA VAL C 64 -10.65 -17.70 51.69
C VAL C 64 -9.70 -18.51 50.83
N THR C 65 -8.44 -18.09 50.77
CA THR C 65 -7.44 -18.77 49.94
C THR C 65 -6.61 -19.71 50.80
N PHE C 66 -6.13 -20.78 50.17
CA PHE C 66 -5.38 -21.81 50.87
C PHE C 66 -4.47 -22.57 49.91
N THR C 67 -3.53 -23.33 50.49
CA THR C 67 -2.60 -24.18 49.73
C THR C 67 -2.60 -25.60 50.27
N ILE C 68 -3.00 -26.55 49.44
CA ILE C 68 -2.89 -27.97 49.78
C ILE C 68 -1.43 -28.39 49.64
N PRO C 69 -0.73 -28.65 50.77
CA PRO C 69 0.70 -28.95 50.65
C PRO C 69 0.99 -30.41 50.32
N ALA C 70 2.13 -30.66 49.67
CA ALA C 70 2.60 -32.01 49.39
C ALA C 70 3.13 -32.66 50.67
N ASN C 71 2.32 -33.52 51.27
CA ASN C 71 2.59 -34.09 52.60
C ASN C 71 3.10 -35.53 52.51
N ARG C 72 3.23 -36.17 53.68
CA ARG C 72 3.56 -37.60 53.77
C ARG C 72 2.55 -38.48 53.05
N GLU C 73 1.27 -38.12 53.17
CA GLU C 73 0.19 -38.94 52.62
C GLU C 73 0.06 -38.76 51.09
N PHE C 74 0.44 -37.59 50.60
CA PHE C 74 0.32 -37.26 49.17
C PHE C 74 1.54 -37.61 48.33
N LYS C 75 2.60 -38.11 48.96
CA LYS C 75 3.78 -38.62 48.26
C LYS C 75 3.77 -40.14 48.25
N SER C 76 2.65 -40.73 47.83
CA SER C 76 2.47 -42.18 47.93
C SER C 76 1.27 -42.75 47.14
N GLU C 77 0.07 -42.27 47.47
CA GLU C 77 -1.19 -42.89 47.02
C GLU C 77 -1.50 -42.58 45.54
N LYS C 78 -0.61 -43.01 44.64
CA LYS C 78 -0.61 -42.58 43.24
C LYS C 78 -0.96 -43.70 42.28
N GLY C 79 -1.76 -43.38 41.26
CA GLY C 79 -2.24 -44.36 40.29
C GLY C 79 -3.75 -44.35 40.17
N ARG C 80 -4.43 -44.23 41.32
CA ARG C 80 -5.90 -44.21 41.37
C ARG C 80 -6.44 -42.85 41.85
N ASN C 81 -5.68 -41.78 41.64
CA ASN C 81 -6.05 -40.43 42.11
C ASN C 81 -6.20 -40.32 43.62
N LYS C 82 -6.07 -39.10 44.13
CA LYS C 82 -6.29 -38.80 45.54
C LYS C 82 -7.39 -37.75 45.65
N PHE C 83 -8.06 -37.73 46.80
CA PHE C 83 -9.11 -36.74 47.07
C PHE C 83 -8.90 -36.02 48.39
N VAL C 84 -9.69 -34.99 48.61
CA VAL C 84 -9.70 -34.25 49.86
C VAL C 84 -11.12 -33.78 50.15
N THR C 85 -11.48 -33.72 51.44
CA THR C 85 -12.74 -33.10 51.84
C THR C 85 -12.50 -31.64 52.20
N VAL C 86 -13.13 -30.74 51.44
CA VAL C 86 -13.15 -29.34 51.79
C VAL C 86 -14.38 -29.13 52.66
N GLN C 87 -14.23 -28.37 53.73
CA GLN C 87 -15.29 -28.23 54.73
C GLN C 87 -15.35 -26.83 55.29
N ALA C 88 -16.49 -26.18 55.11
CA ALA C 88 -16.73 -24.86 55.70
C ALA C 88 -17.71 -25.01 56.86
N THR C 89 -17.39 -24.42 58.01
CA THR C 89 -18.33 -24.39 59.15
C THR C 89 -18.86 -22.99 59.34
N PHE C 90 -20.06 -22.75 58.80
CA PHE C 90 -20.74 -21.46 58.95
C PHE C 90 -21.34 -21.34 60.35
N GLY C 91 -20.50 -20.89 61.29
CA GLY C 91 -20.86 -20.77 62.70
C GLY C 91 -21.10 -22.14 63.31
N THR C 92 -22.35 -22.58 63.22
CA THR C 92 -22.78 -23.89 63.73
C THR C 92 -23.01 -24.89 62.57
N GLN C 93 -23.60 -24.39 61.48
CA GLN C 93 -23.89 -25.20 60.28
C GLN C 93 -22.61 -25.57 59.52
N VAL C 94 -22.60 -26.76 58.91
CA VAL C 94 -21.43 -27.28 58.21
C VAL C 94 -21.75 -27.77 56.78
N VAL C 95 -21.12 -27.14 55.80
CA VAL C 95 -21.19 -27.58 54.39
C VAL C 95 -19.86 -28.24 54.05
N GLU C 96 -19.89 -29.30 53.25
CA GLU C 96 -18.65 -29.92 52.79
C GLU C 96 -18.79 -30.68 51.47
N LYS C 97 -17.67 -30.75 50.76
CA LYS C 97 -17.57 -31.48 49.50
C LYS C 97 -16.25 -32.26 49.48
N VAL C 98 -16.28 -33.43 48.85
CA VAL C 98 -15.08 -34.22 48.59
C VAL C 98 -14.61 -33.86 47.18
N VAL C 99 -13.38 -33.37 47.07
CA VAL C 99 -12.85 -32.82 45.81
C VAL C 99 -11.63 -33.60 45.32
N LEU C 100 -11.62 -33.91 44.01
CA LEU C 100 -10.47 -34.54 43.34
C LEU C 100 -9.28 -33.61 43.35
N VAL C 101 -8.08 -34.18 43.32
CA VAL C 101 -6.84 -33.41 43.29
C VAL C 101 -5.87 -33.90 42.21
N SER C 102 -5.25 -32.96 41.51
CA SER C 102 -4.20 -33.30 40.54
C SER C 102 -2.86 -33.14 41.22
N LEU C 103 -1.91 -33.97 40.82
CA LEU C 103 -0.57 -33.92 41.40
C LEU C 103 0.38 -33.05 40.56
N GLN C 104 -0.14 -31.94 40.04
CA GLN C 104 0.67 -30.95 39.34
C GLN C 104 1.18 -29.94 40.37
N SER C 105 2.46 -29.59 40.28
CA SER C 105 3.01 -28.47 41.07
C SER C 105 2.85 -27.18 40.27
N GLY C 106 3.15 -27.26 38.97
CA GLY C 106 3.08 -26.12 38.05
C GLY C 106 3.43 -26.55 36.65
N TYR C 107 4.31 -25.78 35.99
CA TYR C 107 4.80 -26.14 34.65
C TYR C 107 6.32 -26.01 34.54
N LEU C 108 6.92 -26.90 33.75
CA LEU C 108 8.33 -26.81 33.40
C LEU C 108 8.48 -26.75 31.88
N PHE C 109 9.21 -25.75 31.41
CA PHE C 109 9.50 -25.62 29.98
C PHE C 109 11.01 -25.75 29.74
N ILE C 110 11.37 -26.43 28.66
CA ILE C 110 12.76 -26.78 28.37
C ILE C 110 13.25 -26.21 27.03
N GLN C 111 14.08 -25.18 27.08
CA GLN C 111 14.76 -24.63 25.90
C GLN C 111 16.12 -25.28 25.73
N THR C 112 16.51 -25.51 24.48
CA THR C 112 17.89 -25.91 24.16
C THR C 112 18.46 -25.00 23.08
N ASP C 113 19.72 -24.58 23.22
CA ASP C 113 20.29 -23.57 22.31
C ASP C 113 19.98 -23.85 20.84
N LYS C 114 20.11 -25.11 20.42
CA LYS C 114 19.82 -25.49 19.04
C LYS C 114 18.77 -26.61 18.99
N THR C 115 18.43 -27.01 17.77
CA THR C 115 17.47 -28.07 17.53
C THR C 115 18.14 -29.40 17.18
N ILE C 116 19.42 -29.35 16.83
CA ILE C 116 20.18 -30.52 16.36
C ILE C 116 21.65 -30.36 16.77
N TYR C 117 22.34 -31.46 17.05
CA TYR C 117 23.73 -31.41 17.52
C TYR C 117 24.60 -32.48 16.90
N THR C 118 25.88 -32.18 16.74
CA THR C 118 26.85 -33.14 16.24
C THR C 118 27.53 -33.84 17.41
N PRO C 119 27.87 -35.13 17.25
CA PRO C 119 28.67 -35.84 18.22
C PRO C 119 29.90 -35.04 18.62
N GLY C 120 30.11 -34.86 19.92
CA GLY C 120 31.26 -34.10 20.41
C GLY C 120 30.89 -32.73 20.95
N SER C 121 29.93 -32.07 20.32
CA SER C 121 29.54 -30.73 20.75
C SER C 121 28.74 -30.75 22.07
N THR C 122 28.81 -29.63 22.79
CA THR C 122 28.05 -29.43 24.03
C THR C 122 26.62 -28.98 23.76
N VAL C 123 25.66 -29.58 24.47
CA VAL C 123 24.27 -29.15 24.40
C VAL C 123 23.99 -28.20 25.54
N LEU C 124 23.51 -27.00 25.24
CA LEU C 124 23.06 -26.05 26.26
C LEU C 124 21.55 -26.10 26.40
N TYR C 125 21.07 -25.99 27.64
CA TYR C 125 19.63 -25.94 27.89
C TYR C 125 19.28 -25.19 29.16
N ARG C 126 18.13 -24.52 29.13
CA ARG C 126 17.56 -23.86 30.29
C ARG C 126 16.25 -24.53 30.66
N ILE C 127 15.97 -24.63 31.95
CA ILE C 127 14.66 -25.08 32.42
C ILE C 127 14.01 -23.95 33.19
N PHE C 128 12.83 -23.54 32.73
CA PHE C 128 12.07 -22.47 33.39
C PHE C 128 11.08 -23.08 34.38
N THR C 129 11.12 -22.61 35.63
CA THR C 129 10.29 -23.17 36.70
C THR C 129 9.21 -22.20 37.16
N VAL C 130 7.97 -22.47 36.74
CA VAL C 130 6.85 -21.60 37.03
C VAL C 130 5.65 -22.38 37.55
N ASN C 131 4.75 -21.67 38.25
CA ASN C 131 3.54 -22.29 38.79
C ASN C 131 2.40 -22.23 37.77
N HIS C 132 1.19 -22.56 38.21
CA HIS C 132 0.01 -22.61 37.33
C HIS C 132 -0.52 -21.25 36.92
N LYS C 133 -0.01 -20.20 37.55
CA LYS C 133 -0.26 -18.82 37.14
C LYS C 133 0.86 -18.30 36.24
N LEU C 134 1.73 -19.20 35.79
CA LEU C 134 2.92 -18.88 34.98
C LEU C 134 3.95 -17.95 35.65
N LEU C 135 3.85 -17.77 36.96
CA LEU C 135 4.86 -17.00 37.69
C LEU C 135 5.96 -17.90 38.20
N PRO C 136 7.15 -17.34 38.44
CA PRO C 136 8.30 -18.18 38.76
C PRO C 136 8.21 -18.69 40.17
N VAL C 137 8.86 -19.83 40.41
CA VAL C 137 8.82 -20.45 41.71
C VAL C 137 10.17 -21.11 42.00
N GLY C 138 10.54 -21.15 43.27
CA GLY C 138 11.76 -21.82 43.72
C GLY C 138 11.48 -23.22 44.26
N ARG C 139 11.60 -24.22 43.40
CA ARG C 139 11.40 -25.61 43.79
C ARG C 139 12.58 -26.48 43.36
N THR C 140 12.54 -27.75 43.77
CA THR C 140 13.54 -28.74 43.37
C THR C 140 13.02 -29.56 42.18
N VAL C 141 13.81 -29.62 41.12
CA VAL C 141 13.43 -30.32 39.88
C VAL C 141 14.35 -31.50 39.62
N MET C 142 13.83 -32.54 38.96
CA MET C 142 14.65 -33.64 38.45
C MET C 142 14.80 -33.49 36.95
N VAL C 143 16.03 -33.61 36.47
CA VAL C 143 16.36 -33.45 35.05
C VAL C 143 17.11 -34.69 34.57
N ASN C 144 16.66 -35.30 33.49
CA ASN C 144 17.28 -36.52 32.94
C ASN C 144 17.42 -36.48 31.43
N ILE C 145 18.65 -36.43 30.94
CA ILE C 145 18.91 -36.59 29.50
C ILE C 145 18.78 -38.07 29.15
N GLU C 146 18.13 -38.37 28.05
CA GLU C 146 17.79 -39.74 27.71
C GLU C 146 18.06 -40.03 26.24
N ASN C 147 18.78 -41.12 25.97
CA ASN C 147 19.16 -41.48 24.59
C ASN C 147 17.96 -42.08 23.82
N PRO C 148 18.14 -42.40 22.52
CA PRO C 148 17.01 -42.85 21.70
C PRO C 148 16.31 -44.11 22.22
N GLU C 149 17.07 -45.17 22.43
CA GLU C 149 16.49 -46.43 22.93
C GLU C 149 15.73 -46.21 24.24
N GLY C 150 16.15 -45.20 25.00
CA GLY C 150 15.34 -44.69 26.12
C GLY C 150 15.94 -44.87 27.50
N ILE C 151 17.26 -44.80 27.60
CA ILE C 151 17.96 -44.94 28.88
C ILE C 151 18.51 -43.59 29.33
N PRO C 152 18.16 -43.15 30.55
CA PRO C 152 18.78 -41.93 31.08
C PRO C 152 20.28 -42.09 31.34
N VAL C 153 21.09 -41.48 30.48
CA VAL C 153 22.54 -41.56 30.58
C VAL C 153 23.11 -40.52 31.57
N LYS C 154 22.46 -39.36 31.66
CA LYS C 154 22.82 -38.34 32.66
C LYS C 154 21.61 -37.94 33.47
N GLN C 155 21.81 -37.85 34.79
CA GLN C 155 20.78 -37.42 35.72
C GLN C 155 21.17 -36.08 36.36
N ASP C 156 20.26 -35.56 37.18
CA ASP C 156 20.49 -34.34 37.96
C ASP C 156 19.29 -34.03 38.85
N SER C 157 19.51 -33.11 39.79
CA SER C 157 18.47 -32.65 40.69
C SER C 157 18.88 -31.30 41.25
N LEU C 158 18.26 -30.24 40.74
CA LEU C 158 18.66 -28.88 41.07
C LEU C 158 17.57 -28.15 41.86
N SER C 159 17.91 -26.95 42.31
CA SER C 159 16.96 -26.05 42.96
C SER C 159 16.94 -24.71 42.23
N SER C 160 15.76 -24.18 41.99
CA SER C 160 15.62 -22.87 41.35
C SER C 160 15.39 -21.79 42.40
N GLN C 161 15.99 -21.97 43.57
CA GLN C 161 15.84 -21.01 44.67
C GLN C 161 16.68 -19.77 44.36
N ASN C 162 16.14 -18.60 44.71
CA ASN C 162 16.78 -17.30 44.42
C ASN C 162 17.15 -17.09 42.94
N GLN C 163 16.53 -17.85 42.04
CA GLN C 163 17.04 -17.99 40.68
C GLN C 163 16.19 -17.28 39.63
N LEU C 164 15.25 -16.45 40.09
CA LEU C 164 14.26 -15.83 39.21
C LEU C 164 13.67 -16.85 38.23
N GLY C 165 13.58 -18.11 38.66
CA GLY C 165 12.95 -19.18 37.89
C GLY C 165 13.65 -19.66 36.61
N VAL C 166 14.97 -19.61 36.59
CA VAL C 166 15.73 -20.11 35.43
C VAL C 166 16.88 -21.02 35.86
N LEU C 167 16.84 -22.27 35.41
CA LEU C 167 17.88 -23.25 35.73
C LEU C 167 18.73 -23.53 34.49
N PRO C 168 19.84 -22.80 34.34
CA PRO C 168 20.78 -23.13 33.27
C PRO C 168 21.54 -24.42 33.54
N LEU C 169 21.75 -25.20 32.49
CA LEU C 169 22.43 -26.49 32.57
C LEU C 169 23.11 -26.77 31.23
N SER C 170 23.91 -27.82 31.19
CA SER C 170 24.58 -28.22 29.96
C SER C 170 25.09 -29.65 30.04
N TRP C 171 25.39 -30.23 28.89
CA TRP C 171 25.87 -31.60 28.82
C TRP C 171 26.64 -31.85 27.53
N ASP C 172 27.82 -32.43 27.65
CA ASP C 172 28.66 -32.72 26.49
C ASP C 172 28.22 -34.05 25.87
N ILE C 173 27.93 -34.04 24.59
CA ILE C 173 27.69 -35.27 23.85
C ILE C 173 29.04 -35.90 23.59
N PRO C 174 29.24 -37.16 24.06
CA PRO C 174 30.49 -37.84 23.72
C PRO C 174 30.61 -38.13 22.22
N GLU C 175 31.84 -38.23 21.75
CA GLU C 175 32.14 -38.43 20.33
C GLU C 175 31.62 -39.78 19.81
N LEU C 176 31.72 -40.81 20.64
CA LEU C 176 31.11 -42.10 20.32
C LEU C 176 29.75 -42.16 20.98
N VAL C 177 28.70 -42.13 20.16
CA VAL C 177 27.34 -42.19 20.68
C VAL C 177 26.34 -42.55 19.57
N ASN C 178 25.15 -43.00 19.96
CA ASN C 178 24.10 -43.38 19.00
C ASN C 178 23.44 -42.16 18.35
N MET C 179 23.44 -42.15 17.01
CA MET C 179 22.74 -41.12 16.24
C MET C 179 21.22 -41.34 16.34
N GLY C 180 20.48 -40.27 16.63
CA GLY C 180 19.02 -40.35 16.71
C GLY C 180 18.35 -39.23 17.48
N GLN C 181 17.13 -39.48 17.95
CA GLN C 181 16.33 -38.47 18.66
C GLN C 181 16.46 -38.60 20.17
N TRP C 182 17.17 -37.66 20.78
CA TRP C 182 17.38 -37.66 22.23
C TRP C 182 16.33 -36.82 22.92
N LYS C 183 16.09 -37.10 24.19
CA LYS C 183 15.08 -36.40 24.96
C LYS C 183 15.68 -35.77 26.20
N ILE C 184 15.04 -34.72 26.69
CA ILE C 184 15.40 -34.09 27.95
C ILE C 184 14.16 -33.99 28.82
N ARG C 185 13.89 -35.06 29.56
CA ARG C 185 12.70 -35.14 30.39
C ARG C 185 12.96 -34.57 31.78
N ALA C 186 12.08 -33.68 32.21
CA ALA C 186 12.19 -33.09 33.54
C ALA C 186 10.86 -33.19 34.28
N TYR C 187 10.93 -33.17 35.61
CA TYR C 187 9.75 -33.16 36.46
C TYR C 187 10.06 -32.57 37.82
N TYR C 188 9.07 -31.89 38.41
CA TYR C 188 9.22 -31.37 39.77
C TYR C 188 9.43 -32.52 40.75
N GLU C 189 10.33 -32.34 41.71
CA GLU C 189 10.62 -33.37 42.71
C GLU C 189 9.35 -33.88 43.38
N ASN C 190 8.41 -32.97 43.62
CA ASN C 190 7.17 -33.28 44.31
C ASN C 190 6.05 -33.78 43.38
N SER C 191 6.33 -33.88 42.08
CA SER C 191 5.36 -34.39 41.11
C SER C 191 6.04 -35.30 40.08
N PRO C 192 6.54 -36.46 40.52
CA PRO C 192 7.16 -37.46 39.63
C PRO C 192 6.33 -37.88 38.42
N GLN C 193 5.01 -37.85 38.53
CA GLN C 193 4.11 -38.35 37.48
C GLN C 193 3.75 -37.32 36.40
N GLN C 194 4.16 -36.07 36.58
CA GLN C 194 4.04 -35.06 35.52
C GLN C 194 5.43 -34.70 34.97
N VAL C 195 5.71 -35.19 33.77
CA VAL C 195 7.04 -35.08 33.14
C VAL C 195 6.99 -34.29 31.82
N PHE C 196 7.67 -33.14 31.82
CA PHE C 196 7.78 -32.28 30.63
C PHE C 196 9.07 -32.61 29.87
N SER C 197 9.00 -32.64 28.54
CA SER C 197 10.11 -33.16 27.71
C SER C 197 10.39 -32.32 26.45
N THR C 198 11.64 -32.32 26.00
CA THR C 198 12.02 -31.75 24.70
C THR C 198 12.95 -32.68 23.95
N GLU C 199 12.66 -32.89 22.67
CA GLU C 199 13.54 -33.70 21.82
C GLU C 199 14.64 -32.85 21.18
N PHE C 200 15.79 -33.48 20.93
CA PHE C 200 16.83 -32.90 20.09
C PHE C 200 17.60 -34.00 19.34
N GLU C 201 17.88 -33.73 18.07
CA GLU C 201 18.50 -34.71 17.18
C GLU C 201 20.02 -34.70 17.31
N VAL C 202 20.64 -35.88 17.24
CA VAL C 202 22.08 -35.99 17.10
C VAL C 202 22.40 -36.68 15.79
N LYS C 203 23.29 -36.07 15.03
CA LYS C 203 23.54 -36.45 13.65
C LYS C 203 24.81 -35.77 13.19
N GLU C 204 25.53 -36.43 12.28
CA GLU C 204 26.75 -35.87 11.71
C GLU C 204 26.35 -35.00 10.52
N TYR C 205 26.74 -33.73 10.54
CA TYR C 205 26.36 -32.79 9.48
C TYR C 205 27.30 -31.59 9.39
N VAL C 206 27.11 -30.82 8.32
CA VAL C 206 27.66 -29.49 8.19
C VAL C 206 26.47 -28.59 7.86
N LEU C 207 26.56 -27.30 8.18
CA LEU C 207 25.48 -26.36 7.86
C LEU C 207 25.45 -26.07 6.36
N PRO C 208 24.24 -26.05 5.75
CA PRO C 208 24.16 -25.70 4.33
C PRO C 208 24.37 -24.20 4.10
N SER C 209 24.60 -23.79 2.86
CA SER C 209 24.78 -22.37 2.54
C SER C 209 23.45 -21.67 2.23
N PHE C 210 22.42 -22.48 1.95
CA PHE C 210 21.10 -21.97 1.58
C PHE C 210 19.97 -22.81 2.15
N GLU C 211 18.75 -22.28 2.05
CA GLU C 211 17.56 -22.99 2.49
C GLU C 211 16.63 -23.20 1.31
N VAL C 212 15.77 -24.19 1.41
CA VAL C 212 14.84 -24.57 0.35
C VAL C 212 13.45 -24.69 0.94
N ILE C 213 12.46 -24.16 0.21
CA ILE C 213 11.09 -24.09 0.69
C ILE C 213 10.14 -24.69 -0.33
N VAL C 214 9.37 -25.69 0.09
CA VAL C 214 8.40 -26.38 -0.78
C VAL C 214 6.96 -26.08 -0.35
N GLU C 215 6.24 -25.31 -1.17
CA GLU C 215 4.88 -24.88 -0.86
C GLU C 215 3.95 -25.09 -2.06
N PRO C 216 2.84 -25.81 -1.85
CA PRO C 216 1.87 -26.05 -2.92
C PRO C 216 0.94 -24.86 -3.13
N THR C 217 0.35 -24.77 -4.33
CA THR C 217 -0.47 -23.61 -4.70
C THR C 217 -1.73 -23.47 -3.84
N GLU C 218 -2.30 -24.60 -3.41
CA GLU C 218 -3.40 -24.61 -2.42
C GLU C 218 -2.99 -25.50 -1.24
N LYS C 219 -3.52 -25.20 -0.06
CA LYS C 219 -3.15 -25.95 1.15
C LYS C 219 -3.90 -27.28 1.30
N PHE C 220 -4.22 -27.91 0.16
CA PHE C 220 -4.95 -29.18 0.08
C PHE C 220 -4.93 -29.67 -1.37
N TYR C 221 -5.57 -30.81 -1.63
CA TYR C 221 -5.76 -31.30 -3.00
C TYR C 221 -7.16 -31.90 -3.23
N TYR C 222 -7.95 -31.22 -4.06
CA TYR C 222 -9.30 -31.64 -4.39
C TYR C 222 -9.29 -32.79 -5.38
N ILE C 223 -9.75 -33.96 -4.95
CA ILE C 223 -9.66 -35.20 -5.76
C ILE C 223 -10.19 -35.10 -7.19
N TYR C 224 -11.20 -34.26 -7.42
CA TYR C 224 -11.73 -34.12 -8.79
C TYR C 224 -11.11 -32.92 -9.52
N ASN C 225 -9.81 -32.68 -9.26
CA ASN C 225 -9.08 -31.57 -9.88
C ASN C 225 -8.14 -32.07 -10.97
N GLU C 226 -8.47 -31.72 -12.22
CA GLU C 226 -7.71 -32.18 -13.37
C GLU C 226 -6.31 -31.59 -13.42
N LYS C 227 -6.14 -30.37 -12.92
CA LYS C 227 -4.84 -29.70 -12.90
C LYS C 227 -3.76 -30.47 -12.12
N GLY C 228 -4.18 -31.28 -11.15
CA GLY C 228 -3.23 -32.02 -10.31
C GLY C 228 -2.79 -31.19 -9.12
N LEU C 229 -1.66 -31.57 -8.51
CA LEU C 229 -1.09 -30.82 -7.38
C LEU C 229 0.10 -29.97 -7.83
N GLU C 230 -0.08 -28.65 -7.87
CA GLU C 230 0.99 -27.75 -8.29
C GLU C 230 1.82 -27.31 -7.10
N VAL C 231 3.14 -27.37 -7.25
CA VAL C 231 4.06 -27.02 -6.16
C VAL C 231 5.12 -26.04 -6.65
N THR C 232 5.46 -25.08 -5.79
CA THR C 232 6.52 -24.10 -6.05
C THR C 232 7.69 -24.32 -5.12
N ILE C 233 8.86 -24.56 -5.70
CA ILE C 233 10.12 -24.67 -4.94
C ILE C 233 10.80 -23.31 -4.91
N THR C 234 11.24 -22.88 -3.71
CA THR C 234 11.92 -21.59 -3.56
C THR C 234 13.20 -21.77 -2.75
N ALA C 235 14.35 -21.67 -3.42
CA ALA C 235 15.66 -21.87 -2.78
C ALA C 235 16.40 -20.55 -2.70
N ARG C 236 16.95 -20.27 -1.53
CA ARG C 236 17.49 -18.94 -1.23
C ARG C 236 18.71 -19.06 -0.33
N PHE C 237 19.80 -18.40 -0.68
CA PHE C 237 20.97 -18.33 0.20
C PHE C 237 20.58 -17.70 1.53
N LEU C 238 21.11 -18.26 2.62
CA LEU C 238 20.73 -17.86 3.99
C LEU C 238 21.03 -16.40 4.31
N TYR C 239 21.91 -15.78 3.53
CA TYR C 239 22.17 -14.34 3.65
C TYR C 239 21.22 -13.50 2.82
N GLY C 240 20.33 -14.15 2.04
CA GLY C 240 19.22 -13.45 1.38
C GLY C 240 19.08 -13.65 -0.11
N LYS C 241 20.20 -13.78 -0.81
CA LYS C 241 20.19 -13.78 -2.27
C LYS C 241 19.54 -15.03 -2.89
N LYS C 242 18.92 -14.83 -4.05
CA LYS C 242 18.25 -15.90 -4.77
C LYS C 242 19.25 -16.92 -5.32
N VAL C 243 18.80 -18.15 -5.47
CA VAL C 243 19.66 -19.30 -5.81
C VAL C 243 19.43 -19.79 -7.23
N GLU C 244 20.50 -20.26 -7.88
CA GLU C 244 20.42 -20.86 -9.21
C GLU C 244 20.91 -22.29 -9.10
N GLY C 245 20.12 -23.24 -9.60
CA GLY C 245 20.51 -24.65 -9.58
C GLY C 245 19.55 -25.59 -10.27
N THR C 246 19.42 -26.80 -9.73
CA THR C 246 18.53 -27.83 -10.25
C THR C 246 17.90 -28.61 -9.11
N ALA C 247 16.61 -28.91 -9.20
CA ALA C 247 15.90 -29.60 -8.12
C ALA C 247 15.26 -30.91 -8.57
N PHE C 248 15.30 -31.91 -7.69
CA PHE C 248 14.60 -33.18 -7.89
C PHE C 248 13.46 -33.26 -6.90
N VAL C 249 12.23 -33.07 -7.38
CA VAL C 249 11.05 -33.19 -6.52
C VAL C 249 10.30 -34.49 -6.80
N ILE C 250 9.74 -35.07 -5.74
CA ILE C 250 9.08 -36.37 -5.79
C ILE C 250 7.93 -36.38 -4.80
N PHE C 251 6.83 -37.04 -5.16
CA PHE C 251 5.61 -37.02 -4.36
C PHE C 251 5.33 -38.37 -3.71
N GLY C 252 4.36 -38.39 -2.78
CA GLY C 252 3.92 -39.63 -2.12
C GLY C 252 2.54 -39.51 -1.50
N ILE C 253 2.01 -40.64 -1.02
CA ILE C 253 0.72 -40.65 -0.31
C ILE C 253 0.90 -41.27 1.06
N GLN C 254 0.30 -40.66 2.08
CA GLN C 254 0.44 -41.11 3.45
C GLN C 254 -0.92 -41.32 4.10
N ASP C 255 -1.18 -42.55 4.54
CA ASP C 255 -2.38 -42.89 5.28
C ASP C 255 -1.98 -43.37 6.68
N GLY C 256 -2.11 -42.48 7.66
CA GLY C 256 -1.68 -42.78 9.04
C GLY C 256 -0.17 -42.81 9.17
N GLU C 257 0.40 -44.01 9.39
CA GLU C 257 1.86 -44.21 9.41
C GLU C 257 2.38 -44.71 8.06
N GLN C 258 1.54 -45.46 7.34
CA GLN C 258 1.82 -45.87 5.97
C GLN C 258 2.39 -44.71 5.17
N ARG C 259 3.41 -44.99 4.34
CA ARG C 259 3.98 -43.98 3.45
C ARG C 259 4.45 -44.62 2.15
N ILE C 260 3.54 -44.70 1.17
CA ILE C 260 3.87 -45.28 -0.13
C ILE C 260 4.46 -44.19 -1.02
N SER C 261 5.59 -44.49 -1.66
CA SER C 261 6.23 -43.54 -2.57
C SER C 261 5.55 -43.60 -3.94
N LEU C 262 5.77 -42.57 -4.75
CA LEU C 262 5.26 -42.53 -6.13
C LEU C 262 6.41 -42.39 -7.12
N PRO C 263 7.06 -43.51 -7.48
CA PRO C 263 8.23 -43.54 -8.36
C PRO C 263 8.11 -42.71 -9.63
N GLU C 264 6.93 -42.74 -10.25
CA GLU C 264 6.70 -42.00 -11.50
C GLU C 264 6.45 -40.51 -11.26
N SER C 265 6.13 -40.13 -10.01
CA SER C 265 5.91 -38.72 -9.67
C SER C 265 7.17 -37.86 -9.75
N LEU C 266 8.34 -38.51 -9.65
CA LEU C 266 9.65 -37.87 -9.70
C LEU C 266 9.91 -37.04 -10.97
N LYS C 267 10.27 -35.77 -10.78
CA LYS C 267 10.64 -34.88 -11.88
C LYS C 267 11.87 -34.06 -11.52
N ARG C 268 12.63 -33.67 -12.54
CA ARG C 268 13.81 -32.82 -12.37
C ARG C 268 13.57 -31.47 -13.01
N ILE C 269 13.30 -30.46 -12.18
CA ILE C 269 13.01 -29.13 -12.67
C ILE C 269 14.20 -28.19 -12.45
N PRO C 270 14.33 -27.14 -13.28
CA PRO C 270 15.38 -26.16 -13.10
C PRO C 270 14.94 -25.04 -12.16
N ILE C 271 15.87 -24.57 -11.33
CA ILE C 271 15.61 -23.43 -10.45
C ILE C 271 16.24 -22.18 -11.07
N GLU C 272 15.44 -21.13 -11.20
CA GLU C 272 15.86 -19.89 -11.87
C GLU C 272 15.29 -18.68 -11.14
N ASP C 273 16.20 -17.75 -10.79
CA ASP C 273 15.90 -16.62 -9.88
C ASP C 273 15.31 -17.13 -8.57
N GLY C 274 15.82 -18.26 -8.11
CA GLY C 274 15.39 -18.86 -6.84
C GLY C 274 14.00 -19.45 -6.82
N SER C 275 13.48 -19.83 -7.99
CA SER C 275 12.12 -20.34 -8.09
C SER C 275 12.05 -21.55 -8.99
N GLY C 276 11.19 -22.48 -8.61
CA GLY C 276 10.87 -23.63 -9.45
C GLY C 276 9.38 -23.91 -9.43
N GLU C 277 8.91 -24.54 -10.51
CA GLU C 277 7.50 -24.90 -10.67
C GLU C 277 7.44 -26.41 -10.98
N VAL C 278 6.49 -27.10 -10.37
CA VAL C 278 6.36 -28.55 -10.58
C VAL C 278 4.94 -29.04 -10.32
N VAL C 279 4.54 -30.12 -11.00
CA VAL C 279 3.18 -30.67 -10.89
C VAL C 279 3.15 -32.19 -10.72
N LEU C 280 2.32 -32.66 -9.78
CA LEU C 280 1.91 -34.06 -9.72
C LEU C 280 0.60 -34.20 -10.46
N SER C 281 0.61 -34.91 -11.59
CA SER C 281 -0.59 -35.12 -12.41
C SER C 281 -1.55 -36.12 -11.76
N ARG C 282 -2.84 -35.94 -12.00
CA ARG C 282 -3.84 -36.81 -11.39
C ARG C 282 -3.69 -38.26 -11.83
N LYS C 283 -3.31 -38.45 -13.10
CA LYS C 283 -3.04 -39.79 -13.63
C LYS C 283 -2.03 -40.50 -12.72
N VAL C 284 -0.86 -39.90 -12.57
CA VAL C 284 0.25 -40.49 -11.81
C VAL C 284 -0.17 -40.87 -10.38
N LEU C 285 -0.94 -39.99 -9.74
CA LEU C 285 -1.48 -40.26 -8.42
C LEU C 285 -2.37 -41.50 -8.43
N LEU C 286 -3.36 -41.49 -9.33
CA LEU C 286 -4.34 -42.58 -9.41
C LEU C 286 -3.76 -43.85 -10.01
N ASP C 287 -2.95 -43.71 -11.05
CA ASP C 287 -2.21 -44.85 -11.63
C ASP C 287 -1.11 -45.34 -10.67
N GLY C 288 -0.64 -44.45 -9.80
CA GLY C 288 0.40 -44.79 -8.82
C GLY C 288 -0.07 -45.77 -7.77
N VAL C 289 -1.34 -45.66 -7.38
CA VAL C 289 -1.99 -46.66 -6.54
C VAL C 289 -2.75 -47.59 -7.47
N GLN C 290 -2.80 -48.88 -7.20
CA GLN C 290 -3.54 -49.75 -8.11
C GLN C 290 -5.01 -49.84 -7.69
N ASN C 291 -5.41 -48.91 -6.83
CA ASN C 291 -6.71 -48.89 -6.22
C ASN C 291 -7.76 -48.10 -6.97
N PRO C 292 -7.41 -47.59 -8.17
CA PRO C 292 -8.22 -46.65 -8.92
C PRO C 292 -9.66 -46.62 -8.43
N ARG C 293 -9.85 -46.02 -7.26
CA ARG C 293 -11.17 -45.76 -6.70
C ARG C 293 -11.04 -44.40 -6.08
N ALA C 294 -11.00 -43.37 -6.91
CA ALA C 294 -10.61 -42.05 -6.45
C ALA C 294 -10.95 -41.80 -4.97
N GLU C 295 -12.13 -42.24 -4.55
CA GLU C 295 -12.69 -41.87 -3.23
C GLU C 295 -11.97 -42.46 -2.02
N ASP C 296 -11.19 -43.52 -2.21
CA ASP C 296 -10.35 -44.07 -1.15
C ASP C 296 -9.29 -43.04 -0.72
N LEU C 297 -8.76 -42.33 -1.71
CA LEU C 297 -7.69 -41.38 -1.50
C LEU C 297 -8.11 -40.18 -0.66
N VAL C 298 -9.42 -39.89 -0.62
CA VAL C 298 -9.95 -38.89 0.29
C VAL C 298 -9.72 -39.35 1.71
N GLY C 299 -9.26 -38.45 2.58
CA GLY C 299 -8.88 -38.80 3.94
C GLY C 299 -7.38 -38.99 4.09
N LYS C 300 -6.73 -39.45 3.02
CA LYS C 300 -5.28 -39.62 3.00
C LYS C 300 -4.60 -38.27 2.78
N SER C 301 -3.28 -38.24 3.01
CA SER C 301 -2.49 -37.03 2.81
C SER C 301 -1.43 -37.22 1.74
N LEU C 302 -1.08 -36.13 1.06
CA LEU C 302 0.04 -36.13 0.12
C LEU C 302 1.25 -35.46 0.75
N TYR C 303 2.43 -35.83 0.27
CA TYR C 303 3.68 -35.21 0.70
C TYR C 303 4.67 -35.04 -0.46
N VAL C 304 5.46 -33.98 -0.40
CA VAL C 304 6.35 -33.58 -1.48
C VAL C 304 7.77 -33.42 -0.97
N SER C 305 8.74 -34.01 -1.66
CA SER C 305 10.14 -33.94 -1.26
C SER C 305 10.98 -33.35 -2.38
N ALA C 306 11.66 -32.24 -2.09
CA ALA C 306 12.48 -31.53 -3.06
C ALA C 306 13.93 -31.51 -2.60
N THR C 307 14.83 -31.95 -3.49
CA THR C 307 16.26 -31.88 -3.24
C THR C 307 16.84 -31.00 -4.32
N VAL C 308 17.56 -29.96 -3.91
CA VAL C 308 18.06 -28.94 -4.84
C VAL C 308 19.58 -28.91 -4.81
N ILE C 309 20.20 -28.99 -5.98
CA ILE C 309 21.65 -28.91 -6.11
C ILE C 309 22.02 -27.65 -6.88
N LEU C 310 22.92 -26.85 -6.30
CA LEU C 310 23.39 -25.62 -6.94
C LEU C 310 24.30 -25.95 -8.11
N HIS C 311 24.46 -25.01 -9.05
CA HIS C 311 25.30 -25.24 -10.22
C HIS C 311 26.78 -25.36 -9.86
N SER C 312 27.18 -24.74 -8.76
CA SER C 312 28.55 -24.87 -8.24
C SER C 312 28.90 -26.31 -7.86
N GLY C 313 27.87 -27.13 -7.60
CA GLY C 313 28.03 -28.56 -7.36
C GLY C 313 28.28 -28.93 -5.91
N SER C 314 28.84 -28.00 -5.15
CA SER C 314 29.42 -28.31 -3.84
C SER C 314 28.44 -28.15 -2.69
N ASP C 315 27.17 -27.95 -2.99
CA ASP C 315 26.17 -27.89 -1.93
C ASP C 315 24.78 -28.26 -2.41
N MET C 316 24.03 -28.94 -1.56
CA MET C 316 22.63 -29.28 -1.82
C MET C 316 21.88 -29.39 -0.49
N VAL C 317 20.57 -29.12 -0.53
CA VAL C 317 19.71 -29.31 0.65
C VAL C 317 18.40 -29.99 0.27
N GLN C 318 18.00 -30.97 1.08
CA GLN C 318 16.72 -31.64 0.89
C GLN C 318 15.69 -31.00 1.82
N ALA C 319 14.50 -30.72 1.27
CA ALA C 319 13.39 -30.18 2.04
C ALA C 319 12.11 -30.93 1.65
N GLU C 320 11.12 -30.94 2.55
CA GLU C 320 9.86 -31.62 2.25
C GLU C 320 8.66 -31.02 2.98
N ARG C 321 7.52 -30.97 2.30
CA ARG C 321 6.25 -30.57 2.90
C ARG C 321 5.34 -31.80 2.99
N SER C 322 4.88 -32.10 4.21
CA SER C 322 4.03 -33.26 4.47
C SER C 322 2.61 -32.81 4.78
N GLY C 323 1.73 -33.80 4.88
CA GLY C 323 0.37 -33.57 5.38
C GLY C 323 -0.51 -32.68 4.53
N ILE C 324 -0.33 -32.74 3.21
CA ILE C 324 -1.28 -32.09 2.29
C ILE C 324 -2.55 -32.95 2.24
N PRO C 325 -3.66 -32.47 2.84
CA PRO C 325 -4.84 -33.32 2.94
C PRO C 325 -5.60 -33.47 1.63
N ILE C 326 -6.00 -34.70 1.32
CA ILE C 326 -6.82 -34.98 0.14
C ILE C 326 -8.28 -34.90 0.53
N VAL C 327 -9.04 -34.03 -0.14
CA VAL C 327 -10.38 -33.67 0.29
C VAL C 327 -11.38 -33.48 -0.86
N THR C 328 -12.67 -33.70 -0.56
CA THR C 328 -13.76 -33.44 -1.51
C THR C 328 -14.41 -32.07 -1.26
N SER C 329 -13.99 -31.40 -0.19
CA SER C 329 -14.41 -30.04 0.13
C SER C 329 -13.21 -29.22 0.63
N PRO C 330 -13.15 -27.93 0.25
CA PRO C 330 -12.06 -27.09 0.72
C PRO C 330 -12.34 -26.45 2.10
N TYR C 331 -13.36 -26.93 2.80
CA TYR C 331 -13.73 -26.38 4.10
C TYR C 331 -14.05 -27.49 5.12
N GLN C 332 -14.23 -27.06 6.36
CA GLN C 332 -14.40 -27.98 7.48
C GLN C 332 -15.16 -27.25 8.59
N ILE C 333 -16.31 -27.80 9.01
CA ILE C 333 -17.15 -27.15 10.03
C ILE C 333 -16.91 -27.76 11.40
N HIS C 334 -16.79 -26.91 12.43
CA HIS C 334 -16.57 -27.38 13.81
C HIS C 334 -17.52 -26.77 14.82
N PHE C 335 -17.93 -27.59 15.81
CA PHE C 335 -18.82 -27.13 16.87
C PHE C 335 -18.08 -27.08 18.21
N THR C 336 -16.76 -26.97 18.13
CA THR C 336 -15.91 -26.97 19.33
C THR C 336 -15.97 -25.64 20.07
N LYS C 337 -16.49 -24.61 19.41
CA LYS C 337 -16.63 -23.27 20.01
C LYS C 337 -18.08 -22.91 20.41
N THR C 338 -19.03 -23.81 20.15
CA THR C 338 -20.42 -23.58 20.53
C THR C 338 -20.77 -24.35 21.79
N PRO C 339 -21.57 -23.75 22.69
CA PRO C 339 -22.20 -24.53 23.75
C PRO C 339 -23.04 -25.65 23.18
N LYS C 340 -23.27 -26.69 23.96
CA LYS C 340 -24.12 -27.79 23.54
C LYS C 340 -25.51 -27.70 24.18
N TYR C 341 -25.77 -26.60 24.89
CA TYR C 341 -27.01 -26.43 25.63
C TYR C 341 -27.69 -25.11 25.29
N PHE C 342 -29.01 -25.10 25.40
CA PHE C 342 -29.83 -23.94 25.05
C PHE C 342 -30.90 -23.72 26.13
N LYS C 343 -31.41 -22.48 26.19
CA LYS C 343 -32.46 -22.12 27.14
C LYS C 343 -33.81 -22.12 26.44
N PRO C 344 -34.58 -23.23 26.55
CA PRO C 344 -35.84 -23.35 25.84
C PRO C 344 -36.68 -22.07 25.89
N GLY C 345 -36.95 -21.51 24.71
CA GLY C 345 -37.75 -20.29 24.56
C GLY C 345 -36.92 -19.12 24.10
N MET C 346 -35.60 -19.29 24.11
CA MET C 346 -34.67 -18.29 23.59
C MET C 346 -33.98 -18.82 22.34
N PRO C 347 -33.55 -17.92 21.45
CA PRO C 347 -32.84 -18.36 20.26
C PRO C 347 -31.50 -18.94 20.64
N PHE C 348 -31.21 -20.13 20.13
CA PHE C 348 -29.94 -20.78 20.35
C PHE C 348 -28.92 -20.26 19.35
N ASP C 349 -27.97 -19.48 19.84
CA ASP C 349 -26.90 -18.95 19.02
C ASP C 349 -25.86 -20.04 18.80
N LEU C 350 -25.78 -20.53 17.57
CA LEU C 350 -24.80 -21.55 17.18
C LEU C 350 -23.52 -20.85 16.72
N MET C 351 -22.38 -21.40 17.10
CA MET C 351 -21.08 -20.80 16.78
C MET C 351 -20.29 -21.69 15.82
N VAL C 352 -20.66 -21.62 14.54
CA VAL C 352 -20.02 -22.40 13.50
C VAL C 352 -18.61 -21.90 13.28
N PHE C 353 -17.62 -22.76 13.56
CA PHE C 353 -16.20 -22.49 13.32
C PHE C 353 -15.76 -23.18 12.03
N VAL C 354 -15.58 -22.40 10.98
CA VAL C 354 -15.18 -22.93 9.67
C VAL C 354 -13.67 -22.82 9.52
N THR C 355 -13.05 -23.93 9.12
CA THR C 355 -11.60 -23.94 8.93
C THR C 355 -11.24 -24.50 7.56
N ASN C 356 -10.05 -24.11 7.08
CA ASN C 356 -9.46 -24.70 5.91
C ASN C 356 -9.04 -26.14 6.24
N PRO C 357 -8.73 -26.95 5.22
CA PRO C 357 -8.34 -28.34 5.49
C PRO C 357 -7.16 -28.49 6.45
N ASP C 358 -6.22 -27.53 6.45
CA ASP C 358 -5.05 -27.63 7.33
C ASP C 358 -5.40 -27.33 8.79
N GLY C 359 -6.34 -26.43 9.03
CA GLY C 359 -6.77 -26.06 10.40
C GLY C 359 -6.94 -24.57 10.67
N SER C 360 -6.47 -23.74 9.74
CA SER C 360 -6.55 -22.29 9.88
C SER C 360 -7.98 -21.78 9.69
N PRO C 361 -8.28 -20.55 10.14
CA PRO C 361 -9.58 -19.91 9.89
C PRO C 361 -9.93 -19.70 8.40
N ALA C 362 -11.22 -19.60 8.12
CA ALA C 362 -11.71 -19.34 6.76
C ALA C 362 -12.60 -18.08 6.73
N TYR C 363 -12.06 -16.99 6.20
CA TYR C 363 -12.73 -15.68 6.17
C TYR C 363 -13.64 -15.54 4.94
N ARG C 364 -14.76 -14.83 5.10
CA ARG C 364 -15.78 -14.63 4.05
C ARG C 364 -16.35 -15.94 3.47
N VAL C 365 -16.78 -16.85 4.36
CA VAL C 365 -17.44 -18.08 3.94
C VAL C 365 -18.87 -18.09 4.44
N PRO C 366 -19.84 -18.25 3.54
CA PRO C 366 -21.23 -18.34 3.97
C PRO C 366 -21.54 -19.69 4.61
N VAL C 367 -22.08 -19.67 5.82
CA VAL C 367 -22.60 -20.87 6.48
C VAL C 367 -24.11 -20.70 6.68
N ALA C 368 -24.85 -21.80 6.58
CA ALA C 368 -26.31 -21.75 6.71
C ALA C 368 -26.90 -23.03 7.30
N VAL C 369 -27.95 -22.87 8.11
CA VAL C 369 -28.67 -24.01 8.68
C VAL C 369 -29.60 -24.60 7.62
N GLN C 370 -29.38 -25.85 7.25
CA GLN C 370 -30.14 -26.49 6.16
C GLN C 370 -31.58 -26.73 6.59
N GLY C 371 -32.49 -26.57 5.63
CA GLY C 371 -33.93 -26.53 5.89
C GLY C 371 -34.45 -25.09 5.95
N GLU C 372 -33.53 -24.14 6.09
CA GLU C 372 -33.87 -22.72 6.18
C GLU C 372 -32.79 -21.82 5.54
N ASP C 373 -33.02 -21.43 4.29
CA ASP C 373 -32.13 -20.50 3.59
C ASP C 373 -32.29 -19.09 4.15
N THR C 374 -31.23 -18.29 4.03
CA THR C 374 -31.17 -16.90 4.55
C THR C 374 -30.95 -16.82 6.07
N VAL C 375 -31.38 -17.86 6.81
CA VAL C 375 -30.92 -18.07 8.19
C VAL C 375 -29.45 -18.48 8.09
N GLN C 376 -28.63 -17.48 7.79
CA GLN C 376 -27.22 -17.68 7.44
C GLN C 376 -26.39 -16.43 7.76
N SER C 377 -25.08 -16.57 7.65
CA SER C 377 -24.16 -15.46 7.85
C SER C 377 -22.80 -15.81 7.29
N LEU C 378 -22.01 -14.78 6.98
CA LEU C 378 -20.64 -14.97 6.54
C LEU C 378 -19.73 -15.16 7.74
N THR C 379 -18.54 -15.70 7.49
CA THR C 379 -17.57 -15.96 8.55
C THR C 379 -16.66 -14.74 8.74
N GLN C 380 -16.42 -14.39 10.00
CA GLN C 380 -15.49 -13.30 10.34
C GLN C 380 -14.04 -13.81 10.33
N GLY C 381 -13.10 -12.89 10.50
CA GLY C 381 -11.66 -13.22 10.48
C GLY C 381 -11.24 -14.34 11.41
N ASP C 382 -11.87 -14.40 12.59
CA ASP C 382 -11.59 -15.45 13.58
C ASP C 382 -12.09 -16.84 13.15
N GLY C 383 -12.78 -16.93 12.01
CA GLY C 383 -13.27 -18.20 11.50
C GLY C 383 -14.66 -18.55 11.99
N VAL C 384 -15.22 -17.73 12.87
CA VAL C 384 -16.51 -18.02 13.49
C VAL C 384 -17.64 -17.26 12.78
N ALA C 385 -18.82 -17.89 12.72
CA ALA C 385 -20.02 -17.29 12.14
C ALA C 385 -21.22 -17.63 13.01
N LYS C 386 -22.05 -16.63 13.30
CA LYS C 386 -23.16 -16.77 14.23
C LYS C 386 -24.48 -17.10 13.53
N LEU C 387 -25.05 -18.26 13.87
CA LEU C 387 -26.34 -18.70 13.36
C LEU C 387 -27.30 -18.95 14.51
N SER C 388 -28.23 -18.01 14.72
CA SER C 388 -29.17 -18.08 15.83
C SER C 388 -30.46 -18.82 15.45
N ILE C 389 -30.88 -19.76 16.29
CA ILE C 389 -32.03 -20.63 16.00
C ILE C 389 -33.12 -20.56 17.06
N ASN C 390 -34.30 -20.07 16.66
CA ASN C 390 -35.46 -20.01 17.56
C ASN C 390 -35.79 -21.36 18.20
N THR C 391 -36.18 -21.34 19.46
CA THR C 391 -36.52 -22.57 20.18
C THR C 391 -37.86 -22.39 20.93
N HIS C 392 -38.35 -23.48 21.50
CA HIS C 392 -39.61 -23.49 22.27
C HIS C 392 -39.36 -24.12 23.64
N PRO C 393 -40.29 -23.92 24.60
CA PRO C 393 -40.20 -24.55 25.93
C PRO C 393 -39.97 -26.06 25.91
N SER C 394 -40.61 -26.74 24.97
CA SER C 394 -40.46 -28.20 24.78
C SER C 394 -39.03 -28.71 25.02
N GLN C 395 -38.92 -29.74 25.87
CA GLN C 395 -37.63 -30.31 26.28
C GLN C 395 -37.05 -31.30 25.25
N LYS C 396 -37.39 -31.09 23.97
CA LYS C 396 -36.93 -31.92 22.88
C LYS C 396 -35.52 -31.48 22.48
N PRO C 397 -34.57 -32.44 22.33
CA PRO C 397 -33.24 -32.11 21.81
C PRO C 397 -33.25 -31.56 20.40
N LEU C 398 -32.25 -30.73 20.08
CA LEU C 398 -32.17 -30.06 18.78
C LEU C 398 -31.03 -30.58 17.91
N SER C 399 -31.35 -31.42 16.94
CA SER C 399 -30.37 -31.85 15.95
C SER C 399 -30.27 -30.75 14.88
N ILE C 400 -29.08 -30.18 14.71
CA ILE C 400 -28.87 -29.05 13.80
C ILE C 400 -27.73 -29.32 12.81
N THR C 401 -28.02 -29.23 11.52
CA THR C 401 -27.02 -29.43 10.46
C THR C 401 -26.66 -28.11 9.81
N VAL C 402 -25.36 -27.83 9.74
CA VAL C 402 -24.86 -26.62 9.11
C VAL C 402 -24.12 -26.96 7.82
N ARG C 403 -24.26 -26.11 6.81
CA ARG C 403 -23.58 -26.28 5.54
C ARG C 403 -22.98 -24.96 5.07
N THR C 404 -21.98 -25.05 4.20
CA THR C 404 -21.43 -23.87 3.53
C THR C 404 -22.22 -23.65 2.25
N LYS C 405 -22.75 -22.44 2.08
CA LYS C 405 -23.48 -22.07 0.86
C LYS C 405 -22.57 -21.18 0.03
N LYS C 406 -21.40 -21.72 -0.33
CA LYS C 406 -20.43 -20.96 -1.11
C LYS C 406 -20.82 -20.97 -2.58
N GLN C 407 -20.89 -19.79 -3.19
CA GLN C 407 -20.96 -19.69 -4.64
C GLN C 407 -19.66 -20.27 -5.18
N GLU C 408 -19.56 -20.40 -6.50
CA GLU C 408 -18.34 -20.92 -7.11
C GLU C 408 -18.08 -22.39 -6.76
N LEU C 409 -19.04 -23.06 -6.15
CA LEU C 409 -18.88 -24.45 -5.70
C LEU C 409 -20.11 -25.30 -6.02
N SER C 410 -19.87 -26.59 -6.30
CA SER C 410 -20.96 -27.55 -6.46
C SER C 410 -21.44 -28.00 -5.07
N GLU C 411 -22.69 -28.45 -4.99
CA GLU C 411 -23.25 -28.92 -3.72
C GLU C 411 -22.45 -30.07 -3.14
N ALA C 412 -21.90 -30.91 -4.01
CA ALA C 412 -21.05 -32.03 -3.59
C ALA C 412 -19.75 -31.58 -2.90
N GLU C 413 -19.35 -30.33 -3.16
CA GLU C 413 -18.10 -29.77 -2.62
C GLU C 413 -18.25 -28.99 -1.31
N GLN C 414 -19.47 -28.73 -0.87
CA GLN C 414 -19.69 -27.92 0.33
C GLN C 414 -19.44 -28.74 1.59
N ALA C 415 -19.21 -28.04 2.69
CA ALA C 415 -18.92 -28.69 3.97
C ALA C 415 -20.20 -28.93 4.75
N THR C 416 -20.25 -30.02 5.51
CA THR C 416 -21.41 -30.30 6.34
C THR C 416 -20.98 -30.86 7.69
N ARG C 417 -21.77 -30.56 8.71
CA ARG C 417 -21.56 -31.08 10.05
C ARG C 417 -22.88 -30.98 10.78
N THR C 418 -23.15 -31.95 11.63
CA THR C 418 -24.41 -32.02 12.33
C THR C 418 -24.18 -32.22 13.83
N MET C 419 -24.72 -31.32 14.64
CA MET C 419 -24.65 -31.43 16.11
C MET C 419 -26.02 -31.55 16.72
N GLN C 420 -26.04 -31.96 17.98
CA GLN C 420 -27.25 -32.01 18.77
C GLN C 420 -27.09 -31.08 19.98
N ALA C 421 -28.16 -30.38 20.32
CA ALA C 421 -28.17 -29.52 21.51
C ALA C 421 -29.21 -30.01 22.50
N LEU C 422 -28.87 -29.94 23.79
CA LEU C 422 -29.75 -30.42 24.85
C LEU C 422 -30.21 -29.27 25.74
N PRO C 423 -31.47 -29.32 26.21
CA PRO C 423 -32.06 -28.21 26.95
C PRO C 423 -31.59 -28.11 28.40
N TYR C 424 -31.33 -26.89 28.85
CA TYR C 424 -31.10 -26.62 30.28
C TYR C 424 -32.42 -26.82 31.02
N SER C 425 -32.52 -27.91 31.77
CA SER C 425 -33.77 -28.22 32.46
C SER C 425 -33.83 -27.44 33.78
N THR C 426 -34.96 -26.78 34.01
CA THR C 426 -35.13 -25.92 35.18
C THR C 426 -35.56 -26.76 36.38
N VAL C 427 -35.58 -26.12 37.54
CA VAL C 427 -35.89 -26.81 38.79
C VAL C 427 -37.40 -26.90 38.99
N GLY C 428 -37.90 -28.12 39.18
CA GLY C 428 -39.34 -28.35 39.32
C GLY C 428 -40.14 -27.86 38.12
N ASN C 429 -39.55 -27.95 36.93
CA ASN C 429 -40.14 -27.40 35.71
C ASN C 429 -40.75 -26.03 35.95
N SER C 430 -39.92 -25.12 36.46
CA SER C 430 -40.33 -23.76 36.83
C SER C 430 -40.21 -22.76 35.70
N ASN C 431 -39.44 -23.13 34.66
CA ASN C 431 -39.11 -22.25 33.54
C ASN C 431 -38.46 -20.96 34.03
N ASN C 432 -37.52 -21.12 34.96
CA ASN C 432 -36.69 -20.03 35.47
C ASN C 432 -35.26 -20.16 34.99
N TYR C 433 -34.79 -19.15 34.26
CA TYR C 433 -33.45 -19.17 33.69
C TYR C 433 -32.68 -17.90 34.02
N LEU C 434 -31.40 -17.93 33.69
CA LEU C 434 -30.55 -16.74 33.63
C LEU C 434 -29.76 -16.90 32.35
N HIS C 435 -29.91 -16.00 31.40
CA HIS C 435 -29.10 -16.07 30.19
C HIS C 435 -27.99 -15.02 30.21
N LEU C 436 -26.82 -15.43 29.75
CA LEU C 436 -25.67 -14.54 29.60
C LEU C 436 -25.37 -14.36 28.13
N SER C 437 -25.33 -13.10 27.69
CA SER C 437 -25.01 -12.74 26.32
C SER C 437 -23.78 -11.84 26.30
N VAL C 438 -22.93 -12.06 25.31
CA VAL C 438 -21.63 -11.40 25.23
C VAL C 438 -21.16 -11.33 23.80
N LEU C 439 -20.79 -10.14 23.33
CA LEU C 439 -20.25 -9.96 21.97
C LEU C 439 -18.91 -10.68 21.80
N ARG C 440 -18.74 -11.31 20.65
CA ARG C 440 -17.60 -12.19 20.36
C ARG C 440 -16.75 -11.62 19.22
N THR C 441 -15.82 -10.73 19.56
CA THR C 441 -14.90 -10.15 18.57
C THR C 441 -13.48 -10.01 19.16
N GLU C 442 -12.57 -9.41 18.40
CA GLU C 442 -11.18 -9.19 18.82
C GLU C 442 -11.08 -8.60 20.22
N LEU C 443 -11.06 -9.49 21.22
CA LEU C 443 -11.05 -9.09 22.62
C LEU C 443 -9.61 -9.13 23.15
N ARG C 444 -9.10 -7.97 23.55
CA ARG C 444 -7.71 -7.84 24.00
C ARG C 444 -7.67 -7.22 25.38
N PRO C 445 -6.51 -7.31 26.07
CA PRO C 445 -6.32 -6.63 27.34
C PRO C 445 -6.53 -5.12 27.23
N GLY C 446 -6.94 -4.50 28.34
CA GLY C 446 -7.28 -3.08 28.36
C GLY C 446 -8.75 -2.86 28.06
N GLU C 447 -9.21 -3.40 26.92
CA GLU C 447 -10.60 -3.29 26.48
C GLU C 447 -11.60 -3.68 27.57
N THR C 448 -12.85 -3.35 27.33
CA THR C 448 -13.92 -3.61 28.28
C THR C 448 -15.02 -4.46 27.62
N LEU C 449 -15.38 -5.57 28.29
CA LEU C 449 -16.44 -6.46 27.78
C LEU C 449 -17.72 -6.25 28.57
N ASN C 450 -18.83 -6.20 27.86
CA ASN C 450 -20.16 -6.13 28.48
C ASN C 450 -20.76 -7.52 28.61
N VAL C 451 -21.14 -7.87 29.82
CA VAL C 451 -21.75 -9.15 30.14
C VAL C 451 -23.21 -8.90 30.51
N ASN C 452 -24.13 -9.34 29.66
CA ASN C 452 -25.55 -9.07 29.88
C ASN C 452 -26.19 -10.11 30.79
N PHE C 453 -26.94 -9.65 31.79
CA PHE C 453 -27.66 -10.55 32.71
C PHE C 453 -29.17 -10.48 32.47
N LEU C 454 -29.63 -11.26 31.50
CA LEU C 454 -31.07 -11.37 31.20
C LEU C 454 -31.71 -12.31 32.21
N LEU C 455 -32.39 -11.74 33.20
CA LEU C 455 -33.19 -12.52 34.13
C LEU C 455 -34.37 -13.08 33.37
N ARG C 456 -34.80 -14.25 33.76
CA ARG C 456 -35.86 -14.93 33.04
C ARG C 456 -36.68 -15.79 33.99
N MET C 457 -37.09 -15.17 35.10
CA MET C 457 -38.02 -15.80 36.01
C MET C 457 -39.25 -14.94 36.09
N ASP C 458 -40.22 -15.40 36.88
CA ASP C 458 -41.59 -15.03 36.64
C ASP C 458 -42.22 -14.22 37.79
N ARG C 459 -42.94 -13.17 37.39
CA ARG C 459 -43.50 -12.07 38.22
C ARG C 459 -43.47 -12.15 39.76
N ALA C 460 -43.95 -13.26 40.30
CA ALA C 460 -44.26 -13.35 41.73
C ALA C 460 -43.03 -13.26 42.61
N HIS C 461 -41.88 -13.65 42.05
CA HIS C 461 -40.64 -13.74 42.80
C HIS C 461 -39.47 -12.98 42.21
N GLU C 462 -39.67 -12.31 41.07
CA GLU C 462 -38.61 -11.52 40.45
C GLU C 462 -38.06 -10.46 41.41
N ALA C 463 -38.94 -9.84 42.18
CA ALA C 463 -38.56 -8.80 43.14
C ALA C 463 -37.63 -9.33 44.24
N LYS C 464 -37.68 -10.64 44.45
CA LYS C 464 -36.93 -11.30 45.51
C LYS C 464 -35.45 -11.51 45.17
N ILE C 465 -35.06 -11.23 43.92
CA ILE C 465 -33.67 -11.37 43.48
C ILE C 465 -32.91 -10.04 43.60
N ARG C 466 -31.96 -10.01 44.53
CA ARG C 466 -31.21 -8.81 44.84
C ARG C 466 -29.85 -8.77 44.14
N TYR C 467 -29.41 -9.91 43.64
CA TYR C 467 -28.07 -10.01 43.05
C TYR C 467 -27.86 -11.27 42.24
N TYR C 468 -26.82 -11.22 41.40
CA TYR C 468 -26.21 -12.41 40.83
C TYR C 468 -24.79 -12.50 41.36
N THR C 469 -24.39 -13.69 41.79
CA THR C 469 -22.99 -13.95 42.11
C THR C 469 -22.33 -14.44 40.85
N TYR C 470 -21.20 -13.82 40.48
CA TYR C 470 -20.51 -14.20 39.27
C TYR C 470 -19.05 -14.51 39.53
N LEU C 471 -18.52 -15.50 38.82
CA LEU C 471 -17.19 -16.01 39.05
C LEU C 471 -16.43 -16.09 37.73
N ILE C 472 -15.12 -15.81 37.78
CA ILE C 472 -14.29 -15.77 36.59
C ILE C 472 -13.17 -16.79 36.71
N MET C 473 -13.23 -17.82 35.85
CA MET C 473 -12.20 -18.86 35.82
C MET C 473 -11.17 -18.55 34.74
N ASN C 474 -9.90 -18.80 35.03
CA ASN C 474 -8.80 -18.49 34.13
C ASN C 474 -7.56 -19.33 34.45
N LYS C 475 -7.00 -19.98 33.43
CA LYS C 475 -5.88 -20.90 33.59
C LYS C 475 -6.23 -22.01 34.60
N GLY C 476 -7.51 -22.35 34.69
CA GLY C 476 -7.97 -23.40 35.59
C GLY C 476 -8.07 -23.05 37.08
N ARG C 477 -8.27 -21.77 37.39
CA ARG C 477 -8.49 -21.35 38.78
C ARG C 477 -9.36 -20.09 38.87
N LEU C 478 -9.95 -19.90 40.06
CA LEU C 478 -10.78 -18.72 40.34
C LEU C 478 -9.96 -17.44 40.39
N LEU C 479 -10.06 -16.63 39.34
CA LEU C 479 -9.43 -15.32 39.30
C LEU C 479 -10.19 -14.31 40.14
N LYS C 480 -11.50 -14.21 39.92
CA LYS C 480 -12.32 -13.20 40.57
C LYS C 480 -13.72 -13.73 40.89
N ALA C 481 -14.30 -13.23 41.98
CA ALA C 481 -15.66 -13.58 42.38
C ALA C 481 -16.35 -12.33 42.89
N GLY C 482 -17.44 -11.94 42.25
CA GLY C 482 -18.07 -10.67 42.52
C GLY C 482 -19.58 -10.73 42.60
N ARG C 483 -20.18 -9.56 42.69
CA ARG C 483 -21.63 -9.41 42.76
C ARG C 483 -22.13 -8.39 41.76
N GLN C 484 -23.15 -8.78 41.00
CA GLN C 484 -23.86 -7.87 40.11
C GLN C 484 -25.18 -7.52 40.79
N VAL C 485 -25.25 -6.35 41.43
CA VAL C 485 -26.46 -5.96 42.16
C VAL C 485 -27.62 -5.82 41.19
N ARG C 486 -28.81 -6.21 41.65
CA ARG C 486 -30.04 -6.10 40.87
C ARG C 486 -31.17 -5.56 41.73
N GLU C 487 -32.14 -4.92 41.08
CA GLU C 487 -33.34 -4.43 41.75
C GLU C 487 -34.58 -4.90 41.02
N PRO C 488 -35.72 -4.96 41.73
CA PRO C 488 -36.98 -5.39 41.14
C PRO C 488 -37.25 -4.71 39.80
N GLY C 489 -37.70 -5.48 38.82
CA GLY C 489 -38.06 -4.96 37.50
C GLY C 489 -36.91 -4.85 36.52
N GLN C 490 -35.67 -5.05 36.97
CA GLN C 490 -34.51 -5.03 36.09
C GLN C 490 -34.37 -6.39 35.41
N ASP C 491 -35.06 -6.58 34.30
CA ASP C 491 -35.01 -7.85 33.55
C ASP C 491 -33.67 -8.10 32.88
N LEU C 492 -32.93 -7.04 32.57
CA LEU C 492 -31.64 -7.14 31.90
C LEU C 492 -30.66 -6.12 32.46
N VAL C 493 -29.52 -6.58 32.96
CA VAL C 493 -28.49 -5.69 33.51
C VAL C 493 -27.10 -6.01 32.94
N VAL C 494 -26.43 -4.98 32.42
CA VAL C 494 -25.06 -5.15 31.90
C VAL C 494 -24.05 -5.02 33.02
N LEU C 495 -22.98 -5.80 32.92
CA LEU C 495 -21.84 -5.70 33.80
C LEU C 495 -20.64 -5.27 32.95
N PRO C 496 -20.10 -4.06 33.21
CA PRO C 496 -18.95 -3.58 32.44
C PRO C 496 -17.66 -4.19 33.00
N LEU C 497 -17.27 -5.33 32.43
CA LEU C 497 -16.13 -6.09 32.92
C LEU C 497 -14.88 -5.68 32.15
N SER C 498 -13.91 -5.12 32.88
CA SER C 498 -12.67 -4.67 32.27
C SER C 498 -11.72 -5.86 32.13
N ILE C 499 -11.15 -5.99 30.94
CA ILE C 499 -10.30 -7.12 30.60
C ILE C 499 -8.83 -6.74 30.75
N THR C 500 -8.19 -7.26 31.79
CA THR C 500 -6.75 -7.06 32.01
C THR C 500 -5.92 -8.21 31.40
N THR C 501 -4.62 -8.21 31.65
CA THR C 501 -3.74 -9.26 31.16
C THR C 501 -3.92 -10.58 31.91
N ASP C 502 -4.58 -10.53 33.07
CA ASP C 502 -4.87 -11.74 33.84
C ASP C 502 -5.87 -12.65 33.14
N PHE C 503 -6.60 -12.09 32.17
CA PHE C 503 -7.63 -12.84 31.42
C PHE C 503 -7.06 -13.69 30.27
N ILE C 504 -5.79 -13.46 29.96
CA ILE C 504 -5.05 -14.26 28.97
C ILE C 504 -4.85 -15.67 29.53
N PRO C 505 -4.93 -16.70 28.67
CA PRO C 505 -5.26 -16.73 27.25
C PRO C 505 -6.75 -16.68 26.95
N SER C 506 -7.57 -17.08 27.92
CA SER C 506 -9.03 -17.04 27.79
C SER C 506 -9.64 -17.23 29.17
N PHE C 507 -10.96 -17.11 29.26
CA PHE C 507 -11.63 -17.24 30.55
C PHE C 507 -13.10 -17.62 30.44
N ARG C 508 -13.62 -18.13 31.54
CA ARG C 508 -15.04 -18.42 31.67
C ARG C 508 -15.66 -17.55 32.75
N LEU C 509 -16.84 -17.03 32.46
CA LEU C 509 -17.63 -16.26 33.40
C LEU C 509 -18.82 -17.13 33.80
N VAL C 510 -18.89 -17.55 35.05
CA VAL C 510 -20.05 -18.29 35.58
C VAL C 510 -20.87 -17.42 36.51
N ALA C 511 -22.20 -17.52 36.41
CA ALA C 511 -23.09 -16.69 37.20
C ALA C 511 -24.25 -17.51 37.74
N TYR C 512 -24.84 -17.06 38.83
CA TYR C 512 -26.02 -17.71 39.38
C TYR C 512 -26.76 -16.82 40.37
N TYR C 513 -28.03 -17.16 40.59
CA TYR C 513 -28.83 -16.57 41.66
C TYR C 513 -29.64 -17.65 42.38
N THR C 514 -30.14 -17.31 43.56
CA THR C 514 -30.85 -18.28 44.38
C THR C 514 -31.94 -17.60 45.20
N LEU C 515 -33.09 -18.26 45.32
CA LEU C 515 -34.23 -17.73 46.06
C LEU C 515 -35.12 -18.88 46.52
N ILE C 516 -36.13 -18.55 47.31
CA ILE C 516 -37.22 -19.49 47.64
C ILE C 516 -38.45 -19.06 46.85
N GLY C 517 -39.08 -19.99 46.13
CA GLY C 517 -40.25 -19.67 45.31
C GLY C 517 -41.27 -20.78 45.10
N ALA C 518 -41.99 -20.69 43.99
CA ALA C 518 -43.01 -21.67 43.59
C ALA C 518 -43.88 -22.13 44.77
N SER C 519 -43.57 -23.30 45.34
CA SER C 519 -44.30 -23.83 46.49
C SER C 519 -43.50 -23.51 47.76
N GLY C 520 -42.35 -24.15 47.89
CA GLY C 520 -41.35 -23.76 48.88
C GLY C 520 -39.95 -24.14 48.41
N GLN C 521 -39.78 -24.21 47.09
CA GLN C 521 -38.55 -24.71 46.47
C GLN C 521 -37.40 -23.76 46.74
N ARG C 522 -36.26 -24.30 47.16
CA ARG C 522 -35.00 -23.56 47.14
C ARG C 522 -34.40 -23.77 45.77
N GLU C 523 -34.41 -22.70 44.96
CA GLU C 523 -34.03 -22.79 43.55
C GLU C 523 -32.70 -22.09 43.28
N VAL C 524 -31.75 -22.83 42.70
CA VAL C 524 -30.50 -22.27 42.20
C VAL C 524 -30.52 -22.28 40.67
N VAL C 525 -30.36 -21.09 40.08
CA VAL C 525 -30.36 -20.93 38.62
C VAL C 525 -29.00 -20.40 38.19
N ALA C 526 -28.35 -21.05 37.22
CA ALA C 526 -26.99 -20.68 36.85
C ALA C 526 -26.72 -20.84 35.35
N ASP C 527 -25.75 -20.08 34.88
CA ASP C 527 -25.32 -20.14 33.48
C ASP C 527 -23.89 -19.64 33.35
N SER C 528 -23.16 -20.18 32.38
CA SER C 528 -21.76 -19.83 32.15
C SER C 528 -21.51 -19.49 30.68
N VAL C 529 -20.36 -18.88 30.42
CA VAL C 529 -19.91 -18.63 29.06
C VAL C 529 -18.39 -18.48 28.99
N TRP C 530 -17.79 -19.10 27.96
CA TRP C 530 -16.34 -19.06 27.71
C TRP C 530 -16.00 -17.96 26.72
N VAL C 531 -15.09 -17.08 27.10
CA VAL C 531 -14.68 -15.97 26.24
C VAL C 531 -13.19 -16.01 25.98
N ASP C 532 -12.83 -15.94 24.70
CA ASP C 532 -11.43 -15.96 24.27
C ASP C 532 -10.80 -14.58 24.44
N VAL C 533 -9.53 -14.56 24.84
CA VAL C 533 -8.75 -13.32 24.88
C VAL C 533 -7.63 -13.43 23.84
N LYS C 534 -7.18 -12.28 23.33
CA LYS C 534 -6.09 -12.25 22.37
C LYS C 534 -4.80 -12.72 23.02
N ASP C 535 -4.29 -13.85 22.56
CA ASP C 535 -3.12 -14.49 23.17
C ASP C 535 -1.85 -13.68 22.95
N SER C 536 -1.07 -13.57 24.02
CA SER C 536 0.13 -12.75 24.02
C SER C 536 0.80 -12.88 25.38
N CYS C 537 1.96 -12.24 25.50
CA CYS C 537 2.63 -12.16 26.79
C CYS C 537 1.85 -11.27 27.75
N VAL C 538 1.80 -11.70 29.01
CA VAL C 538 1.27 -10.85 30.08
C VAL C 538 2.05 -9.54 30.02
N GLY C 539 3.36 -9.61 30.28
CA GLY C 539 4.24 -8.45 30.13
C GLY C 539 4.54 -8.22 28.67
N SER C 540 5.78 -7.88 28.38
CA SER C 540 6.25 -7.74 27.00
C SER C 540 7.77 -7.94 26.90
N LEU C 541 8.24 -8.23 25.69
CA LEU C 541 9.66 -8.48 25.43
C LEU C 541 9.92 -8.49 23.92
N VAL C 542 10.59 -7.44 23.44
CA VAL C 542 10.90 -7.29 22.03
C VAL C 542 12.39 -7.10 21.85
N VAL C 543 12.98 -7.76 20.86
CA VAL C 543 14.38 -7.51 20.50
C VAL C 543 14.44 -6.79 19.17
N LYS C 544 15.20 -5.70 19.10
CA LYS C 544 15.36 -4.97 17.85
C LYS C 544 16.75 -4.36 17.70
N SER C 545 17.01 -3.82 16.51
CA SER C 545 18.31 -3.27 16.15
C SER C 545 18.62 -1.96 16.86
N GLY C 546 19.89 -1.79 17.24
CA GLY C 546 20.38 -0.56 17.85
C GLY C 546 21.03 0.37 16.85
N GLN C 547 21.89 -0.18 15.99
CA GLN C 547 22.53 0.58 14.92
C GLN C 547 21.49 1.06 13.90
N SER C 548 21.95 1.66 12.81
CA SER C 548 21.05 2.14 11.73
C SER C 548 20.15 1.02 11.23
N GLU C 549 18.95 1.40 10.79
CA GLU C 549 17.96 0.44 10.31
C GLU C 549 18.42 -0.28 9.05
N ASP C 550 18.99 0.47 8.10
CA ASP C 550 19.34 -0.06 6.78
C ASP C 550 20.83 0.09 6.43
N ARG C 551 21.58 -0.99 6.65
CA ARG C 551 22.95 -1.10 6.13
C ARG C 551 23.42 -2.56 6.03
N GLN C 552 23.06 -3.37 7.03
CA GLN C 552 23.34 -4.81 7.03
C GLN C 552 24.78 -5.05 7.47
N PRO C 553 24.98 -5.70 8.62
CA PRO C 553 26.33 -5.77 9.14
C PRO C 553 27.30 -6.60 8.32
N VAL C 554 28.54 -6.55 8.76
CA VAL C 554 29.65 -7.24 8.13
C VAL C 554 30.22 -8.18 9.19
N PRO C 555 30.82 -9.30 8.77
CA PRO C 555 31.42 -10.23 9.72
C PRO C 555 32.36 -9.54 10.71
N GLY C 556 32.28 -9.95 11.99
CA GLY C 556 33.15 -9.40 13.03
C GLY C 556 32.65 -8.12 13.69
N GLN C 557 31.84 -7.37 12.96
CA GLN C 557 31.40 -6.02 13.34
C GLN C 557 30.65 -5.94 14.66
N GLN C 558 30.80 -4.80 15.34
CA GLN C 558 29.98 -4.47 16.52
C GLN C 558 28.60 -4.07 16.08
N MET C 559 27.59 -4.50 16.84
CA MET C 559 26.26 -3.91 16.71
C MET C 559 25.63 -3.79 18.07
N THR C 560 24.69 -2.86 18.19
CA THR C 560 23.93 -2.68 19.41
C THR C 560 22.60 -3.42 19.32
N LEU C 561 22.23 -4.07 20.41
CA LEU C 561 21.00 -4.85 20.51
C LEU C 561 20.05 -4.16 21.49
N LYS C 562 18.90 -3.69 20.98
CA LYS C 562 17.90 -3.02 21.83
C LYS C 562 16.95 -4.05 22.42
N ILE C 563 16.98 -4.18 23.74
CA ILE C 563 16.14 -5.13 24.47
C ILE C 563 15.06 -4.39 25.29
N GLU C 564 13.83 -4.34 24.77
CA GLU C 564 12.69 -3.72 25.45
C GLU C 564 11.89 -4.76 26.25
N GLY C 565 11.71 -4.52 27.54
CA GLY C 565 10.96 -5.45 28.38
C GLY C 565 10.52 -4.88 29.73
N ASP C 566 10.09 -5.78 30.61
CA ASP C 566 9.56 -5.40 31.93
C ASP C 566 10.67 -5.10 32.92
N HIS C 567 10.42 -4.13 33.81
CA HIS C 567 11.37 -3.80 34.88
C HIS C 567 11.60 -5.01 35.77
N GLY C 568 12.82 -5.15 36.28
CA GLY C 568 13.18 -6.26 37.17
C GLY C 568 13.20 -7.62 36.50
N ALA C 569 12.85 -7.67 35.22
CA ALA C 569 12.78 -8.93 34.49
C ALA C 569 14.17 -9.45 34.20
N ARG C 570 14.34 -10.77 34.29
CA ARG C 570 15.52 -11.42 33.77
C ARG C 570 15.26 -11.78 32.32
N VAL C 571 16.29 -11.66 31.48
CA VAL C 571 16.18 -12.04 30.08
C VAL C 571 17.32 -12.99 29.71
N VAL C 572 16.96 -14.17 29.19
CA VAL C 572 17.96 -15.12 28.69
C VAL C 572 17.93 -15.18 27.16
N LEU C 573 19.09 -14.98 26.56
CA LEU C 573 19.22 -14.80 25.12
C LEU C 573 19.95 -15.96 24.46
N VAL C 574 19.78 -16.07 23.15
CA VAL C 574 20.50 -17.06 22.34
C VAL C 574 20.47 -16.71 20.86
N ALA C 575 21.62 -16.84 20.20
CA ALA C 575 21.77 -16.56 18.77
C ALA C 575 22.00 -17.88 18.02
N VAL C 576 21.26 -18.10 16.94
CA VAL C 576 21.38 -19.36 16.19
C VAL C 576 21.49 -19.10 14.70
N ASP C 577 22.39 -19.82 14.03
CA ASP C 577 22.56 -19.71 12.59
C ASP C 577 21.35 -20.37 11.94
N LYS C 578 20.64 -19.62 11.10
CA LYS C 578 19.41 -20.13 10.49
C LYS C 578 19.61 -21.35 9.60
N GLY C 579 20.85 -21.61 9.20
CA GLY C 579 21.18 -22.87 8.54
C GLY C 579 20.85 -24.09 9.39
N VAL C 580 20.96 -23.93 10.71
CA VAL C 580 20.59 -25.01 11.65
C VAL C 580 19.15 -25.47 11.47
N PHE C 581 18.26 -24.55 11.12
CA PHE C 581 16.84 -24.88 10.94
C PHE C 581 16.49 -25.40 9.54
N VAL C 582 17.39 -25.23 8.59
CA VAL C 582 17.29 -25.90 7.30
C VAL C 582 17.37 -27.41 7.52
N LEU C 583 18.10 -27.79 8.58
CA LEU C 583 18.29 -29.21 8.94
C LEU C 583 17.20 -29.73 9.86
N ASN C 584 16.77 -28.90 10.80
CA ASN C 584 15.80 -29.32 11.82
C ASN C 584 15.15 -28.12 12.51
N LYS C 585 13.85 -27.94 12.27
CA LYS C 585 13.14 -26.77 12.80
C LYS C 585 12.04 -27.20 13.74
N LYS C 586 12.37 -28.13 14.63
CA LYS C 586 11.39 -28.72 15.54
C LYS C 586 11.73 -28.40 16.99
N ASN C 587 10.71 -28.48 17.85
CA ASN C 587 10.85 -28.35 19.30
C ASN C 587 11.33 -26.99 19.81
N LYS C 588 11.22 -25.95 18.98
CA LYS C 588 11.63 -24.62 19.41
C LYS C 588 10.55 -24.05 20.32
N LEU C 589 10.99 -23.43 21.42
CA LEU C 589 10.08 -22.85 22.40
C LEU C 589 9.44 -21.58 21.86
N THR C 590 8.12 -21.51 21.94
CA THR C 590 7.33 -20.35 21.50
C THR C 590 6.39 -19.95 22.63
N GLN C 591 5.95 -18.69 22.62
CA GLN C 591 4.92 -18.27 23.58
C GLN C 591 3.61 -18.99 23.30
N SER C 592 3.26 -19.16 22.02
CA SER C 592 2.02 -19.84 21.64
C SER C 592 2.03 -21.30 22.10
N LYS C 593 3.18 -21.96 21.99
CA LYS C 593 3.32 -23.33 22.48
C LYS C 593 3.14 -23.40 24.00
N ILE C 594 3.47 -22.31 24.69
CA ILE C 594 3.24 -22.23 26.13
C ILE C 594 1.76 -22.12 26.46
N TRP C 595 1.06 -21.19 25.80
CA TRP C 595 -0.38 -21.03 26.00
C TRP C 595 -1.13 -22.29 25.55
N ASP C 596 -0.78 -22.77 24.36
CA ASP C 596 -1.29 -24.03 23.83
C ASP C 596 -1.25 -25.14 24.89
N VAL C 597 -0.19 -25.14 25.70
CA VAL C 597 -0.05 -26.09 26.83
C VAL C 597 -0.91 -25.69 28.01
N VAL C 598 -0.92 -24.39 28.36
CA VAL C 598 -1.75 -23.91 29.46
C VAL C 598 -3.22 -24.30 29.27
N GLU C 599 -3.73 -24.12 28.05
CA GLU C 599 -5.15 -24.39 27.73
C GLU C 599 -5.54 -25.87 27.83
N LYS C 600 -4.61 -26.77 27.51
CA LYS C 600 -4.87 -28.22 27.62
C LYS C 600 -4.94 -28.69 29.06
N ALA C 601 -4.33 -27.93 29.97
CA ALA C 601 -4.38 -28.23 31.40
C ALA C 601 -5.53 -27.50 32.11
N ASP C 602 -6.44 -26.91 31.34
CA ASP C 602 -7.61 -26.23 31.90
C ASP C 602 -8.64 -27.29 32.29
N ILE C 603 -9.28 -27.07 33.44
CA ILE C 603 -10.22 -28.04 34.01
C ILE C 603 -11.68 -27.72 33.67
N GLY C 604 -11.90 -26.94 32.62
CA GLY C 604 -13.24 -26.70 32.07
C GLY C 604 -13.38 -27.44 30.75
N CYS C 605 -14.60 -27.78 30.36
CA CYS C 605 -14.81 -28.63 29.18
C CYS C 605 -15.79 -28.05 28.16
N THR C 606 -17.05 -27.85 28.55
CA THR C 606 -18.02 -27.23 27.67
C THR C 606 -17.63 -25.76 27.54
N PRO C 607 -17.62 -25.23 26.31
CA PRO C 607 -17.37 -23.81 26.15
C PRO C 607 -18.64 -22.96 26.40
N GLY C 608 -19.34 -23.26 27.51
CA GLY C 608 -20.55 -22.51 27.89
C GLY C 608 -21.76 -23.37 28.21
N SER C 609 -22.47 -22.99 29.27
CA SER C 609 -23.77 -23.57 29.62
C SER C 609 -23.70 -25.02 30.15
N GLY C 610 -24.87 -25.54 30.52
CA GLY C 610 -25.00 -26.91 31.02
C GLY C 610 -26.43 -27.40 30.91
N LYS C 611 -26.68 -28.65 31.31
CA LYS C 611 -28.05 -29.23 31.26
C LYS C 611 -28.92 -28.80 32.45
N ASP C 612 -28.28 -28.34 33.52
CA ASP C 612 -28.98 -27.83 34.70
C ASP C 612 -27.99 -27.00 35.52
N TYR C 613 -28.43 -26.47 36.66
CA TYR C 613 -27.56 -25.63 37.49
C TYR C 613 -26.28 -26.37 37.88
N ALA C 614 -26.39 -27.65 38.23
CA ALA C 614 -25.23 -28.46 38.63
C ALA C 614 -24.23 -28.61 37.49
N GLY C 615 -24.75 -28.91 36.30
CA GLY C 615 -23.91 -29.03 35.10
C GLY C 615 -23.13 -27.77 34.76
N VAL C 616 -23.77 -26.60 34.93
CA VAL C 616 -23.18 -25.32 34.56
C VAL C 616 -21.89 -25.03 35.34
N PHE C 617 -21.85 -25.40 36.62
CA PHE C 617 -20.64 -25.28 37.43
C PHE C 617 -19.56 -26.28 37.04
N SER C 618 -19.92 -27.57 36.96
CA SER C 618 -18.94 -28.64 36.70
C SER C 618 -18.27 -28.48 35.35
N ASP C 619 -19.08 -28.26 34.30
CA ASP C 619 -18.57 -28.06 32.96
C ASP C 619 -17.68 -26.83 32.88
N ALA C 620 -17.89 -25.88 33.78
CA ALA C 620 -17.03 -24.71 33.92
C ALA C 620 -15.85 -24.96 34.88
N GLY C 621 -15.76 -26.17 35.42
CA GLY C 621 -14.69 -26.56 36.33
C GLY C 621 -14.86 -26.02 37.74
N LEU C 622 -16.08 -26.10 38.27
CA LEU C 622 -16.36 -25.62 39.62
C LEU C 622 -17.27 -26.56 40.43
N THR C 623 -17.03 -26.60 41.74
CA THR C 623 -17.90 -27.32 42.66
C THR C 623 -18.84 -26.31 43.31
N PHE C 624 -20.12 -26.64 43.35
CA PHE C 624 -21.07 -25.88 44.14
C PHE C 624 -21.61 -26.82 45.21
N THR C 625 -21.75 -26.30 46.42
CA THR C 625 -22.22 -27.09 47.54
C THR C 625 -22.95 -26.16 48.50
N SER C 626 -24.20 -26.51 48.83
CA SER C 626 -25.03 -25.67 49.69
C SER C 626 -25.52 -26.41 50.95
N SER C 627 -25.85 -25.62 51.97
CA SER C 627 -26.38 -26.13 53.24
C SER C 627 -27.80 -26.70 53.13
N SER C 628 -28.45 -26.49 51.99
CA SER C 628 -29.76 -27.08 51.71
C SER C 628 -29.64 -28.31 50.80
N GLY C 629 -28.41 -28.71 50.49
CA GLY C 629 -28.16 -29.98 49.80
C GLY C 629 -28.08 -29.93 48.29
N GLN C 630 -28.23 -28.73 47.71
CA GLN C 630 -28.03 -28.54 46.27
C GLN C 630 -26.53 -28.49 45.98
N GLN C 631 -26.04 -29.41 45.16
CA GLN C 631 -24.62 -29.46 44.85
C GLN C 631 -24.34 -30.12 43.52
N THR C 632 -23.13 -29.92 43.03
CA THR C 632 -22.69 -30.50 41.78
C THR C 632 -22.51 -32.00 41.92
N ALA C 633 -22.50 -32.69 40.79
CA ALA C 633 -22.13 -34.09 40.75
C ALA C 633 -20.68 -34.20 41.21
N GLN C 634 -20.30 -35.38 41.66
CA GLN C 634 -18.94 -35.60 42.12
C GLN C 634 -18.06 -35.83 40.90
N ARG C 635 -16.97 -35.09 40.80
CA ARG C 635 -16.00 -35.30 39.75
C ARG C 635 -14.86 -36.16 40.26
N ALA C 636 -14.64 -37.29 39.61
CA ALA C 636 -13.49 -38.16 39.93
C ALA C 636 -12.43 -38.19 38.82
N GLU C 637 -12.81 -37.86 37.59
CA GLU C 637 -11.89 -37.94 36.45
C GLU C 637 -11.07 -36.65 36.28
N LEU C 638 -9.77 -36.80 36.04
CA LEU C 638 -8.86 -35.67 35.92
C LEU C 638 -8.98 -34.98 34.56
N GLN C 639 -9.23 -35.77 33.53
CA GLN C 639 -9.31 -35.27 32.16
C GLN C 639 -10.77 -34.90 31.80
N CYS C 640 -10.94 -34.07 30.78
CA CYS C 640 -12.28 -33.79 30.26
C CYS C 640 -12.75 -35.01 29.47
N PRO C 641 -14.08 -35.20 29.34
CA PRO C 641 -14.57 -36.39 28.67
C PRO C 641 -14.64 -36.21 27.17
N GLN C 642 -14.93 -37.30 26.45
CA GLN C 642 -15.16 -37.24 25.00
C GLN C 642 -15.98 -38.45 24.53
N ASP D 4 53.68 -10.40 -5.52
CA ASP D 4 53.13 -9.73 -6.74
C ASP D 4 52.52 -8.35 -6.41
N GLU D 5 52.47 -7.49 -7.43
CA GLU D 5 52.18 -6.06 -7.25
C GLU D 5 50.67 -5.79 -7.22
N ASP D 6 50.28 -4.75 -6.48
CA ASP D 6 48.91 -4.20 -6.51
C ASP D 6 47.85 -5.16 -6.01
N ILE D 7 48.14 -5.86 -4.92
CA ILE D 7 47.25 -6.88 -4.37
C ILE D 7 47.63 -7.12 -2.91
N ILE D 8 46.66 -7.36 -2.04
CA ILE D 8 46.96 -7.61 -0.62
C ILE D 8 47.73 -8.92 -0.48
N ALA D 9 48.81 -8.89 0.30
CA ALA D 9 49.69 -10.05 0.45
C ALA D 9 49.15 -11.05 1.48
N GLU D 10 49.45 -12.33 1.25
CA GLU D 10 48.90 -13.43 2.04
C GLU D 10 49.07 -13.23 3.54
N GLU D 11 50.26 -12.84 3.95
CA GLU D 11 50.58 -12.68 5.38
C GLU D 11 49.76 -11.56 6.00
N ASN D 12 49.40 -10.56 5.20
CA ASN D 12 48.54 -9.46 5.65
C ASN D 12 47.07 -9.82 5.79
N ILE D 13 46.65 -10.95 5.23
CA ILE D 13 45.27 -11.42 5.34
C ILE D 13 45.05 -12.22 6.62
N VAL D 14 44.10 -11.79 7.45
CA VAL D 14 43.68 -12.60 8.60
C VAL D 14 42.34 -13.30 8.31
N SER D 15 42.39 -14.63 8.20
CA SER D 15 41.23 -15.45 7.82
C SER D 15 40.12 -15.48 8.88
N ARG D 16 38.89 -15.50 8.40
CA ARG D 16 37.70 -15.70 9.24
C ARG D 16 37.66 -17.12 9.78
N SER D 17 37.43 -17.27 11.10
CA SER D 17 37.46 -18.59 11.74
C SER D 17 36.33 -18.88 12.72
N GLU D 18 35.77 -17.85 13.35
CA GLU D 18 34.74 -18.03 14.36
C GLU D 18 33.37 -18.27 13.74
N PHE D 19 33.02 -19.55 13.60
CA PHE D 19 31.80 -19.99 12.90
C PHE D 19 30.91 -20.89 13.77
N PRO D 20 30.51 -20.40 14.96
CA PRO D 20 29.71 -21.25 15.83
C PRO D 20 28.31 -21.45 15.29
N GLU D 21 27.75 -22.64 15.51
CA GLU D 21 26.37 -22.93 15.10
C GLU D 21 25.36 -22.18 15.96
N SER D 22 25.76 -21.88 17.19
CA SER D 22 24.99 -21.01 18.07
C SER D 22 25.89 -20.28 19.06
N TRP D 23 25.41 -19.16 19.58
CA TRP D 23 26.16 -18.35 20.55
C TRP D 23 25.24 -17.33 21.26
N LEU D 24 25.84 -16.39 21.98
CA LEU D 24 25.10 -15.39 22.74
C LEU D 24 24.19 -16.02 23.80
N TRP D 25 24.70 -17.05 24.47
CA TRP D 25 24.00 -17.71 25.57
C TRP D 25 24.08 -16.85 26.83
N ASN D 26 23.46 -15.67 26.77
CA ASN D 26 23.67 -14.64 27.77
C ASN D 26 22.53 -14.49 28.75
N VAL D 27 22.82 -13.80 29.84
CA VAL D 27 21.85 -13.47 30.88
C VAL D 27 21.96 -11.99 31.23
N GLU D 28 21.04 -11.18 30.74
CA GLU D 28 21.00 -9.77 31.11
C GLU D 28 19.69 -9.43 31.83
N ASP D 29 19.80 -8.58 32.86
CA ASP D 29 18.64 -8.14 33.65
C ASP D 29 18.24 -6.73 33.24
N LEU D 30 16.95 -6.43 33.26
CA LEU D 30 16.46 -5.11 32.85
C LEU D 30 16.32 -4.17 34.04
N LYS D 31 17.46 -3.85 34.65
CA LYS D 31 17.49 -3.08 35.91
C LYS D 31 17.37 -1.57 35.70
N GLU D 32 17.33 -1.13 34.45
CA GLU D 32 17.24 0.30 34.12
C GLU D 32 15.83 0.82 34.40
N PRO D 33 15.70 2.14 34.69
CA PRO D 33 14.40 2.72 35.07
C PRO D 33 13.38 2.85 33.92
N PRO D 34 12.12 2.43 34.15
CA PRO D 34 11.15 2.31 33.05
C PRO D 34 10.53 3.61 32.54
N LYS D 35 9.95 3.52 31.35
CA LYS D 35 9.13 4.59 30.75
C LYS D 35 8.01 3.92 29.94
N ASN D 36 6.76 4.21 30.31
CA ASN D 36 5.59 3.40 29.90
C ASN D 36 5.66 1.97 30.44
N GLY D 37 6.38 1.80 31.55
CA GLY D 37 6.58 0.49 32.17
C GLY D 37 7.47 -0.46 31.38
N ILE D 38 8.37 0.10 30.57
CA ILE D 38 9.24 -0.70 29.70
C ILE D 38 10.71 -0.33 29.89
N SER D 39 11.43 -1.11 30.70
CA SER D 39 12.86 -0.90 30.95
C SER D 39 13.69 -1.36 29.75
N THR D 40 14.33 -0.42 29.07
CA THR D 40 15.20 -0.74 27.92
C THR D 40 16.65 -1.00 28.33
N LYS D 41 17.29 -1.95 27.65
CA LYS D 41 18.72 -2.22 27.81
C LYS D 41 19.37 -2.27 26.43
N LEU D 42 20.56 -1.66 26.32
CA LEU D 42 21.34 -1.67 25.10
C LEU D 42 22.54 -2.59 25.32
N MET D 43 22.69 -3.57 24.43
CA MET D 43 23.81 -4.52 24.49
C MET D 43 24.78 -4.27 23.35
N ASN D 44 26.08 -4.31 23.64
CA ASN D 44 27.10 -4.25 22.62
C ASN D 44 27.65 -5.66 22.39
N ILE D 45 27.25 -6.23 21.26
CA ILE D 45 27.67 -7.56 20.87
C ILE D 45 28.62 -7.48 19.67
N PHE D 46 29.46 -8.50 19.53
CA PHE D 46 30.34 -8.66 18.36
C PHE D 46 29.92 -9.89 17.54
N LEU D 47 29.38 -9.63 16.36
CA LEU D 47 28.93 -10.68 15.45
C LEU D 47 30.09 -11.57 15.03
N LYS D 48 29.81 -12.86 14.90
CA LYS D 48 30.82 -13.84 14.54
C LYS D 48 31.04 -13.76 13.02
N ASP D 49 31.96 -14.60 12.53
CA ASP D 49 32.44 -14.49 11.15
C ASP D 49 31.57 -15.15 10.07
N SER D 50 30.58 -15.94 10.46
CA SER D 50 29.71 -16.58 9.50
C SER D 50 29.01 -15.55 8.60
N ILE D 51 28.92 -15.84 7.31
CA ILE D 51 28.11 -15.07 6.37
C ILE D 51 26.77 -15.79 6.22
N THR D 52 25.78 -15.29 6.93
CA THR D 52 24.52 -16.00 7.10
C THR D 52 23.48 -15.01 7.59
N THR D 53 22.39 -15.56 8.12
CA THR D 53 21.43 -14.77 8.88
C THR D 53 21.28 -15.40 10.24
N TRP D 54 21.47 -14.61 11.30
CA TRP D 54 21.29 -15.08 12.66
C TRP D 54 19.85 -14.86 13.09
N GLU D 55 19.32 -15.80 13.85
CA GLU D 55 18.04 -15.64 14.55
C GLU D 55 18.32 -15.55 16.04
N ILE D 56 17.91 -14.44 16.65
CA ILE D 56 18.11 -14.21 18.07
C ILE D 56 16.79 -14.41 18.77
N LEU D 57 16.78 -15.25 19.81
CA LEU D 57 15.58 -15.52 20.61
C LEU D 57 15.79 -15.20 22.09
N ALA D 58 14.86 -14.42 22.65
CA ALA D 58 14.92 -14.00 24.04
C ALA D 58 13.67 -14.42 24.78
N VAL D 59 13.86 -15.09 25.92
CA VAL D 59 12.78 -15.30 26.88
C VAL D 59 13.08 -14.41 28.07
N SER D 60 12.02 -13.80 28.62
CA SER D 60 12.14 -13.08 29.88
C SER D 60 11.22 -13.69 30.93
N MET D 61 11.71 -13.68 32.16
CA MET D 61 10.99 -14.21 33.31
C MET D 61 10.91 -13.10 34.37
N SER D 62 9.74 -12.91 34.94
CA SER D 62 9.51 -11.82 35.90
C SER D 62 8.59 -12.23 37.05
N ASP D 63 8.94 -11.79 38.25
CA ASP D 63 8.11 -12.03 39.44
C ASP D 63 6.69 -11.49 39.27
N LYS D 64 6.57 -10.29 38.72
CA LYS D 64 5.27 -9.66 38.52
C LYS D 64 4.48 -10.21 37.32
N LYS D 65 5.14 -10.43 36.18
CA LYS D 65 4.41 -10.71 34.92
C LYS D 65 4.69 -12.05 34.24
N GLY D 66 5.50 -12.90 34.85
CA GLY D 66 5.66 -14.30 34.41
C GLY D 66 6.64 -14.52 33.28
N ILE D 67 6.40 -15.58 32.51
CA ILE D 67 7.28 -15.96 31.40
C ILE D 67 6.84 -15.30 30.09
N CYS D 68 7.82 -14.85 29.31
CA CYS D 68 7.52 -14.25 28.02
C CYS D 68 8.55 -14.59 26.95
N VAL D 69 8.17 -15.46 26.01
CA VAL D 69 9.02 -15.80 24.86
C VAL D 69 8.80 -14.76 23.76
N ALA D 70 9.87 -14.06 23.43
CA ALA D 70 9.81 -12.94 22.49
C ALA D 70 9.69 -13.46 21.07
N ASP D 71 9.39 -12.56 20.14
CA ASP D 71 9.43 -12.92 18.72
C ASP D 71 10.90 -13.00 18.29
N PRO D 72 11.22 -13.95 17.41
CA PRO D 72 12.60 -14.05 16.95
C PRO D 72 13.01 -12.81 16.17
N PHE D 73 14.27 -12.42 16.30
CA PHE D 73 14.80 -11.25 15.62
C PHE D 73 15.99 -11.62 14.76
N GLU D 74 15.88 -11.34 13.46
CA GLU D 74 16.90 -11.75 12.51
C GLU D 74 17.92 -10.66 12.18
N VAL D 75 19.18 -11.07 12.11
CA VAL D 75 20.29 -10.22 11.71
C VAL D 75 21.03 -10.93 10.59
N THR D 76 21.34 -10.19 9.53
CA THR D 76 21.94 -10.76 8.31
C THR D 76 23.32 -10.19 8.04
N VAL D 77 24.35 -11.03 8.19
CA VAL D 77 25.74 -10.66 7.99
C VAL D 77 26.19 -11.06 6.59
N MET D 78 27.00 -10.22 5.95
CA MET D 78 27.17 -10.31 4.50
C MET D 78 28.27 -9.36 4.02
N GLN D 79 28.96 -9.78 2.96
CA GLN D 79 30.00 -8.98 2.29
C GLN D 79 29.76 -8.99 0.79
N ASP D 80 30.30 -7.99 0.11
CA ASP D 80 30.23 -7.95 -1.35
C ASP D 80 31.09 -9.01 -2.00
N PHE D 81 32.15 -9.44 -1.33
CA PHE D 81 33.00 -10.53 -1.85
C PHE D 81 33.52 -11.44 -0.75
N PHE D 82 33.47 -12.74 -0.97
CA PHE D 82 33.86 -13.70 0.05
C PHE D 82 34.01 -15.14 -0.43
N ILE D 83 34.73 -15.91 0.39
CA ILE D 83 34.96 -17.32 0.19
C ILE D 83 33.97 -18.13 0.98
N ASP D 84 33.35 -19.12 0.36
CA ASP D 84 32.64 -20.16 1.12
C ASP D 84 33.41 -21.46 0.96
N LEU D 85 34.01 -21.93 2.04
CA LEU D 85 34.81 -23.16 2.02
C LEU D 85 33.95 -24.33 2.47
N ARG D 86 33.61 -25.20 1.53
CA ARG D 86 32.62 -26.24 1.73
C ARG D 86 33.26 -27.54 2.19
N LEU D 87 33.38 -27.70 3.51
CA LEU D 87 34.07 -28.84 4.09
C LEU D 87 33.08 -29.93 4.50
N PRO D 88 33.47 -31.21 4.37
CA PRO D 88 32.66 -32.29 4.93
C PRO D 88 32.72 -32.31 6.44
N TYR D 89 31.86 -33.12 7.07
CA TYR D 89 31.89 -33.27 8.52
C TYR D 89 33.13 -34.05 8.93
N SER D 90 33.52 -35.02 8.11
CA SER D 90 34.70 -35.82 8.37
C SER D 90 35.23 -36.49 7.11
N VAL D 91 36.53 -36.75 7.12
CA VAL D 91 37.22 -37.42 6.03
C VAL D 91 38.08 -38.55 6.61
N VAL D 92 38.24 -39.62 5.85
CA VAL D 92 39.02 -40.76 6.32
C VAL D 92 40.51 -40.50 6.13
N ARG D 93 41.31 -41.08 7.02
CA ARG D 93 42.77 -40.91 7.00
C ARG D 93 43.41 -41.59 5.80
N ASN D 94 44.38 -40.90 5.21
CA ASN D 94 45.09 -41.36 4.01
C ASN D 94 44.24 -41.54 2.74
N GLU D 95 42.97 -41.14 2.80
CA GLU D 95 42.08 -41.22 1.64
C GLU D 95 41.98 -39.86 0.96
N GLN D 96 42.48 -39.78 -0.28
CA GLN D 96 42.47 -38.53 -1.05
C GLN D 96 41.04 -38.05 -1.28
N VAL D 97 40.81 -36.76 -1.04
CA VAL D 97 39.49 -36.17 -1.20
C VAL D 97 39.56 -34.79 -1.87
N GLU D 98 38.51 -34.42 -2.59
CA GLU D 98 38.41 -33.09 -3.18
C GLU D 98 37.50 -32.25 -2.31
N ILE D 99 37.92 -31.02 -2.04
CA ILE D 99 37.09 -30.04 -1.36
C ILE D 99 37.01 -28.82 -2.23
N ARG D 100 36.02 -27.98 -1.96
CA ARG D 100 35.69 -26.86 -2.82
C ARG D 100 35.66 -25.56 -2.06
N ALA D 101 36.29 -24.54 -2.64
CA ALA D 101 36.19 -23.17 -2.15
C ALA D 101 35.40 -22.36 -3.18
N VAL D 102 34.18 -21.99 -2.83
CA VAL D 102 33.33 -21.21 -3.70
C VAL D 102 33.54 -19.73 -3.41
N LEU D 103 33.74 -18.95 -4.47
CA LEU D 103 34.05 -17.52 -4.35
C LEU D 103 32.95 -16.68 -4.97
N TYR D 104 32.43 -15.71 -4.22
CA TYR D 104 31.28 -14.91 -4.67
C TYR D 104 31.65 -13.46 -4.96
N ASN D 105 31.21 -12.96 -6.12
CA ASN D 105 31.30 -11.54 -6.45
C ASN D 105 29.93 -10.92 -6.56
N TYR D 106 29.42 -10.37 -5.46
CA TYR D 106 28.07 -9.78 -5.47
C TYR D 106 28.04 -8.33 -5.98
N ARG D 107 29.19 -7.82 -6.42
CA ARG D 107 29.25 -6.51 -7.06
C ARG D 107 28.42 -6.50 -8.35
N GLN D 108 27.89 -5.34 -8.68
CA GLN D 108 26.87 -5.22 -9.73
C GLN D 108 27.42 -5.11 -11.16
N ASN D 109 28.34 -4.18 -11.42
CA ASN D 109 28.79 -3.97 -12.79
C ASN D 109 30.30 -3.85 -12.98
N GLN D 110 31.00 -4.84 -12.45
CA GLN D 110 32.41 -5.08 -12.69
C GLN D 110 32.74 -6.49 -12.26
N GLU D 111 33.58 -7.16 -13.03
CA GLU D 111 34.14 -8.44 -12.63
C GLU D 111 35.24 -8.18 -11.62
N LEU D 112 35.61 -9.18 -10.84
CA LEU D 112 36.77 -9.06 -9.98
C LEU D 112 37.82 -10.05 -10.42
N LYS D 113 39.07 -9.61 -10.47
CA LYS D 113 40.16 -10.52 -10.78
C LYS D 113 40.77 -10.93 -9.45
N VAL D 114 40.50 -12.15 -9.04
CA VAL D 114 40.98 -12.66 -7.76
C VAL D 114 42.12 -13.66 -7.91
N ARG D 115 43.10 -13.55 -7.02
CA ARG D 115 44.05 -14.61 -6.79
C ARG D 115 43.64 -15.31 -5.49
N VAL D 116 43.53 -16.64 -5.55
CA VAL D 116 43.12 -17.45 -4.41
C VAL D 116 44.19 -18.48 -4.18
N GLU D 117 44.36 -18.87 -2.91
CA GLU D 117 45.45 -19.75 -2.50
C GLU D 117 45.02 -20.69 -1.37
N LEU D 118 45.35 -21.96 -1.52
CA LEU D 118 45.22 -22.95 -0.43
C LEU D 118 46.53 -22.99 0.34
N LEU D 119 46.45 -22.75 1.65
CA LEU D 119 47.63 -22.72 2.52
C LEU D 119 48.12 -24.11 2.88
N HIS D 120 49.45 -24.23 2.96
CA HIS D 120 50.11 -25.47 3.38
C HIS D 120 49.74 -25.85 4.83
N ASN D 121 49.69 -27.14 5.10
CA ASN D 121 49.47 -27.68 6.44
C ASN D 121 50.12 -29.08 6.53
N PRO D 122 51.05 -29.30 7.48
CA PRO D 122 51.73 -30.60 7.52
C PRO D 122 50.81 -31.77 7.80
N ALA D 123 49.63 -31.52 8.36
CA ALA D 123 48.64 -32.57 8.58
C ALA D 123 48.05 -33.11 7.27
N PHE D 124 48.10 -32.30 6.21
CA PHE D 124 47.59 -32.71 4.90
C PHE D 124 48.65 -32.78 3.84
N CYS D 125 48.32 -33.44 2.73
CA CYS D 125 49.18 -33.53 1.57
C CYS D 125 48.49 -32.81 0.43
N SER D 126 49.15 -31.80 -0.12
CA SER D 126 48.60 -31.09 -1.26
C SER D 126 49.71 -30.45 -2.07
N LEU D 127 49.35 -29.91 -3.22
CA LEU D 127 50.31 -29.16 -4.01
C LEU D 127 50.89 -27.95 -3.27
N ALA D 128 50.19 -27.45 -2.25
CA ALA D 128 50.76 -26.41 -1.41
C ALA D 128 51.88 -27.02 -0.58
N THR D 129 53.11 -26.64 -0.87
CA THR D 129 54.29 -27.13 -0.15
C THR D 129 54.90 -26.00 0.68
N THR D 130 55.85 -26.38 1.52
CA THR D 130 56.49 -25.44 2.43
C THR D 130 57.19 -24.27 1.71
N LYS D 131 57.72 -24.52 0.51
CA LYS D 131 58.40 -23.50 -0.28
C LYS D 131 57.73 -23.18 -1.61
N ARG D 132 56.56 -23.78 -1.87
CA ARG D 132 55.76 -23.43 -3.05
C ARG D 132 54.29 -23.28 -2.68
N ARG D 133 53.75 -22.10 -2.98
CA ARG D 133 52.36 -21.80 -2.77
C ARG D 133 51.50 -22.46 -3.85
N HIS D 134 50.24 -22.76 -3.51
CA HIS D 134 49.28 -23.27 -4.48
C HIS D 134 48.24 -22.20 -4.77
N GLN D 135 48.49 -21.40 -5.81
CA GLN D 135 47.64 -20.24 -6.11
C GLN D 135 47.19 -20.16 -7.57
N GLN D 136 45.89 -20.00 -7.77
CA GLN D 136 45.33 -19.72 -9.09
C GLN D 136 44.86 -18.26 -9.12
N THR D 137 44.74 -17.69 -10.32
CA THR D 137 44.05 -16.42 -10.55
C THR D 137 42.78 -16.64 -11.38
N VAL D 138 41.63 -16.54 -10.75
CA VAL D 138 40.35 -16.63 -11.45
C VAL D 138 39.81 -15.22 -11.72
N THR D 139 38.80 -15.12 -12.59
CA THR D 139 38.08 -13.86 -12.83
C THR D 139 36.59 -14.07 -12.67
N ILE D 140 36.03 -13.61 -11.55
CA ILE D 140 34.63 -13.82 -11.24
C ILE D 140 33.81 -12.70 -11.86
N PRO D 141 32.82 -13.05 -12.70
CA PRO D 141 31.90 -12.04 -13.22
C PRO D 141 31.03 -11.36 -12.14
N PRO D 142 30.33 -10.28 -12.51
CA PRO D 142 29.43 -9.63 -11.56
C PRO D 142 28.21 -10.48 -11.23
N LYS D 143 27.73 -10.34 -10.00
CA LYS D 143 26.58 -11.08 -9.49
C LYS D 143 26.65 -12.55 -9.86
N SER D 144 27.79 -13.15 -9.55
CA SER D 144 28.00 -14.57 -9.83
C SER D 144 29.07 -15.16 -8.92
N SER D 145 29.18 -16.49 -8.95
CA SER D 145 30.12 -17.21 -8.11
C SER D 145 30.96 -18.16 -8.95
N LEU D 146 31.94 -18.78 -8.32
CA LEU D 146 32.93 -19.61 -9.01
C LEU D 146 33.42 -20.67 -8.04
N SER D 147 33.77 -21.84 -8.58
CA SER D 147 34.30 -22.93 -7.75
C SER D 147 35.77 -23.16 -8.03
N VAL D 148 36.54 -23.26 -6.96
CA VAL D 148 37.95 -23.64 -7.01
C VAL D 148 38.09 -24.98 -6.29
N PRO D 149 38.47 -26.05 -7.02
CA PRO D 149 38.63 -27.34 -6.37
C PRO D 149 40.03 -27.46 -5.79
N TYR D 150 40.13 -28.14 -4.65
CA TYR D 150 41.41 -28.40 -4.01
C TYR D 150 41.46 -29.87 -3.58
N VAL D 151 42.38 -30.64 -4.16
CA VAL D 151 42.58 -32.04 -3.80
C VAL D 151 43.59 -32.14 -2.64
N ILE D 152 43.22 -32.88 -1.59
CA ILE D 152 44.02 -32.99 -0.39
C ILE D 152 43.92 -34.39 0.23
N VAL D 153 44.94 -34.77 0.98
CA VAL D 153 44.98 -36.08 1.64
C VAL D 153 45.32 -35.93 3.13
N PRO D 154 44.35 -36.21 4.02
CA PRO D 154 44.63 -36.17 5.45
C PRO D 154 45.62 -37.24 5.85
N LEU D 155 46.54 -36.90 6.73
CA LEU D 155 47.58 -37.83 7.18
C LEU D 155 47.58 -38.00 8.68
N LYS D 156 47.07 -37.00 9.39
CA LYS D 156 47.10 -36.98 10.85
C LYS D 156 45.67 -37.06 11.33
N THR D 157 45.38 -38.02 12.21
CA THR D 157 44.04 -38.21 12.72
C THR D 157 43.64 -37.10 13.70
N GLY D 158 42.34 -36.85 13.80
CA GLY D 158 41.81 -35.88 14.77
C GLY D 158 41.26 -34.60 14.15
N LEU D 159 41.03 -33.61 15.01
CA LEU D 159 40.50 -32.33 14.57
C LEU D 159 41.61 -31.57 13.84
N GLN D 160 41.43 -31.37 12.53
CA GLN D 160 42.42 -30.66 11.71
C GLN D 160 41.80 -29.46 10.99
N GLU D 161 42.65 -28.66 10.33
CA GLU D 161 42.26 -27.37 9.77
C GLU D 161 42.63 -27.21 8.32
N VAL D 162 41.67 -26.77 7.52
CA VAL D 162 41.93 -26.37 6.14
C VAL D 162 41.71 -24.86 6.02
N GLU D 163 42.64 -24.17 5.39
CA GLU D 163 42.59 -22.72 5.27
C GLU D 163 42.91 -22.30 3.85
N VAL D 164 42.00 -21.55 3.24
CA VAL D 164 42.21 -20.94 1.93
C VAL D 164 41.98 -19.44 2.05
N LYS D 165 42.80 -18.65 1.34
CA LYS D 165 42.74 -17.19 1.36
C LYS D 165 42.58 -16.68 -0.05
N ALA D 166 41.93 -15.53 -0.19
CA ALA D 166 41.79 -14.87 -1.50
C ALA D 166 42.06 -13.38 -1.38
N ALA D 167 42.62 -12.80 -2.45
CA ALA D 167 42.74 -11.35 -2.56
C ALA D 167 42.37 -10.92 -3.97
N VAL D 168 41.65 -9.81 -4.08
CA VAL D 168 41.23 -9.30 -5.38
C VAL D 168 42.22 -8.24 -5.77
N TYR D 169 42.66 -8.28 -7.02
CA TYR D 169 43.58 -7.29 -7.58
C TYR D 169 42.90 -5.94 -7.72
N HIS D 170 43.70 -4.87 -7.69
CA HIS D 170 43.24 -3.51 -7.99
C HIS D 170 42.17 -2.96 -7.01
N HIS D 171 42.07 -3.59 -5.85
CA HIS D 171 41.15 -3.13 -4.82
C HIS D 171 41.68 -3.51 -3.44
N PHE D 172 41.33 -2.71 -2.43
CA PHE D 172 41.63 -3.06 -1.02
C PHE D 172 40.61 -4.10 -0.54
N ILE D 173 40.58 -5.25 -1.21
CA ILE D 173 39.67 -6.34 -0.84
C ILE D 173 40.44 -7.63 -0.65
N SER D 174 40.14 -8.33 0.44
CA SER D 174 40.68 -9.65 0.69
C SER D 174 39.76 -10.44 1.62
N ASP D 175 39.87 -11.77 1.55
CA ASP D 175 39.11 -12.66 2.44
C ASP D 175 39.90 -13.93 2.72
N GLY D 176 39.48 -14.66 3.76
CA GLY D 176 40.10 -15.95 4.08
C GLY D 176 39.26 -16.74 5.06
N VAL D 177 39.05 -18.02 4.77
CA VAL D 177 38.27 -18.90 5.64
C VAL D 177 39.13 -20.03 6.17
N ARG D 178 39.08 -20.19 7.48
CA ARG D 178 39.79 -21.24 8.20
C ARG D 178 38.78 -22.09 8.95
N LYS D 179 38.40 -23.22 8.36
CA LYS D 179 37.46 -24.15 8.99
C LYS D 179 38.20 -25.40 9.45
N SER D 180 37.54 -26.18 10.31
CA SER D 180 38.08 -27.44 10.78
C SER D 180 37.21 -28.62 10.35
N LEU D 181 37.80 -29.81 10.40
CA LEU D 181 37.08 -31.05 10.11
C LEU D 181 37.74 -32.20 10.86
N LYS D 182 36.94 -33.23 11.15
CA LYS D 182 37.39 -34.37 11.94
C LYS D 182 37.99 -35.44 11.03
N VAL D 183 39.29 -35.67 11.16
CA VAL D 183 39.96 -36.72 10.41
C VAL D 183 39.85 -38.03 11.18
N VAL D 184 39.38 -39.07 10.50
CA VAL D 184 39.02 -40.33 11.14
C VAL D 184 39.80 -41.51 10.54
N PRO D 185 40.13 -42.50 11.38
CA PRO D 185 40.81 -43.74 11.01
C PRO D 185 40.26 -44.47 9.79
N GLU D 186 41.10 -45.34 9.23
CA GLU D 186 40.82 -46.06 7.99
C GLU D 186 39.66 -47.05 8.15
N GLY D 187 39.48 -47.56 9.36
CA GLY D 187 38.64 -48.74 9.61
C GLY D 187 37.14 -48.49 9.79
N ILE D 188 36.53 -49.28 10.66
CA ILE D 188 35.08 -49.27 10.88
C ILE D 188 34.71 -49.47 12.37
N ARG D 189 33.60 -48.87 12.77
CA ARG D 189 33.14 -48.88 14.16
C ARG D 189 32.47 -50.22 14.53
N MET D 190 32.86 -50.79 15.68
CA MET D 190 32.41 -52.14 16.08
C MET D 190 31.95 -52.28 17.54
N ASN D 191 31.01 -53.20 17.77
CA ASN D 191 30.45 -53.48 19.10
C ASN D 191 30.83 -54.88 19.64
N LYS D 192 32.09 -55.06 20.01
CA LYS D 192 32.52 -56.32 20.65
C LYS D 192 32.02 -56.34 22.10
N THR D 193 31.85 -57.55 22.65
CA THR D 193 31.40 -57.73 24.04
C THR D 193 32.31 -58.74 24.77
N VAL D 194 33.03 -58.26 25.78
CA VAL D 194 33.96 -59.09 26.57
C VAL D 194 33.22 -59.91 27.64
N ALA D 195 32.07 -59.39 28.08
CA ALA D 195 31.23 -60.10 29.06
C ALA D 195 29.80 -59.54 29.10
N VAL D 196 28.85 -60.38 29.52
CA VAL D 196 27.45 -59.99 29.73
C VAL D 196 26.88 -60.72 30.97
N ARG D 197 27.36 -60.31 32.15
CA ARG D 197 27.08 -61.01 33.41
C ARG D 197 25.80 -60.47 34.06
N THR D 198 25.52 -60.95 35.28
CA THR D 198 24.43 -60.42 36.13
C THR D 198 24.97 -60.26 37.56
N LEU D 199 24.79 -59.08 38.15
CA LEU D 199 25.25 -58.79 39.51
C LEU D 199 24.11 -58.98 40.55
N ASP D 200 24.27 -59.98 41.41
CA ASP D 200 23.29 -60.29 42.46
C ASP D 200 23.95 -61.03 43.63
N PRO D 201 24.35 -60.30 44.68
CA PRO D 201 24.83 -60.93 45.91
C PRO D 201 23.77 -61.88 46.50
N GLU D 202 24.22 -63.04 46.96
CA GLU D 202 23.37 -64.07 47.61
C GLU D 202 22.91 -65.18 46.65
N ARG D 203 22.40 -64.80 45.48
CA ARG D 203 22.05 -65.79 44.44
C ARG D 203 23.30 -66.25 43.69
N LEU D 204 24.07 -67.16 44.29
CA LEU D 204 25.39 -67.58 43.78
C LEU D 204 26.45 -66.47 43.76
N GLY D 205 26.05 -65.22 44.05
CA GLY D 205 26.97 -64.15 44.43
C GLY D 205 27.51 -64.43 45.82
N ARG D 206 26.81 -65.30 46.54
CA ARG D 206 27.31 -65.98 47.75
C ARG D 206 27.33 -65.12 49.02
N GLU D 207 27.55 -65.80 50.15
CA GLU D 207 27.53 -65.18 51.47
C GLU D 207 28.66 -64.16 51.63
N GLY D 208 29.81 -64.46 51.05
CA GLY D 208 30.84 -63.46 50.83
C GLY D 208 30.37 -62.57 49.68
N VAL D 209 30.34 -61.27 49.90
CA VAL D 209 29.84 -60.31 48.89
C VAL D 209 30.59 -60.41 47.56
N GLN D 210 29.89 -60.10 46.46
CA GLN D 210 30.34 -60.44 45.10
C GLN D 210 31.68 -59.82 44.67
N LYS D 211 32.44 -60.60 43.89
CA LYS D 211 33.64 -60.13 43.18
C LYS D 211 33.56 -60.61 41.73
N GLU D 212 33.78 -59.70 40.78
CA GLU D 212 33.57 -60.01 39.36
C GLU D 212 34.70 -59.47 38.48
N ASP D 213 35.67 -60.33 38.18
CA ASP D 213 36.79 -59.97 37.30
C ASP D 213 36.35 -60.02 35.84
N ILE D 214 36.57 -58.92 35.13
CA ILE D 214 36.21 -58.82 33.70
C ILE D 214 37.48 -58.66 32.86
N PRO D 215 37.64 -59.47 31.80
CA PRO D 215 38.93 -59.50 31.09
C PRO D 215 39.07 -58.40 30.04
N PRO D 216 40.28 -58.26 29.45
CA PRO D 216 40.45 -57.36 28.29
C PRO D 216 39.70 -57.86 27.06
N ALA D 217 39.52 -56.98 26.08
CA ALA D 217 38.88 -57.33 24.80
C ALA D 217 39.83 -58.11 23.90
N ASP D 218 39.35 -58.49 22.71
CA ASP D 218 40.15 -59.22 21.73
C ASP D 218 41.30 -58.34 21.20
N LEU D 219 41.00 -57.48 20.24
CA LEU D 219 41.89 -56.39 19.83
C LEU D 219 43.31 -56.80 19.36
N SER D 220 43.40 -57.93 18.66
CA SER D 220 44.61 -58.29 17.92
C SER D 220 44.44 -58.03 16.41
N ASP D 221 43.21 -57.71 16.01
CA ASP D 221 42.88 -57.30 14.64
C ASP D 221 42.51 -55.81 14.56
N GLN D 222 42.85 -55.07 15.61
CA GLN D 222 42.62 -53.63 15.68
C GLN D 222 43.61 -52.89 14.77
N VAL D 223 43.15 -51.80 14.17
CA VAL D 223 44.04 -50.94 13.39
C VAL D 223 44.95 -50.18 14.35
N PRO D 224 46.28 -50.19 14.11
CA PRO D 224 47.16 -49.41 14.97
C PRO D 224 46.98 -47.90 14.80
N ASP D 225 47.49 -47.14 15.78
CA ASP D 225 47.27 -45.68 15.87
C ASP D 225 45.77 -45.37 15.96
N THR D 226 45.06 -46.13 16.80
CA THR D 226 43.63 -45.92 17.01
C THR D 226 43.27 -46.03 18.49
N GLU D 227 42.24 -45.29 18.89
CA GLU D 227 41.68 -45.39 20.23
C GLU D 227 40.87 -46.68 20.38
N SER D 228 40.87 -47.23 21.59
CA SER D 228 40.09 -48.42 21.92
C SER D 228 39.39 -48.21 23.28
N GLU D 229 38.23 -47.56 23.23
CA GLU D 229 37.48 -47.20 24.44
C GLU D 229 36.77 -48.40 25.07
N THR D 230 37.34 -48.89 26.17
CA THR D 230 36.69 -49.94 26.99
C THR D 230 35.60 -49.31 27.84
N ARG D 231 34.37 -49.33 27.32
CA ARG D 231 33.22 -48.69 27.96
C ARG D 231 32.44 -49.67 28.83
N ILE D 232 31.91 -49.16 29.95
CA ILE D 232 31.17 -49.97 30.92
C ILE D 232 29.72 -49.50 31.01
N LEU D 233 28.81 -50.42 31.30
CA LEU D 233 27.40 -50.09 31.51
C LEU D 233 26.86 -50.78 32.75
N LEU D 234 26.48 -49.98 33.75
CA LEU D 234 25.96 -50.49 35.03
C LEU D 234 24.48 -50.16 35.20
N GLN D 235 23.62 -51.10 34.83
CA GLN D 235 22.17 -50.92 34.95
C GLN D 235 21.68 -51.33 36.35
N GLY D 236 20.36 -51.40 36.55
CA GLY D 236 19.77 -51.86 37.81
C GLY D 236 18.32 -52.28 37.66
N THR D 237 18.07 -53.23 36.74
CA THR D 237 16.72 -53.73 36.43
C THR D 237 15.98 -54.34 37.63
N PRO D 238 14.96 -53.63 38.18
CA PRO D 238 14.20 -54.10 39.34
C PRO D 238 12.86 -54.81 39.04
N VAL D 239 12.26 -55.37 40.09
CA VAL D 239 10.89 -55.93 40.06
C VAL D 239 10.22 -55.55 41.38
N ALA D 240 8.89 -55.40 41.37
CA ALA D 240 8.17 -54.83 42.51
C ALA D 240 7.10 -55.74 43.14
N GLN D 241 7.35 -56.17 44.39
CA GLN D 241 6.35 -56.77 45.29
C GLN D 241 5.70 -58.10 44.89
N MET D 242 5.15 -58.76 45.90
CA MET D 242 4.25 -59.90 45.70
C MET D 242 3.00 -59.74 46.56
N THR D 243 2.58 -58.49 46.78
CA THR D 243 1.36 -58.19 47.51
C THR D 243 0.17 -58.69 46.70
N GLU D 244 -0.50 -59.72 47.20
CA GLU D 244 -1.63 -60.34 46.50
C GLU D 244 -2.78 -59.34 46.37
N ASP D 245 -3.58 -59.51 45.33
CA ASP D 245 -4.67 -58.57 45.04
C ASP D 245 -5.65 -58.45 46.21
N ALA D 246 -6.06 -57.22 46.50
CA ALA D 246 -7.10 -56.96 47.50
C ALA D 246 -8.44 -57.46 46.97
N VAL D 247 -9.39 -57.69 47.87
CA VAL D 247 -10.71 -58.19 47.49
C VAL D 247 -11.45 -57.12 46.70
N ASP D 248 -11.96 -57.48 45.53
CA ASP D 248 -12.65 -56.52 44.67
C ASP D 248 -13.82 -55.91 45.45
N ALA D 249 -13.87 -54.58 45.49
CA ALA D 249 -14.86 -53.86 46.30
C ALA D 249 -16.30 -54.02 45.80
N GLU D 250 -16.48 -54.36 44.52
CA GLU D 250 -17.82 -54.58 43.96
C GLU D 250 -18.49 -55.85 44.52
N ARG D 251 -17.69 -56.75 45.08
CA ARG D 251 -18.21 -57.92 45.79
C ARG D 251 -18.63 -57.60 47.23
N LEU D 252 -18.36 -56.39 47.69
CA LEU D 252 -18.64 -55.97 49.07
C LEU D 252 -19.82 -55.00 49.21
N LYS D 253 -20.71 -54.96 48.22
CA LYS D 253 -21.85 -54.04 48.28
C LYS D 253 -22.87 -54.42 49.35
N HIS D 254 -22.93 -55.72 49.67
CA HIS D 254 -23.89 -56.24 50.65
C HIS D 254 -23.55 -55.93 52.12
N LEU D 255 -22.31 -55.54 52.39
CA LEU D 255 -21.86 -55.31 53.77
C LEU D 255 -22.37 -54.00 54.36
N ILE D 256 -22.84 -53.09 53.50
CA ILE D 256 -23.41 -51.84 53.98
C ILE D 256 -24.81 -52.17 54.45
N VAL D 257 -25.00 -52.17 55.77
CA VAL D 257 -26.24 -52.66 56.38
C VAL D 257 -26.75 -51.72 57.48
N THR D 258 -28.07 -51.61 57.56
CA THR D 258 -28.74 -50.78 58.56
C THR D 258 -28.97 -51.58 59.83
N PRO D 259 -28.27 -51.21 60.93
CA PRO D 259 -28.51 -51.85 62.21
C PRO D 259 -29.92 -51.62 62.78
N SER D 260 -30.54 -52.70 63.21
CA SER D 260 -31.81 -52.64 63.93
C SER D 260 -31.78 -53.74 64.98
N GLY D 261 -32.88 -53.88 65.72
CA GLY D 261 -32.99 -54.91 66.74
C GLY D 261 -32.35 -54.55 68.06
N CYS D 262 -32.38 -55.49 69.01
CA CYS D 262 -31.91 -55.25 70.37
C CYS D 262 -30.37 -55.33 70.46
N GLY D 263 -29.86 -55.64 71.67
CA GLY D 263 -28.44 -55.52 71.99
C GLY D 263 -27.48 -56.38 71.19
N GLU D 264 -27.97 -57.54 70.73
CA GLU D 264 -27.16 -58.48 69.95
C GLU D 264 -27.36 -58.26 68.45
N GLN D 265 -28.62 -58.27 68.00
CA GLN D 265 -28.96 -58.05 66.59
C GLN D 265 -28.39 -56.73 66.07
N ASN D 266 -28.45 -55.68 66.89
CA ASN D 266 -27.87 -54.39 66.50
C ASN D 266 -26.38 -54.46 66.20
N MET D 267 -25.64 -55.24 66.98
CA MET D 267 -24.23 -55.45 66.72
C MET D 267 -24.01 -56.33 65.49
N ILE D 268 -24.95 -57.22 65.21
CA ILE D 268 -24.86 -58.07 64.02
C ILE D 268 -24.96 -57.24 62.74
N GLY D 269 -25.89 -56.30 62.74
CA GLY D 269 -26.06 -55.39 61.60
C GLY D 269 -24.95 -54.36 61.46
N MET D 270 -24.36 -53.98 62.59
CA MET D 270 -23.28 -52.99 62.59
C MET D 270 -21.94 -53.59 62.12
N THR D 271 -21.77 -54.90 62.31
CA THR D 271 -20.48 -55.56 62.03
C THR D 271 -19.97 -55.41 60.59
N PRO D 272 -20.77 -55.83 59.60
CA PRO D 272 -20.24 -55.73 58.24
C PRO D 272 -19.96 -54.29 57.77
N THR D 273 -20.75 -53.33 58.26
CA THR D 273 -20.56 -51.94 57.84
C THR D 273 -19.26 -51.38 58.40
N VAL D 274 -18.96 -51.66 59.67
CA VAL D 274 -17.70 -51.20 60.29
C VAL D 274 -16.50 -51.75 59.56
N ILE D 275 -16.53 -53.05 59.25
CA ILE D 275 -15.39 -53.71 58.62
C ILE D 275 -15.30 -53.39 57.13
N ALA D 276 -16.44 -53.19 56.48
CA ALA D 276 -16.47 -52.79 55.07
C ALA D 276 -15.77 -51.44 54.87
N VAL D 277 -16.14 -50.47 55.70
CA VAL D 277 -15.51 -49.16 55.67
C VAL D 277 -14.03 -49.26 56.03
N HIS D 278 -13.72 -50.03 57.08
CA HIS D 278 -12.33 -50.25 57.51
C HIS D 278 -11.49 -50.84 56.39
N TYR D 279 -12.03 -51.83 55.70
CA TYR D 279 -11.32 -52.48 54.60
C TYR D 279 -11.19 -51.58 53.39
N LEU D 280 -12.28 -50.89 53.03
CA LEU D 280 -12.29 -49.95 51.92
C LEU D 280 -11.36 -48.76 52.19
N ASP D 281 -11.25 -48.37 53.45
CA ASP D 281 -10.29 -47.33 53.89
C ASP D 281 -8.84 -47.69 53.53
N GLU D 282 -8.42 -48.89 53.94
CA GLU D 282 -7.05 -49.33 53.73
C GLU D 282 -6.76 -49.65 52.27
N THR D 283 -7.67 -50.35 51.61
CA THR D 283 -7.50 -50.67 50.20
C THR D 283 -7.72 -49.45 49.29
N GLU D 284 -8.34 -48.41 49.84
CA GLU D 284 -8.62 -47.17 49.09
C GLU D 284 -9.30 -47.46 47.75
N GLN D 285 -10.42 -48.17 47.81
CA GLN D 285 -11.23 -48.48 46.61
C GLN D 285 -12.53 -47.69 46.59
N TRP D 286 -12.56 -46.54 47.25
CA TRP D 286 -13.80 -45.76 47.33
C TRP D 286 -14.25 -45.26 45.94
N GLU D 287 -13.28 -44.89 45.11
CA GLU D 287 -13.53 -44.55 43.69
C GLU D 287 -14.43 -45.57 42.99
N LYS D 288 -13.97 -46.82 42.93
CA LYS D 288 -14.70 -47.90 42.25
C LYS D 288 -16.07 -48.12 42.86
N PHE D 289 -16.14 -48.02 44.18
CA PHE D 289 -17.36 -48.34 44.93
C PHE D 289 -18.43 -47.25 44.82
N GLY D 290 -18.00 -46.01 44.99
CA GLY D 290 -18.90 -44.87 45.04
C GLY D 290 -18.40 -43.87 46.06
N LEU D 291 -17.49 -43.02 45.63
CA LEU D 291 -16.85 -42.04 46.52
C LEU D 291 -17.79 -41.46 47.58
N GLU D 292 -18.97 -41.01 47.14
CA GLU D 292 -19.95 -40.35 48.02
C GLU D 292 -20.70 -41.29 48.96
N LYS D 293 -20.65 -42.60 48.68
CA LYS D 293 -21.36 -43.60 49.50
C LYS D 293 -20.74 -43.82 50.88
N ARG D 294 -19.51 -43.39 51.07
CA ARG D 294 -18.85 -43.48 52.37
C ARG D 294 -19.62 -42.71 53.44
N GLN D 295 -20.01 -41.47 53.13
CA GLN D 295 -20.79 -40.67 54.05
C GLN D 295 -22.08 -41.39 54.47
N GLY D 296 -22.66 -42.13 53.52
CA GLY D 296 -23.83 -42.95 53.82
C GLY D 296 -23.51 -44.04 54.82
N ALA D 297 -22.45 -44.80 54.54
CA ALA D 297 -21.98 -45.86 55.45
C ALA D 297 -21.60 -45.30 56.82
N LEU D 298 -21.04 -44.09 56.86
CA LEU D 298 -20.61 -43.46 58.12
C LEU D 298 -21.78 -43.20 59.07
N GLU D 299 -22.91 -42.76 58.51
CA GLU D 299 -24.10 -42.44 59.30
C GLU D 299 -24.70 -43.68 59.94
N LEU D 300 -24.61 -44.81 59.22
CA LEU D 300 -25.11 -46.08 59.73
C LEU D 300 -24.25 -46.60 60.88
N ILE D 301 -22.94 -46.37 60.80
CA ILE D 301 -22.03 -46.79 61.85
C ILE D 301 -22.28 -45.98 63.11
N LYS D 302 -22.45 -44.67 62.96
CA LYS D 302 -22.82 -43.84 64.08
C LYS D 302 -24.20 -44.22 64.60
N LYS D 303 -25.10 -44.56 63.69
CA LYS D 303 -26.47 -44.96 64.04
C LYS D 303 -26.46 -46.26 64.86
N GLY D 304 -25.61 -47.21 64.45
CA GLY D 304 -25.42 -48.43 65.22
C GLY D 304 -24.85 -48.15 66.60
N TYR D 305 -23.82 -47.31 66.64
CA TYR D 305 -23.18 -46.89 67.89
C TYR D 305 -24.20 -46.33 68.89
N THR D 306 -24.95 -45.33 68.44
CA THR D 306 -25.97 -44.69 69.27
C THR D 306 -26.98 -45.72 69.75
N GLN D 307 -27.54 -46.45 68.80
CA GLN D 307 -28.54 -47.49 69.10
C GLN D 307 -28.06 -48.50 70.15
N GLN D 308 -26.78 -48.87 70.08
CA GLN D 308 -26.20 -49.85 71.02
C GLN D 308 -26.17 -49.33 72.45
N LEU D 309 -26.04 -48.00 72.61
CA LEU D 309 -26.02 -47.39 73.95
C LEU D 309 -27.29 -47.67 74.75
N ALA D 310 -28.42 -47.82 74.06
CA ALA D 310 -29.69 -48.16 74.69
C ALA D 310 -29.64 -49.47 75.49
N PHE D 311 -28.59 -50.26 75.27
CA PHE D 311 -28.43 -51.57 75.95
C PHE D 311 -27.20 -51.59 76.85
N ARG D 312 -26.64 -50.42 77.13
CA ARG D 312 -25.53 -50.26 78.06
C ARG D 312 -26.05 -50.22 79.49
N GLN D 313 -25.64 -51.19 80.30
CA GLN D 313 -26.12 -51.30 81.67
C GLN D 313 -25.32 -50.35 82.57
N PRO D 314 -25.78 -50.14 83.82
CA PRO D 314 -25.08 -49.26 84.76
C PRO D 314 -23.61 -49.65 84.97
N SER D 315 -23.33 -50.95 85.00
CA SER D 315 -21.96 -51.46 85.19
C SER D 315 -21.06 -51.22 83.98
N SER D 316 -21.68 -50.79 82.88
CA SER D 316 -20.99 -50.49 81.62
C SER D 316 -20.80 -51.73 80.76
N ALA D 317 -21.49 -52.81 81.14
CA ALA D 317 -21.52 -54.04 80.36
C ALA D 317 -22.72 -53.99 79.40
N PHE D 318 -22.90 -55.06 78.61
CA PHE D 318 -23.96 -55.10 77.61
C PHE D 318 -24.73 -56.41 77.64
N ALA D 319 -25.91 -56.40 77.03
CA ALA D 319 -26.75 -57.59 76.95
C ALA D 319 -27.84 -57.42 75.91
N ALA D 320 -28.36 -58.56 75.44
CA ALA D 320 -29.46 -58.59 74.48
C ALA D 320 -30.56 -57.59 74.86
N PHE D 321 -30.93 -57.59 76.14
CA PHE D 321 -32.02 -56.73 76.61
C PHE D 321 -31.59 -55.96 77.86
N VAL D 322 -32.42 -55.02 78.29
CA VAL D 322 -32.09 -54.14 79.41
C VAL D 322 -32.18 -54.83 80.78
N LYS D 323 -33.18 -55.70 80.97
CA LYS D 323 -33.31 -56.45 82.22
C LYS D 323 -32.75 -57.88 82.08
N ARG D 324 -31.54 -58.01 81.55
CA ARG D 324 -30.88 -59.32 81.44
C ARG D 324 -29.47 -59.28 81.98
N ALA D 325 -29.05 -60.41 82.53
CA ALA D 325 -27.67 -60.56 82.97
C ALA D 325 -26.75 -60.23 81.80
N PRO D 326 -25.67 -59.49 82.06
CA PRO D 326 -24.81 -59.09 80.96
C PRO D 326 -23.89 -60.21 80.49
N SER D 327 -23.63 -60.24 79.18
CA SER D 327 -22.77 -61.24 78.58
C SER D 327 -21.32 -60.75 78.51
N THR D 328 -20.41 -61.57 79.04
CA THR D 328 -18.97 -61.33 78.96
C THR D 328 -18.53 -61.31 77.51
N TRP D 329 -19.07 -62.23 76.71
CA TRP D 329 -18.70 -62.26 75.31
C TRP D 329 -19.10 -60.97 74.62
N LEU D 330 -20.40 -60.66 74.68
CA LEU D 330 -20.98 -59.50 73.99
C LEU D 330 -20.28 -58.20 74.38
N THR D 331 -20.07 -58.02 75.68
CA THR D 331 -19.35 -56.85 76.15
C THR D 331 -17.97 -56.77 75.49
N ALA D 332 -17.28 -57.91 75.47
CA ALA D 332 -15.97 -58.01 74.84
C ALA D 332 -16.03 -57.80 73.33
N TYR D 333 -17.08 -58.31 72.69
CA TYR D 333 -17.23 -58.13 71.24
C TYR D 333 -17.53 -56.68 70.91
N VAL D 334 -18.36 -56.05 71.75
CA VAL D 334 -18.65 -54.63 71.57
C VAL D 334 -17.36 -53.82 71.63
N VAL D 335 -16.48 -54.18 72.57
CA VAL D 335 -15.17 -53.54 72.66
C VAL D 335 -14.32 -53.77 71.41
N LYS D 336 -14.32 -55.01 70.90
CA LYS D 336 -13.57 -55.35 69.70
C LYS D 336 -14.04 -54.55 68.47
N VAL D 337 -15.35 -54.36 68.36
CA VAL D 337 -15.89 -53.57 67.25
C VAL D 337 -15.57 -52.09 67.48
N PHE D 338 -16.03 -51.57 68.61
CA PHE D 338 -15.88 -50.15 68.93
C PHE D 338 -14.43 -49.68 68.76
N SER D 339 -13.50 -50.43 69.33
CA SER D 339 -12.08 -50.09 69.26
C SER D 339 -11.63 -49.83 67.83
N LEU D 340 -11.95 -50.75 66.93
CA LEU D 340 -11.60 -50.61 65.52
C LEU D 340 -12.40 -49.49 64.85
N ALA D 341 -13.63 -49.28 65.31
CA ALA D 341 -14.49 -48.24 64.77
C ALA D 341 -14.12 -46.81 65.20
N VAL D 342 -13.24 -46.64 66.19
CA VAL D 342 -12.93 -45.29 66.71
C VAL D 342 -12.32 -44.37 65.66
N ASN D 343 -11.68 -44.95 64.66
CA ASN D 343 -11.02 -44.17 63.59
C ASN D 343 -12.03 -43.50 62.68
N LEU D 344 -13.24 -44.08 62.62
CA LEU D 344 -14.25 -43.68 61.67
C LEU D 344 -15.30 -42.73 62.29
N ILE D 345 -15.58 -42.90 63.58
CA ILE D 345 -16.60 -42.11 64.28
C ILE D 345 -16.24 -41.87 65.75
N ALA D 346 -16.89 -40.89 66.37
CA ALA D 346 -16.66 -40.53 67.77
C ALA D 346 -17.11 -41.63 68.73
N ILE D 347 -16.17 -42.15 69.52
CA ILE D 347 -16.49 -43.17 70.51
C ILE D 347 -16.20 -42.62 71.91
N ASP D 348 -17.27 -42.46 72.69
CA ASP D 348 -17.16 -42.01 74.08
C ASP D 348 -16.24 -42.95 74.87
N SER D 349 -15.05 -42.46 75.23
CA SER D 349 -14.06 -43.24 75.99
C SER D 349 -14.62 -43.86 77.25
N GLN D 350 -15.46 -43.12 77.97
CA GLN D 350 -16.06 -43.64 79.19
C GLN D 350 -16.84 -44.93 78.93
N VAL D 351 -17.47 -45.03 77.75
CA VAL D 351 -18.23 -46.23 77.35
C VAL D 351 -17.29 -47.40 77.03
N LEU D 352 -16.31 -47.14 76.17
CA LEU D 352 -15.35 -48.17 75.75
C LEU D 352 -14.53 -48.71 76.92
N CYS D 353 -14.12 -47.83 77.81
CA CYS D 353 -13.24 -48.20 78.91
C CYS D 353 -14.02 -48.71 80.12
N GLY D 354 -15.26 -48.25 80.27
CA GLY D 354 -16.18 -48.80 81.27
C GLY D 354 -16.46 -50.28 81.01
N ALA D 355 -16.48 -50.65 79.73
CA ALA D 355 -16.62 -52.05 79.30
C ALA D 355 -15.37 -52.87 79.61
N VAL D 356 -14.20 -52.30 79.34
CA VAL D 356 -12.92 -52.94 79.64
C VAL D 356 -12.73 -53.13 81.14
N LYS D 357 -13.02 -52.08 81.90
CA LYS D 357 -12.89 -52.14 83.36
C LYS D 357 -13.78 -53.24 83.94
N TRP D 358 -15.00 -53.32 83.43
CA TRP D 358 -15.97 -54.29 83.91
C TRP D 358 -15.48 -55.73 83.70
N LEU D 359 -15.06 -56.04 82.48
CA LEU D 359 -14.59 -57.37 82.13
C LEU D 359 -13.51 -57.85 83.09
N ILE D 360 -12.62 -56.93 83.45
CA ILE D 360 -11.49 -57.24 84.35
C ILE D 360 -11.94 -57.44 85.80
N LEU D 361 -12.65 -56.46 86.34
CA LEU D 361 -13.01 -56.47 87.76
C LEU D 361 -14.10 -57.49 88.11
N GLU D 362 -15.01 -57.74 87.18
CA GLU D 362 -16.18 -58.57 87.47
C GLU D 362 -16.11 -59.99 86.91
N LYS D 363 -15.45 -60.17 85.77
CA LYS D 363 -15.52 -61.45 85.02
C LYS D 363 -14.20 -62.16 84.76
N GLN D 364 -13.11 -61.69 85.39
CA GLN D 364 -11.84 -62.41 85.34
C GLN D 364 -11.58 -63.08 86.67
N LYS D 365 -11.35 -64.40 86.63
CA LYS D 365 -11.01 -65.18 87.82
C LYS D 365 -9.59 -64.86 88.33
N PRO D 366 -9.20 -65.38 89.52
CA PRO D 366 -7.85 -65.12 90.05
C PRO D 366 -6.71 -65.53 89.12
N ASP D 367 -6.83 -66.70 88.49
CA ASP D 367 -5.78 -67.24 87.61
C ASP D 367 -5.70 -66.56 86.24
N GLY D 368 -6.74 -65.84 85.85
CA GLY D 368 -6.72 -65.02 84.62
C GLY D 368 -7.74 -65.41 83.56
N VAL D 369 -8.47 -66.49 83.77
CA VAL D 369 -9.50 -66.91 82.83
C VAL D 369 -10.64 -65.90 82.87
N PHE D 370 -11.23 -65.65 81.70
CA PHE D 370 -12.46 -64.85 81.61
C PHE D 370 -13.66 -65.78 81.55
N GLN D 371 -14.65 -65.54 82.40
CA GLN D 371 -15.81 -66.41 82.50
C GLN D 371 -17.08 -65.77 81.94
N GLU D 372 -17.91 -66.59 81.30
CA GLU D 372 -19.23 -66.19 80.82
C GLU D 372 -20.28 -66.66 81.81
N ASP D 373 -21.11 -65.74 82.29
CA ASP D 373 -22.17 -66.05 83.26
C ASP D 373 -23.58 -65.85 82.69
N ALA D 374 -23.68 -65.35 81.46
CA ALA D 374 -24.98 -65.16 80.79
C ALA D 374 -24.77 -65.10 79.27
N PRO D 375 -24.60 -66.28 78.64
CA PRO D 375 -24.26 -66.39 77.21
C PRO D 375 -25.25 -65.72 76.27
N VAL D 376 -24.74 -65.25 75.13
CA VAL D 376 -25.58 -64.64 74.10
C VAL D 376 -26.60 -65.64 73.56
N ILE D 377 -27.70 -65.11 73.03
CA ILE D 377 -28.78 -65.94 72.52
C ILE D 377 -28.73 -66.12 70.99
N HIS D 378 -28.02 -65.24 70.31
CA HIS D 378 -27.66 -65.46 68.91
C HIS D 378 -26.36 -66.25 68.88
N GLN D 379 -26.47 -67.56 69.10
CA GLN D 379 -25.29 -68.41 69.22
C GLN D 379 -24.44 -68.53 67.95
N GLU D 380 -24.96 -68.01 66.83
CA GLU D 380 -24.22 -68.02 65.55
C GLU D 380 -23.22 -66.88 65.43
N MET D 381 -23.42 -65.81 66.19
CA MET D 381 -22.58 -64.62 66.04
C MET D 381 -21.22 -64.77 66.73
N ILE D 382 -21.07 -65.78 67.60
CA ILE D 382 -19.78 -66.04 68.28
C ILE D 382 -18.81 -66.90 67.46
N GLY D 383 -19.31 -67.49 66.38
CA GLY D 383 -18.46 -68.24 65.46
C GLY D 383 -17.88 -69.51 66.07
N GLY D 384 -16.56 -69.61 66.03
CA GLY D 384 -15.87 -70.83 66.45
C GLY D 384 -15.86 -71.10 67.94
N LEU D 385 -16.22 -70.11 68.74
CA LEU D 385 -16.39 -70.28 70.18
C LEU D 385 -17.51 -71.26 70.51
N ARG D 386 -18.45 -71.45 69.59
CA ARG D 386 -19.61 -72.32 69.82
C ARG D 386 -19.26 -73.81 70.01
N ASN D 387 -18.06 -74.23 69.63
CA ASN D 387 -17.57 -75.57 69.96
C ASN D 387 -17.53 -75.72 71.49
N ASN D 388 -17.85 -76.91 71.97
CA ASN D 388 -17.87 -77.20 73.41
C ASN D 388 -16.47 -77.24 74.04
N ASN D 389 -15.53 -77.86 73.34
CA ASN D 389 -14.19 -78.10 73.88
C ASN D 389 -13.37 -76.82 73.99
N GLU D 390 -12.47 -76.80 74.97
CA GLU D 390 -11.49 -75.71 75.15
C GLU D 390 -12.13 -74.32 75.22
N LYS D 391 -13.27 -74.20 75.89
CA LYS D 391 -14.00 -72.93 75.95
C LYS D 391 -13.29 -71.89 76.82
N ASP D 392 -12.60 -72.34 77.87
CA ASP D 392 -11.83 -71.44 78.74
C ASP D 392 -10.74 -70.75 77.94
N MET D 393 -9.86 -71.55 77.33
CA MET D 393 -8.78 -71.02 76.49
C MET D 393 -9.32 -70.08 75.43
N ALA D 394 -10.30 -70.58 74.69
CA ALA D 394 -10.92 -69.85 73.58
C ALA D 394 -11.46 -68.49 74.02
N LEU D 395 -12.33 -68.51 75.03
CA LEU D 395 -13.00 -67.30 75.48
C LEU D 395 -12.04 -66.30 76.10
N THR D 396 -11.11 -66.79 76.92
CA THR D 396 -10.09 -65.93 77.51
C THR D 396 -9.30 -65.23 76.40
N ALA D 397 -8.90 -66.01 75.39
CA ALA D 397 -8.17 -65.49 74.23
C ALA D 397 -8.97 -64.43 73.48
N PHE D 398 -10.28 -64.63 73.40
CA PHE D 398 -11.16 -63.68 72.73
C PHE D 398 -11.26 -62.34 73.49
N VAL D 399 -11.54 -62.42 74.78
CA VAL D 399 -11.65 -61.21 75.62
C VAL D 399 -10.29 -60.50 75.74
N LEU D 400 -9.23 -61.30 75.87
CA LEU D 400 -7.86 -60.79 75.92
C LEU D 400 -7.51 -59.92 74.70
N ILE D 401 -7.88 -60.41 73.51
CA ILE D 401 -7.64 -59.68 72.28
C ILE D 401 -8.37 -58.33 72.29
N SER D 402 -9.62 -58.34 72.74
CA SER D 402 -10.42 -57.13 72.82
C SER D 402 -9.80 -56.11 73.76
N LEU D 403 -9.35 -56.55 74.92
CA LEU D 403 -8.65 -55.69 75.87
C LEU D 403 -7.44 -55.03 75.18
N GLN D 404 -6.69 -55.81 74.42
CA GLN D 404 -5.45 -55.34 73.80
C GLN D 404 -5.65 -54.37 72.66
N GLU D 405 -6.65 -54.62 71.82
CA GLU D 405 -6.94 -53.70 70.70
C GLU D 405 -7.50 -52.36 71.18
N ALA D 406 -7.98 -52.31 72.42
CA ALA D 406 -8.46 -51.07 73.04
C ALA D 406 -7.50 -50.58 74.13
N LYS D 407 -6.35 -51.23 74.25
CA LYS D 407 -5.36 -50.93 75.28
C LYS D 407 -4.92 -49.46 75.24
N ASP D 408 -4.53 -49.00 74.07
CA ASP D 408 -4.04 -47.63 73.89
C ASP D 408 -5.03 -46.58 74.38
N ILE D 409 -6.30 -46.74 74.03
CA ILE D 409 -7.33 -45.77 74.40
C ILE D 409 -7.64 -45.76 75.90
N CYS D 410 -7.51 -46.91 76.56
CA CYS D 410 -7.87 -47.03 77.99
C CYS D 410 -6.71 -47.41 78.92
N GLU D 411 -5.53 -46.82 78.71
CA GLU D 411 -4.39 -47.05 79.61
C GLU D 411 -4.34 -46.02 80.73
N GLU D 412 -4.39 -44.75 80.37
CA GLU D 412 -4.43 -43.65 81.35
C GLU D 412 -5.89 -43.43 81.81
N GLN D 413 -6.59 -44.53 82.06
CA GLN D 413 -8.02 -44.51 82.39
C GLN D 413 -8.45 -45.72 83.21
N VAL D 414 -7.89 -46.89 82.93
CA VAL D 414 -8.22 -48.12 83.66
C VAL D 414 -6.99 -48.83 84.22
N ASN D 415 -6.52 -48.39 85.39
CA ASN D 415 -5.43 -49.07 86.08
C ASN D 415 -5.89 -50.47 86.46
N SER D 416 -5.19 -51.47 85.93
CA SER D 416 -5.53 -52.90 86.06
C SER D 416 -5.33 -53.59 84.71
N LEU D 417 -5.60 -52.84 83.64
CA LEU D 417 -5.56 -53.38 82.27
C LEU D 417 -4.23 -54.06 81.96
N PRO D 418 -3.08 -53.36 82.16
CA PRO D 418 -1.85 -54.12 82.10
C PRO D 418 -1.75 -54.96 83.38
N GLY D 419 -1.46 -56.24 83.24
CA GLY D 419 -1.50 -57.15 84.37
C GLY D 419 -2.69 -58.07 84.24
N SER D 420 -3.86 -57.49 83.95
CA SER D 420 -5.02 -58.29 83.56
C SER D 420 -4.71 -58.95 82.23
N ILE D 421 -4.15 -58.18 81.31
CA ILE D 421 -3.63 -58.70 80.06
C ILE D 421 -2.63 -59.83 80.35
N THR D 422 -1.68 -59.54 81.24
CA THR D 422 -0.64 -60.51 81.59
C THR D 422 -1.21 -61.76 82.25
N LYS D 423 -2.12 -61.57 83.22
CA LYS D 423 -2.71 -62.71 83.96
C LYS D 423 -3.45 -63.68 83.06
N ALA D 424 -4.22 -63.14 82.12
CA ALA D 424 -4.84 -63.96 81.07
C ALA D 424 -3.77 -64.57 80.17
N GLY D 425 -2.72 -63.79 79.87
CA GLY D 425 -1.62 -64.26 79.04
C GLY D 425 -0.81 -65.40 79.65
N ASP D 426 -0.62 -65.37 80.97
CA ASP D 426 0.10 -66.43 81.67
C ASP D 426 -0.59 -67.77 81.46
N PHE D 427 -1.91 -67.73 81.49
CA PHE D 427 -2.76 -68.91 81.41
C PHE D 427 -2.79 -69.50 79.99
N LEU D 428 -2.91 -68.64 78.98
CA LEU D 428 -2.92 -69.11 77.60
C LEU D 428 -1.65 -69.91 77.34
N GLU D 429 -0.51 -69.26 77.54
CA GLU D 429 0.81 -69.88 77.42
C GLU D 429 0.85 -71.21 78.18
N ALA D 430 0.47 -71.14 79.45
CA ALA D 430 0.43 -72.30 80.34
C ALA D 430 -0.27 -73.50 79.69
N ASN D 431 -1.56 -73.36 79.39
CA ASN D 431 -2.36 -74.45 78.82
C ASN D 431 -2.26 -74.60 77.29
N TYR D 432 -1.46 -73.76 76.64
CA TYR D 432 -1.39 -73.72 75.19
C TYR D 432 -0.97 -75.06 74.58
N MET D 433 0.12 -75.61 75.08
CA MET D 433 0.78 -76.76 74.46
C MET D 433 -0.11 -78.01 74.34
N ASN D 434 -1.10 -78.14 75.21
CA ASN D 434 -2.02 -79.27 75.16
C ASN D 434 -3.33 -79.00 74.40
N LEU D 435 -3.41 -77.85 73.73
CA LEU D 435 -4.55 -77.53 72.86
C LEU D 435 -4.61 -78.49 71.67
N GLN D 436 -5.83 -78.84 71.26
CA GLN D 436 -6.03 -79.87 70.24
C GLN D 436 -6.79 -79.35 69.02
N ARG D 437 -7.80 -78.50 69.24
CA ARG D 437 -8.51 -77.85 68.13
C ARG D 437 -7.65 -76.72 67.55
N SER D 438 -7.67 -76.58 66.23
CA SER D 438 -6.87 -75.55 65.54
C SER D 438 -7.41 -74.14 65.79
N TYR D 439 -8.73 -74.01 65.84
CA TYR D 439 -9.38 -72.74 66.12
C TYR D 439 -8.79 -72.11 67.38
N THR D 440 -8.77 -72.90 68.45
CA THR D 440 -8.20 -72.46 69.72
C THR D 440 -6.74 -72.09 69.57
N VAL D 441 -5.99 -72.90 68.82
CA VAL D 441 -4.57 -72.63 68.57
C VAL D 441 -4.36 -71.26 67.96
N ALA D 442 -5.17 -70.93 66.94
CA ALA D 442 -5.00 -69.70 66.17
C ALA D 442 -5.38 -68.46 66.99
N ILE D 443 -6.54 -68.51 67.62
CA ILE D 443 -7.05 -67.39 68.42
C ILE D 443 -6.16 -67.10 69.63
N ALA D 444 -5.71 -68.16 70.30
CA ALA D 444 -4.79 -68.02 71.43
C ALA D 444 -3.44 -67.56 70.93
N GLY D 445 -3.05 -68.02 69.75
CA GLY D 445 -1.77 -67.68 69.14
C GLY D 445 -1.64 -66.20 68.82
N TYR D 446 -2.67 -65.65 68.19
CA TYR D 446 -2.75 -64.22 67.92
C TYR D 446 -2.72 -63.42 69.22
N ALA D 447 -3.50 -63.88 70.19
CA ALA D 447 -3.54 -63.26 71.51
C ALA D 447 -2.14 -63.18 72.11
N LEU D 448 -1.46 -64.34 72.16
CA LEU D 448 -0.12 -64.41 72.73
C LEU D 448 0.87 -63.61 71.88
N ALA D 449 0.75 -63.72 70.56
CA ALA D 449 1.63 -63.01 69.63
C ALA D 449 1.61 -61.50 69.85
N GLN D 450 0.45 -60.98 70.26
CA GLN D 450 0.32 -59.55 70.59
C GLN D 450 1.16 -59.14 71.79
N MET D 451 1.60 -60.12 72.59
CA MET D 451 2.51 -59.89 73.71
C MET D 451 3.95 -60.33 73.38
N GLY D 452 4.17 -60.78 72.15
CA GLY D 452 5.46 -61.34 71.73
C GLY D 452 5.84 -62.63 72.43
N ARG D 453 4.86 -63.32 73.02
CA ARG D 453 5.10 -64.49 73.87
C ARG D 453 4.85 -65.80 73.12
N LEU D 454 4.77 -65.72 71.79
CA LEU D 454 4.66 -66.90 70.93
C LEU D 454 6.08 -67.22 70.43
N LYS D 455 6.87 -67.81 71.32
CA LYS D 455 8.29 -68.06 71.08
C LYS D 455 8.60 -69.55 71.27
N GLY D 456 9.29 -70.14 70.29
CA GLY D 456 9.89 -71.47 70.46
C GLY D 456 8.92 -72.63 70.37
N PRO D 457 8.66 -73.33 71.50
CA PRO D 457 7.83 -74.55 71.44
C PRO D 457 6.37 -74.27 71.15
N LEU D 458 5.88 -73.11 71.61
CA LEU D 458 4.52 -72.71 71.35
C LEU D 458 4.38 -72.31 69.89
N LEU D 459 5.28 -71.46 69.44
CA LEU D 459 5.33 -71.03 68.05
C LEU D 459 5.42 -72.20 67.08
N ASN D 460 6.15 -73.23 67.48
CA ASN D 460 6.28 -74.45 66.68
C ASN D 460 4.93 -75.12 66.52
N LYS D 461 4.27 -75.40 67.63
CA LYS D 461 2.95 -76.03 67.60
C LYS D 461 1.99 -75.19 66.80
N PHE D 462 2.01 -73.88 67.03
CA PHE D 462 1.17 -72.97 66.28
C PHE D 462 1.32 -73.25 64.79
N LEU D 463 2.55 -73.13 64.29
CA LEU D 463 2.82 -73.24 62.86
C LEU D 463 2.53 -74.64 62.31
N THR D 464 3.02 -75.67 62.98
CA THR D 464 2.81 -77.05 62.54
C THR D 464 1.34 -77.50 62.60
N THR D 465 0.51 -76.76 63.33
CA THR D 465 -0.93 -77.03 63.39
C THR D 465 -1.61 -76.78 62.03
N ALA D 466 -1.06 -75.84 61.27
CA ALA D 466 -1.61 -75.47 59.95
C ALA D 466 -1.61 -76.67 59.00
N LYS D 467 -2.69 -76.81 58.22
CA LYS D 467 -2.77 -77.87 57.23
C LYS D 467 -2.21 -77.37 55.90
N ASP D 468 -1.17 -78.05 55.42
CA ASP D 468 -0.44 -77.66 54.21
C ASP D 468 0.05 -76.21 54.28
N LYS D 469 0.47 -75.79 55.46
CA LYS D 469 1.05 -74.46 55.71
C LYS D 469 0.26 -73.25 55.17
N ASN D 470 -1.05 -73.41 54.99
CA ASN D 470 -1.88 -72.32 54.45
C ASN D 470 -3.12 -71.98 55.30
N ARG D 471 -3.81 -73.01 55.80
CA ARG D 471 -5.04 -72.82 56.56
C ARG D 471 -4.92 -73.40 57.96
N TRP D 472 -5.80 -72.96 58.85
CA TRP D 472 -5.97 -73.51 60.19
C TRP D 472 -7.39 -74.02 60.31
N GLU D 473 -7.61 -75.29 59.96
CA GLU D 473 -8.98 -75.81 59.91
C GLU D 473 -9.23 -76.91 60.93
N ASP D 474 -10.52 -77.23 61.07
CA ASP D 474 -10.99 -78.32 61.90
C ASP D 474 -12.21 -78.90 61.22
N PRO D 475 -12.45 -80.22 61.35
CA PRO D 475 -13.65 -80.80 60.77
C PRO D 475 -14.92 -80.08 61.23
N GLY D 476 -15.72 -79.60 60.28
CA GLY D 476 -16.96 -78.88 60.58
C GLY D 476 -17.16 -77.63 59.75
N LYS D 477 -18.06 -76.77 60.19
CA LYS D 477 -18.43 -75.54 59.48
C LYS D 477 -17.18 -74.80 59.00
N GLN D 478 -17.14 -74.50 57.70
CA GLN D 478 -15.94 -73.95 57.07
C GLN D 478 -15.79 -72.45 57.30
N LEU D 479 -16.85 -71.83 57.81
CA LEU D 479 -16.76 -70.47 58.32
C LEU D 479 -15.80 -70.41 59.50
N TYR D 480 -15.84 -71.42 60.36
CA TYR D 480 -14.94 -71.48 61.53
C TYR D 480 -13.48 -71.54 61.06
N ASN D 481 -13.26 -72.23 59.94
CA ASN D 481 -11.94 -72.35 59.35
C ASN D 481 -11.48 -71.03 58.76
N VAL D 482 -12.41 -70.32 58.12
CA VAL D 482 -12.13 -68.97 57.62
C VAL D 482 -11.85 -68.02 58.79
N GLU D 483 -12.54 -68.25 59.92
CA GLU D 483 -12.33 -67.46 61.12
C GLU D 483 -10.94 -67.73 61.72
N ALA D 484 -10.67 -69.00 61.97
CA ALA D 484 -9.40 -69.45 62.57
C ALA D 484 -8.18 -68.99 61.77
N THR D 485 -8.25 -69.11 60.45
CA THR D 485 -7.14 -68.75 59.55
C THR D 485 -6.88 -67.24 59.52
N SER D 486 -7.93 -66.44 59.73
CA SER D 486 -7.77 -64.98 59.76
C SER D 486 -7.05 -64.54 61.04
N TYR D 487 -7.41 -65.14 62.16
CA TYR D 487 -6.67 -64.94 63.42
C TYR D 487 -5.23 -65.38 63.24
N ALA D 488 -5.05 -66.49 62.52
CA ALA D 488 -3.73 -67.01 62.20
C ALA D 488 -2.93 -66.00 61.38
N LEU D 489 -3.52 -65.50 60.30
CA LEU D 489 -2.85 -64.48 59.49
C LEU D 489 -2.47 -63.24 60.32
N LEU D 490 -3.37 -62.81 61.18
CA LEU D 490 -3.09 -61.66 62.04
C LEU D 490 -1.96 -61.95 63.04
N ALA D 491 -1.84 -63.22 63.41
CA ALA D 491 -0.73 -63.69 64.27
C ALA D 491 0.57 -63.72 63.48
N LEU D 492 0.53 -64.24 62.25
CA LEU D 492 1.68 -64.26 61.34
C LEU D 492 2.22 -62.85 61.13
N LEU D 493 1.33 -61.93 60.76
CA LEU D 493 1.70 -60.53 60.52
C LEU D 493 2.35 -59.90 61.76
N GLN D 494 1.87 -60.27 62.94
CA GLN D 494 2.39 -59.74 64.19
C GLN D 494 3.85 -60.14 64.36
N LEU D 495 4.14 -61.43 64.15
CA LEU D 495 5.52 -61.94 64.24
C LEU D 495 6.41 -61.40 63.11
N LYS D 496 5.80 -61.12 61.96
CA LYS D 496 6.52 -60.74 60.73
C LYS D 496 7.24 -61.93 60.06
N ASP D 497 6.74 -63.13 60.27
CA ASP D 497 7.17 -64.31 59.51
C ASP D 497 6.55 -64.20 58.11
N PHE D 498 7.10 -63.32 57.29
CA PHE D 498 6.55 -63.03 55.97
C PHE D 498 6.80 -64.15 54.96
N ASP D 499 7.62 -65.13 55.34
CA ASP D 499 7.87 -66.29 54.49
C ASP D 499 6.66 -67.23 54.49
N PHE D 500 6.00 -67.33 55.63
CA PHE D 500 4.86 -68.24 55.80
C PHE D 500 3.54 -67.65 55.29
N VAL D 501 3.51 -66.31 55.16
CA VAL D 501 2.27 -65.58 54.91
C VAL D 501 1.60 -65.83 53.56
N PRO D 502 2.36 -65.75 52.45
CA PRO D 502 1.73 -65.79 51.12
C PRO D 502 0.78 -66.96 50.86
N PRO D 503 1.16 -68.20 51.24
CA PRO D 503 0.24 -69.32 51.06
C PRO D 503 -1.07 -69.19 51.84
N VAL D 504 -1.01 -68.56 53.02
CA VAL D 504 -2.19 -68.38 53.87
C VAL D 504 -3.12 -67.32 53.27
N VAL D 505 -2.56 -66.16 52.96
CA VAL D 505 -3.31 -65.11 52.26
C VAL D 505 -3.85 -65.63 50.94
N ARG D 506 -3.09 -66.52 50.30
CA ARG D 506 -3.51 -67.14 49.04
C ARG D 506 -4.75 -68.00 49.25
N TRP D 507 -4.68 -68.91 50.22
CA TRP D 507 -5.83 -69.78 50.54
C TRP D 507 -7.08 -68.98 50.91
N LEU D 508 -6.88 -67.89 51.66
CA LEU D 508 -7.98 -67.00 52.04
C LEU D 508 -8.70 -66.45 50.81
N ASN D 509 -8.00 -65.63 50.02
CA ASN D 509 -8.57 -65.06 48.79
C ASN D 509 -9.16 -66.11 47.82
N GLU D 510 -8.66 -67.34 47.88
CA GLU D 510 -9.17 -68.44 47.05
C GLU D 510 -10.62 -68.78 47.38
N GLN D 511 -10.95 -68.80 48.67
CA GLN D 511 -12.32 -69.14 49.09
C GLN D 511 -13.31 -68.10 48.58
N ARG D 512 -12.83 -66.88 48.38
CA ARG D 512 -13.68 -65.76 47.99
C ARG D 512 -14.89 -65.70 48.92
N TYR D 513 -14.59 -65.52 50.21
CA TYR D 513 -15.62 -65.29 51.21
C TYR D 513 -15.82 -63.80 51.34
N TYR D 514 -17.02 -63.34 51.01
CA TYR D 514 -17.35 -61.91 51.03
C TYR D 514 -18.27 -61.55 52.20
N GLY D 515 -18.44 -62.48 53.13
CA GLY D 515 -19.16 -62.19 54.36
C GLY D 515 -20.65 -61.95 54.21
N GLY D 516 -21.28 -61.59 55.32
CA GLY D 516 -22.72 -61.36 55.36
C GLY D 516 -23.49 -62.65 55.47
N GLY D 517 -24.76 -62.54 55.89
CA GLY D 517 -25.64 -63.69 56.05
C GLY D 517 -25.65 -64.27 57.44
N TYR D 518 -26.64 -65.13 57.71
CA TYR D 518 -26.76 -65.83 58.99
C TYR D 518 -25.43 -66.43 59.42
N GLY D 519 -25.06 -66.21 60.68
CA GLY D 519 -23.85 -66.78 61.28
C GLY D 519 -22.52 -66.30 60.73
N SER D 520 -22.51 -65.11 60.13
CA SER D 520 -21.31 -64.62 59.45
C SER D 520 -20.54 -63.54 60.22
N THR D 521 -20.96 -63.26 61.44
CA THR D 521 -20.44 -62.09 62.17
C THR D 521 -18.92 -62.13 62.29
N GLN D 522 -18.42 -63.18 62.93
CA GLN D 522 -16.99 -63.28 63.24
C GLN D 522 -16.16 -63.46 61.97
N ALA D 523 -16.53 -64.46 61.15
CA ALA D 523 -15.84 -64.70 59.88
C ALA D 523 -15.67 -63.40 59.11
N THR D 524 -16.79 -62.72 58.85
CA THR D 524 -16.80 -61.44 58.15
C THR D 524 -15.87 -60.41 58.79
N PHE D 525 -16.03 -60.20 60.10
CA PHE D 525 -15.23 -59.18 60.80
C PHE D 525 -13.74 -59.50 60.74
N MET D 526 -13.39 -60.74 61.11
CA MET D 526 -11.99 -61.15 61.17
C MET D 526 -11.32 -61.25 59.81
N VAL D 527 -12.05 -61.74 58.80
CA VAL D 527 -11.46 -61.95 57.47
C VAL D 527 -10.98 -60.62 56.88
N PHE D 528 -11.78 -59.57 57.01
CA PHE D 528 -11.42 -58.26 56.47
C PHE D 528 -10.53 -57.45 57.40
N GLN D 529 -10.45 -57.82 58.68
CA GLN D 529 -9.42 -57.26 59.53
C GLN D 529 -8.06 -57.81 59.10
N ALA D 530 -8.04 -59.13 58.85
CA ALA D 530 -6.81 -59.83 58.47
C ALA D 530 -6.30 -59.37 57.10
N LEU D 531 -7.17 -59.38 56.10
CA LEU D 531 -6.79 -58.98 54.75
C LEU D 531 -6.43 -57.49 54.67
N ALA D 532 -7.11 -56.66 55.48
CA ALA D 532 -6.80 -55.23 55.55
C ALA D 532 -5.45 -54.99 56.21
N GLN D 533 -5.25 -55.63 57.36
CA GLN D 533 -3.98 -55.56 58.10
C GLN D 533 -2.83 -56.17 57.28
N TYR D 534 -3.14 -57.13 56.41
CA TYR D 534 -2.14 -57.73 55.52
C TYR D 534 -1.58 -56.73 54.52
N GLN D 535 -2.45 -55.87 53.99
CA GLN D 535 -2.04 -54.82 53.07
C GLN D 535 -1.18 -53.79 53.79
N LYS D 536 -1.62 -53.38 54.98
CA LYS D 536 -0.85 -52.45 55.82
C LYS D 536 0.62 -52.85 55.98
N ASP D 537 0.86 -54.16 56.08
CA ASP D 537 2.20 -54.70 56.27
C ASP D 537 2.75 -55.27 54.96
N ALA D 538 2.97 -54.38 54.00
CA ALA D 538 3.48 -54.75 52.68
C ALA D 538 4.58 -53.78 52.27
N PRO D 539 5.77 -54.30 51.91
CA PRO D 539 6.84 -53.41 51.41
C PRO D 539 6.46 -52.67 50.13
N ASP D 540 6.82 -51.39 50.05
CA ASP D 540 6.52 -50.55 48.89
C ASP D 540 7.48 -50.79 47.72
N HIS D 541 8.78 -50.92 48.02
CA HIS D 541 9.80 -51.15 47.00
C HIS D 541 10.74 -52.28 47.42
N GLN D 542 10.88 -53.29 46.55
CA GLN D 542 11.92 -54.31 46.70
C GLN D 542 13.26 -53.57 46.75
N GLU D 543 13.93 -53.64 47.89
CA GLU D 543 15.05 -52.73 48.19
C GLU D 543 16.31 -52.98 47.37
N LEU D 544 16.55 -52.11 46.39
CA LEU D 544 17.83 -52.04 45.69
C LEU D 544 18.77 -51.15 46.51
N ASN D 545 19.88 -51.72 46.98
CA ASN D 545 20.86 -50.96 47.76
C ASN D 545 22.29 -51.50 47.51
N LEU D 546 22.65 -51.57 46.23
CA LEU D 546 23.96 -52.06 45.80
C LEU D 546 25.00 -50.94 45.82
N ASP D 547 26.16 -51.23 46.42
CA ASP D 547 27.32 -50.33 46.35
C ASP D 547 28.42 -51.01 45.53
N VAL D 548 28.27 -50.94 44.22
CA VAL D 548 29.19 -51.59 43.29
C VAL D 548 30.47 -50.77 43.18
N SER D 549 31.60 -51.40 43.54
CA SER D 549 32.92 -50.77 43.47
C SER D 549 33.69 -51.23 42.23
N LEU D 550 34.35 -50.28 41.56
CA LEU D 550 35.17 -50.57 40.37
C LEU D 550 36.53 -49.85 40.44
N GLN D 551 37.57 -50.53 39.98
CA GLN D 551 38.91 -49.97 39.92
C GLN D 551 39.73 -50.65 38.84
N LEU D 552 40.50 -49.86 38.10
CA LEU D 552 41.41 -50.38 37.07
C LEU D 552 42.86 -50.14 37.49
N PRO D 553 43.82 -50.86 36.87
CA PRO D 553 45.24 -50.58 37.09
C PRO D 553 45.66 -49.22 36.51
N SER D 554 44.99 -48.80 35.44
CA SER D 554 45.24 -47.51 34.80
C SER D 554 44.85 -46.33 35.71
N ARG D 555 43.84 -46.56 36.54
CA ARG D 555 43.37 -45.56 37.51
C ARG D 555 43.93 -45.86 38.91
N SER D 556 43.82 -44.90 39.81
CA SER D 556 44.32 -45.04 41.18
C SER D 556 43.19 -45.32 42.18
N SER D 557 42.27 -44.38 42.31
CA SER D 557 41.20 -44.46 43.30
C SER D 557 40.10 -45.47 42.92
N LYS D 558 39.17 -45.67 43.84
CA LYS D 558 37.95 -46.43 43.57
C LYS D 558 37.00 -45.63 42.67
N ILE D 559 36.04 -46.33 42.07
CA ILE D 559 34.92 -45.70 41.36
C ILE D 559 33.62 -46.37 41.85
N THR D 560 33.28 -46.14 43.11
CA THR D 560 32.15 -46.82 43.77
C THR D 560 30.81 -46.17 43.45
N HIS D 561 30.07 -46.76 42.52
CA HIS D 561 28.71 -46.29 42.19
C HIS D 561 27.72 -46.71 43.29
N ARG D 562 26.73 -45.86 43.53
CA ARG D 562 25.67 -46.12 44.52
C ARG D 562 24.32 -46.34 43.83
N ILE D 563 23.92 -47.60 43.68
CA ILE D 563 22.67 -47.95 43.00
C ILE D 563 21.50 -48.13 43.98
N HIS D 564 20.62 -47.14 44.02
CA HIS D 564 19.41 -47.18 44.85
C HIS D 564 18.16 -47.31 43.97
N TRP D 565 17.09 -47.89 44.53
CA TRP D 565 15.76 -47.67 43.98
C TRP D 565 15.32 -46.32 44.56
N GLU D 566 14.97 -45.40 43.67
CA GLU D 566 14.67 -43.99 43.96
C GLU D 566 15.15 -43.19 42.76
N SER D 567 16.42 -43.39 42.42
CA SER D 567 16.96 -42.96 41.13
C SER D 567 16.34 -43.83 40.05
N ALA D 568 15.39 -43.26 39.29
CA ALA D 568 14.60 -44.01 38.32
C ALA D 568 15.42 -44.59 37.15
N SER D 569 16.56 -43.96 36.85
CA SER D 569 17.42 -44.38 35.74
C SER D 569 17.95 -45.80 35.92
N LEU D 570 18.73 -45.97 36.97
CA LEU D 570 19.40 -47.24 37.26
C LEU D 570 20.31 -47.62 36.09
N LEU D 571 21.17 -46.68 35.68
CA LEU D 571 22.19 -46.93 34.64
C LEU D 571 23.28 -45.86 34.66
N ARG D 572 24.53 -46.32 34.69
CA ARG D 572 25.71 -45.43 34.69
C ARG D 572 26.79 -45.96 33.75
N SER D 573 27.81 -45.15 33.50
CA SER D 573 28.86 -45.48 32.54
C SER D 573 30.24 -45.07 33.02
N GLU D 574 31.25 -45.87 32.65
CA GLU D 574 32.65 -45.60 32.99
C GLU D 574 33.55 -45.86 31.77
N GLU D 575 34.07 -44.78 31.19
CA GLU D 575 34.84 -44.86 29.94
C GLU D 575 36.35 -44.93 30.20
N THR D 576 36.94 -46.10 29.97
CA THR D 576 38.39 -46.29 30.09
C THR D 576 39.03 -46.08 28.72
N LYS D 577 40.06 -45.22 28.68
CA LYS D 577 40.79 -44.96 27.42
C LYS D 577 41.55 -46.22 26.99
N GLU D 578 42.15 -46.90 27.95
CA GLU D 578 43.00 -48.07 27.67
C GLU D 578 42.27 -49.36 27.96
N ASN D 579 42.59 -50.40 27.19
CA ASN D 579 42.00 -51.73 27.36
C ASN D 579 42.68 -52.48 28.52
N GLU D 580 42.00 -52.53 29.66
CA GLU D 580 42.54 -53.13 30.88
C GLU D 580 41.59 -54.16 31.50
N GLY D 581 42.15 -55.00 32.37
CA GLY D 581 41.35 -55.91 33.21
C GLY D 581 41.08 -55.24 34.53
N PHE D 582 39.87 -55.42 35.06
CA PHE D 582 39.43 -54.72 36.27
C PHE D 582 38.45 -55.55 37.08
N THR D 583 38.35 -55.24 38.38
CA THR D 583 37.42 -55.93 39.27
C THR D 583 36.14 -55.10 39.43
N VAL D 584 35.01 -55.80 39.57
CA VAL D 584 33.70 -55.16 39.74
C VAL D 584 32.92 -55.80 40.90
N THR D 585 33.14 -55.27 42.10
CA THR D 585 32.47 -55.76 43.31
C THR D 585 31.01 -55.31 43.33
N ALA D 586 30.16 -56.07 44.02
CA ALA D 586 28.76 -55.70 44.23
C ALA D 586 28.32 -56.18 45.62
N GLU D 587 27.72 -55.28 46.40
CA GLU D 587 27.50 -55.53 47.83
C GLU D 587 26.02 -55.40 48.28
N GLY D 588 25.41 -56.54 48.57
CA GLY D 588 24.09 -56.59 49.22
C GLY D 588 22.86 -56.14 48.44
N LYS D 589 21.80 -56.94 48.50
CA LYS D 589 20.45 -56.59 48.01
C LYS D 589 20.33 -56.36 46.49
N GLY D 590 19.10 -56.51 45.99
CA GLY D 590 18.75 -56.12 44.62
C GLY D 590 19.35 -56.93 43.49
N GLN D 591 18.88 -56.65 42.26
CA GLN D 591 19.43 -57.25 41.04
C GLN D 591 19.46 -56.22 39.91
N GLY D 592 20.35 -56.44 38.93
CA GLY D 592 20.44 -55.58 37.74
C GLY D 592 21.08 -56.24 36.52
N THR D 593 21.92 -55.48 35.83
CA THR D 593 22.66 -55.97 34.66
C THR D 593 23.98 -55.21 34.49
N LEU D 594 25.06 -55.95 34.23
CA LEU D 594 26.37 -55.37 33.95
C LEU D 594 26.84 -55.84 32.57
N SER D 595 26.72 -54.96 31.58
CA SER D 595 27.13 -55.27 30.21
C SER D 595 28.37 -54.46 29.84
N VAL D 596 29.45 -55.18 29.50
CA VAL D 596 30.68 -54.56 29.01
C VAL D 596 30.65 -54.58 27.48
N VAL D 597 30.78 -53.40 26.87
CA VAL D 597 30.83 -53.29 25.41
C VAL D 597 31.89 -52.26 25.00
N THR D 598 33.03 -52.74 24.52
CA THR D 598 34.11 -51.88 24.06
C THR D 598 33.82 -51.39 22.64
N MET D 599 34.73 -50.58 22.08
CA MET D 599 34.56 -50.04 20.74
C MET D 599 35.90 -49.75 20.07
N TYR D 600 36.21 -50.50 19.01
CA TYR D 600 37.51 -50.38 18.32
C TYR D 600 37.33 -50.27 16.80
N HIS D 601 38.47 -50.23 16.10
CA HIS D 601 38.48 -50.08 14.64
C HIS D 601 39.14 -51.28 13.95
N ALA D 602 38.31 -52.17 13.40
CA ALA D 602 38.78 -53.32 12.63
C ALA D 602 39.08 -52.91 11.20
N LYS D 603 39.90 -53.71 10.52
CA LYS D 603 40.33 -53.39 9.14
C LYS D 603 39.15 -53.34 8.14
N ALA D 604 39.44 -52.79 6.95
CA ALA D 604 38.40 -52.42 5.98
C ALA D 604 37.92 -53.56 5.07
N LYS D 605 38.52 -54.74 5.18
CA LYS D 605 38.20 -55.91 4.34
C LYS D 605 38.47 -55.67 2.85
N ASP D 606 38.38 -56.74 2.05
CA ASP D 606 38.49 -56.65 0.59
C ASP D 606 37.11 -56.36 -0.03
N GLN D 607 36.59 -55.18 0.31
CA GLN D 607 35.39 -54.61 -0.29
C GLN D 607 35.36 -53.16 0.16
N LEU D 608 36.02 -52.30 -0.63
CA LEU D 608 36.47 -50.97 -0.17
C LEU D 608 35.34 -50.00 0.18
N THR D 609 35.27 -48.86 -0.51
CA THR D 609 34.32 -47.80 -0.19
C THR D 609 33.74 -47.16 -1.46
N CYS D 610 33.39 -48.01 -2.42
CA CYS D 610 32.49 -47.66 -3.52
C CYS D 610 31.40 -48.73 -3.57
N ASN D 611 30.61 -48.76 -2.50
CA ASN D 611 29.55 -49.73 -2.31
C ASN D 611 28.52 -49.77 -3.44
N LYS D 612 27.89 -48.62 -3.73
CA LYS D 612 26.71 -48.58 -4.60
C LYS D 612 26.99 -48.45 -6.11
N PHE D 613 28.09 -47.81 -6.47
CA PHE D 613 28.42 -47.59 -7.88
C PHE D 613 29.80 -48.13 -8.23
N ASP D 614 29.97 -48.50 -9.49
CA ASP D 614 31.30 -48.73 -10.05
C ASP D 614 31.60 -47.53 -10.92
N LEU D 615 32.85 -47.10 -10.94
CA LEU D 615 33.24 -45.87 -11.63
C LEU D 615 34.65 -45.98 -12.17
N LYS D 616 34.84 -45.61 -13.42
CA LYS D 616 36.12 -45.79 -14.09
C LYS D 616 36.39 -44.57 -14.96
N VAL D 617 37.37 -43.76 -14.55
CA VAL D 617 37.67 -42.52 -15.25
C VAL D 617 39.03 -42.61 -15.98
N THR D 618 39.00 -42.46 -17.30
CA THR D 618 40.23 -42.46 -18.11
C THR D 618 40.53 -41.07 -18.64
N ILE D 619 41.81 -40.74 -18.73
CA ILE D 619 42.26 -39.52 -19.41
C ILE D 619 43.38 -39.87 -20.40
N LYS D 620 43.13 -39.58 -21.67
CA LYS D 620 44.04 -39.92 -22.75
C LYS D 620 44.37 -38.66 -23.55
N PRO D 621 45.42 -38.72 -24.39
CA PRO D 621 45.75 -37.63 -25.32
C PRO D 621 44.84 -37.55 -26.55
N ALA D 622 45.14 -36.59 -27.43
CA ALA D 622 44.28 -36.27 -28.57
C ALA D 622 44.39 -37.31 -29.71
N PRO D 623 43.50 -37.22 -30.71
CA PRO D 623 43.59 -38.05 -31.90
C PRO D 623 44.39 -37.31 -32.99
N GLU D 624 44.19 -37.68 -34.24
CA GLU D 624 44.75 -36.96 -35.40
C GLU D 624 45.04 -35.49 -35.08
N THR D 625 46.28 -35.22 -34.67
CA THR D 625 46.72 -33.90 -34.22
C THR D 625 47.55 -33.22 -35.30
N LYS D 633 49.44 -26.33 -25.01
CA LYS D 633 48.27 -26.09 -25.87
C LYS D 633 47.38 -27.33 -26.02
N ASN D 634 48.02 -28.50 -26.03
CA ASN D 634 47.41 -29.83 -25.81
C ASN D 634 45.90 -29.93 -25.48
N THR D 635 45.20 -30.87 -26.14
CA THR D 635 43.83 -31.25 -25.76
C THR D 635 43.80 -32.73 -25.36
N MET D 636 42.74 -33.16 -24.70
CA MET D 636 42.64 -34.53 -24.16
C MET D 636 41.21 -35.08 -24.20
N ILE D 637 41.08 -36.39 -23.99
CA ILE D 637 39.78 -37.06 -23.99
C ILE D 637 39.46 -37.66 -22.61
N LEU D 638 38.47 -37.09 -21.94
CA LEU D 638 38.04 -37.57 -20.64
C LEU D 638 36.97 -38.62 -20.87
N GLU D 639 37.15 -39.80 -20.27
CA GLU D 639 36.16 -40.87 -20.39
C GLU D 639 35.67 -41.29 -19.00
N ILE D 640 34.36 -41.18 -18.80
CA ILE D 640 33.70 -41.61 -17.57
C ILE D 640 32.85 -42.83 -17.85
N CYS D 641 33.09 -43.91 -17.11
CA CYS D 641 32.34 -45.14 -17.25
C CYS D 641 31.81 -45.59 -15.90
N THR D 642 30.50 -45.70 -15.80
CA THR D 642 29.88 -46.00 -14.52
C THR D 642 28.76 -47.02 -14.67
N ARG D 643 28.50 -47.79 -13.62
CA ARG D 643 27.21 -48.45 -13.42
C ARG D 643 26.98 -48.92 -11.97
N TYR D 644 25.75 -49.37 -11.71
CA TYR D 644 25.17 -49.41 -10.38
C TYR D 644 25.03 -50.84 -9.85
N ARG D 645 25.74 -51.16 -8.76
CA ARG D 645 25.65 -52.50 -8.16
C ARG D 645 24.23 -52.84 -7.71
N GLY D 646 23.81 -54.07 -7.94
CA GLY D 646 22.41 -54.50 -7.76
C GLY D 646 21.63 -54.20 -9.02
N ASP D 647 21.34 -55.24 -9.81
CA ASP D 647 20.88 -55.05 -11.19
C ASP D 647 19.41 -54.65 -11.34
N GLN D 648 19.15 -53.38 -11.05
CA GLN D 648 17.90 -52.74 -11.42
C GLN D 648 18.21 -51.24 -11.52
N ASP D 649 18.01 -50.69 -12.71
CA ASP D 649 18.43 -49.32 -13.03
C ASP D 649 18.23 -48.33 -11.88
N ALA D 650 19.31 -47.64 -11.51
CA ALA D 650 19.22 -46.54 -10.58
C ALA D 650 18.45 -45.41 -11.25
N THR D 651 17.73 -44.63 -10.45
CA THR D 651 16.96 -43.50 -10.97
C THR D 651 17.91 -42.34 -11.28
N MET D 652 17.52 -41.13 -10.90
CA MET D 652 18.22 -39.94 -11.36
C MET D 652 19.56 -39.84 -10.66
N SER D 653 20.62 -39.73 -11.44
CA SER D 653 21.97 -39.65 -10.89
C SER D 653 22.70 -38.39 -11.36
N ILE D 654 23.81 -38.12 -10.70
CA ILE D 654 24.64 -36.97 -11.03
C ILE D 654 26.09 -37.36 -11.25
N LEU D 655 26.66 -36.92 -12.37
CA LEU D 655 28.11 -36.87 -12.51
C LEU D 655 28.55 -35.46 -12.14
N ASP D 656 29.43 -35.36 -11.15
CA ASP D 656 30.02 -34.10 -10.75
C ASP D 656 31.50 -34.15 -11.12
N ILE D 657 31.88 -33.36 -12.11
CA ILE D 657 33.22 -33.38 -12.67
C ILE D 657 34.01 -32.12 -12.26
N SER D 658 35.32 -32.27 -12.10
CA SER D 658 36.21 -31.12 -11.88
C SER D 658 37.40 -31.21 -12.83
N MET D 659 37.72 -30.09 -13.48
CA MET D 659 38.77 -30.05 -14.48
C MET D 659 40.15 -30.04 -13.84
N MET D 660 41.11 -30.62 -14.54
CA MET D 660 42.51 -30.41 -14.19
C MET D 660 42.77 -28.92 -14.35
N THR D 661 43.72 -28.39 -13.59
CA THR D 661 43.98 -26.95 -13.67
C THR D 661 44.34 -26.56 -15.10
N GLY D 662 43.71 -25.51 -15.60
CA GLY D 662 43.97 -24.99 -16.95
C GLY D 662 43.27 -25.73 -18.07
N PHE D 663 42.28 -26.56 -17.72
CA PHE D 663 41.50 -27.32 -18.70
C PHE D 663 40.02 -26.95 -18.62
N ALA D 664 39.36 -26.98 -19.77
CA ALA D 664 37.92 -26.74 -19.85
C ALA D 664 37.32 -27.73 -20.85
N PRO D 665 36.04 -28.10 -20.65
CA PRO D 665 35.38 -28.99 -21.59
C PRO D 665 35.09 -28.35 -22.94
N ASP D 666 34.84 -29.17 -23.95
CA ASP D 666 34.51 -28.69 -25.28
C ASP D 666 32.99 -28.47 -25.42
N THR D 667 32.60 -27.22 -25.59
CA THR D 667 31.18 -26.86 -25.81
C THR D 667 30.58 -27.75 -26.88
N ASP D 668 31.31 -27.86 -28.00
CA ASP D 668 30.95 -28.74 -29.12
C ASP D 668 30.46 -30.09 -28.58
N ASP D 669 31.32 -30.76 -27.81
CA ASP D 669 31.04 -32.10 -27.32
C ASP D 669 29.92 -32.14 -26.26
N LEU D 670 29.95 -31.22 -25.32
CA LEU D 670 28.96 -31.20 -24.23
C LEU D 670 27.54 -31.03 -24.76
N LYS D 671 27.38 -30.18 -25.77
CA LYS D 671 26.06 -29.91 -26.36
C LYS D 671 25.46 -31.17 -26.97
N GLN D 672 26.32 -32.05 -27.51
CA GLN D 672 25.88 -33.33 -28.06
C GLN D 672 25.47 -34.33 -26.95
N LEU D 673 26.14 -34.25 -25.80
CA LEU D 673 25.76 -35.07 -24.65
C LEU D 673 24.38 -34.69 -24.10
N ALA D 674 24.07 -33.39 -24.16
CA ALA D 674 22.79 -32.87 -23.66
C ALA D 674 21.61 -33.21 -24.58
N ASN D 675 21.89 -33.36 -25.87
CA ASN D 675 20.86 -33.74 -26.85
C ASN D 675 20.21 -35.07 -26.54
N GLY D 676 21.04 -36.05 -26.21
CA GLY D 676 20.58 -37.38 -25.85
C GLY D 676 19.60 -37.37 -24.68
N VAL D 677 18.49 -38.08 -24.84
CA VAL D 677 17.62 -38.40 -23.70
C VAL D 677 18.45 -39.25 -22.73
N ASP D 678 18.13 -39.17 -21.44
CA ASP D 678 18.92 -39.80 -20.38
C ASP D 678 20.13 -38.97 -19.94
N ARG D 679 20.30 -37.78 -20.50
CA ARG D 679 21.34 -36.85 -20.08
C ARG D 679 20.89 -35.40 -20.19
N TYR D 680 21.27 -34.59 -19.20
CA TYR D 680 20.94 -33.17 -19.16
C TYR D 680 22.13 -32.37 -18.65
N ILE D 681 22.60 -31.44 -19.48
CA ILE D 681 23.55 -30.41 -19.06
C ILE D 681 22.87 -29.07 -19.23
N SER D 682 23.01 -28.20 -18.24
CA SER D 682 22.15 -27.03 -18.13
C SER D 682 22.57 -25.85 -18.99
N LYS D 683 21.62 -24.96 -19.21
CA LYS D 683 21.82 -23.69 -19.88
C LYS D 683 23.00 -22.94 -19.24
N TYR D 684 22.95 -22.83 -17.92
CA TYR D 684 23.98 -22.13 -17.13
C TYR D 684 25.37 -22.71 -17.33
N GLU D 685 25.44 -24.04 -17.39
CA GLU D 685 26.73 -24.75 -17.50
C GLU D 685 27.33 -24.60 -18.90
N LEU D 686 26.46 -24.54 -19.91
CA LEU D 686 26.90 -24.34 -21.29
C LEU D 686 27.25 -22.87 -21.56
N ASP D 687 26.46 -21.95 -21.00
CA ASP D 687 26.68 -20.51 -21.18
C ASP D 687 28.02 -20.05 -20.60
N LYS D 688 28.21 -20.29 -19.31
CA LYS D 688 29.52 -20.17 -18.67
C LYS D 688 30.57 -20.59 -19.70
N ALA D 689 31.39 -19.65 -20.17
CA ALA D 689 32.35 -19.90 -21.25
C ALA D 689 33.60 -20.63 -20.76
N PHE D 690 34.61 -20.75 -21.63
CA PHE D 690 35.95 -21.21 -21.21
C PHE D 690 36.49 -20.32 -20.09
N SER D 691 35.84 -19.15 -19.92
CA SER D 691 35.88 -18.30 -18.72
C SER D 691 36.41 -18.99 -17.46
N ASP D 692 35.52 -19.70 -16.76
CA ASP D 692 35.91 -20.47 -15.57
C ASP D 692 34.99 -21.68 -15.44
N ARG D 693 35.02 -22.50 -16.49
CA ARG D 693 34.26 -23.75 -16.53
C ARG D 693 35.19 -24.87 -16.08
N ASN D 694 35.75 -24.72 -14.90
CA ASN D 694 36.61 -25.74 -14.32
C ASN D 694 35.81 -26.78 -13.53
N THR D 695 34.55 -26.46 -13.24
CA THR D 695 33.64 -27.45 -12.67
C THR D 695 32.50 -27.67 -13.67
N LEU D 696 31.75 -28.77 -13.49
CA LEU D 696 30.74 -29.19 -14.46
C LEU D 696 29.89 -30.33 -13.91
N ILE D 697 28.58 -30.25 -14.13
CA ILE D 697 27.66 -31.32 -13.71
C ILE D 697 26.91 -31.87 -14.91
N ILE D 698 26.95 -33.21 -15.05
CA ILE D 698 26.24 -33.91 -16.11
C ILE D 698 25.18 -34.81 -15.46
N TYR D 699 23.93 -34.36 -15.49
CA TYR D 699 22.83 -35.10 -14.88
C TYR D 699 22.42 -36.30 -15.74
N LEU D 700 22.11 -37.42 -15.08
CA LEU D 700 21.70 -38.66 -15.75
C LEU D 700 20.31 -39.13 -15.31
N ASP D 701 19.49 -39.53 -16.29
CA ASP D 701 18.17 -40.11 -16.01
C ASP D 701 18.29 -41.46 -15.31
N LYS D 702 19.29 -42.24 -15.72
CA LYS D 702 19.43 -43.62 -15.25
C LYS D 702 20.87 -44.14 -15.29
N VAL D 703 21.04 -45.34 -14.74
CA VAL D 703 22.31 -46.07 -14.74
C VAL D 703 22.05 -47.39 -14.00
N SER D 704 22.27 -48.53 -14.65
CA SER D 704 21.90 -49.86 -14.10
C SER D 704 23.10 -50.75 -13.79
N HIS D 705 22.99 -52.06 -14.04
CA HIS D 705 24.17 -52.92 -14.11
C HIS D 705 24.06 -54.01 -15.18
N SER D 706 23.41 -53.68 -16.27
CA SER D 706 23.56 -54.43 -17.50
C SER D 706 25.01 -54.27 -18.00
N GLU D 707 25.28 -53.25 -18.82
CA GLU D 707 26.62 -53.03 -19.38
C GLU D 707 27.41 -52.11 -18.43
N ASP D 708 28.11 -51.13 -19.00
CA ASP D 708 28.59 -49.95 -18.28
C ASP D 708 28.11 -48.75 -19.08
N ASP D 709 27.54 -47.75 -18.41
CA ASP D 709 27.18 -46.50 -19.06
C ASP D 709 28.45 -45.66 -19.22
N CYS D 710 28.82 -45.39 -20.47
CA CYS D 710 30.07 -44.70 -20.77
C CYS D 710 29.86 -43.48 -21.66
N LEU D 711 30.57 -42.41 -21.33
CA LEU D 711 30.52 -41.18 -22.09
C LEU D 711 31.92 -40.56 -22.12
N ALA D 712 32.13 -39.70 -23.10
CA ALA D 712 33.41 -39.03 -23.24
C ALA D 712 33.25 -37.71 -23.96
N PHE D 713 34.08 -36.74 -23.58
CA PHE D 713 34.16 -35.46 -24.25
C PHE D 713 35.57 -34.92 -24.16
N LYS D 714 35.91 -34.04 -25.10
CA LYS D 714 37.24 -33.45 -25.16
C LYS D 714 37.42 -32.39 -24.06
N VAL D 715 38.68 -32.12 -23.72
CA VAL D 715 39.03 -31.06 -22.77
C VAL D 715 40.31 -30.38 -23.23
N HIS D 716 40.25 -29.06 -23.43
CA HIS D 716 41.37 -28.30 -24.02
C HIS D 716 42.13 -27.49 -22.97
N GLN D 717 43.45 -27.69 -22.93
CA GLN D 717 44.32 -26.92 -22.05
C GLN D 717 44.44 -25.50 -22.60
N TYR D 718 43.79 -24.55 -21.95
CA TYR D 718 43.86 -23.15 -22.34
C TYR D 718 45.05 -22.44 -21.68
N PHE D 719 45.22 -22.64 -20.37
CA PHE D 719 46.28 -21.99 -19.60
C PHE D 719 47.46 -22.96 -19.45
N ASN D 720 48.65 -22.52 -19.82
CA ASN D 720 49.86 -23.34 -19.66
C ASN D 720 50.45 -23.16 -18.26
N VAL D 721 50.64 -24.26 -17.55
CA VAL D 721 51.14 -24.23 -16.18
C VAL D 721 51.93 -25.50 -15.83
N GLU D 722 52.79 -25.40 -14.82
CA GLU D 722 53.42 -26.59 -14.24
C GLU D 722 52.42 -27.30 -13.32
N LEU D 723 52.83 -28.45 -12.79
CA LEU D 723 52.01 -29.24 -11.86
C LEU D 723 50.71 -29.81 -12.47
N ILE D 724 49.68 -28.97 -12.56
CA ILE D 724 48.28 -29.36 -12.82
C ILE D 724 47.73 -30.28 -11.74
N GLN D 725 46.61 -29.86 -11.15
CA GLN D 725 45.98 -30.61 -10.06
C GLN D 725 45.08 -31.70 -10.62
N PRO D 726 45.24 -32.94 -10.12
CA PRO D 726 44.37 -33.99 -10.59
C PRO D 726 42.93 -33.55 -10.66
N GLY D 727 42.25 -33.89 -11.74
CA GLY D 727 40.80 -33.69 -11.82
C GLY D 727 40.08 -34.81 -11.08
N ALA D 728 38.78 -34.62 -10.84
CA ALA D 728 37.98 -35.59 -10.11
C ALA D 728 36.61 -35.78 -10.76
N VAL D 729 35.98 -36.92 -10.47
CA VAL D 729 34.68 -37.27 -11.02
C VAL D 729 33.91 -38.04 -9.95
N LYS D 730 32.77 -37.48 -9.53
CA LYS D 730 31.94 -38.06 -8.46
C LYS D 730 30.60 -38.54 -9.02
N VAL D 731 30.09 -39.65 -8.48
CA VAL D 731 28.80 -40.21 -8.92
C VAL D 731 27.90 -40.53 -7.75
N TYR D 732 26.63 -40.19 -7.86
CA TYR D 732 25.65 -40.58 -6.85
C TYR D 732 24.23 -40.54 -7.38
N ALA D 733 23.33 -41.23 -6.67
CA ALA D 733 21.90 -41.14 -6.90
C ALA D 733 21.40 -39.90 -6.18
N TYR D 734 20.48 -39.18 -6.81
CA TYR D 734 20.03 -37.87 -6.30
C TYR D 734 19.64 -37.90 -4.82
N TYR D 735 18.95 -38.96 -4.40
CA TYR D 735 18.44 -39.08 -3.03
C TYR D 735 19.50 -39.52 -2.00
N ASN D 736 20.71 -39.84 -2.44
CA ASN D 736 21.74 -40.36 -1.55
C ASN D 736 23.13 -39.84 -1.87
N LEU D 737 23.48 -38.70 -1.28
CA LEU D 737 24.79 -38.06 -1.49
C LEU D 737 25.93 -38.82 -0.79
N GLU D 738 25.61 -39.48 0.31
CA GLU D 738 26.61 -40.19 1.12
C GLU D 738 27.13 -41.44 0.40
N GLU D 739 26.21 -42.21 -0.18
CA GLU D 739 26.57 -43.36 -1.02
C GLU D 739 27.08 -42.87 -2.37
N SER D 740 28.37 -42.57 -2.43
CA SER D 740 29.00 -42.07 -3.65
C SER D 740 30.27 -42.82 -3.99
N CYS D 741 30.76 -42.60 -5.21
CA CYS D 741 32.08 -43.07 -5.61
C CYS D 741 32.80 -41.91 -6.27
N THR D 742 34.08 -41.76 -5.97
CA THR D 742 34.91 -40.65 -6.47
C THR D 742 36.20 -41.21 -7.03
N ARG D 743 36.57 -40.79 -8.24
CA ARG D 743 37.83 -41.22 -8.85
C ARG D 743 38.53 -40.03 -9.48
N PHE D 744 39.83 -39.94 -9.26
CA PHE D 744 40.63 -38.80 -9.75
C PHE D 744 41.31 -39.16 -11.06
N TYR D 745 41.89 -38.17 -11.71
CA TYR D 745 42.57 -38.39 -12.99
C TYR D 745 43.63 -37.34 -13.29
N HIS D 746 44.72 -37.80 -13.92
CA HIS D 746 45.88 -36.97 -14.21
C HIS D 746 46.57 -37.58 -15.45
N PRO D 747 47.33 -36.78 -16.21
CA PRO D 747 48.08 -37.36 -17.32
C PRO D 747 49.50 -37.85 -16.97
N GLU D 748 49.75 -38.16 -15.69
CA GLU D 748 51.08 -38.62 -15.24
C GLU D 748 50.97 -39.55 -14.03
N LYS D 749 50.28 -39.09 -13.00
CA LYS D 749 50.22 -39.80 -11.72
C LYS D 749 49.33 -41.05 -11.81
N GLU D 750 48.32 -41.01 -12.68
CA GLU D 750 47.38 -42.12 -12.89
C GLU D 750 46.67 -42.53 -11.60
N ASP D 751 45.36 -42.76 -11.73
CA ASP D 751 44.43 -42.69 -10.60
C ASP D 751 44.36 -41.28 -10.01
N GLY D 752 45.06 -40.33 -10.64
CA GLY D 752 45.12 -38.96 -10.17
C GLY D 752 45.46 -38.81 -8.69
N LYS D 753 46.36 -39.66 -8.19
CA LYS D 753 46.73 -39.62 -6.79
C LYS D 753 47.97 -38.75 -6.58
N LEU D 754 47.94 -37.90 -5.56
CA LEU D 754 49.10 -37.09 -5.18
C LEU D 754 50.18 -38.00 -4.59
N ASN D 755 51.45 -37.60 -4.73
CA ASN D 755 52.58 -38.44 -4.33
C ASN D 755 52.72 -38.58 -2.81
N LYS D 756 52.41 -39.76 -2.30
CA LYS D 756 52.55 -40.05 -0.90
C LYS D 756 53.19 -41.43 -0.71
N LEU D 757 54.09 -41.51 0.25
CA LEU D 757 54.70 -42.77 0.64
C LEU D 757 53.87 -43.37 1.75
N CYS D 758 53.49 -44.64 1.61
CA CYS D 758 52.63 -45.30 2.58
C CYS D 758 53.09 -46.70 2.93
N ARG D 759 52.91 -47.06 4.20
CA ARG D 759 53.09 -48.43 4.64
C ARG D 759 52.33 -48.64 5.94
N ASP D 760 51.42 -49.61 5.91
CA ASP D 760 50.51 -49.90 7.02
C ASP D 760 49.68 -48.67 7.39
N GLU D 761 49.93 -48.08 8.55
CA GLU D 761 49.00 -47.10 9.14
C GLU D 761 49.25 -45.72 8.55
N LEU D 762 50.51 -45.28 8.58
CA LEU D 762 50.84 -43.88 8.31
C LEU D 762 51.34 -43.64 6.88
N CYS D 763 51.30 -42.36 6.48
CA CYS D 763 51.76 -41.92 5.17
C CYS D 763 52.47 -40.58 5.26
N ARG D 764 53.45 -40.39 4.38
CA ARG D 764 54.21 -39.14 4.29
C ARG D 764 53.85 -38.49 2.97
N CYS D 765 53.83 -37.16 2.93
CA CYS D 765 53.60 -36.46 1.67
C CYS D 765 54.92 -36.29 0.89
N ALA D 766 54.92 -36.74 -0.36
CA ALA D 766 56.12 -36.78 -1.20
C ALA D 766 56.23 -35.60 -2.16
N GLU D 767 55.24 -34.72 -2.14
CA GLU D 767 55.22 -33.58 -3.06
C GLU D 767 56.30 -32.55 -2.71
N GLU D 768 56.83 -32.61 -1.49
CA GLU D 768 57.93 -31.73 -1.06
C GLU D 768 59.16 -31.89 -1.94
N ASN D 769 60.15 -31.03 -1.72
CA ASN D 769 61.44 -31.10 -2.41
C ASN D 769 62.17 -32.44 -2.23
N CYS D 770 62.95 -32.80 -3.25
CA CYS D 770 63.72 -34.05 -3.26
C CYS D 770 64.82 -34.10 -2.21
N PHE D 771 65.55 -33.00 -2.09
CA PHE D 771 66.61 -32.88 -1.10
C PHE D 771 67.02 -31.41 -1.03
N ILE D 772 67.95 -31.07 -0.12
CA ILE D 772 68.38 -29.68 0.00
C ILE D 772 68.97 -29.29 -1.35
N GLN D 773 68.38 -28.28 -2.01
CA GLN D 773 68.67 -28.04 -3.43
C GLN D 773 70.09 -27.53 -3.70
N LYS D 774 70.40 -26.32 -3.24
CA LYS D 774 71.71 -25.72 -3.53
C LYS D 774 72.00 -24.56 -2.59
N ASP D 777 76.45 -24.33 -5.18
CA ASP D 777 76.70 -22.89 -5.24
C ASP D 777 77.92 -22.54 -4.36
N LYS D 778 77.92 -21.33 -3.80
CA LYS D 778 78.85 -20.99 -2.71
C LYS D 778 78.48 -21.85 -1.50
N VAL D 779 79.20 -22.94 -1.31
CA VAL D 779 79.04 -23.76 -0.12
C VAL D 779 80.40 -23.86 0.55
N THR D 780 80.66 -22.93 1.44
CA THR D 780 81.88 -22.93 2.24
C THR D 780 81.93 -24.12 3.19
N LEU D 781 83.14 -24.41 3.66
CA LEU D 781 83.39 -25.36 4.73
C LEU D 781 82.55 -24.97 5.96
N GLU D 782 82.59 -23.69 6.29
CA GLU D 782 81.92 -23.16 7.47
C GLU D 782 80.41 -23.38 7.41
N GLU D 783 79.81 -23.23 6.23
CA GLU D 783 78.35 -23.40 6.08
C GLU D 783 77.98 -24.84 6.46
N ARG D 784 78.68 -25.79 5.85
CA ARG D 784 78.43 -27.21 6.10
C ARG D 784 78.58 -27.55 7.58
N LEU D 785 79.73 -27.20 8.15
CA LEU D 785 79.99 -27.49 9.57
C LEU D 785 78.91 -26.90 10.49
N ASP D 786 78.47 -25.68 10.19
CA ASP D 786 77.38 -25.05 10.95
C ASP D 786 76.06 -25.79 10.75
N LYS D 787 75.67 -25.97 9.48
CA LYS D 787 74.41 -26.64 9.13
C LYS D 787 74.32 -28.06 9.70
N ALA D 788 75.45 -28.76 9.70
CA ALA D 788 75.52 -30.14 10.18
C ALA D 788 75.56 -30.22 11.69
N CYS D 789 76.03 -29.17 12.35
CA CYS D 789 76.19 -29.18 13.81
C CYS D 789 74.94 -28.79 14.58
N GLU D 790 73.88 -28.38 13.88
CA GLU D 790 72.61 -28.12 14.55
C GLU D 790 72.04 -29.43 15.05
N PRO D 791 71.42 -29.40 16.25
CA PRO D 791 70.97 -30.63 16.90
C PRO D 791 69.80 -31.33 16.18
N GLY D 792 69.12 -30.60 15.30
CA GLY D 792 68.07 -31.20 14.45
C GLY D 792 68.61 -32.27 13.54
N VAL D 793 69.83 -32.06 13.04
CA VAL D 793 70.50 -33.03 12.18
C VAL D 793 70.96 -34.22 13.02
N ASP D 794 70.22 -35.32 12.89
CA ASP D 794 70.44 -36.52 13.71
C ASP D 794 71.68 -37.32 13.29
N TYR D 795 71.84 -37.50 11.98
CA TYR D 795 72.96 -38.27 11.42
C TYR D 795 73.73 -37.47 10.37
N VAL D 796 74.98 -37.90 10.15
CA VAL D 796 75.86 -37.35 9.12
C VAL D 796 76.79 -38.48 8.68
N TYR D 797 76.70 -38.90 7.42
CA TYR D 797 77.51 -40.04 6.96
C TYR D 797 78.27 -39.77 5.69
N LYS D 798 79.42 -40.43 5.55
CA LYS D 798 80.01 -40.69 4.24
C LYS D 798 79.47 -42.06 3.81
N THR D 799 78.76 -42.09 2.71
CA THR D 799 78.18 -43.34 2.23
C THR D 799 78.88 -43.78 0.95
N ARG D 800 78.59 -45.02 0.54
CA ARG D 800 78.93 -45.52 -0.78
C ARG D 800 77.73 -46.26 -1.32
N LEU D 801 77.16 -45.77 -2.41
CA LEU D 801 75.96 -46.38 -2.97
C LEU D 801 76.31 -47.76 -3.54
N VAL D 802 75.87 -48.80 -2.85
CA VAL D 802 76.14 -50.18 -3.26
C VAL D 802 75.19 -50.63 -4.36
N LYS D 803 73.89 -50.51 -4.09
CA LYS D 803 72.87 -51.05 -5.00
C LYS D 803 71.73 -50.05 -5.20
N VAL D 804 71.27 -49.94 -6.45
CA VAL D 804 70.17 -49.05 -6.80
C VAL D 804 68.98 -49.86 -7.32
N GLN D 805 68.05 -50.18 -6.44
CA GLN D 805 66.82 -50.87 -6.84
C GLN D 805 65.77 -49.83 -7.20
N LEU D 806 65.53 -49.67 -8.50
CA LEU D 806 64.52 -48.75 -8.99
C LEU D 806 63.10 -49.32 -8.82
N SER D 807 62.09 -48.50 -9.10
CA SER D 807 60.69 -48.92 -8.95
C SER D 807 59.76 -47.95 -9.69
N ASN D 808 58.47 -48.22 -9.64
CA ASN D 808 57.46 -47.36 -10.25
C ASN D 808 56.94 -46.26 -9.32
N ASP D 809 56.96 -46.52 -8.01
CA ASP D 809 56.56 -45.52 -7.00
C ASP D 809 57.77 -44.98 -6.21
N PHE D 810 58.36 -45.83 -5.37
CA PHE D 810 59.48 -45.41 -4.51
C PHE D 810 60.79 -46.15 -4.86
N ASP D 811 61.80 -45.38 -5.23
CA ASP D 811 63.13 -45.92 -5.49
C ASP D 811 63.89 -46.09 -4.17
N GLU D 812 64.65 -47.17 -4.08
CA GLU D 812 65.47 -47.46 -2.91
C GLU D 812 66.93 -47.34 -3.28
N TYR D 813 67.74 -46.91 -2.32
CA TYR D 813 69.18 -46.82 -2.51
C TYR D 813 69.87 -47.46 -1.31
N ILE D 814 70.58 -48.56 -1.55
CA ILE D 814 71.25 -49.29 -0.48
C ILE D 814 72.63 -48.69 -0.29
N MET D 815 72.80 -48.01 0.84
CA MET D 815 74.02 -47.27 1.12
C MET D 815 74.87 -47.99 2.14
N ALA D 816 76.11 -48.30 1.76
CA ALA D 816 77.12 -48.76 2.70
C ALA D 816 77.67 -47.54 3.42
N ILE D 817 77.83 -47.67 4.74
CA ILE D 817 78.26 -46.55 5.56
C ILE D 817 79.78 -46.57 5.78
N GLU D 818 80.48 -45.75 5.01
CA GLU D 818 81.94 -45.74 5.05
C GLU D 818 82.42 -45.22 6.39
N GLN D 819 81.81 -44.14 6.87
CA GLN D 819 82.12 -43.65 8.20
C GLN D 819 80.96 -42.91 8.84
N THR D 820 80.74 -43.19 10.11
CA THR D 820 79.69 -42.58 10.91
C THR D 820 80.21 -41.28 11.48
N ILE D 821 80.08 -40.21 10.71
CA ILE D 821 80.61 -38.91 11.08
C ILE D 821 79.88 -38.37 12.30
N LYS D 822 78.55 -38.36 12.26
CA LYS D 822 77.70 -38.01 13.40
C LYS D 822 76.65 -39.12 13.61
N SER D 823 76.67 -39.72 14.80
CA SER D 823 75.75 -40.81 15.14
C SER D 823 74.51 -40.28 15.86
N GLY D 824 73.37 -40.94 15.63
CA GLY D 824 72.09 -40.50 16.22
C GLY D 824 71.29 -41.65 16.82
N SER D 825 69.97 -41.52 16.82
CA SER D 825 69.08 -42.53 17.41
C SER D 825 69.30 -43.91 16.80
N ASP D 826 69.51 -43.92 15.48
CA ASP D 826 69.92 -45.11 14.76
C ASP D 826 71.41 -45.30 14.97
N GLU D 827 71.76 -46.38 15.68
CA GLU D 827 73.13 -46.68 16.07
C GLU D 827 73.78 -47.62 15.07
N VAL D 828 73.80 -47.18 13.81
CA VAL D 828 74.40 -47.95 12.73
C VAL D 828 75.92 -47.97 12.89
N GLN D 829 76.55 -48.98 12.29
CA GLN D 829 77.98 -49.20 12.42
C GLN D 829 78.65 -49.16 11.05
N VAL D 830 79.87 -48.63 11.01
CA VAL D 830 80.66 -48.59 9.77
C VAL D 830 80.67 -49.98 9.13
N GLY D 831 80.33 -50.04 7.84
CA GLY D 831 80.35 -51.32 7.12
C GLY D 831 78.97 -51.91 6.91
N GLN D 832 78.04 -51.61 7.83
CA GLN D 832 76.65 -52.03 7.69
C GLN D 832 75.96 -51.24 6.57
N GLN D 833 74.77 -51.69 6.18
CA GLN D 833 74.03 -51.08 5.08
C GLN D 833 72.71 -50.49 5.57
N ARG D 834 72.26 -49.45 4.88
CA ARG D 834 70.93 -48.85 5.13
C ARG D 834 70.33 -48.42 3.81
N THR D 835 69.00 -48.42 3.79
CA THR D 835 68.24 -48.17 2.58
C THR D 835 67.63 -46.79 2.62
N PHE D 836 67.90 -46.00 1.60
CA PHE D 836 67.35 -44.65 1.51
C PHE D 836 66.25 -44.68 0.49
N ILE D 837 65.10 -44.15 0.84
CA ILE D 837 63.92 -44.14 -0.03
C ILE D 837 63.72 -42.75 -0.63
N SER D 838 63.26 -42.70 -1.88
CA SER D 838 63.02 -41.45 -2.58
C SER D 838 61.92 -41.61 -3.63
N PRO D 839 61.08 -40.57 -3.82
CA PRO D 839 60.06 -40.60 -4.86
C PRO D 839 60.63 -40.74 -6.26
N ILE D 840 59.87 -41.36 -7.16
CA ILE D 840 60.31 -41.61 -8.53
C ILE D 840 60.68 -40.31 -9.27
N LYS D 841 59.93 -39.25 -9.01
CA LYS D 841 60.17 -37.93 -9.64
C LYS D 841 61.51 -37.29 -9.25
N CYS D 842 62.15 -37.80 -8.20
CA CYS D 842 63.47 -37.34 -7.78
C CYS D 842 64.62 -38.12 -8.41
N ARG D 843 64.31 -39.03 -9.31
CA ARG D 843 65.30 -39.98 -9.82
C ARG D 843 66.46 -39.31 -10.54
N GLU D 844 66.13 -38.51 -11.55
CA GLU D 844 67.16 -37.90 -12.40
C GLU D 844 67.80 -36.68 -11.73
N ALA D 845 67.08 -36.04 -10.81
CA ALA D 845 67.61 -34.89 -10.08
C ALA D 845 68.71 -35.28 -9.07
N LEU D 846 68.54 -36.43 -8.42
CA LEU D 846 69.54 -36.96 -7.47
C LEU D 846 70.79 -37.50 -8.18
N LYS D 847 70.58 -38.20 -9.30
CA LYS D 847 71.68 -38.73 -10.12
C LYS D 847 72.57 -39.70 -9.35
N LEU D 848 71.97 -40.54 -8.51
CA LEU D 848 72.77 -41.46 -7.71
C LEU D 848 73.26 -42.63 -8.57
N GLU D 849 74.59 -42.76 -8.66
CA GLU D 849 75.22 -43.83 -9.43
C GLU D 849 75.88 -44.84 -8.49
N GLU D 850 75.84 -46.11 -8.85
CA GLU D 850 76.44 -47.17 -8.03
C GLU D 850 77.96 -47.03 -7.94
N LYS D 851 78.49 -47.42 -6.78
CA LYS D 851 79.92 -47.36 -6.46
C LYS D 851 80.47 -45.94 -6.25
N LYS D 852 79.62 -44.92 -6.33
CA LYS D 852 80.02 -43.56 -6.01
C LYS D 852 79.78 -43.29 -4.53
N HIS D 853 80.45 -42.27 -4.00
CA HIS D 853 80.37 -41.95 -2.58
C HIS D 853 79.60 -40.66 -2.38
N TYR D 854 78.97 -40.52 -1.22
CA TYR D 854 78.14 -39.35 -0.93
C TYR D 854 78.24 -38.89 0.51
N LEU D 855 77.78 -37.67 0.74
CA LEU D 855 77.68 -37.07 2.07
C LEU D 855 76.21 -36.81 2.37
N MET D 856 75.73 -37.30 3.52
CA MET D 856 74.28 -37.35 3.82
C MET D 856 73.93 -36.85 5.23
N TRP D 857 73.08 -35.83 5.30
CA TRP D 857 72.65 -35.17 6.57
C TRP D 857 71.49 -35.93 7.20
N GLY D 858 70.26 -35.51 6.88
CA GLY D 858 69.03 -36.06 7.47
C GLY D 858 68.63 -35.73 8.91
N LEU D 859 67.37 -36.01 9.22
CA LEU D 859 66.76 -35.75 10.53
C LEU D 859 66.08 -37.01 11.11
N SER D 860 65.63 -36.91 12.35
CA SER D 860 64.95 -38.04 13.02
C SER D 860 63.56 -38.32 12.45
N SER D 861 62.86 -37.28 12.02
CA SER D 861 61.57 -37.45 11.36
C SER D 861 61.66 -38.22 10.03
N ASP D 862 62.87 -38.31 9.47
CA ASP D 862 63.12 -38.99 8.19
C ASP D 862 63.18 -40.51 8.27
N PHE D 863 63.21 -41.06 9.49
CA PHE D 863 63.25 -42.51 9.66
C PHE D 863 61.95 -43.15 9.19
N TRP D 864 62.08 -44.34 8.62
CA TRP D 864 60.93 -45.03 8.01
C TRP D 864 61.02 -46.53 8.30
N GLY D 865 60.50 -46.93 9.45
CA GLY D 865 60.46 -48.34 9.80
C GLY D 865 60.47 -48.60 11.28
N GLU D 866 60.72 -49.87 11.62
CA GLU D 866 60.77 -50.32 12.99
C GLU D 866 62.20 -50.76 13.28
N LYS D 867 62.68 -50.46 14.49
CA LYS D 867 63.96 -51.00 14.94
C LYS D 867 63.81 -52.53 14.93
N PRO D 868 64.77 -53.26 14.32
CA PRO D 868 66.08 -52.82 13.83
C PRO D 868 66.12 -52.33 12.38
N ASN D 869 65.12 -52.68 11.58
CA ASN D 869 65.17 -52.43 10.14
C ASN D 869 64.68 -51.04 9.71
N LEU D 870 65.26 -50.01 10.33
CA LEU D 870 64.94 -48.63 9.97
C LEU D 870 65.47 -48.30 8.58
N SER D 871 64.62 -47.67 7.77
CA SER D 871 65.05 -47.07 6.51
C SER D 871 65.16 -45.57 6.72
N TYR D 872 65.82 -44.91 5.79
CA TYR D 872 65.92 -43.45 5.78
C TYR D 872 65.09 -42.92 4.62
N ILE D 873 64.55 -41.71 4.76
CA ILE D 873 63.86 -41.07 3.65
C ILE D 873 64.63 -39.84 3.21
N ILE D 874 64.71 -39.64 1.90
CA ILE D 874 65.33 -38.45 1.34
C ILE D 874 64.25 -37.41 1.07
N GLY D 875 64.18 -36.42 1.95
CA GLY D 875 63.21 -35.32 1.82
C GLY D 875 63.87 -33.96 1.73
N LYS D 876 63.04 -32.93 1.69
CA LYS D 876 63.51 -31.53 1.65
C LYS D 876 64.68 -31.24 2.58
N ASP D 877 64.69 -31.87 3.75
CA ASP D 877 65.68 -31.56 4.80
C ASP D 877 66.92 -32.45 4.79
N THR D 878 67.06 -33.33 3.79
CA THR D 878 68.19 -34.24 3.72
C THR D 878 69.25 -33.73 2.74
N TRP D 879 70.44 -33.41 3.24
CA TRP D 879 71.54 -32.99 2.37
C TRP D 879 72.17 -34.24 1.76
N VAL D 880 72.14 -34.31 0.44
CA VAL D 880 72.83 -35.36 -0.30
C VAL D 880 73.79 -34.66 -1.28
N GLU D 881 75.07 -35.00 -1.17
CA GLU D 881 76.14 -34.34 -1.93
C GLU D 881 77.17 -35.35 -2.44
N HIS D 882 77.41 -35.34 -3.75
CA HIS D 882 78.42 -36.23 -4.35
C HIS D 882 79.81 -35.96 -3.81
N TRP D 883 80.50 -37.04 -3.48
CA TRP D 883 81.83 -37.01 -2.89
C TRP D 883 82.81 -37.66 -3.87
N PRO D 884 83.65 -36.84 -4.52
CA PRO D 884 84.68 -37.30 -5.45
C PRO D 884 85.65 -38.33 -4.86
N GLU D 885 86.36 -39.01 -5.76
CA GLU D 885 87.30 -40.05 -5.39
C GLU D 885 88.70 -39.45 -5.35
N GLU D 886 89.61 -40.13 -4.64
CA GLU D 886 90.99 -39.66 -4.44
C GLU D 886 91.63 -39.18 -5.74
N ASP D 887 91.53 -40.02 -6.77
CA ASP D 887 92.07 -39.69 -8.11
C ASP D 887 91.26 -38.60 -8.83
N GLU D 888 89.94 -38.59 -8.62
CA GLU D 888 89.07 -37.58 -9.25
C GLU D 888 89.25 -36.18 -8.65
N CYS D 889 89.82 -36.11 -7.44
CA CYS D 889 90.07 -34.82 -6.78
C CYS D 889 91.12 -34.00 -7.49
N GLN D 890 92.12 -34.66 -8.05
CA GLN D 890 93.19 -33.97 -8.77
C GLN D 890 92.68 -33.41 -10.08
N ASP D 891 91.99 -32.27 -9.99
CA ASP D 891 91.20 -31.73 -11.09
C ASP D 891 90.82 -30.29 -10.72
N GLU D 892 90.99 -29.34 -11.64
CA GLU D 892 90.67 -27.93 -11.39
C GLU D 892 89.24 -27.74 -10.88
N GLU D 893 88.31 -28.51 -11.44
CA GLU D 893 86.88 -28.35 -11.18
C GLU D 893 86.47 -28.83 -9.79
N ASN D 894 87.05 -29.95 -9.36
CA ASN D 894 86.73 -30.56 -8.07
C ASN D 894 87.60 -30.06 -6.90
N GLN D 895 88.33 -28.97 -7.11
CA GLN D 895 89.29 -28.51 -6.11
C GLN D 895 88.64 -28.04 -4.81
N LYS D 896 87.52 -27.34 -4.92
CA LYS D 896 86.90 -26.71 -3.74
C LYS D 896 86.14 -27.73 -2.88
N GLN D 897 85.45 -28.66 -3.54
CA GLN D 897 84.65 -29.66 -2.83
C GLN D 897 85.55 -30.65 -2.07
N CYS D 898 86.57 -31.16 -2.74
CA CYS D 898 87.56 -32.04 -2.10
C CYS D 898 88.29 -31.34 -0.97
N GLN D 899 88.60 -30.06 -1.18
CA GLN D 899 89.18 -29.22 -0.15
C GLN D 899 88.26 -29.29 1.06
N ASP D 900 87.00 -28.94 0.82
CA ASP D 900 86.02 -28.70 1.88
C ASP D 900 85.57 -29.99 2.59
N LEU D 901 85.21 -31.00 1.80
CA LEU D 901 84.73 -32.29 2.33
C LEU D 901 85.75 -32.96 3.25
N GLY D 902 87.00 -32.98 2.82
CA GLY D 902 88.08 -33.55 3.63
C GLY D 902 88.27 -32.79 4.92
N ALA D 903 88.13 -31.48 4.87
CA ALA D 903 88.23 -30.64 6.05
C ALA D 903 87.02 -30.88 6.94
N PHE D 904 85.84 -30.96 6.31
CA PHE D 904 84.57 -31.21 7.00
C PHE D 904 84.66 -32.43 7.92
N THR D 905 85.00 -33.58 7.34
CA THR D 905 85.13 -34.83 8.11
C THR D 905 86.09 -34.73 9.28
N GLU D 906 87.28 -34.22 9.01
CA GLU D 906 88.31 -34.08 10.04
C GLU D 906 87.77 -33.26 11.20
N SER D 907 87.17 -32.12 10.90
CA SER D 907 86.67 -31.21 11.93
C SER D 907 85.60 -31.89 12.77
N MET D 908 84.58 -32.42 12.10
CA MET D 908 83.47 -33.11 12.76
C MET D 908 83.96 -34.25 13.63
N VAL D 909 84.80 -35.09 13.05
CA VAL D 909 85.31 -36.28 13.75
C VAL D 909 86.29 -35.90 14.85
N VAL D 910 87.43 -35.32 14.48
CA VAL D 910 88.54 -35.07 15.41
C VAL D 910 88.25 -34.03 16.49
N PHE D 911 87.47 -33.00 16.15
CA PHE D 911 87.38 -31.83 17.03
C PHE D 911 86.04 -31.59 17.71
N GLY D 912 84.97 -32.15 17.17
CA GLY D 912 83.66 -32.00 17.78
C GLY D 912 82.80 -31.07 16.96
N CYS D 913 81.86 -30.38 17.62
CA CYS D 913 80.72 -29.85 16.90
C CYS D 913 79.95 -28.68 17.51
N PRO D 914 80.62 -27.57 17.84
CA PRO D 914 81.95 -27.37 18.38
C PRO D 914 81.79 -27.20 19.89
N ASN D 915 81.11 -26.13 20.30
CA ASN D 915 80.47 -26.05 21.63
C ASN D 915 79.00 -26.42 21.47
N ASP E 1 5.66 -7.30 -24.27
CA ASP E 1 6.19 -6.51 -25.42
C ASP E 1 5.16 -6.39 -26.55
N ILE E 2 5.52 -5.61 -27.57
CA ILE E 2 4.66 -5.33 -28.72
C ILE E 2 5.16 -6.09 -29.94
N GLN E 3 4.36 -7.05 -30.42
CA GLN E 3 4.73 -7.92 -31.54
C GLN E 3 4.17 -7.42 -32.87
N MET E 4 5.07 -7.17 -33.82
CA MET E 4 4.70 -6.76 -35.18
C MET E 4 5.04 -7.87 -36.16
N THR E 5 4.21 -8.03 -37.20
CA THR E 5 4.49 -9.03 -38.24
C THR E 5 4.15 -8.50 -39.62
N GLN E 6 5.15 -8.48 -40.50
CA GLN E 6 5.00 -8.01 -41.87
C GLN E 6 4.80 -9.21 -42.81
N SER E 7 3.80 -9.11 -43.67
CA SER E 7 3.57 -10.12 -44.69
C SER E 7 3.20 -9.45 -46.02
N PRO E 8 3.55 -10.07 -47.15
CA PRO E 8 4.27 -11.33 -47.30
C PRO E 8 5.77 -11.10 -47.30
N SER E 9 6.54 -12.15 -46.97
CA SER E 9 8.00 -12.06 -46.96
C SER E 9 8.58 -11.68 -48.33
N SER E 10 7.89 -12.11 -49.39
CA SER E 10 8.27 -11.82 -50.78
C SER E 10 7.07 -11.89 -51.71
N LEU E 11 7.07 -11.09 -52.78
CA LEU E 11 5.96 -11.10 -53.73
C LEU E 11 6.40 -10.71 -55.13
N SER E 12 5.80 -11.38 -56.11
CA SER E 12 6.06 -11.12 -57.53
C SER E 12 4.84 -10.44 -58.15
N ALA E 13 5.09 -9.53 -59.08
CA ALA E 13 4.02 -8.77 -59.72
C ALA E 13 4.52 -8.04 -60.96
N SER E 14 3.60 -7.75 -61.87
CA SER E 14 3.93 -7.20 -63.19
C SER E 14 3.70 -5.68 -63.25
N VAL E 15 4.44 -5.02 -64.13
CA VAL E 15 4.36 -3.55 -64.23
C VAL E 15 2.92 -3.11 -64.44
N GLY E 16 2.53 -2.06 -63.73
CA GLY E 16 1.15 -1.54 -63.80
C GLY E 16 0.18 -2.17 -62.81
N ASP E 17 0.63 -3.15 -62.03
CA ASP E 17 -0.24 -3.87 -61.11
C ASP E 17 -0.40 -3.18 -59.76
N ARG E 18 -1.44 -3.63 -59.03
CA ARG E 18 -1.74 -3.17 -57.68
C ARG E 18 -1.05 -4.05 -56.64
N VAL E 19 -0.09 -3.47 -55.91
CA VAL E 19 0.62 -4.18 -54.85
C VAL E 19 0.11 -3.72 -53.49
N THR E 20 0.09 -4.63 -52.52
CA THR E 20 -0.32 -4.30 -51.16
C THR E 20 0.41 -5.15 -50.13
N ILE E 21 1.38 -4.54 -49.45
CA ILE E 21 2.09 -5.18 -48.35
C ILE E 21 1.41 -4.74 -47.06
N THR E 22 1.31 -5.65 -46.09
CA THR E 22 0.60 -5.40 -44.84
C THR E 22 1.49 -5.63 -43.61
N CYS E 23 1.20 -4.90 -42.54
CA CYS E 23 1.89 -5.03 -41.26
C CYS E 23 0.81 -5.17 -40.19
N ARG E 24 1.03 -6.06 -39.23
CA ARG E 24 0.01 -6.37 -38.22
C ARG E 24 0.59 -6.32 -36.79
N ALA E 25 -0.18 -5.76 -35.87
CA ALA E 25 0.28 -5.53 -34.49
C ALA E 25 -0.47 -6.39 -33.45
N SER E 26 0.23 -6.76 -32.39
CA SER E 26 -0.33 -7.62 -31.33
C SER E 26 -1.36 -6.92 -30.46
N GLN E 27 -1.21 -5.60 -30.32
CA GLN E 27 -2.17 -4.75 -29.60
C GLN E 27 -2.27 -3.41 -30.30
N ASP E 28 -3.14 -2.53 -29.81
CA ASP E 28 -3.35 -1.24 -30.49
C ASP E 28 -2.10 -0.36 -30.51
N VAL E 29 -1.82 0.20 -31.69
CA VAL E 29 -0.67 1.04 -31.94
C VAL E 29 -1.05 2.37 -32.62
N SER E 30 -2.34 2.71 -32.59
CA SER E 30 -2.87 3.92 -33.24
C SER E 30 -2.21 4.20 -34.59
N THR E 31 -1.65 5.38 -34.77
CA THR E 31 -1.16 5.84 -36.08
C THR E 31 0.37 5.72 -36.23
N ALA E 32 1.03 5.17 -35.22
CA ALA E 32 2.49 5.19 -35.13
C ALA E 32 3.19 4.17 -36.06
N VAL E 33 3.10 4.40 -37.36
CA VAL E 33 3.73 3.50 -38.33
C VAL E 33 4.23 4.25 -39.57
N ALA E 34 5.38 3.82 -40.06
CA ALA E 34 6.00 4.42 -41.22
C ALA E 34 6.51 3.33 -42.14
N TRP E 35 6.49 3.62 -43.43
CA TRP E 35 6.93 2.68 -44.46
C TRP E 35 8.15 3.21 -45.19
N TYR E 36 9.13 2.32 -45.41
CA TYR E 36 10.36 2.67 -46.12
C TYR E 36 10.59 1.78 -47.32
N GLN E 37 11.32 2.31 -48.29
CA GLN E 37 11.78 1.56 -49.47
C GLN E 37 13.28 1.54 -49.46
N GLN E 38 13.88 0.42 -49.85
CA GLN E 38 15.33 0.29 -49.95
C GLN E 38 15.75 -0.48 -51.20
N LYS E 39 16.39 0.23 -52.12
CA LYS E 39 17.06 -0.40 -53.26
C LYS E 39 18.31 -1.11 -52.75
N PRO E 40 18.79 -2.10 -53.50
CA PRO E 40 20.00 -2.84 -53.12
C PRO E 40 21.25 -1.97 -53.03
N GLY E 41 22.00 -2.13 -51.94
CA GLY E 41 23.22 -1.37 -51.68
C GLY E 41 23.01 0.13 -51.50
N LYS E 42 21.89 0.50 -50.88
CA LYS E 42 21.55 1.91 -50.70
C LYS E 42 20.83 2.12 -49.38
N ALA E 43 20.86 3.35 -48.92
CA ALA E 43 20.16 3.75 -47.70
C ALA E 43 18.65 3.73 -47.97
N PRO E 44 17.86 3.20 -47.01
CA PRO E 44 16.41 3.23 -47.07
C PRO E 44 15.84 4.64 -47.31
N LYS E 45 14.59 4.69 -47.80
CA LYS E 45 13.91 5.96 -48.03
C LYS E 45 12.49 5.96 -47.45
N LEU E 46 12.14 7.06 -46.78
CA LEU E 46 10.82 7.22 -46.19
C LEU E 46 9.78 7.45 -47.27
N LEU E 47 8.69 6.67 -47.22
CA LEU E 47 7.55 6.84 -48.13
C LEU E 47 6.33 7.39 -47.39
N ILE E 48 5.93 6.68 -46.34
CA ILE E 48 4.73 6.99 -45.58
C ILE E 48 5.06 7.09 -44.11
N TYR E 49 4.44 8.06 -43.45
CA TYR E 49 4.58 8.23 -42.01
C TYR E 49 3.23 8.61 -41.43
N SER E 50 3.06 8.36 -40.14
CA SER E 50 1.78 8.60 -39.47
C SER E 50 0.66 7.80 -40.15
N ALA E 51 0.94 6.51 -40.38
CA ALA E 51 0.00 5.57 -41.03
C ALA E 51 -0.28 5.82 -42.52
N SER E 52 -0.55 7.08 -42.87
CA SER E 52 -1.06 7.43 -44.19
C SER E 52 -0.52 8.70 -44.85
N PHE E 53 0.29 9.49 -44.14
CA PHE E 53 0.80 10.72 -44.73
C PHE E 53 1.99 10.45 -45.67
N LEU E 54 1.84 10.86 -46.93
CA LEU E 54 2.84 10.60 -47.95
C LEU E 54 4.01 11.56 -47.79
N TYR E 55 5.21 11.02 -47.58
CA TYR E 55 6.40 11.85 -47.42
C TYR E 55 6.65 12.65 -48.70
N SER E 56 7.15 13.87 -48.53
CA SER E 56 7.35 14.78 -49.64
C SER E 56 8.33 14.20 -50.66
N GLY E 57 8.00 14.36 -51.94
CA GLY E 57 8.80 13.80 -53.04
C GLY E 57 8.26 12.49 -53.56
N VAL E 58 7.78 11.63 -52.66
CA VAL E 58 7.32 10.30 -53.03
C VAL E 58 6.09 10.36 -53.96
N PRO E 59 6.10 9.56 -55.04
CA PRO E 59 5.01 9.52 -56.03
C PRO E 59 3.64 9.23 -55.44
N SER E 60 2.60 9.67 -56.15
CA SER E 60 1.23 9.55 -55.65
C SER E 60 0.73 8.09 -55.64
N ARG E 61 1.34 7.23 -56.45
CA ARG E 61 0.96 5.80 -56.47
C ARG E 61 1.22 5.10 -55.14
N PHE E 62 2.20 5.60 -54.40
CA PHE E 62 2.42 5.18 -53.03
C PHE E 62 1.34 5.76 -52.12
N SER E 63 0.87 4.95 -51.20
CA SER E 63 -0.30 5.29 -50.41
C SER E 63 -0.32 4.42 -49.18
N GLY E 64 -0.47 5.06 -48.03
CA GLY E 64 -0.54 4.36 -46.75
C GLY E 64 -1.96 4.39 -46.22
N SER E 65 -2.29 3.38 -45.42
CA SER E 65 -3.60 3.31 -44.77
C SER E 65 -3.56 2.33 -43.61
N GLY E 66 -4.46 2.54 -42.66
CA GLY E 66 -4.60 1.64 -41.52
C GLY E 66 -4.56 2.38 -40.19
N SER E 67 -5.03 1.69 -39.16
CA SER E 67 -5.02 2.19 -37.78
C SER E 67 -5.21 1.05 -36.77
N GLY E 68 -4.54 1.17 -35.63
CA GLY E 68 -4.74 0.25 -34.52
C GLY E 68 -3.89 -1.00 -34.60
N THR E 69 -4.38 -2.00 -35.33
CA THR E 69 -3.70 -3.30 -35.40
C THR E 69 -3.38 -3.78 -36.82
N ASP E 70 -3.84 -3.03 -37.83
CA ASP E 70 -3.64 -3.42 -39.23
C ASP E 70 -3.24 -2.20 -40.06
N PHE E 71 -2.12 -2.30 -40.78
CA PHE E 71 -1.65 -1.23 -41.66
C PHE E 71 -1.29 -1.81 -43.02
N THR E 72 -1.46 -1.02 -44.08
CA THR E 72 -1.10 -1.47 -45.42
C THR E 72 -0.42 -0.38 -46.26
N LEU E 73 0.74 -0.74 -46.79
CA LEU E 73 1.40 0.01 -47.84
C LEU E 73 0.74 -0.46 -49.13
N THR E 74 0.50 0.47 -50.05
CA THR E 74 -0.10 0.14 -51.34
C THR E 74 0.61 0.84 -52.49
N ILE E 75 1.15 0.06 -53.41
CA ILE E 75 1.59 0.59 -54.69
C ILE E 75 0.48 0.22 -55.68
N SER E 76 -0.10 1.25 -56.31
CA SER E 76 -1.30 1.10 -57.14
C SER E 76 -0.97 0.67 -58.58
N SER E 77 0.02 1.32 -59.18
CA SER E 77 0.45 1.00 -60.53
C SER E 77 1.94 0.77 -60.50
N LEU E 78 2.33 -0.48 -60.29
CA LEU E 78 3.75 -0.82 -60.10
C LEU E 78 4.60 -0.33 -61.28
N GLN E 79 5.85 -0.02 -60.99
CA GLN E 79 6.79 0.48 -62.00
C GLN E 79 8.10 -0.32 -61.93
N PRO E 80 8.93 -0.25 -62.98
CA PRO E 80 10.22 -0.94 -62.94
C PRO E 80 11.15 -0.39 -61.85
N GLU E 81 11.04 0.91 -61.57
CA GLU E 81 11.89 1.55 -60.55
C GLU E 81 11.52 1.15 -59.12
N ASP E 82 10.42 0.43 -58.95
CA ASP E 82 9.96 0.03 -57.62
C ASP E 82 10.51 -1.31 -57.18
N PHE E 83 11.48 -1.86 -57.93
CA PHE E 83 12.22 -3.00 -57.43
C PHE E 83 12.94 -2.57 -56.16
N ALA E 84 12.54 -3.18 -55.05
CA ALA E 84 13.06 -2.79 -53.75
C ALA E 84 12.59 -3.76 -52.68
N THR E 85 13.07 -3.53 -51.46
CA THR E 85 12.49 -4.18 -50.29
C THR E 85 11.79 -3.08 -49.51
N TYR E 86 10.68 -3.42 -48.86
CA TYR E 86 9.87 -2.44 -48.15
C TYR E 86 9.73 -2.85 -46.71
N TYR E 87 9.94 -1.90 -45.80
CA TYR E 87 9.87 -2.17 -44.36
C TYR E 87 8.79 -1.34 -43.71
N CYS E 88 8.22 -1.89 -42.63
CA CYS E 88 7.25 -1.20 -41.79
C CYS E 88 7.89 -0.96 -40.42
N GLN E 89 7.85 0.29 -39.96
CA GLN E 89 8.48 0.70 -38.69
C GLN E 89 7.46 1.31 -37.76
N GLN E 90 7.48 0.88 -36.50
CA GLN E 90 6.62 1.48 -35.47
C GLN E 90 7.44 2.32 -34.48
N SER E 91 6.84 3.43 -34.05
CA SER E 91 7.44 4.32 -33.05
C SER E 91 6.66 4.33 -31.74
N TYR E 92 5.51 3.65 -31.75
CA TYR E 92 4.78 3.29 -30.54
C TYR E 92 5.68 2.31 -29.81
N ALA E 93 5.59 2.21 -28.50
CA ALA E 93 6.59 1.42 -27.75
C ALA E 93 7.85 2.24 -27.66
N THR E 94 8.60 2.08 -26.59
CA THR E 94 9.63 3.07 -26.30
C THR E 94 10.86 2.87 -27.19
N LEU E 95 11.12 1.64 -27.61
CA LEU E 95 12.16 1.35 -28.60
C LEU E 95 11.56 1.05 -29.97
N PRO E 96 11.97 1.78 -31.01
CA PRO E 96 11.37 1.53 -32.31
C PRO E 96 11.96 0.28 -32.91
N THR E 97 11.25 -0.30 -33.88
CA THR E 97 11.72 -1.48 -34.57
C THR E 97 11.27 -1.46 -36.01
N PHE E 98 12.20 -1.79 -36.90
CA PHE E 98 11.88 -2.14 -38.29
C PHE E 98 11.50 -3.61 -38.34
N GLU E 99 10.56 -3.96 -39.21
CA GLU E 99 10.12 -5.34 -39.32
C GLU E 99 10.88 -6.08 -40.43
N GLN E 100 10.57 -7.37 -40.60
CA GLN E 100 11.38 -8.30 -41.42
C GLN E 100 11.55 -7.90 -42.89
N GLY E 101 10.55 -7.25 -43.46
CA GLY E 101 10.66 -6.65 -44.80
C GLY E 101 10.08 -7.50 -45.92
N THR E 102 9.55 -6.83 -46.94
CA THR E 102 8.94 -7.48 -48.10
C THR E 102 9.71 -7.17 -49.37
N LYS E 103 10.25 -8.22 -49.99
CA LYS E 103 11.05 -8.10 -51.21
C LYS E 103 10.11 -8.16 -52.40
N VAL E 104 10.07 -7.08 -53.18
CA VAL E 104 9.12 -6.95 -54.28
C VAL E 104 9.82 -7.15 -55.62
N GLU E 105 9.47 -8.23 -56.32
CA GLU E 105 10.14 -8.59 -57.58
C GLU E 105 9.29 -8.26 -58.81
N ILE E 106 9.93 -7.66 -59.83
CA ILE E 106 9.25 -7.29 -61.08
C ILE E 106 9.09 -8.50 -62.02
N LYS E 107 7.93 -8.58 -62.66
CA LYS E 107 7.57 -9.68 -63.55
C LYS E 107 7.40 -9.13 -64.96
N ARG E 108 8.24 -9.61 -65.88
CA ARG E 108 8.25 -9.12 -67.25
C ARG E 108 8.39 -10.28 -68.24
N THR E 109 8.37 -9.95 -69.54
CA THR E 109 8.46 -10.94 -70.60
C THR E 109 9.83 -11.62 -70.65
N VAL E 110 9.95 -12.69 -71.43
CA VAL E 110 11.22 -13.42 -71.55
C VAL E 110 12.24 -12.63 -72.38
N ALA E 111 13.45 -12.50 -71.84
CA ALA E 111 14.57 -11.88 -72.55
C ALA E 111 15.79 -12.80 -72.45
N ALA E 112 16.39 -13.10 -73.60
CA ALA E 112 17.52 -14.00 -73.67
C ALA E 112 18.82 -13.22 -73.43
N PRO E 113 19.85 -13.90 -72.88
CA PRO E 113 21.15 -13.30 -72.61
C PRO E 113 22.04 -13.11 -73.84
N SER E 114 22.82 -12.03 -73.83
CA SER E 114 23.96 -11.87 -74.74
C SER E 114 25.16 -12.47 -74.04
N VAL E 115 25.66 -13.60 -74.55
CA VAL E 115 26.77 -14.31 -73.91
C VAL E 115 28.13 -13.79 -74.38
N PHE E 116 29.07 -13.68 -73.45
CA PHE E 116 30.44 -13.26 -73.74
C PHE E 116 31.42 -14.16 -72.99
N ILE E 117 32.63 -14.30 -73.52
CA ILE E 117 33.69 -15.05 -72.82
C ILE E 117 35.00 -14.26 -72.79
N PHE E 118 35.62 -14.22 -71.61
CA PHE E 118 36.88 -13.53 -71.41
C PHE E 118 37.96 -14.55 -71.01
N PRO E 119 39.11 -14.54 -71.72
CA PRO E 119 40.21 -15.42 -71.34
C PRO E 119 41.09 -14.80 -70.24
N PRO E 120 41.97 -15.62 -69.62
CA PRO E 120 42.85 -15.09 -68.60
C PRO E 120 43.78 -14.01 -69.14
N SER E 121 44.00 -12.99 -68.31
CA SER E 121 44.93 -11.91 -68.62
C SER E 121 46.35 -12.45 -68.67
N ASP E 122 47.21 -11.80 -69.44
CA ASP E 122 48.63 -12.15 -69.45
C ASP E 122 49.28 -11.68 -68.16
N GLU E 123 48.77 -10.59 -67.61
CA GLU E 123 49.20 -10.16 -66.28
C GLU E 123 48.81 -11.20 -65.23
N GLN E 124 47.60 -11.74 -65.34
CA GLN E 124 47.10 -12.71 -64.36
C GLN E 124 47.89 -14.01 -64.39
N LEU E 125 48.35 -14.41 -65.57
CA LEU E 125 49.16 -15.62 -65.70
C LEU E 125 50.46 -15.52 -64.90
N LYS E 126 51.01 -14.31 -64.81
CA LYS E 126 52.26 -14.09 -64.05
C LYS E 126 52.11 -14.55 -62.60
N SER E 127 50.89 -14.50 -62.07
CA SER E 127 50.62 -14.93 -60.69
C SER E 127 50.48 -16.44 -60.52
N GLY E 128 50.54 -17.19 -61.61
CA GLY E 128 50.40 -18.66 -61.54
C GLY E 128 48.99 -19.20 -61.40
N THR E 129 48.00 -18.41 -61.82
CA THR E 129 46.61 -18.83 -61.79
C THR E 129 45.86 -18.26 -62.98
N ALA E 130 44.88 -19.03 -63.46
CA ALA E 130 44.09 -18.71 -64.65
C ALA E 130 42.62 -18.58 -64.30
N SER E 131 42.06 -17.39 -64.53
CA SER E 131 40.63 -17.16 -64.30
C SER E 131 39.95 -16.86 -65.62
N VAL E 132 38.98 -17.70 -65.99
CA VAL E 132 38.22 -17.54 -67.23
C VAL E 132 36.78 -17.16 -66.87
N VAL E 133 36.31 -16.03 -67.39
CA VAL E 133 35.00 -15.50 -67.03
C VAL E 133 34.00 -15.61 -68.18
N CYS E 134 32.72 -15.81 -67.83
CA CYS E 134 31.62 -15.89 -68.78
C CYS E 134 30.50 -14.97 -68.34
N LEU E 135 30.09 -14.05 -69.21
CA LEU E 135 29.11 -13.02 -68.85
C LEU E 135 27.78 -13.18 -69.60
N LEU E 136 26.73 -13.56 -68.88
CA LEU E 136 25.37 -13.62 -69.44
C LEU E 136 24.67 -12.30 -69.18
N ASN E 137 24.60 -11.44 -70.19
CA ASN E 137 24.14 -10.07 -70.00
C ASN E 137 22.63 -9.89 -70.17
N ASN E 138 22.02 -9.21 -69.20
CA ASN E 138 20.64 -8.68 -69.32
C ASN E 138 19.60 -9.67 -69.82
N PHE E 139 19.16 -10.58 -68.96
CA PHE E 139 18.25 -11.66 -69.34
C PHE E 139 17.15 -11.91 -68.29
N TYR E 140 15.96 -12.29 -68.75
CA TYR E 140 14.86 -12.71 -67.87
C TYR E 140 14.32 -14.07 -68.32
N PRO E 141 13.92 -14.94 -67.39
CA PRO E 141 14.00 -14.86 -65.92
C PRO E 141 15.41 -15.15 -65.36
N ARG E 142 15.51 -15.36 -64.05
CA ARG E 142 16.80 -15.65 -63.43
C ARG E 142 17.33 -17.05 -63.77
N GLU E 143 16.42 -18.01 -63.88
CA GLU E 143 16.82 -19.42 -64.05
C GLU E 143 17.74 -19.58 -65.24
N ALA E 144 18.91 -20.17 -65.00
CA ALA E 144 19.91 -20.37 -66.05
C ALA E 144 20.89 -21.49 -65.67
N LYS E 145 21.38 -22.21 -66.69
CA LYS E 145 22.36 -23.28 -66.51
C LYS E 145 23.62 -22.97 -67.33
N VAL E 146 24.71 -22.65 -66.62
CA VAL E 146 26.00 -22.40 -67.25
C VAL E 146 26.92 -23.61 -67.04
N GLN E 147 27.48 -24.15 -68.12
CA GLN E 147 28.40 -25.30 -68.05
C GLN E 147 29.70 -25.05 -68.83
N TRP E 148 30.83 -25.31 -68.17
CA TRP E 148 32.15 -25.12 -68.76
C TRP E 148 32.67 -26.40 -69.43
N LYS E 149 32.93 -26.32 -70.73
CA LYS E 149 33.63 -27.38 -71.46
C LYS E 149 35.09 -26.97 -71.63
N VAL E 150 36.00 -27.81 -71.15
CA VAL E 150 37.44 -27.65 -71.38
C VAL E 150 37.94 -28.80 -72.26
N ASP E 151 38.28 -28.47 -73.51
CA ASP E 151 38.54 -29.47 -74.56
C ASP E 151 37.38 -30.47 -74.62
N ASN E 152 36.16 -29.95 -74.53
CA ASN E 152 34.94 -30.75 -74.61
C ASN E 152 34.65 -31.61 -73.37
N ALA E 153 35.63 -31.73 -72.48
CA ALA E 153 35.42 -32.38 -71.18
C ALA E 153 34.67 -31.41 -70.27
N LEU E 154 33.60 -31.90 -69.63
CA LEU E 154 32.79 -31.07 -68.73
C LEU E 154 33.15 -31.37 -67.27
N GLN E 155 33.03 -30.34 -66.44
CA GLN E 155 33.66 -30.35 -65.11
C GLN E 155 32.91 -29.46 -64.14
N SER E 156 32.56 -30.03 -62.99
CA SER E 156 31.94 -29.27 -61.90
C SER E 156 32.96 -29.00 -60.80
N GLY E 157 32.63 -28.07 -59.91
CA GLY E 157 33.35 -27.89 -58.65
C GLY E 157 34.50 -26.91 -58.64
N ASN E 158 34.79 -26.29 -59.79
CA ASN E 158 35.90 -25.34 -59.91
C ASN E 158 35.48 -24.00 -60.52
N SER E 159 34.22 -23.62 -60.30
CA SER E 159 33.70 -22.34 -60.75
C SER E 159 32.66 -21.78 -59.79
N GLN E 160 32.50 -20.46 -59.82
CA GLN E 160 31.52 -19.76 -58.98
C GLN E 160 30.73 -18.78 -59.84
N GLU E 161 29.54 -18.42 -59.36
CA GLU E 161 28.67 -17.48 -60.07
C GLU E 161 28.38 -16.24 -59.24
N SER E 162 27.90 -15.20 -59.91
CA SER E 162 27.34 -14.01 -59.25
C SER E 162 26.20 -13.49 -60.09
N VAL E 163 24.99 -13.53 -59.55
CA VAL E 163 23.82 -12.99 -60.24
C VAL E 163 23.65 -11.53 -59.85
N THR E 164 23.42 -10.67 -60.84
CA THR E 164 23.14 -9.25 -60.60
C THR E 164 21.78 -9.08 -59.95
N GLU E 165 21.59 -7.98 -59.23
CA GLU E 165 20.29 -7.67 -58.65
C GLU E 165 19.41 -7.07 -59.74
N GLN E 166 18.13 -7.45 -59.78
CA GLN E 166 17.21 -7.06 -60.86
C GLN E 166 17.34 -5.57 -61.22
N ASP E 167 17.43 -5.29 -62.52
CA ASP E 167 17.68 -3.92 -62.99
C ASP E 167 16.46 -3.02 -62.79
N SER E 168 16.73 -1.77 -62.45
CA SER E 168 15.67 -0.80 -62.15
C SER E 168 14.95 -0.28 -63.39
N LYS E 169 15.56 -0.42 -64.57
CA LYS E 169 15.00 0.12 -65.81
C LYS E 169 14.34 -0.94 -66.68
N ASP E 170 15.07 -2.02 -66.96
CA ASP E 170 14.57 -3.08 -67.86
C ASP E 170 14.30 -4.43 -67.16
N SER E 171 14.34 -4.43 -65.83
CA SER E 171 13.92 -5.59 -65.01
C SER E 171 14.64 -6.89 -65.38
N THR E 172 15.89 -6.79 -65.82
CA THR E 172 16.68 -7.95 -66.24
C THR E 172 17.85 -8.22 -65.29
N TYR E 173 18.31 -9.46 -65.31
CA TYR E 173 19.46 -9.88 -64.53
C TYR E 173 20.65 -10.11 -65.46
N SER E 174 21.84 -9.66 -65.06
CA SER E 174 23.10 -10.12 -65.66
C SER E 174 23.71 -11.20 -64.75
N LEU E 175 24.62 -11.99 -65.30
CA LEU E 175 25.30 -13.05 -64.52
C LEU E 175 26.74 -13.20 -64.98
N SER E 176 27.62 -13.52 -64.04
CA SER E 176 29.03 -13.78 -64.34
C SER E 176 29.42 -15.12 -63.75
N SER E 177 29.97 -15.98 -64.57
CA SER E 177 30.49 -17.27 -64.13
C SER E 177 31.99 -17.24 -64.27
N THR E 178 32.70 -17.68 -63.24
CA THR E 178 34.16 -17.60 -63.23
C THR E 178 34.80 -18.96 -62.97
N LEU E 179 35.59 -19.42 -63.94
CA LEU E 179 36.32 -20.69 -63.85
C LEU E 179 37.78 -20.44 -63.48
N THR E 180 38.30 -21.24 -62.56
CA THR E 180 39.62 -21.00 -61.98
C THR E 180 40.52 -22.25 -61.98
N LEU E 181 41.51 -22.24 -62.87
CA LEU E 181 42.54 -23.28 -62.89
C LEU E 181 43.93 -22.69 -62.64
N SER E 182 44.89 -23.57 -62.39
CA SER E 182 46.29 -23.18 -62.26
C SER E 182 46.92 -22.90 -63.63
N LYS E 183 47.82 -21.93 -63.68
CA LYS E 183 48.53 -21.58 -64.91
C LYS E 183 48.93 -22.86 -65.62
N ALA E 184 49.58 -23.76 -64.90
CA ALA E 184 49.98 -25.06 -65.42
C ALA E 184 48.82 -25.79 -66.10
N ASP E 185 47.74 -26.07 -65.36
CA ASP E 185 46.56 -26.78 -65.89
C ASP E 185 45.97 -26.09 -67.11
N TYR E 186 45.91 -24.77 -67.06
CA TYR E 186 45.34 -23.96 -68.15
C TYR E 186 46.18 -24.13 -69.43
N GLU E 187 47.50 -24.15 -69.25
CA GLU E 187 48.43 -24.29 -70.38
C GLU E 187 48.46 -25.72 -70.93
N LYS E 188 47.79 -26.66 -70.26
CA LYS E 188 47.63 -28.02 -70.77
C LYS E 188 46.59 -28.09 -71.90
N HIS E 189 45.32 -27.87 -71.55
CA HIS E 189 44.19 -28.00 -72.49
C HIS E 189 44.10 -26.79 -73.43
N LYS E 190 43.28 -26.92 -74.49
CA LYS E 190 43.32 -25.98 -75.63
C LYS E 190 42.04 -25.16 -75.82
N VAL E 191 40.91 -25.85 -76.03
CA VAL E 191 39.62 -25.21 -76.33
C VAL E 191 38.81 -24.99 -75.06
N TYR E 192 38.61 -23.72 -74.69
CA TYR E 192 37.80 -23.37 -73.52
C TYR E 192 36.44 -22.84 -73.94
N ALA E 193 35.39 -23.52 -73.47
CA ALA E 193 34.01 -23.24 -73.87
C ALA E 193 33.06 -23.05 -72.68
N CYS E 194 32.26 -21.99 -72.76
CA CYS E 194 31.19 -21.72 -71.82
C CYS E 194 29.85 -21.99 -72.50
N GLU E 195 28.98 -22.77 -71.86
CA GLU E 195 27.68 -23.17 -72.47
C GLU E 195 26.48 -22.63 -71.70
N VAL E 196 25.62 -21.85 -72.35
CA VAL E 196 24.49 -21.20 -71.71
C VAL E 196 23.15 -21.88 -72.05
N THR E 197 22.39 -22.24 -71.00
CA THR E 197 21.04 -22.80 -71.14
C THR E 197 19.99 -21.89 -70.46
N HIS E 198 18.92 -21.55 -71.19
CA HIS E 198 17.97 -20.52 -70.75
C HIS E 198 16.67 -20.57 -71.57
N GLN E 199 15.57 -20.11 -70.97
CA GLN E 199 14.24 -20.20 -71.58
C GLN E 199 14.05 -19.37 -72.87
N GLY E 200 14.74 -18.23 -72.97
CA GLY E 200 14.63 -17.33 -74.13
C GLY E 200 15.50 -17.73 -75.32
N LEU E 201 16.24 -18.83 -75.16
CA LEU E 201 17.08 -19.41 -76.22
C LEU E 201 16.39 -20.64 -76.81
N SER E 202 16.34 -20.71 -78.13
CA SER E 202 15.74 -21.85 -78.84
C SER E 202 16.52 -23.13 -78.53
N SER E 203 17.86 -23.02 -78.60
CA SER E 203 18.77 -24.10 -78.19
C SER E 203 20.04 -23.51 -77.56
N PRO E 204 20.65 -24.24 -76.58
CA PRO E 204 21.78 -23.73 -75.81
C PRO E 204 22.88 -23.04 -76.63
N VAL E 205 23.25 -21.82 -76.23
CA VAL E 205 24.30 -21.04 -76.92
C VAL E 205 25.66 -21.24 -76.24
N THR E 206 26.68 -21.52 -77.07
CA THR E 206 28.05 -21.77 -76.60
C THR E 206 29.02 -20.70 -77.11
N LYS E 207 29.90 -20.23 -76.22
CA LYS E 207 30.93 -19.25 -76.57
C LYS E 207 32.28 -19.82 -76.14
N SER E 208 33.32 -19.56 -76.93
CA SER E 208 34.62 -20.18 -76.69
C SER E 208 35.81 -19.45 -77.34
N PHE E 209 37.02 -19.91 -77.00
CA PHE E 209 38.25 -19.45 -77.62
C PHE E 209 39.30 -20.57 -77.64
N ASN E 210 40.20 -20.52 -78.61
CA ASN E 210 41.35 -21.42 -78.66
C ASN E 210 42.55 -20.73 -78.02
N ARG E 211 43.17 -21.40 -77.03
CA ARG E 211 44.20 -20.76 -76.20
C ARG E 211 45.41 -20.28 -76.99
N GLY E 212 45.88 -19.07 -76.67
CA GLY E 212 47.10 -18.50 -77.28
C GLY E 212 46.88 -17.83 -78.62
N GLU E 213 46.41 -18.61 -79.60
CA GLU E 213 46.15 -18.11 -80.94
C GLU E 213 44.90 -17.23 -80.97
N CYS E 214 44.95 -16.16 -81.78
CA CYS E 214 43.87 -15.18 -81.87
C CYS E 214 42.89 -15.52 -83.00
N GLU F 1 20.84 22.41 -46.62
CA GLU F 1 20.26 21.07 -46.91
C GLU F 1 20.60 20.09 -45.80
N VAL F 2 19.62 19.29 -45.41
CA VAL F 2 19.84 18.25 -44.41
C VAL F 2 20.61 17.08 -45.02
N GLN F 3 21.74 16.72 -44.41
CA GLN F 3 22.54 15.58 -44.87
C GLN F 3 23.39 14.99 -43.75
N LEU F 4 23.54 13.67 -43.77
CA LEU F 4 24.23 12.91 -42.73
C LEU F 4 25.33 12.07 -43.38
N VAL F 5 26.47 11.94 -42.68
CA VAL F 5 27.64 11.21 -43.22
C VAL F 5 28.36 10.35 -42.16
N GLU F 6 28.28 9.02 -42.33
CA GLU F 6 28.98 8.08 -41.44
C GLU F 6 30.43 7.92 -41.86
N SER F 7 31.23 7.42 -40.92
CA SER F 7 32.64 7.12 -41.17
C SER F 7 33.23 6.27 -40.05
N GLY F 8 34.42 5.73 -40.27
CA GLY F 8 35.15 4.95 -39.26
C GLY F 8 34.98 3.44 -39.36
N GLY F 9 34.19 2.97 -40.30
CA GLY F 9 34.01 1.53 -40.49
C GLY F 9 35.28 0.83 -40.93
N GLY F 10 35.34 -0.48 -40.68
CA GLY F 10 36.48 -1.29 -41.12
C GLY F 10 36.55 -2.65 -40.47
N LEU F 11 37.74 -3.24 -40.46
CA LEU F 11 37.95 -4.58 -39.89
C LEU F 11 38.25 -4.47 -38.39
N VAL F 12 37.70 -5.39 -37.61
CA VAL F 12 38.03 -5.49 -36.18
C VAL F 12 38.16 -6.94 -35.76
N GLN F 13 39.09 -7.17 -34.83
CA GLN F 13 39.24 -8.48 -34.22
C GLN F 13 38.02 -8.73 -33.34
N PRO F 14 37.57 -10.00 -33.26
CA PRO F 14 36.46 -10.27 -32.35
C PRO F 14 36.89 -9.92 -30.94
N GLY F 15 35.96 -9.38 -30.15
CA GLY F 15 36.27 -8.84 -28.83
C GLY F 15 36.66 -7.37 -28.86
N GLY F 16 37.25 -6.92 -29.97
CA GLY F 16 37.76 -5.55 -30.09
C GLY F 16 36.71 -4.46 -30.07
N SER F 17 37.18 -3.22 -30.28
CA SER F 17 36.35 -2.04 -30.18
C SER F 17 36.46 -1.16 -31.42
N LEU F 18 35.47 -0.30 -31.63
CA LEU F 18 35.43 0.58 -32.80
C LEU F 18 34.52 1.77 -32.52
N ARG F 19 34.85 2.91 -33.12
CA ARG F 19 34.08 4.12 -32.93
C ARG F 19 33.65 4.68 -34.29
N LEU F 20 32.37 4.56 -34.58
CA LEU F 20 31.81 5.13 -35.78
C LEU F 20 31.41 6.55 -35.41
N SER F 21 31.39 7.42 -36.41
CA SER F 21 30.93 8.79 -36.22
C SER F 21 29.98 9.19 -37.34
N CYS F 22 29.08 10.11 -37.03
CA CYS F 22 28.01 10.53 -37.94
C CYS F 22 27.98 12.06 -38.00
N ALA F 23 28.32 12.62 -39.15
CA ALA F 23 28.42 14.08 -39.32
C ALA F 23 27.10 14.71 -39.79
N ALA F 24 26.32 15.20 -38.84
CA ALA F 24 25.07 15.87 -39.17
C ALA F 24 25.32 17.32 -39.60
N SER F 25 24.53 17.79 -40.56
CA SER F 25 24.59 19.18 -41.00
C SER F 25 23.26 19.58 -41.64
N GLY F 26 22.92 20.87 -41.54
CA GLY F 26 21.74 21.45 -42.18
C GLY F 26 20.52 21.60 -41.29
N PHE F 27 20.66 21.26 -40.01
CA PHE F 27 19.58 21.41 -39.05
C PHE F 27 20.14 21.54 -37.64
N SER F 28 19.38 22.17 -36.73
CA SER F 28 19.84 22.32 -35.36
C SER F 28 19.79 20.98 -34.63
N PHE F 29 20.96 20.34 -34.58
CA PHE F 29 21.21 19.09 -33.85
C PHE F 29 20.47 19.00 -32.50
N THR F 30 20.46 20.12 -31.77
CA THR F 30 19.92 20.16 -30.42
C THR F 30 18.40 20.00 -30.35
N SER F 31 17.69 20.41 -31.40
CA SER F 31 16.23 20.29 -31.43
C SER F 31 15.75 18.92 -31.92
N SER F 32 16.66 18.09 -32.42
CA SER F 32 16.26 16.77 -32.92
C SER F 32 17.07 15.68 -32.24
N SER F 33 16.99 14.48 -32.79
CA SER F 33 17.73 13.33 -32.30
C SER F 33 18.22 12.53 -33.48
N VAL F 34 19.13 11.59 -33.24
CA VAL F 34 19.71 10.78 -34.31
C VAL F 34 19.75 9.31 -33.90
N SER F 35 19.40 8.43 -34.86
CA SER F 35 19.34 6.99 -34.62
C SER F 35 20.47 6.29 -35.35
N TRP F 36 20.91 5.17 -34.80
CA TRP F 36 21.81 4.24 -35.48
C TRP F 36 21.04 2.96 -35.84
N VAL F 37 20.92 2.68 -37.13
CA VAL F 37 20.36 1.43 -37.61
C VAL F 37 21.48 0.65 -38.29
N ARG F 38 21.35 -0.66 -38.31
CA ARG F 38 22.35 -1.51 -38.95
C ARG F 38 21.70 -2.65 -39.70
N GLN F 39 22.42 -3.13 -40.72
CA GLN F 39 21.93 -4.17 -41.61
C GLN F 39 22.99 -5.24 -41.86
N ALA F 40 22.75 -6.43 -41.29
CA ALA F 40 23.63 -7.58 -41.50
C ALA F 40 23.61 -7.97 -42.97
N PRO F 41 24.71 -8.52 -43.49
CA PRO F 41 24.75 -8.83 -44.91
C PRO F 41 23.49 -9.57 -45.39
N GLY F 42 22.78 -8.94 -46.33
CA GLY F 42 21.57 -9.48 -46.92
C GLY F 42 20.45 -9.84 -45.95
N LYS F 43 20.30 -9.07 -44.87
CA LYS F 43 19.23 -9.29 -43.90
C LYS F 43 18.51 -7.99 -43.55
N GLY F 44 17.61 -8.06 -42.56
CA GLY F 44 16.77 -6.92 -42.21
C GLY F 44 17.50 -5.79 -41.51
N LEU F 45 16.82 -4.64 -41.43
CA LEU F 45 17.31 -3.51 -40.63
C LEU F 45 17.09 -3.80 -39.15
N GLU F 46 18.10 -3.46 -38.34
CA GLU F 46 17.95 -3.50 -36.89
C GLU F 46 18.34 -2.16 -36.30
N TRP F 47 17.37 -1.49 -35.69
CA TRP F 47 17.62 -0.23 -34.97
C TRP F 47 18.48 -0.54 -33.76
N VAL F 48 19.54 0.25 -33.58
CA VAL F 48 20.51 0.06 -32.49
C VAL F 48 20.28 1.01 -31.30
N GLY F 49 20.16 2.32 -31.56
CA GLY F 49 19.99 3.29 -30.46
C GLY F 49 19.75 4.75 -30.85
N LEU F 50 19.14 5.51 -29.94
CA LEU F 50 18.96 6.94 -30.10
C LEU F 50 20.08 7.70 -29.42
N ILE F 51 20.17 8.98 -29.73
CA ILE F 51 20.76 9.95 -28.82
C ILE F 51 20.03 11.28 -28.97
N TYR F 52 19.70 11.90 -27.84
CA TYR F 52 19.14 13.25 -27.85
C TYR F 52 20.25 14.27 -27.57
N PRO F 53 20.88 14.81 -28.64
CA PRO F 53 22.05 15.67 -28.46
C PRO F 53 21.84 16.78 -27.45
N TYR F 54 20.62 17.28 -27.32
CA TYR F 54 20.32 18.36 -26.39
C TYR F 54 20.92 18.09 -25.02
N ASN F 55 20.60 16.93 -24.45
CA ASN F 55 21.08 16.57 -23.12
C ASN F 55 21.73 15.17 -23.04
N GLY F 56 22.04 14.57 -24.18
CA GLY F 56 22.75 13.29 -24.21
C GLY F 56 21.99 12.04 -23.81
N PHE F 57 20.66 12.10 -23.79
CA PHE F 57 19.84 10.95 -23.39
C PHE F 57 19.87 9.84 -24.42
N ASN F 58 20.02 8.59 -23.95
CA ASN F 58 20.17 7.43 -24.84
C ASN F 58 19.09 6.37 -24.66
N TYR F 59 18.94 5.54 -25.69
CA TYR F 59 18.13 4.30 -25.65
C TYR F 59 18.87 3.23 -26.43
N TYR F 60 18.80 1.97 -25.98
CA TYR F 60 19.49 0.88 -26.68
C TYR F 60 18.66 -0.40 -26.85
N ALA F 61 18.72 -0.96 -28.05
CA ALA F 61 18.25 -2.31 -28.32
C ALA F 61 18.97 -3.32 -27.40
N ASP F 62 18.23 -4.28 -26.84
CA ASP F 62 18.83 -5.22 -25.88
C ASP F 62 20.04 -5.94 -26.49
N SER F 63 19.96 -6.22 -27.79
CA SER F 63 21.02 -6.87 -28.56
C SER F 63 22.35 -6.15 -28.52
N VAL F 64 22.36 -4.95 -27.94
CA VAL F 64 23.54 -4.09 -27.93
C VAL F 64 23.85 -3.53 -26.54
N LYS F 65 22.87 -3.58 -25.63
CA LYS F 65 22.98 -3.01 -24.29
C LYS F 65 24.18 -3.61 -23.56
N GLY F 66 24.96 -2.77 -22.89
CA GLY F 66 26.19 -3.23 -22.21
C GLY F 66 27.42 -3.37 -23.09
N ARG F 67 27.26 -3.12 -24.38
CA ARG F 67 28.34 -3.22 -25.33
C ARG F 67 28.50 -1.91 -26.11
N PHE F 68 27.39 -1.37 -26.61
CA PHE F 68 27.43 -0.19 -27.47
C PHE F 68 27.06 1.05 -26.69
N THR F 69 27.39 2.20 -27.28
CA THR F 69 27.23 3.49 -26.63
C THR F 69 27.17 4.62 -27.66
N ILE F 70 26.29 5.59 -27.43
CA ILE F 70 26.17 6.72 -28.34
C ILE F 70 26.46 8.01 -27.60
N SER F 71 27.36 8.81 -28.17
CA SER F 71 27.70 10.13 -27.63
C SER F 71 27.58 11.18 -28.73
N ALA F 72 27.81 12.44 -28.38
CA ALA F 72 27.70 13.53 -29.35
C ALA F 72 28.58 14.73 -28.99
N ASN F 73 29.20 15.34 -30.00
CA ASN F 73 29.82 16.67 -29.85
C ASN F 73 28.85 17.67 -30.46
N THR F 74 28.29 18.54 -29.63
CA THR F 74 27.18 19.37 -30.06
C THR F 74 27.66 20.57 -30.88
N SER F 75 28.93 20.94 -30.74
CA SER F 75 29.48 22.06 -31.50
C SER F 75 29.86 21.62 -32.90
N LYS F 76 30.25 20.38 -33.05
CA LYS F 76 30.64 19.84 -34.35
C LYS F 76 29.48 19.02 -34.98
N ASN F 77 28.27 19.25 -34.48
CA ASN F 77 27.09 18.52 -34.94
C ASN F 77 27.39 17.09 -35.35
N THR F 78 28.15 16.36 -34.52
CA THR F 78 28.43 14.97 -34.80
C THR F 78 27.87 14.09 -33.69
N ALA F 79 27.44 12.89 -34.05
CA ALA F 79 27.07 11.84 -33.10
C ALA F 79 28.06 10.69 -33.23
N TYR F 80 28.21 9.90 -32.18
CA TYR F 80 29.18 8.80 -32.19
C TYR F 80 28.60 7.49 -31.65
N LEU F 81 28.97 6.36 -32.28
CA LEU F 81 28.68 5.02 -31.73
C LEU F 81 29.98 4.30 -31.35
N GLN F 82 30.24 4.20 -30.05
CA GLN F 82 31.38 3.46 -29.52
C GLN F 82 30.98 2.01 -29.27
N MET F 83 31.57 1.09 -30.01
CA MET F 83 31.28 -0.34 -29.88
C MET F 83 32.35 -1.04 -29.06
N ASN F 84 31.94 -1.94 -28.17
CA ASN F 84 32.88 -2.73 -27.38
C ASN F 84 32.42 -4.18 -27.32
N SER F 85 33.38 -5.10 -27.16
CA SER F 85 33.09 -6.52 -27.16
C SER F 85 32.37 -6.93 -28.44
N LEU F 86 32.92 -6.52 -29.59
CA LEU F 86 32.29 -6.82 -30.88
C LEU F 86 32.27 -8.32 -31.13
N ARG F 87 31.17 -8.79 -31.69
CA ARG F 87 30.98 -10.19 -32.01
C ARG F 87 30.94 -10.37 -33.52
N ALA F 88 30.94 -11.64 -33.95
CA ALA F 88 30.76 -12.01 -35.35
C ALA F 88 29.42 -11.47 -35.87
N GLU F 89 28.38 -11.71 -35.07
CA GLU F 89 27.02 -11.32 -35.44
C GLU F 89 26.75 -9.80 -35.36
N ASP F 90 27.78 -8.99 -35.10
CA ASP F 90 27.66 -7.53 -35.18
C ASP F 90 28.11 -7.00 -36.54
N THR F 91 28.54 -7.90 -37.41
CA THR F 91 28.99 -7.50 -38.73
C THR F 91 27.78 -6.99 -39.50
N ALA F 92 27.86 -5.74 -39.93
CA ALA F 92 26.76 -5.12 -40.66
C ALA F 92 27.19 -3.77 -41.24
N VAL F 93 26.34 -3.19 -42.09
CA VAL F 93 26.50 -1.79 -42.47
C VAL F 93 25.72 -0.96 -41.45
N TYR F 94 26.36 0.09 -40.94
CA TYR F 94 25.78 0.92 -39.88
C TYR F 94 25.38 2.29 -40.42
N TYR F 95 24.08 2.57 -40.40
CA TYR F 95 23.53 3.85 -40.83
C TYR F 95 23.22 4.74 -39.64
N CYS F 96 23.23 6.05 -39.85
CA CYS F 96 22.63 6.99 -38.91
C CYS F 96 21.54 7.76 -39.64
N ALA F 97 20.42 7.97 -38.94
CA ALA F 97 19.25 8.63 -39.53
C ALA F 97 18.71 9.69 -38.58
N ARG F 98 18.06 10.70 -39.14
CA ARG F 98 17.42 11.74 -38.35
C ARG F 98 16.04 11.29 -37.93
N ASN F 99 15.72 11.44 -36.65
CA ASN F 99 14.36 11.15 -36.17
C ASN F 99 13.50 12.41 -36.25
N ALA F 100 12.40 12.34 -37.01
CA ALA F 100 11.43 13.43 -37.13
C ALA F 100 10.07 12.99 -36.56
N LEU F 101 9.38 13.90 -35.87
CA LEU F 101 8.39 13.55 -34.85
C LEU F 101 6.90 13.49 -35.27
N TYR F 102 6.63 13.43 -36.55
CA TYR F 102 5.25 13.46 -37.09
C TYR F 102 3.98 13.62 -36.19
N GLY F 103 3.66 12.64 -35.37
CA GLY F 103 2.31 12.59 -34.79
C GLY F 103 2.07 13.54 -33.63
N SER F 104 1.88 12.95 -32.46
CA SER F 104 1.98 13.61 -31.16
C SER F 104 2.05 12.46 -30.15
N GLY F 105 2.66 12.66 -29.00
CA GLY F 105 2.91 11.53 -28.09
C GLY F 105 4.12 10.72 -28.52
N GLY F 106 5.04 11.38 -29.22
CA GLY F 106 6.42 10.90 -29.37
C GLY F 106 6.67 9.83 -30.41
N TYR F 107 5.89 9.85 -31.49
CA TYR F 107 6.11 8.92 -32.59
C TYR F 107 7.01 9.61 -33.58
N TYR F 108 8.00 8.89 -34.10
CA TYR F 108 8.93 9.48 -35.08
C TYR F 108 9.20 8.58 -36.27
N ALA F 109 9.39 9.23 -37.42
CA ALA F 109 9.89 8.57 -38.61
C ALA F 109 11.29 9.07 -38.88
N MET F 110 12.02 8.34 -39.69
CA MET F 110 13.42 8.62 -39.93
C MET F 110 13.55 9.06 -41.38
N ASP F 111 13.64 10.38 -41.57
CA ASP F 111 13.44 11.00 -42.90
C ASP F 111 14.70 11.20 -43.73
N TYR F 112 15.82 11.47 -43.08
CA TYR F 112 17.12 11.53 -43.77
C TYR F 112 18.05 10.44 -43.25
N TRP F 113 18.78 9.82 -44.17
CA TRP F 113 19.75 8.79 -43.84
C TRP F 113 21.11 9.10 -44.44
N GLY F 114 22.16 8.68 -43.75
CA GLY F 114 23.49 8.69 -44.30
C GLY F 114 23.67 7.51 -45.24
N GLN F 115 24.85 7.42 -45.85
CA GLN F 115 25.15 6.35 -46.81
C GLN F 115 25.51 5.05 -46.10
N GLY F 116 26.05 5.16 -44.89
CA GLY F 116 26.40 4.00 -44.07
C GLY F 116 27.87 3.64 -44.19
N THR F 117 28.41 2.98 -43.17
CA THR F 117 29.76 2.41 -43.25
C THR F 117 29.71 0.95 -42.81
N LEU F 118 30.51 0.12 -43.48
CA LEU F 118 30.51 -1.31 -43.24
C LEU F 118 31.53 -1.61 -42.15
N VAL F 119 31.09 -2.30 -41.11
CA VAL F 119 32.00 -2.79 -40.09
C VAL F 119 31.98 -4.31 -40.11
N THR F 120 33.16 -4.89 -40.16
CA THR F 120 33.30 -6.34 -40.35
C THR F 120 34.20 -6.92 -39.25
N VAL F 121 33.64 -7.86 -38.50
CA VAL F 121 34.27 -8.40 -37.30
C VAL F 121 34.77 -9.82 -37.54
N SER F 122 36.03 -9.92 -37.96
CA SER F 122 36.63 -11.20 -38.35
C SER F 122 38.08 -11.30 -37.88
N SER F 123 38.56 -12.52 -37.71
CA SER F 123 39.96 -12.78 -37.36
C SER F 123 40.91 -12.44 -38.50
N ALA F 124 40.43 -12.62 -39.74
CA ALA F 124 41.24 -12.44 -40.95
C ALA F 124 42.05 -11.14 -41.02
N SER F 125 42.98 -11.10 -41.97
CA SER F 125 43.87 -9.96 -42.16
C SER F 125 43.45 -9.14 -43.35
N THR F 126 43.65 -7.83 -43.26
CA THR F 126 43.40 -6.93 -44.37
C THR F 126 44.25 -7.36 -45.56
N LYS F 127 43.63 -7.39 -46.73
CA LYS F 127 44.29 -7.83 -47.96
C LYS F 127 43.78 -6.97 -49.11
N GLY F 128 44.69 -6.43 -49.91
CA GLY F 128 44.32 -5.63 -51.09
C GLY F 128 44.02 -6.52 -52.29
N PRO F 129 43.21 -6.02 -53.24
CA PRO F 129 42.84 -6.84 -54.40
C PRO F 129 43.92 -6.86 -55.46
N SER F 130 43.98 -7.94 -56.23
CA SER F 130 44.70 -7.94 -57.50
C SER F 130 43.68 -7.61 -58.59
N VAL F 131 44.01 -6.62 -59.42
CA VAL F 131 43.11 -6.15 -60.48
C VAL F 131 43.63 -6.50 -61.87
N PHE F 132 42.87 -7.30 -62.61
CA PHE F 132 43.29 -7.78 -63.92
C PHE F 132 42.33 -7.34 -65.03
N PRO F 133 42.86 -6.99 -66.21
CA PRO F 133 42.00 -6.66 -67.35
C PRO F 133 41.22 -7.88 -67.83
N LEU F 134 39.95 -7.65 -68.17
CA LEU F 134 39.15 -8.63 -68.90
C LEU F 134 39.00 -8.09 -70.33
N ALA F 135 39.84 -8.62 -71.22
CA ALA F 135 40.01 -8.09 -72.57
C ALA F 135 38.83 -8.43 -73.47
N PRO F 136 38.40 -7.48 -74.32
CA PRO F 136 37.30 -7.76 -75.25
C PRO F 136 37.75 -8.66 -76.42
N SER F 137 36.89 -9.62 -76.78
CA SER F 137 37.18 -10.61 -77.82
C SER F 137 36.81 -10.10 -79.22
N SER F 138 37.83 -9.78 -80.02
CA SER F 138 37.67 -9.20 -81.36
C SER F 138 36.39 -9.60 -82.10
N GLY F 144 27.77 -6.20 -82.85
CA GLY F 144 27.83 -4.74 -82.80
C GLY F 144 28.12 -4.12 -81.43
N THR F 145 27.89 -4.89 -80.36
CA THR F 145 28.23 -4.46 -79.00
C THR F 145 29.39 -5.32 -78.45
N ALA F 146 30.41 -4.66 -77.94
CA ALA F 146 31.58 -5.34 -77.37
C ALA F 146 31.65 -5.18 -75.86
N ALA F 147 31.68 -6.30 -75.14
CA ALA F 147 31.80 -6.31 -73.68
C ALA F 147 33.28 -6.31 -73.24
N LEU F 148 33.61 -5.50 -72.23
CA LEU F 148 34.92 -5.53 -71.59
C LEU F 148 34.77 -5.26 -70.10
N GLY F 149 35.78 -5.62 -69.32
CA GLY F 149 35.66 -5.50 -67.87
C GLY F 149 36.95 -5.56 -67.07
N CYS F 150 36.79 -5.86 -65.78
CA CYS F 150 37.90 -5.91 -64.84
C CYS F 150 37.63 -6.98 -63.81
N LEU F 151 38.68 -7.73 -63.45
CA LEU F 151 38.60 -8.75 -62.41
C LEU F 151 39.32 -8.25 -61.16
N VAL F 152 38.58 -8.09 -60.07
CA VAL F 152 39.15 -7.64 -58.81
C VAL F 152 39.21 -8.85 -57.89
N LYS F 153 40.42 -9.37 -57.69
CA LYS F 153 40.59 -10.72 -57.13
C LYS F 153 41.42 -10.73 -55.86
N ASP F 154 41.06 -11.65 -54.96
CA ASP F 154 41.78 -11.91 -53.70
C ASP F 154 41.94 -10.65 -52.83
N TYR F 155 40.84 -10.25 -52.19
CA TYR F 155 40.82 -9.14 -51.26
C TYR F 155 39.95 -9.46 -50.06
N PHE F 156 40.23 -8.80 -48.95
CA PHE F 156 39.43 -8.96 -47.75
C PHE F 156 39.68 -7.76 -46.85
N PRO F 157 38.62 -7.25 -46.19
CA PRO F 157 37.22 -7.64 -46.23
C PRO F 157 36.49 -6.83 -47.28
N GLU F 158 35.17 -6.93 -47.32
CA GLU F 158 34.39 -6.05 -48.17
C GLU F 158 34.51 -4.63 -47.62
N PRO F 159 34.22 -3.61 -48.44
CA PRO F 159 33.86 -3.61 -49.84
C PRO F 159 34.97 -3.12 -50.77
N VAL F 160 34.71 -3.26 -52.07
CA VAL F 160 35.48 -2.57 -53.10
C VAL F 160 34.50 -1.67 -53.86
N THR F 161 35.02 -0.58 -54.43
CA THR F 161 34.21 0.31 -55.27
C THR F 161 34.87 0.44 -56.64
N VAL F 162 34.22 -0.16 -57.64
CA VAL F 162 34.71 -0.09 -59.02
C VAL F 162 33.94 0.99 -59.76
N SER F 163 34.66 1.82 -60.50
CA SER F 163 34.06 2.83 -61.39
C SER F 163 34.85 2.88 -62.70
N TRP F 164 34.27 3.49 -63.72
CA TRP F 164 34.85 3.46 -65.07
C TRP F 164 35.08 4.86 -65.63
N ASN F 165 36.35 5.18 -65.91
CA ASN F 165 36.77 6.50 -66.41
C ASN F 165 36.34 7.64 -65.48
N SER F 166 36.64 7.46 -64.19
CA SER F 166 36.26 8.42 -63.13
C SER F 166 34.75 8.66 -63.07
N GLY F 167 33.95 7.63 -63.39
CA GLY F 167 32.49 7.74 -63.37
C GLY F 167 31.87 8.44 -64.57
N ALA F 168 32.67 8.72 -65.60
CA ALA F 168 32.17 9.33 -66.83
C ALA F 168 31.28 8.34 -67.58
N LEU F 169 31.78 7.12 -67.74
CA LEU F 169 31.02 6.00 -68.28
C LEU F 169 30.26 5.31 -67.14
N THR F 170 28.94 5.51 -67.12
CA THR F 170 28.05 4.82 -66.17
C THR F 170 27.03 3.95 -66.88
N SER F 171 26.94 4.07 -68.19
CA SER F 171 25.86 3.47 -68.97
C SER F 171 26.10 1.98 -69.25
N GLY F 172 25.19 1.14 -68.73
CA GLY F 172 25.22 -0.30 -69.00
C GLY F 172 26.39 -1.04 -68.35
N VAL F 173 26.78 -0.59 -67.16
CA VAL F 173 27.83 -1.22 -66.37
C VAL F 173 27.19 -2.23 -65.42
N HIS F 174 27.90 -3.32 -65.16
CA HIS F 174 27.45 -4.33 -64.20
C HIS F 174 28.60 -4.77 -63.30
N THR F 175 28.70 -4.17 -62.11
CA THR F 175 29.62 -4.61 -61.07
C THR F 175 28.94 -5.67 -60.21
N PHE F 176 29.34 -6.93 -60.40
CA PHE F 176 28.65 -8.08 -59.79
C PHE F 176 28.88 -8.19 -58.30
N PRO F 177 28.00 -8.90 -57.59
CA PRO F 177 28.25 -9.20 -56.20
C PRO F 177 29.59 -9.90 -56.01
N ALA F 178 30.27 -9.61 -54.91
CA ALA F 178 31.48 -10.35 -54.55
C ALA F 178 31.08 -11.79 -54.27
N VAL F 179 32.07 -12.67 -54.32
CA VAL F 179 31.85 -14.07 -53.99
C VAL F 179 33.01 -14.60 -53.15
N LEU F 180 32.66 -15.22 -52.03
CA LEU F 180 33.65 -15.70 -51.08
C LEU F 180 34.28 -16.97 -51.62
N GLN F 181 35.55 -16.85 -52.01
CA GLN F 181 36.32 -17.98 -52.54
C GLN F 181 36.61 -18.96 -51.40
N SER F 182 36.91 -20.20 -51.75
CA SER F 182 37.30 -21.22 -50.77
C SER F 182 38.57 -20.84 -49.99
N SER F 183 39.39 -19.96 -50.57
CA SER F 183 40.58 -19.43 -49.90
C SER F 183 40.23 -18.53 -48.73
N GLY F 184 39.04 -17.94 -48.74
CA GLY F 184 38.59 -17.04 -47.69
C GLY F 184 38.55 -15.60 -48.16
N LEU F 185 39.13 -15.33 -49.33
CA LEU F 185 39.18 -13.99 -49.90
C LEU F 185 38.06 -13.81 -50.91
N TYR F 186 37.70 -12.55 -51.18
CA TYR F 186 36.62 -12.23 -52.09
C TYR F 186 37.15 -11.96 -53.49
N SER F 187 36.33 -12.23 -54.50
CA SER F 187 36.61 -11.75 -55.85
C SER F 187 35.31 -11.41 -56.58
N LEU F 188 35.36 -10.33 -57.35
CA LEU F 188 34.22 -9.87 -58.11
C LEU F 188 34.67 -9.39 -59.48
N SER F 189 33.71 -9.29 -60.39
CA SER F 189 33.94 -8.75 -61.72
C SER F 189 33.13 -7.46 -61.91
N SER F 190 33.72 -6.50 -62.61
CA SER F 190 32.99 -5.34 -63.11
C SER F 190 33.05 -5.40 -64.64
N VAL F 191 31.89 -5.46 -65.27
CA VAL F 191 31.78 -5.55 -66.74
C VAL F 191 30.97 -4.37 -67.28
N VAL F 192 31.34 -3.91 -68.47
CA VAL F 192 30.66 -2.78 -69.12
C VAL F 192 30.54 -3.03 -70.63
N THR F 193 29.30 -3.00 -71.14
CA THR F 193 29.06 -3.16 -72.59
C THR F 193 29.13 -1.81 -73.29
N VAL F 194 29.95 -1.73 -74.32
CA VAL F 194 30.13 -0.51 -75.13
C VAL F 194 30.05 -0.86 -76.61
N PRO F 195 29.64 0.10 -77.46
CA PRO F 195 29.60 -0.16 -78.90
C PRO F 195 30.99 -0.47 -79.44
N SER F 196 31.16 -1.64 -80.07
CA SER F 196 32.46 -2.14 -80.54
C SER F 196 33.24 -1.11 -81.38
N SER F 197 32.50 -0.23 -82.07
CA SER F 197 33.09 0.88 -82.82
C SER F 197 33.87 1.86 -81.93
N SER F 198 33.46 1.99 -80.67
CA SER F 198 34.09 2.92 -79.74
C SER F 198 35.49 2.49 -79.26
N LEU F 199 35.88 1.24 -79.54
CA LEU F 199 37.24 0.79 -79.29
C LEU F 199 38.22 1.48 -80.24
N GLY F 200 39.46 1.66 -79.80
CA GLY F 200 40.49 2.35 -80.59
C GLY F 200 40.50 3.84 -80.32
N THR F 201 39.32 4.45 -80.38
CA THR F 201 39.16 5.88 -80.14
C THR F 201 39.03 6.19 -78.63
N GLN F 202 38.02 5.61 -78.00
CA GLN F 202 37.77 5.81 -76.58
C GLN F 202 38.80 5.07 -75.72
N THR F 203 39.15 5.66 -74.59
CA THR F 203 40.03 5.01 -73.61
C THR F 203 39.18 4.40 -72.51
N TYR F 204 39.61 3.25 -72.01
CA TYR F 204 38.84 2.51 -70.99
C TYR F 204 39.72 2.12 -69.80
N ILE F 205 39.60 2.89 -68.72
CA ILE F 205 40.29 2.58 -67.45
C ILE F 205 39.26 2.23 -66.36
N CYS F 206 39.50 1.14 -65.65
CA CYS F 206 38.60 0.73 -64.56
C CYS F 206 39.24 1.15 -63.24
N ASN F 207 38.43 1.73 -62.36
CA ASN F 207 38.92 2.42 -61.17
C ASN F 207 38.57 1.69 -59.88
N VAL F 208 39.38 0.70 -59.53
CA VAL F 208 39.20 -0.05 -58.30
C VAL F 208 39.74 0.78 -57.14
N ASN F 209 39.08 0.67 -55.99
CA ASN F 209 39.50 1.34 -54.78
C ASN F 209 39.11 0.49 -53.58
N HIS F 210 40.08 0.15 -52.74
CA HIS F 210 39.86 -0.71 -51.58
C HIS F 210 40.31 0.00 -50.32
N LYS F 211 39.36 0.62 -49.63
CA LYS F 211 39.67 1.41 -48.44
C LYS F 211 40.53 0.67 -47.40
N PRO F 212 40.07 -0.51 -46.93
CA PRO F 212 40.71 -1.21 -45.80
C PRO F 212 42.23 -1.40 -45.86
N SER F 213 42.81 -1.39 -47.06
CA SER F 213 44.25 -1.66 -47.24
C SER F 213 44.99 -0.56 -48.02
N ASN F 214 44.38 0.61 -48.12
CA ASN F 214 44.93 1.74 -48.89
C ASN F 214 45.18 1.43 -50.37
N THR F 215 44.64 0.32 -50.87
CA THR F 215 44.93 -0.11 -52.24
C THR F 215 44.12 0.68 -53.24
N LYS F 216 44.81 1.43 -54.10
CA LYS F 216 44.17 2.12 -55.22
C LYS F 216 44.82 1.65 -56.50
N VAL F 217 43.99 1.28 -57.48
CA VAL F 217 44.49 0.87 -58.79
C VAL F 217 43.61 1.42 -59.90
N ASP F 218 44.25 1.95 -60.94
CA ASP F 218 43.57 2.29 -62.18
C ASP F 218 44.20 1.44 -63.29
N LYS F 219 43.46 0.44 -63.75
CA LYS F 219 43.93 -0.50 -64.77
C LYS F 219 43.24 -0.18 -66.10
N LYS F 220 44.03 -0.07 -67.17
CA LYS F 220 43.46 0.09 -68.51
C LYS F 220 43.13 -1.27 -69.10
N VAL F 221 42.00 -1.37 -69.79
CA VAL F 221 41.56 -2.60 -70.44
C VAL F 221 41.39 -2.35 -71.93
N GLU F 222 42.09 -3.14 -72.73
CA GLU F 222 42.02 -3.06 -74.19
C GLU F 222 42.24 -4.45 -74.82
N PRO F 223 41.98 -4.60 -76.14
CA PRO F 223 42.28 -5.88 -76.80
C PRO F 223 43.77 -6.19 -76.86
N LYS F 224 44.09 -7.34 -77.46
CA LYS F 224 45.46 -7.88 -77.47
C LYS F 224 46.18 -7.68 -78.80
N SER F 225 47.49 -7.96 -78.78
CA SER F 225 48.30 -8.04 -80.00
C SER F 225 48.56 -9.51 -80.36
N CYS F 226 49.00 -10.29 -79.37
CA CYS F 226 49.34 -11.72 -79.51
C CYS F 226 50.32 -12.05 -80.64
N ASP G 1 18.89 14.32 1.93
CA ASP G 1 20.20 13.97 1.29
C ASP G 1 21.28 13.71 2.35
N ILE G 2 22.36 13.09 1.91
CA ILE G 2 23.56 12.94 2.72
C ILE G 2 24.43 14.17 2.53
N GLN G 3 24.65 14.92 3.60
CA GLN G 3 25.48 16.12 3.57
C GLN G 3 26.62 16.02 4.56
N MET G 4 27.82 16.32 4.07
CA MET G 4 29.04 16.23 4.85
C MET G 4 29.56 17.63 5.10
N THR G 5 30.12 17.86 6.29
CA THR G 5 30.80 19.12 6.59
C THR G 5 32.20 18.84 7.09
N GLN G 6 33.20 19.41 6.42
CA GLN G 6 34.58 19.33 6.87
C GLN G 6 34.93 20.63 7.58
N SER G 7 35.73 20.54 8.64
CA SER G 7 36.22 21.75 9.29
C SER G 7 37.59 21.48 9.88
N PRO G 8 38.36 22.54 10.12
CA PRO G 8 38.09 23.94 9.82
C PRO G 8 38.38 24.22 8.35
N SER G 9 38.14 25.47 7.93
CA SER G 9 38.47 25.88 6.56
C SER G 9 39.98 26.01 6.37
N SER G 10 40.66 26.47 7.41
CA SER G 10 42.12 26.58 7.38
C SER G 10 42.66 26.73 8.78
N LEU G 11 43.95 26.50 8.94
CA LEU G 11 44.60 26.60 10.23
C LEU G 11 46.10 26.67 10.08
N SER G 12 46.74 27.42 10.98
CA SER G 12 48.18 27.56 11.02
C SER G 12 48.71 26.86 12.26
N ALA G 13 49.80 26.10 12.10
CA ALA G 13 50.37 25.30 13.21
C ALA G 13 51.88 25.23 13.08
N SER G 14 52.55 24.87 14.17
CA SER G 14 54.00 24.93 14.24
C SER G 14 54.59 23.54 14.11
N VAL G 15 55.73 23.42 13.42
CA VAL G 15 56.36 22.12 13.23
C VAL G 15 56.45 21.46 14.59
N GLY G 16 56.09 20.18 14.65
CA GLY G 16 56.02 19.44 15.92
C GLY G 16 54.62 19.32 16.52
N ASP G 17 53.74 20.29 16.27
CA ASP G 17 52.36 20.28 16.76
C ASP G 17 51.52 19.10 16.21
N ARG G 18 50.31 18.96 16.76
CA ARG G 18 49.33 17.99 16.30
C ARG G 18 48.19 18.72 15.60
N VAL G 19 48.17 18.61 14.28
CA VAL G 19 47.04 19.07 13.50
C VAL G 19 45.95 18.04 13.62
N THR G 20 44.72 18.51 13.76
CA THR G 20 43.55 17.64 13.81
C THR G 20 42.41 18.29 13.01
N ILE G 21 41.95 17.56 11.98
CA ILE G 21 40.89 17.99 11.06
C ILE G 21 39.72 17.01 11.18
N THR G 22 38.49 17.52 11.09
CA THR G 22 37.30 16.67 11.29
C THR G 22 36.27 16.78 10.16
N CYS G 23 35.53 15.69 9.94
CA CYS G 23 34.48 15.62 8.94
C CYS G 23 33.22 15.11 9.67
N ARG G 24 32.10 15.79 9.45
CA ARG G 24 30.84 15.43 10.13
C ARG G 24 29.81 15.05 9.09
N ALA G 25 29.07 13.97 9.34
CA ALA G 25 28.05 13.48 8.39
C ALA G 25 26.64 13.75 8.90
N SER G 26 25.73 14.05 7.97
CA SER G 26 24.33 14.38 8.30
C SER G 26 23.59 13.16 8.82
N GLN G 27 24.02 11.98 8.41
CA GLN G 27 23.48 10.74 8.95
C GLN G 27 24.59 9.72 9.06
N ASP G 28 24.28 8.52 9.56
CA ASP G 28 25.28 7.48 9.71
C ASP G 28 25.77 7.04 8.35
N VAL G 29 27.08 7.06 8.18
CA VAL G 29 27.77 6.68 6.96
C VAL G 29 28.79 5.53 7.22
N SER G 30 28.74 4.95 8.41
CA SER G 30 29.66 3.89 8.83
C SER G 30 31.13 4.25 8.64
N THR G 31 31.79 3.63 7.67
CA THR G 31 33.22 3.75 7.53
C THR G 31 33.62 4.26 6.14
N ALA G 32 32.64 4.71 5.36
CA ALA G 32 32.85 5.06 3.96
C ALA G 32 33.51 6.43 3.76
N VAL G 33 34.60 6.70 4.49
CA VAL G 33 35.32 7.96 4.38
C VAL G 33 36.81 7.73 4.05
N ALA G 34 37.38 8.63 3.25
CA ALA G 34 38.80 8.58 2.86
C ALA G 34 39.37 9.98 2.93
N TRP G 35 40.65 10.09 3.24
CA TRP G 35 41.31 11.40 3.32
C TRP G 35 42.42 11.54 2.29
N TYR G 36 42.55 12.76 1.76
CA TYR G 36 43.52 13.05 0.71
C TYR G 36 44.35 14.28 1.04
N GLN G 37 45.62 14.25 0.64
CA GLN G 37 46.53 15.40 0.73
C GLN G 37 46.72 15.96 -0.66
N GLN G 38 46.72 17.28 -0.80
CA GLN G 38 47.03 17.91 -2.08
C GLN G 38 47.98 19.08 -1.90
N LYS G 39 49.23 18.88 -2.32
CA LYS G 39 50.20 19.96 -2.46
C LYS G 39 49.83 20.79 -3.69
N PRO G 40 50.12 22.11 -3.67
CA PRO G 40 49.67 23.03 -4.71
C PRO G 40 50.29 22.72 -6.07
N GLY G 41 49.48 22.72 -7.11
CA GLY G 41 49.93 22.41 -8.47
C GLY G 41 50.27 20.94 -8.66
N LYS G 42 49.55 20.08 -7.94
CA LYS G 42 49.74 18.62 -8.04
C LYS G 42 48.44 17.86 -7.77
N ALA G 43 48.39 16.64 -8.28
CA ALA G 43 47.21 15.80 -8.15
C ALA G 43 47.16 15.29 -6.72
N PRO G 44 45.95 15.19 -6.14
CA PRO G 44 45.86 14.76 -4.75
C PRO G 44 46.41 13.35 -4.54
N LYS G 45 46.90 13.11 -3.33
CA LYS G 45 47.58 11.88 -2.98
C LYS G 45 46.75 11.24 -1.85
N LEU G 46 46.51 9.93 -1.89
CA LEU G 46 45.66 9.25 -0.89
C LEU G 46 46.43 8.97 0.41
N LEU G 47 45.79 9.29 1.55
CA LEU G 47 46.38 9.11 2.89
C LEU G 47 45.74 7.97 3.69
N ILE G 48 44.47 8.14 4.01
CA ILE G 48 43.74 7.16 4.81
C ILE G 48 42.53 6.75 3.99
N TYR G 49 42.16 5.48 4.06
CA TYR G 49 40.92 5.00 3.46
C TYR G 49 40.19 4.09 4.45
N SER G 50 38.90 3.88 4.22
CA SER G 50 38.08 3.10 5.14
C SER G 50 38.12 3.68 6.54
N ALA G 51 38.10 5.00 6.66
CA ALA G 51 38.02 5.70 7.95
C ALA G 51 39.32 5.77 8.73
N SER G 52 40.04 4.64 8.82
CA SER G 52 41.22 4.53 9.66
C SER G 52 42.43 3.80 9.06
N PHE G 53 42.29 3.24 7.85
CA PHE G 53 43.37 2.44 7.26
C PHE G 53 44.37 3.30 6.51
N LEU G 54 45.66 3.15 6.85
CA LEU G 54 46.71 4.00 6.32
C LEU G 54 47.28 3.48 5.00
N TYR G 55 47.08 4.26 3.94
CA TYR G 55 47.48 3.87 2.59
C TYR G 55 48.97 3.62 2.50
N SER G 56 49.34 2.62 1.73
CA SER G 56 50.73 2.16 1.63
C SER G 56 51.68 3.29 1.26
N GLY G 57 52.74 3.43 2.06
CA GLY G 57 53.79 4.41 1.78
C GLY G 57 53.62 5.73 2.50
N VAL G 58 52.44 5.98 3.09
CA VAL G 58 52.21 7.18 3.88
C VAL G 58 52.87 7.01 5.24
N PRO G 59 53.63 8.02 5.69
CA PRO G 59 54.27 7.91 6.99
C PRO G 59 53.26 7.77 8.10
N SER G 60 53.68 7.15 9.20
CA SER G 60 52.75 6.75 10.26
C SER G 60 52.24 7.90 11.12
N ARG G 61 52.83 9.09 11.01
CA ARG G 61 52.34 10.24 11.77
C ARG G 61 50.91 10.61 11.36
N PHE G 62 50.55 10.29 10.11
CA PHE G 62 49.19 10.44 9.60
C PHE G 62 48.27 9.33 10.09
N SER G 63 47.14 9.74 10.65
CA SER G 63 46.24 8.83 11.33
C SER G 63 44.79 9.18 10.99
N GLY G 64 43.95 8.16 10.96
CA GLY G 64 42.54 8.33 10.67
C GLY G 64 41.68 7.65 11.70
N SER G 65 40.57 8.26 12.06
CA SER G 65 39.63 7.64 12.98
C SER G 65 38.21 8.09 12.69
N GLY G 66 37.28 7.55 13.47
CA GLY G 66 35.88 7.90 13.34
C GLY G 66 35.03 6.84 12.67
N SER G 67 33.74 6.87 12.95
CA SER G 67 32.75 6.00 12.30
C SER G 67 31.37 6.57 12.51
N GLY G 68 30.51 6.43 11.52
CA GLY G 68 29.12 6.84 11.63
C GLY G 68 28.89 8.24 11.13
N THR G 69 28.96 9.22 12.02
CA THR G 69 28.74 10.62 11.64
C THR G 69 29.91 11.54 11.98
N ASP G 70 30.95 10.99 12.61
CA ASP G 70 32.11 11.80 12.98
C ASP G 70 33.41 11.11 12.59
N PHE G 71 34.28 11.88 11.92
CA PHE G 71 35.56 11.37 11.41
C PHE G 71 36.67 12.38 11.65
N THR G 72 37.88 11.90 11.88
CA THR G 72 38.99 12.79 12.18
C THR G 72 40.28 12.35 11.52
N LEU G 73 40.95 13.30 10.88
CA LEU G 73 42.31 13.14 10.38
C LEU G 73 43.24 13.77 11.41
N THR G 74 44.31 13.07 11.77
CA THR G 74 45.25 13.59 12.75
C THR G 74 46.65 13.45 12.19
N ILE G 75 47.29 14.58 11.90
CA ILE G 75 48.74 14.61 11.70
C ILE G 75 49.34 14.78 13.08
N SER G 76 49.99 13.73 13.59
CA SER G 76 50.46 13.73 15.00
C SER G 76 51.63 14.67 15.24
N SER G 77 52.55 14.76 14.28
CA SER G 77 53.74 15.59 14.44
C SER G 77 54.02 16.36 13.16
N LEU G 78 53.56 17.60 13.12
CA LEU G 78 53.56 18.36 11.87
C LEU G 78 54.98 18.59 11.38
N GLN G 79 55.18 18.43 10.08
CA GLN G 79 56.48 18.63 9.45
C GLN G 79 56.36 19.70 8.37
N PRO G 80 57.47 20.36 8.04
CA PRO G 80 57.46 21.40 7.01
C PRO G 80 56.79 20.98 5.72
N GLU G 81 57.01 19.73 5.33
CA GLU G 81 56.50 19.20 4.06
C GLU G 81 55.03 18.80 4.12
N ASP G 82 54.35 19.00 5.25
CA ASP G 82 52.92 18.71 5.35
C ASP G 82 52.04 19.91 4.96
N PHE G 83 52.68 20.97 4.49
CA PHE G 83 51.98 22.08 3.87
C PHE G 83 51.12 21.56 2.73
N ALA G 84 49.81 21.76 2.84
CA ALA G 84 48.90 21.25 1.84
C ALA G 84 47.47 21.64 2.17
N THR G 85 46.56 21.18 1.31
CA THR G 85 45.15 21.22 1.57
C THR G 85 44.66 19.78 1.66
N TYR G 86 43.93 19.46 2.73
CA TYR G 86 43.47 18.10 2.99
C TYR G 86 41.98 18.01 2.76
N TYR G 87 41.53 16.90 2.20
CA TYR G 87 40.13 16.71 1.83
C TYR G 87 39.59 15.42 2.40
N CYS G 88 38.32 15.46 2.80
CA CYS G 88 37.57 14.28 3.23
C CYS G 88 36.61 13.93 2.10
N GLN G 89 36.49 12.63 1.81
CA GLN G 89 35.72 12.15 0.67
C GLN G 89 34.84 11.00 1.07
N GLN G 90 33.54 11.12 0.84
CA GLN G 90 32.56 10.11 1.23
C GLN G 90 32.16 9.23 0.03
N SER G 91 31.88 7.95 0.29
CA SER G 91 31.52 6.99 -0.75
C SER G 91 30.18 6.31 -0.45
N TYR G 92 29.43 6.84 0.50
CA TYR G 92 28.21 6.18 0.96
C TYR G 92 27.05 6.48 0.03
N ALA G 93 26.97 7.72 -0.44
CA ALA G 93 25.93 8.12 -1.38
C ALA G 93 26.17 7.49 -2.74
N THR G 94 25.16 7.51 -3.60
CA THR G 94 25.33 7.01 -4.96
C THR G 94 26.44 7.81 -5.64
N LEU G 95 26.41 9.12 -5.43
CA LEU G 95 27.44 9.99 -5.94
C LEU G 95 28.39 10.33 -4.78
N PRO G 96 29.69 10.05 -4.95
CA PRO G 96 30.68 10.42 -3.95
C PRO G 96 30.99 11.90 -4.08
N THR G 97 31.46 12.51 -3.00
CA THR G 97 31.80 13.93 -3.00
C THR G 97 33.09 14.19 -2.23
N PHE G 98 33.80 15.24 -2.61
CA PHE G 98 34.86 15.82 -1.78
C PHE G 98 34.31 17.06 -1.07
N GLU G 99 34.82 17.35 0.12
CA GLU G 99 34.34 18.48 0.88
C GLU G 99 35.21 19.71 0.64
N GLN G 100 34.88 20.81 1.32
CA GLN G 100 35.49 22.10 1.02
C GLN G 100 37.01 22.07 1.28
N GLY G 101 37.43 21.29 2.26
CA GLY G 101 38.87 21.07 2.49
C GLY G 101 39.48 21.99 3.53
N THR G 102 40.61 21.55 4.07
CA THR G 102 41.30 22.31 5.12
C THR G 102 42.69 22.68 4.63
N LYS G 103 42.97 23.97 4.56
CA LYS G 103 44.28 24.44 4.14
C LYS G 103 45.16 24.52 5.37
N VAL G 104 46.22 23.71 5.40
CA VAL G 104 47.13 23.69 6.54
C VAL G 104 48.37 24.51 6.22
N GLU G 105 48.70 25.41 7.14
CA GLU G 105 49.80 26.35 6.99
C GLU G 105 50.79 26.10 8.13
N ILE G 106 52.08 26.30 7.86
CA ILE G 106 53.11 26.10 8.89
C ILE G 106 53.47 27.44 9.55
N LYS G 107 53.57 27.44 10.89
CA LYS G 107 54.01 28.63 11.63
C LYS G 107 55.46 28.46 12.06
N ARG G 108 56.25 29.50 11.82
CA ARG G 108 57.69 29.44 12.02
C ARG G 108 58.25 30.80 12.37
N THR G 109 59.49 30.80 12.86
CA THR G 109 60.15 32.02 13.34
C THR G 109 60.27 33.01 12.20
N VAL G 110 60.19 34.30 12.52
CA VAL G 110 60.27 35.35 11.48
C VAL G 110 61.58 35.27 10.70
N ALA G 111 61.48 35.38 9.38
CA ALA G 111 62.65 35.37 8.51
C ALA G 111 62.50 36.52 7.53
N ALA G 112 63.50 37.41 7.51
CA ALA G 112 63.44 38.60 6.67
C ALA G 112 63.79 38.24 5.23
N PRO G 113 63.25 38.99 4.26
CA PRO G 113 63.51 38.69 2.86
C PRO G 113 64.91 39.05 2.43
N SER G 114 65.26 38.63 1.22
CA SER G 114 66.45 39.10 0.53
C SER G 114 65.99 39.80 -0.73
N VAL G 115 66.18 41.10 -0.81
CA VAL G 115 65.68 41.85 -1.96
C VAL G 115 66.68 41.80 -3.12
N PHE G 116 66.15 41.61 -4.32
CA PHE G 116 66.94 41.64 -5.55
C PHE G 116 66.19 42.47 -6.57
N ILE G 117 66.92 43.25 -7.37
CA ILE G 117 66.29 44.09 -8.39
C ILE G 117 66.84 43.79 -9.78
N PHE G 118 65.96 43.80 -10.77
CA PHE G 118 66.34 43.48 -12.13
C PHE G 118 65.87 44.57 -13.08
N PRO G 119 66.81 45.25 -13.74
CA PRO G 119 66.41 46.15 -14.83
C PRO G 119 65.77 45.40 -15.98
N PRO G 120 65.18 46.13 -16.95
CA PRO G 120 64.57 45.48 -18.09
C PRO G 120 65.62 44.89 -19.01
N SER G 121 65.27 43.77 -19.62
CA SER G 121 66.13 43.12 -20.59
C SER G 121 66.38 44.06 -21.78
N ASP G 122 67.61 44.04 -22.30
CA ASP G 122 67.92 44.74 -23.56
C ASP G 122 67.03 44.23 -24.69
N GLU G 123 66.90 42.91 -24.76
CA GLU G 123 66.04 42.24 -25.74
C GLU G 123 64.58 42.70 -25.67
N GLN G 124 64.10 42.98 -24.46
CA GLN G 124 62.72 43.45 -24.26
C GLN G 124 62.59 44.91 -24.67
N LEU G 125 63.56 45.72 -24.27
CA LEU G 125 63.63 47.14 -24.65
C LEU G 125 63.55 47.33 -26.16
N LYS G 126 64.23 46.45 -26.88
CA LYS G 126 64.23 46.43 -28.35
C LYS G 126 62.82 46.26 -28.94
N SER G 127 61.87 45.73 -28.14
CA SER G 127 60.49 45.50 -28.57
C SER G 127 59.49 46.58 -28.14
N GLY G 128 59.94 47.58 -27.40
CA GLY G 128 59.09 48.74 -27.07
C GLY G 128 58.41 48.73 -25.71
N THR G 129 58.84 47.82 -24.83
CA THR G 129 58.28 47.71 -23.47
C THR G 129 59.37 47.40 -22.46
N ALA G 130 59.18 47.88 -21.22
CA ALA G 130 60.17 47.75 -20.16
C ALA G 130 59.56 47.23 -18.87
N SER G 131 59.96 46.03 -18.46
CA SER G 131 59.51 45.43 -17.21
C SER G 131 60.66 45.42 -16.20
N VAL G 132 60.35 45.69 -14.93
CA VAL G 132 61.38 45.73 -13.90
C VAL G 132 60.95 44.87 -12.71
N VAL G 133 61.59 43.71 -12.56
CA VAL G 133 61.20 42.75 -11.53
C VAL G 133 61.96 43.00 -10.24
N CYS G 134 61.26 42.88 -9.11
CA CYS G 134 61.86 43.03 -7.79
C CYS G 134 61.55 41.81 -6.94
N LEU G 135 62.54 40.94 -6.77
CA LEU G 135 62.35 39.65 -6.08
C LEU G 135 62.66 39.77 -4.59
N LEU G 136 61.71 39.35 -3.75
CA LEU G 136 61.89 39.26 -2.30
C LEU G 136 61.93 37.79 -1.92
N ASN G 137 63.04 37.38 -1.30
CA ASN G 137 63.39 35.96 -1.20
C ASN G 137 63.31 35.33 0.20
N ASN G 138 62.54 34.25 0.29
CA ASN G 138 62.54 33.35 1.46
C ASN G 138 62.23 34.03 2.78
N PHE G 139 61.02 34.60 2.88
CA PHE G 139 60.62 35.35 4.08
C PHE G 139 59.41 34.77 4.80
N TYR G 140 59.20 35.23 6.04
CA TYR G 140 58.05 34.82 6.86
C TYR G 140 57.76 35.86 7.95
N PRO G 141 56.49 36.25 8.10
CA PRO G 141 55.29 35.71 7.45
C PRO G 141 54.97 36.28 6.07
N ARG G 142 53.85 35.83 5.52
CA ARG G 142 53.36 36.27 4.21
C ARG G 142 53.39 37.79 4.02
N GLU G 143 52.93 38.52 5.03
CA GLU G 143 52.68 39.95 4.87
C GLU G 143 53.97 40.75 4.60
N ALA G 144 53.91 41.60 3.58
CA ALA G 144 55.06 42.41 3.16
C ALA G 144 54.65 43.47 2.14
N LYS G 145 55.15 44.69 2.30
CA LYS G 145 54.88 45.76 1.30
C LYS G 145 56.05 46.02 0.35
N VAL G 146 55.73 46.16 -0.93
CA VAL G 146 56.70 46.52 -1.96
C VAL G 146 56.29 47.84 -2.63
N GLN G 147 57.19 48.82 -2.60
CA GLN G 147 56.96 50.13 -3.24
C GLN G 147 57.94 50.39 -4.38
N TRP G 148 57.42 50.77 -5.54
CA TRP G 148 58.25 51.23 -6.66
C TRP G 148 58.37 52.76 -6.65
N LYS G 149 59.61 53.26 -6.64
CA LYS G 149 59.88 54.69 -6.68
C LYS G 149 60.77 55.03 -7.87
N VAL G 150 60.20 55.68 -8.88
CA VAL G 150 60.92 56.01 -10.10
C VAL G 150 61.35 57.48 -10.10
N ASP G 151 62.66 57.69 -10.02
CA ASP G 151 63.25 59.01 -9.75
C ASP G 151 62.64 59.62 -8.49
N ASN G 152 62.75 58.85 -7.41
CA ASN G 152 62.19 59.20 -6.11
C ASN G 152 60.69 59.58 -6.16
N ALA G 153 59.98 59.02 -7.13
CA ALA G 153 58.54 59.27 -7.32
C ALA G 153 57.79 57.93 -7.21
N LEU G 154 56.96 57.78 -6.18
CA LEU G 154 56.32 56.49 -5.91
C LEU G 154 55.23 56.17 -6.95
N GLN G 155 55.33 54.98 -7.54
CA GLN G 155 54.37 54.52 -8.55
C GLN G 155 53.20 53.81 -7.92
N SER G 156 52.19 53.55 -8.74
CA SER G 156 51.01 52.77 -8.37
C SER G 156 50.06 52.66 -9.56
N GLY G 157 49.49 51.48 -9.74
CA GLY G 157 48.58 51.23 -10.86
C GLY G 157 49.26 50.69 -12.11
N ASN G 158 50.57 50.48 -12.05
CA ASN G 158 51.36 49.94 -13.18
C ASN G 158 52.20 48.70 -12.86
N SER G 159 52.04 48.17 -11.64
CA SER G 159 52.81 47.01 -11.17
C SER G 159 51.92 45.93 -10.56
N GLN G 160 52.40 44.69 -10.60
CA GLN G 160 51.66 43.55 -10.06
C GLN G 160 52.53 42.61 -9.23
N GLU G 161 51.95 42.04 -8.18
CA GLU G 161 52.64 41.08 -7.32
C GLU G 161 52.17 39.66 -7.61
N SER G 162 53.06 38.72 -7.34
CA SER G 162 52.71 37.30 -7.27
C SER G 162 53.49 36.67 -6.12
N VAL G 163 52.81 35.87 -5.29
CA VAL G 163 53.48 35.22 -4.17
C VAL G 163 53.59 33.70 -4.36
N THR G 164 54.72 33.18 -3.92
CA THR G 164 55.00 31.76 -3.91
C THR G 164 54.15 31.10 -2.85
N GLU G 165 53.89 29.82 -3.01
CA GLU G 165 53.19 29.06 -1.98
C GLU G 165 54.24 28.59 -0.97
N GLN G 166 53.83 28.34 0.26
CA GLN G 166 54.78 28.04 1.32
C GLN G 166 55.78 26.96 0.89
N ASP G 167 57.05 27.15 1.21
CA ASP G 167 58.12 26.23 0.81
C ASP G 167 58.07 24.98 1.67
N SER G 168 58.20 23.81 1.05
CA SER G 168 58.09 22.51 1.76
C SER G 168 59.29 22.12 2.67
N LYS G 169 60.31 22.95 2.77
CA LYS G 169 61.49 22.64 3.58
C LYS G 169 61.75 23.69 4.67
N ASP G 170 61.79 24.96 4.28
CA ASP G 170 61.99 26.06 5.24
C ASP G 170 60.69 26.81 5.57
N SER G 171 59.58 26.38 4.96
CA SER G 171 58.25 26.97 5.21
C SER G 171 58.22 28.49 5.07
N THR G 172 58.85 29.02 4.01
CA THR G 172 58.92 30.47 3.78
C THR G 172 58.38 30.86 2.42
N TYR G 173 58.07 32.14 2.26
CA TYR G 173 57.45 32.68 1.05
C TYR G 173 58.48 33.44 0.19
N SER G 174 58.16 33.58 -1.09
CA SER G 174 58.90 34.45 -1.99
C SER G 174 57.91 35.29 -2.78
N LEU G 175 58.33 36.48 -3.18
CA LEU G 175 57.43 37.45 -3.82
C LEU G 175 58.12 38.08 -5.01
N SER G 176 57.41 38.18 -6.13
CA SER G 176 57.91 38.91 -7.28
C SER G 176 56.95 40.05 -7.57
N SER G 177 57.49 41.25 -7.73
CA SER G 177 56.72 42.41 -8.15
C SER G 177 57.33 42.98 -9.42
N THR G 178 56.48 43.27 -10.40
CA THR G 178 56.94 43.67 -11.71
C THR G 178 56.37 45.03 -12.07
N LEU G 179 57.24 45.94 -12.49
CA LEU G 179 56.86 47.31 -12.85
C LEU G 179 57.01 47.47 -14.36
N THR G 180 55.93 47.88 -15.03
CA THR G 180 55.94 47.96 -16.48
C THR G 180 55.65 49.38 -17.01
N LEU G 181 56.53 49.83 -17.89
CA LEU G 181 56.34 51.06 -18.65
C LEU G 181 56.66 50.78 -20.11
N SER G 182 56.41 51.76 -20.97
CA SER G 182 56.86 51.70 -22.35
C SER G 182 58.35 52.05 -22.42
N LYS G 183 58.99 51.70 -23.53
CA LYS G 183 60.38 52.11 -23.78
C LYS G 183 60.47 53.63 -23.74
N ALA G 184 59.43 54.29 -24.25
CA ALA G 184 59.30 55.74 -24.15
C ALA G 184 59.51 56.22 -22.70
N ASP G 185 58.55 55.93 -21.82
CA ASP G 185 58.58 56.44 -20.44
C ASP G 185 59.74 55.92 -19.60
N TYR G 186 60.20 54.71 -19.88
CA TYR G 186 61.33 54.14 -19.16
C TYR G 186 62.59 54.97 -19.43
N GLU G 187 62.83 55.28 -20.70
CA GLU G 187 64.00 56.04 -21.12
C GLU G 187 63.96 57.51 -20.70
N LYS G 188 62.91 57.92 -20.00
CA LYS G 188 62.79 59.29 -19.47
C LYS G 188 63.09 59.39 -17.98
N HIS G 189 63.84 58.42 -17.43
CA HIS G 189 64.14 58.40 -16.00
C HIS G 189 65.48 57.74 -15.67
N LYS G 190 66.03 58.06 -14.51
CA LYS G 190 67.35 57.55 -14.09
C LYS G 190 67.26 56.42 -13.07
N VAL G 191 66.85 56.75 -11.84
CA VAL G 191 66.93 55.81 -10.71
C VAL G 191 65.62 55.05 -10.46
N TYR G 192 65.65 53.75 -10.73
CA TYR G 192 64.53 52.84 -10.45
C TYR G 192 64.79 52.11 -9.14
N ALA G 193 63.92 52.33 -8.16
CA ALA G 193 64.12 51.77 -6.83
C ALA G 193 62.95 50.87 -6.41
N CYS G 194 63.26 49.95 -5.49
CA CYS G 194 62.28 49.01 -4.94
C CYS G 194 62.47 48.98 -3.43
N GLU G 195 61.47 49.41 -2.68
CA GLU G 195 61.57 49.49 -1.22
C GLU G 195 60.65 48.47 -0.55
N VAL G 196 61.25 47.59 0.25
CA VAL G 196 60.56 46.45 0.85
C VAL G 196 60.34 46.67 2.34
N THR G 197 59.13 46.34 2.82
CA THR G 197 58.85 46.37 4.26
C THR G 197 58.35 45.02 4.74
N HIS G 198 58.93 44.56 5.85
CA HIS G 198 58.63 43.25 6.43
C HIS G 198 59.03 43.27 7.90
N GLN G 199 58.41 42.41 8.71
CA GLN G 199 58.64 42.43 10.16
C GLN G 199 60.09 42.20 10.55
N GLY G 200 60.67 41.10 10.08
CA GLY G 200 62.07 40.76 10.34
C GLY G 200 63.08 41.77 9.81
N LEU G 201 62.61 42.74 9.04
CA LEU G 201 63.39 43.94 8.71
C LEU G 201 63.09 45.01 9.75
N SER G 202 64.13 45.47 10.46
CA SER G 202 63.98 46.54 11.46
C SER G 202 63.70 47.90 10.80
N SER G 203 64.30 48.13 9.64
CA SER G 203 64.04 49.32 8.83
C SER G 203 64.02 48.93 7.35
N PRO G 204 63.07 49.49 6.56
CA PRO G 204 62.89 49.13 5.16
C PRO G 204 64.17 49.03 4.32
N VAL G 205 64.38 47.89 3.68
CA VAL G 205 65.50 47.68 2.77
C VAL G 205 65.16 48.25 1.41
N THR G 206 66.18 48.79 0.73
CA THR G 206 66.02 49.34 -0.62
C THR G 206 67.07 48.81 -1.56
N LYS G 207 66.60 48.32 -2.70
CA LYS G 207 67.44 48.05 -3.86
C LYS G 207 67.07 49.02 -4.96
N SER G 208 68.07 49.42 -5.76
CA SER G 208 67.83 50.32 -6.89
C SER G 208 68.94 50.22 -7.92
N PHE G 209 68.73 50.87 -9.06
CA PHE G 209 69.75 50.95 -10.10
C PHE G 209 69.55 52.21 -10.92
N ASN G 210 70.62 52.69 -11.55
CA ASN G 210 70.56 53.81 -12.47
C ASN G 210 70.42 53.27 -13.88
N ARG G 211 69.51 53.83 -14.66
CA ARG G 211 69.22 53.30 -15.98
C ARG G 211 70.49 53.04 -16.77
N GLY G 212 70.68 51.78 -17.19
CA GLY G 212 71.76 51.41 -18.10
C GLY G 212 73.16 51.32 -17.48
N GLU G 213 73.64 52.43 -16.94
CA GLU G 213 75.02 52.52 -16.47
C GLU G 213 75.29 51.56 -15.31
N CYS G 214 76.54 51.09 -15.23
CA CYS G 214 76.99 50.19 -14.17
C CYS G 214 78.18 50.79 -13.43
N GLU H 1 52.73 -1.51 -12.76
CA GLU H 1 52.83 -0.03 -12.70
C GLU H 1 51.52 0.61 -13.15
N VAL H 2 50.67 0.94 -12.18
CA VAL H 2 49.43 1.63 -12.46
C VAL H 2 49.74 3.08 -12.77
N GLN H 3 49.39 3.52 -13.97
CA GLN H 3 49.41 4.95 -14.28
C GLN H 3 48.22 5.35 -15.14
N LEU H 4 47.79 6.59 -14.97
CA LEU H 4 46.68 7.15 -15.75
C LEU H 4 47.18 8.45 -16.41
N VAL H 5 46.90 8.61 -17.70
CA VAL H 5 47.41 9.77 -18.43
C VAL H 5 46.33 10.53 -19.20
N GLU H 6 45.97 11.72 -18.68
CA GLU H 6 44.92 12.52 -19.30
C GLU H 6 45.50 13.33 -20.42
N SER H 7 44.66 13.63 -21.41
CA SER H 7 45.06 14.39 -22.58
C SER H 7 43.87 15.12 -23.17
N GLY H 8 44.16 16.10 -24.02
CA GLY H 8 43.13 16.78 -24.81
C GLY H 8 42.60 18.06 -24.22
N GLY H 9 43.20 18.54 -23.15
CA GLY H 9 42.86 19.85 -22.61
C GLY H 9 43.17 20.93 -23.62
N GLY H 10 42.58 22.10 -23.44
CA GLY H 10 42.81 23.20 -24.36
C GLY H 10 41.89 24.39 -24.15
N LEU H 11 41.86 25.26 -25.15
CA LEU H 11 41.00 26.44 -25.16
C LEU H 11 39.68 26.06 -25.85
N VAL H 12 38.57 26.65 -25.38
CA VAL H 12 37.25 26.47 -26.01
C VAL H 12 36.39 27.71 -25.87
N GLN H 13 35.72 28.08 -26.97
CA GLN H 13 34.76 29.18 -26.95
C GLN H 13 33.62 28.79 -26.01
N PRO H 14 33.07 29.77 -25.27
CA PRO H 14 31.88 29.51 -24.46
C PRO H 14 30.76 28.93 -25.29
N GLY H 15 30.04 27.97 -24.72
CA GLY H 15 29.04 27.20 -25.45
C GLY H 15 29.62 26.00 -26.19
N GLY H 16 30.94 25.96 -26.33
CA GLY H 16 31.61 24.94 -27.15
C GLY H 16 31.74 23.59 -26.51
N SER H 17 32.27 22.65 -27.28
CA SER H 17 32.45 21.26 -26.86
C SER H 17 33.93 20.91 -26.85
N LEU H 18 34.29 19.89 -26.07
CA LEU H 18 35.69 19.41 -25.97
C LEU H 18 35.71 18.02 -25.33
N ARG H 19 36.46 17.10 -25.94
CA ARG H 19 36.56 15.72 -25.46
C ARG H 19 37.93 15.48 -24.84
N LEU H 20 37.94 15.15 -23.55
CA LEU H 20 39.14 14.78 -22.83
C LEU H 20 39.23 13.27 -22.85
N SER H 21 40.47 12.76 -22.83
CA SER H 21 40.71 11.33 -22.82
C SER H 21 41.66 10.97 -21.67
N CYS H 22 41.47 9.78 -21.08
CA CYS H 22 42.28 9.32 -19.95
C CYS H 22 42.81 7.90 -20.22
N ALA H 23 44.11 7.80 -20.47
CA ALA H 23 44.71 6.53 -20.91
C ALA H 23 45.15 5.64 -19.73
N ALA H 24 44.32 4.66 -19.39
CA ALA H 24 44.62 3.74 -18.30
C ALA H 24 45.59 2.66 -18.75
N SER H 25 46.48 2.29 -17.83
CA SER H 25 47.44 1.22 -18.08
C SER H 25 47.87 0.63 -16.74
N GLY H 26 48.32 -0.61 -16.76
CA GLY H 26 48.82 -1.27 -15.55
C GLY H 26 47.83 -2.16 -14.80
N PHE H 27 46.54 -2.10 -15.13
CA PHE H 27 45.55 -2.90 -14.39
C PHE H 27 44.41 -3.28 -15.31
N SER H 28 43.68 -4.34 -14.94
CA SER H 28 42.57 -4.83 -15.77
C SER H 28 41.39 -3.85 -15.70
N PHE H 29 41.25 -3.09 -16.79
CA PHE H 29 40.27 -2.00 -16.93
C PHE H 29 38.83 -2.42 -16.61
N THR H 30 38.52 -3.68 -16.91
CA THR H 30 37.17 -4.19 -16.78
C THR H 30 36.82 -4.63 -15.34
N SER H 31 37.80 -4.64 -14.44
CA SER H 31 37.55 -5.02 -13.05
C SER H 31 37.38 -3.84 -12.10
N SER H 32 37.55 -2.63 -12.63
CA SER H 32 37.49 -1.42 -11.82
C SER H 32 36.59 -0.41 -12.48
N SER H 33 36.57 0.80 -11.92
CA SER H 33 35.97 1.94 -12.57
C SER H 33 36.98 3.06 -12.54
N VAL H 34 36.68 4.11 -13.30
CA VAL H 34 37.50 5.30 -13.35
C VAL H 34 36.59 6.51 -13.19
N SER H 35 36.97 7.47 -12.34
CA SER H 35 36.18 8.69 -12.20
C SER H 35 36.94 9.91 -12.69
N TRP H 36 36.20 10.87 -13.24
CA TRP H 36 36.75 12.18 -13.59
C TRP H 36 36.51 13.14 -12.43
N VAL H 37 37.51 13.97 -12.17
CA VAL H 37 37.45 14.93 -11.08
C VAL H 37 38.11 16.22 -11.54
N ARG H 38 37.54 17.36 -11.16
CA ARG H 38 38.07 18.65 -11.59
C ARG H 38 38.30 19.63 -10.44
N GLN H 39 39.16 20.61 -10.71
CA GLN H 39 39.49 21.65 -9.75
C GLN H 39 39.63 22.99 -10.45
N ALA H 40 38.67 23.89 -10.23
CA ALA H 40 38.71 25.22 -10.79
C ALA H 40 39.84 26.00 -10.13
N PRO H 41 40.41 26.97 -10.84
CA PRO H 41 41.56 27.70 -10.33
C PRO H 41 41.28 28.22 -8.93
N GLY H 42 42.08 27.79 -7.95
CA GLY H 42 41.99 28.30 -6.57
C GLY H 42 40.90 27.66 -5.72
N LYS H 43 39.81 27.24 -6.36
CA LYS H 43 38.76 26.46 -5.71
C LYS H 43 39.24 25.03 -5.42
N GLY H 44 38.36 24.22 -4.83
CA GLY H 44 38.70 22.86 -4.41
C GLY H 44 38.21 21.80 -5.38
N LEU H 45 38.24 20.55 -4.92
CA LEU H 45 37.92 19.40 -5.78
C LEU H 45 36.43 19.13 -5.93
N GLU H 46 36.02 18.80 -7.15
CA GLU H 46 34.64 18.44 -7.46
C GLU H 46 34.60 17.15 -8.28
N TRP H 47 33.93 16.12 -7.76
CA TRP H 47 33.75 14.87 -8.48
C TRP H 47 32.72 15.13 -9.55
N VAL H 48 33.03 14.68 -10.76
CA VAL H 48 32.24 14.98 -11.95
C VAL H 48 31.46 13.78 -12.49
N GLY H 49 32.08 12.61 -12.50
CA GLY H 49 31.37 11.40 -12.90
C GLY H 49 32.31 10.20 -12.91
N LEU H 50 31.75 9.04 -13.21
CA LEU H 50 32.54 7.81 -13.34
C LEU H 50 31.99 6.87 -14.39
N ILE H 51 32.76 5.83 -14.68
CA ILE H 51 32.35 4.82 -15.65
C ILE H 51 32.85 3.45 -15.24
N TYR H 52 32.00 2.44 -15.45
CA TYR H 52 32.37 1.04 -15.29
C TYR H 52 32.61 0.41 -16.66
N PRO H 53 33.87 0.29 -17.07
CA PRO H 53 34.20 -0.12 -18.45
C PRO H 53 33.78 -1.55 -18.86
N TYR H 54 33.36 -2.35 -17.89
CA TYR H 54 32.81 -3.69 -18.14
C TYR H 54 31.46 -3.59 -18.84
N ASN H 55 30.82 -2.45 -18.63
CA ASN H 55 29.39 -2.31 -18.61
C ASN H 55 28.90 -1.08 -19.36
N GLY H 56 29.77 -0.07 -19.47
CA GLY H 56 29.38 1.26 -19.88
C GLY H 56 28.68 2.08 -18.79
N PHE H 57 28.46 1.50 -17.62
CA PHE H 57 27.55 2.08 -16.63
C PHE H 57 28.08 3.37 -16.04
N ASN H 58 27.24 4.41 -16.04
CA ASN H 58 27.64 5.78 -15.71
C ASN H 58 26.99 6.35 -14.46
N TYR H 59 27.65 7.37 -13.90
CA TYR H 59 27.06 8.23 -12.87
C TYR H 59 27.59 9.64 -13.06
N TYR H 60 26.74 10.64 -12.87
CA TYR H 60 27.12 12.02 -13.10
C TYR H 60 26.73 12.95 -11.95
N ALA H 61 27.56 13.96 -11.73
CA ALA H 61 27.29 14.97 -10.73
C ALA H 61 26.18 15.88 -11.23
N ASP H 62 25.19 16.16 -10.38
CA ASP H 62 24.10 17.07 -10.74
C ASP H 62 24.64 18.29 -11.49
N SER H 63 25.73 18.87 -10.98
CA SER H 63 26.32 20.08 -11.56
C SER H 63 26.75 19.98 -13.01
N VAL H 64 26.81 18.77 -13.55
CA VAL H 64 27.33 18.59 -14.91
C VAL H 64 26.40 17.71 -15.79
N LYS H 65 25.27 17.28 -15.23
CA LYS H 65 24.39 16.34 -15.90
C LYS H 65 23.62 17.00 -17.03
N GLY H 66 23.54 16.31 -18.16
CA GLY H 66 22.89 16.83 -19.36
C GLY H 66 23.84 17.61 -20.23
N ARG H 67 25.10 17.71 -19.80
CA ARG H 67 26.14 18.37 -20.57
C ARG H 67 27.32 17.42 -20.80
N PHE H 68 27.78 16.77 -19.73
CA PHE H 68 28.96 15.92 -19.75
C PHE H 68 28.55 14.45 -19.81
N THR H 69 29.24 13.67 -20.63
CA THR H 69 29.11 12.20 -20.60
C THR H 69 30.48 11.54 -20.60
N ILE H 70 30.54 10.31 -20.07
CA ILE H 70 31.76 9.52 -20.04
C ILE H 70 31.59 8.22 -20.82
N SER H 71 32.53 7.93 -21.70
CA SER H 71 32.57 6.68 -22.47
C SER H 71 33.92 5.98 -22.32
N ALA H 72 34.06 4.79 -22.89
CA ALA H 72 35.34 4.08 -22.85
C ALA H 72 35.53 3.13 -24.02
N ASN H 73 36.77 3.05 -24.48
CA ASN H 73 37.21 2.00 -25.40
C ASN H 73 37.92 0.95 -24.55
N THR H 74 37.28 -0.20 -24.38
CA THR H 74 37.79 -1.20 -23.46
C THR H 74 39.01 -1.94 -24.03
N SER H 75 39.12 -2.01 -25.35
CA SER H 75 40.32 -2.57 -25.97
C SER H 75 41.52 -1.63 -25.86
N LYS H 76 41.24 -0.33 -25.68
CA LYS H 76 42.26 0.71 -25.63
C LYS H 76 42.57 1.18 -24.18
N ASN H 77 41.95 0.52 -23.20
CA ASN H 77 42.04 0.93 -21.79
C ASN H 77 41.98 2.45 -21.61
N THR H 78 41.00 3.08 -22.25
CA THR H 78 40.88 4.53 -22.23
C THR H 78 39.45 4.97 -21.91
N ALA H 79 39.33 5.97 -21.04
CA ALA H 79 38.05 6.59 -20.77
C ALA H 79 38.06 7.99 -21.38
N TYR H 80 36.90 8.42 -21.88
CA TYR H 80 36.75 9.76 -22.45
C TYR H 80 35.70 10.51 -21.67
N LEU H 81 35.92 11.81 -21.48
CA LEU H 81 34.89 12.72 -20.99
C LEU H 81 34.52 13.66 -22.11
N GLN H 82 33.35 13.47 -22.70
CA GLN H 82 32.84 14.41 -23.69
C GLN H 82 32.11 15.52 -22.94
N MET H 83 32.53 16.76 -23.19
CA MET H 83 31.92 17.94 -22.58
C MET H 83 31.19 18.73 -23.65
N ASN H 84 29.96 19.15 -23.34
CA ASN H 84 29.18 19.99 -24.23
C ASN H 84 28.63 21.20 -23.51
N SER H 85 28.38 22.27 -24.26
CA SER H 85 27.71 23.44 -23.73
C SER H 85 28.50 24.03 -22.56
N LEU H 86 29.80 24.24 -22.79
CA LEU H 86 30.72 24.68 -21.75
C LEU H 86 30.52 26.14 -21.35
N ARG H 87 30.71 26.41 -20.06
CA ARG H 87 30.61 27.76 -19.50
C ARG H 87 31.94 28.14 -18.88
N ALA H 88 32.07 29.39 -18.45
CA ALA H 88 33.32 29.90 -17.83
C ALA H 88 33.61 29.18 -16.52
N GLU H 89 32.55 28.79 -15.83
CA GLU H 89 32.62 28.12 -14.54
C GLU H 89 33.01 26.63 -14.67
N ASP H 90 33.17 26.14 -15.89
CA ASP H 90 33.70 24.80 -16.12
C ASP H 90 35.21 24.80 -16.31
N THR H 91 35.83 25.98 -16.26
CA THR H 91 37.28 26.08 -16.38
C THR H 91 37.90 25.44 -15.16
N ALA H 92 38.78 24.47 -15.36
CA ALA H 92 39.38 23.75 -14.26
C ALA H 92 40.38 22.75 -14.77
N VAL H 93 41.18 22.21 -13.87
CA VAL H 93 42.09 21.13 -14.21
C VAL H 93 41.30 19.83 -14.09
N TYR H 94 41.26 19.03 -15.16
CA TYR H 94 40.47 17.79 -15.14
C TYR H 94 41.34 16.56 -14.89
N TYR H 95 41.11 15.91 -13.75
CA TYR H 95 41.84 14.72 -13.36
C TYR H 95 41.01 13.48 -13.67
N CYS H 96 41.69 12.38 -13.95
CA CYS H 96 41.06 11.08 -13.92
C CYS H 96 41.82 10.24 -12.90
N ALA H 97 41.08 9.47 -12.12
CA ALA H 97 41.67 8.60 -11.11
C ALA H 97 40.84 7.33 -11.03
N ARG H 98 41.46 6.25 -10.54
CA ARG H 98 40.78 4.95 -10.55
C ARG H 98 40.16 4.62 -9.20
N ASN H 99 38.91 4.20 -9.26
CA ASN H 99 38.17 3.85 -8.07
C ASN H 99 38.60 2.47 -7.58
N ALA H 100 38.98 2.41 -6.31
CA ALA H 100 39.44 1.19 -5.69
C ALA H 100 38.56 0.89 -4.48
N LEU H 101 37.76 -0.16 -4.61
CA LEU H 101 36.85 -0.62 -3.54
C LEU H 101 37.63 -0.89 -2.25
N TYR H 102 37.04 -0.68 -1.08
CA TYR H 102 37.81 -0.97 0.14
C TYR H 102 37.14 -1.69 1.28
N GLY H 103 35.92 -1.35 1.62
CA GLY H 103 35.33 -1.94 2.79
C GLY H 103 34.60 -3.17 2.35
N SER H 104 33.33 -3.23 2.71
CA SER H 104 32.30 -3.91 1.96
C SER H 104 31.10 -2.97 1.99
N GLY H 105 30.19 -3.13 1.04
CA GLY H 105 29.01 -2.27 0.94
C GLY H 105 29.09 -1.26 -0.19
N GLY H 106 30.18 -1.31 -0.95
CA GLY H 106 30.30 -0.56 -2.19
C GLY H 106 31.06 0.73 -2.15
N TYR H 107 31.84 0.93 -1.09
CA TYR H 107 32.62 2.14 -0.91
C TYR H 107 33.95 2.01 -1.66
N TYR H 108 34.57 3.15 -1.96
CA TYR H 108 35.86 3.16 -2.68
C TYR H 108 36.61 4.46 -2.49
N ALA H 109 37.91 4.38 -2.76
CA ALA H 109 38.81 5.51 -2.66
C ALA H 109 39.49 5.64 -4.01
N MET H 110 40.04 6.82 -4.29
CA MET H 110 40.71 7.06 -5.55
C MET H 110 42.19 6.94 -5.24
N ASP H 111 42.83 5.86 -5.67
CA ASP H 111 44.21 5.57 -5.26
C ASP H 111 45.28 6.06 -6.23
N TYR H 112 45.05 5.91 -7.52
CA TYR H 112 45.95 6.46 -8.53
C TYR H 112 45.26 7.58 -9.31
N TRP H 113 45.97 8.69 -9.48
CA TRP H 113 45.47 9.83 -10.22
C TRP H 113 46.41 10.18 -11.38
N GLY H 114 45.87 10.81 -12.41
CA GLY H 114 46.68 11.35 -13.47
C GLY H 114 47.21 12.71 -13.09
N GLN H 115 47.89 13.37 -14.02
CA GLN H 115 48.52 14.68 -13.77
C GLN H 115 47.52 15.85 -13.91
N GLY H 116 46.52 15.67 -14.75
CA GLY H 116 45.52 16.70 -15.03
C GLY H 116 45.77 17.39 -16.36
N THR H 117 44.71 17.83 -17.01
CA THR H 117 44.84 18.82 -18.09
C THR H 117 43.94 19.99 -17.79
N LEU H 118 44.41 21.17 -18.18
CA LEU H 118 43.69 22.42 -18.00
C LEU H 118 42.72 22.59 -19.15
N VAL H 119 41.43 22.61 -18.84
CA VAL H 119 40.44 23.06 -19.80
C VAL H 119 40.10 24.49 -19.41
N THR H 120 40.10 25.38 -20.40
CA THR H 120 39.87 26.81 -20.14
C THR H 120 38.87 27.34 -21.17
N VAL H 121 37.78 27.91 -20.65
CA VAL H 121 36.63 28.32 -21.45
C VAL H 121 36.63 29.82 -21.59
N SER H 122 36.95 30.31 -22.78
CA SER H 122 37.11 31.75 -23.02
C SER H 122 36.94 32.13 -24.49
N SER H 123 36.49 33.36 -24.72
CA SER H 123 36.36 33.91 -26.07
C SER H 123 37.74 34.26 -26.62
N ALA H 124 38.67 34.55 -25.72
CA ALA H 124 40.00 35.06 -26.05
C ALA H 124 40.81 34.16 -26.97
N SER H 125 41.83 34.75 -27.58
CA SER H 125 42.69 34.08 -28.55
C SER H 125 44.02 33.70 -27.95
N THR H 126 44.66 32.70 -28.54
CA THR H 126 45.97 32.24 -28.12
C THR H 126 47.05 33.26 -28.47
N LYS H 127 48.05 33.36 -27.60
CA LYS H 127 49.26 34.14 -27.85
C LYS H 127 50.46 33.46 -27.20
N GLY H 128 51.55 33.36 -27.94
CA GLY H 128 52.79 32.82 -27.42
C GLY H 128 53.49 33.84 -26.54
N PRO H 129 54.27 33.37 -25.56
CA PRO H 129 54.98 34.27 -24.68
C PRO H 129 56.30 34.74 -25.27
N SER H 130 56.75 35.90 -24.84
CA SER H 130 58.15 36.28 -25.00
C SER H 130 58.91 35.88 -23.75
N VAL H 131 60.15 35.42 -23.91
CA VAL H 131 60.99 35.02 -22.78
C VAL H 131 62.22 35.92 -22.68
N PHE H 132 62.35 36.62 -21.57
CA PHE H 132 63.48 37.51 -21.36
C PHE H 132 64.28 37.08 -20.14
N PRO H 133 65.61 37.29 -20.17
CA PRO H 133 66.46 36.94 -19.05
C PRO H 133 66.35 37.94 -17.91
N LEU H 134 66.66 37.49 -16.70
CA LEU H 134 66.81 38.37 -15.55
C LEU H 134 68.25 38.26 -15.10
N ALA H 135 69.06 39.20 -15.57
CA ALA H 135 70.51 39.14 -15.44
C ALA H 135 70.95 39.36 -13.99
N PRO H 136 71.90 38.53 -13.50
CA PRO H 136 72.50 38.67 -12.17
C PRO H 136 73.20 40.01 -11.92
N SER H 137 72.72 40.75 -10.91
CA SER H 137 73.36 41.98 -10.46
C SER H 137 74.65 41.61 -9.71
N SER H 138 75.77 42.26 -10.08
CA SER H 138 77.10 41.93 -9.54
C SER H 138 77.27 42.41 -8.08
N GLY H 144 78.20 36.41 -1.70
CA GLY H 144 77.39 35.40 -1.01
C GLY H 144 76.59 34.58 -1.99
N THR H 145 75.42 35.09 -2.37
CA THR H 145 74.54 34.43 -3.33
C THR H 145 74.10 35.41 -4.42
N ALA H 146 73.87 34.87 -5.61
CA ALA H 146 73.35 35.63 -6.75
C ALA H 146 72.01 35.08 -7.21
N ALA H 147 71.09 35.97 -7.55
CA ALA H 147 69.79 35.60 -8.09
C ALA H 147 69.76 35.89 -9.59
N LEU H 148 69.28 34.92 -10.34
CA LEU H 148 69.03 35.06 -11.78
C LEU H 148 67.66 34.46 -12.08
N GLY H 149 67.12 34.77 -13.26
CA GLY H 149 65.80 34.25 -13.64
C GLY H 149 65.35 34.51 -15.07
N CYS H 150 64.04 34.32 -15.28
CA CYS H 150 63.40 34.48 -16.59
C CYS H 150 62.04 35.16 -16.46
N LEU H 151 61.66 35.94 -17.46
CA LEU H 151 60.41 36.68 -17.45
C LEU H 151 59.54 36.28 -18.62
N VAL H 152 58.73 35.25 -18.44
CA VAL H 152 57.81 34.83 -19.51
C VAL H 152 56.70 35.84 -19.57
N LYS H 153 56.58 36.55 -20.69
CA LYS H 153 55.62 37.65 -20.79
C LYS H 153 54.58 37.49 -21.90
N ASP H 154 53.39 38.02 -21.64
CA ASP H 154 52.31 38.16 -22.61
C ASP H 154 52.01 36.88 -23.39
N TYR H 155 51.22 36.01 -22.75
CA TYR H 155 50.73 34.78 -23.35
C TYR H 155 49.31 34.48 -22.87
N PHE H 156 48.61 33.64 -23.61
CA PHE H 156 47.29 33.14 -23.20
C PHE H 156 46.96 31.87 -23.97
N PRO H 157 46.30 30.88 -23.32
CA PRO H 157 45.83 30.82 -21.94
C PRO H 157 46.89 30.12 -21.12
N GLU H 158 46.62 29.88 -19.83
CA GLU H 158 47.50 29.01 -19.07
C GLU H 158 47.54 27.64 -19.75
N PRO H 159 48.53 26.80 -19.42
CA PRO H 159 49.67 27.00 -18.55
C PRO H 159 50.97 27.14 -19.31
N VAL H 160 52.01 27.50 -18.57
CA VAL H 160 53.37 27.55 -19.09
C VAL H 160 54.25 26.82 -18.10
N THR H 161 54.89 25.75 -18.54
CA THR H 161 55.86 25.06 -17.71
C THR H 161 57.25 25.64 -17.95
N VAL H 162 58.01 25.73 -16.86
CA VAL H 162 59.36 26.26 -16.90
C VAL H 162 60.28 25.33 -16.12
N SER H 163 61.48 25.11 -16.65
CA SER H 163 62.51 24.35 -15.95
C SER H 163 63.88 24.97 -16.20
N TRP H 164 64.90 24.47 -15.52
CA TRP H 164 66.26 24.99 -15.64
C TRP H 164 67.27 23.89 -15.94
N ASN H 165 68.15 24.17 -16.90
CA ASN H 165 69.15 23.21 -17.38
C ASN H 165 68.51 21.87 -17.72
N SER H 166 67.32 21.93 -18.29
CA SER H 166 66.58 20.75 -18.73
C SER H 166 66.31 19.73 -17.62
N GLY H 167 66.14 20.22 -16.40
CA GLY H 167 65.81 19.36 -15.27
C GLY H 167 66.93 19.23 -14.25
N ALA H 168 68.16 19.58 -14.66
CA ALA H 168 69.34 19.43 -13.79
C ALA H 168 69.25 20.31 -12.56
N LEU H 169 69.18 21.62 -12.79
CA LEU H 169 69.08 22.61 -11.71
C LEU H 169 67.64 22.69 -11.22
N THR H 170 67.39 22.17 -10.02
CA THR H 170 66.06 22.18 -9.43
C THR H 170 66.03 22.87 -8.04
N SER H 171 67.13 22.76 -7.30
CA SER H 171 67.23 23.32 -5.97
C SER H 171 67.27 24.85 -6.02
N GLY H 172 66.56 25.49 -5.09
CA GLY H 172 66.55 26.96 -5.00
C GLY H 172 65.67 27.68 -6.02
N VAL H 173 64.95 26.94 -6.85
CA VAL H 173 64.11 27.51 -7.91
C VAL H 173 62.71 27.88 -7.44
N HIS H 174 62.31 29.13 -7.66
CA HIS H 174 60.91 29.56 -7.43
C HIS H 174 60.27 30.03 -8.74
N THR H 175 59.32 29.24 -9.26
CA THR H 175 58.48 29.69 -10.39
C THR H 175 57.15 30.28 -9.88
N PHE H 176 56.97 31.59 -10.08
CA PHE H 176 55.82 32.29 -9.53
C PHE H 176 54.53 31.99 -10.29
N PRO H 177 53.40 31.95 -9.56
CA PRO H 177 52.08 31.93 -10.18
C PRO H 177 51.90 33.06 -11.17
N ALA H 178 51.23 32.78 -12.28
CA ALA H 178 50.97 33.78 -13.31
C ALA H 178 49.99 34.84 -12.78
N VAL H 179 50.13 36.05 -13.28
CA VAL H 179 49.13 37.10 -13.04
C VAL H 179 48.52 37.52 -14.36
N LEU H 180 47.23 37.86 -14.31
CA LEU H 180 46.50 38.31 -15.47
C LEU H 180 46.72 39.79 -15.57
N GLN H 181 47.33 40.24 -16.66
CA GLN H 181 47.59 41.67 -16.84
C GLN H 181 46.32 42.35 -17.30
N SER H 182 46.24 43.65 -17.06
CA SER H 182 45.12 44.46 -17.56
C SER H 182 44.98 44.35 -19.08
N SER H 183 46.08 44.02 -19.75
CA SER H 183 46.06 43.74 -21.19
C SER H 183 45.34 42.45 -21.56
N GLY H 184 44.94 41.66 -20.56
CA GLY H 184 44.22 40.41 -20.80
C GLY H 184 45.10 39.18 -21.02
N LEU H 185 46.42 39.37 -21.03
CA LEU H 185 47.37 38.25 -21.15
C LEU H 185 48.07 37.99 -19.83
N TYR H 186 48.57 36.77 -19.68
CA TYR H 186 49.31 36.35 -18.49
C TYR H 186 50.78 36.61 -18.68
N SER H 187 51.47 36.79 -17.57
CA SER H 187 52.92 36.73 -17.56
C SER H 187 53.38 36.23 -16.21
N LEU H 188 54.54 35.60 -16.19
CA LEU H 188 55.09 35.04 -14.95
C LEU H 188 56.60 35.19 -14.92
N SER H 189 57.15 35.03 -13.72
CA SER H 189 58.59 35.05 -13.52
C SER H 189 59.04 33.74 -12.89
N SER H 190 60.16 33.23 -13.37
CA SER H 190 60.82 32.08 -12.77
C SER H 190 62.23 32.50 -12.41
N VAL H 191 62.69 32.05 -11.25
CA VAL H 191 63.89 32.58 -10.64
C VAL H 191 64.61 31.47 -9.89
N VAL H 192 65.91 31.62 -9.72
CA VAL H 192 66.68 30.69 -8.91
C VAL H 192 67.88 31.40 -8.30
N THR H 193 68.23 31.03 -7.07
CA THR H 193 69.42 31.56 -6.42
C THR H 193 70.57 30.55 -6.58
N VAL H 194 71.79 31.08 -6.64
CA VAL H 194 72.99 30.25 -6.82
C VAL H 194 74.19 30.91 -6.17
N PRO H 195 75.20 30.11 -5.78
CA PRO H 195 76.46 30.67 -5.28
C PRO H 195 77.15 31.49 -6.35
N SER H 196 77.50 32.74 -6.04
CA SER H 196 78.00 33.69 -7.06
C SER H 196 79.38 33.34 -7.63
N SER H 197 80.10 32.44 -6.95
CA SER H 197 81.33 31.89 -7.48
C SER H 197 81.08 31.12 -8.77
N SER H 198 80.02 30.31 -8.78
CA SER H 198 79.68 29.44 -9.93
C SER H 198 79.24 30.19 -11.19
N LEU H 199 78.87 31.47 -11.05
CA LEU H 199 78.58 32.30 -12.23
C LEU H 199 79.80 32.30 -13.14
N GLY H 200 79.56 32.45 -14.45
CA GLY H 200 80.66 32.47 -15.42
C GLY H 200 81.05 31.08 -15.89
N THR H 201 81.46 30.23 -14.95
CA THR H 201 81.82 28.83 -15.25
C THR H 201 80.59 27.94 -15.48
N GLN H 202 79.56 28.08 -14.64
CA GLN H 202 78.29 27.38 -14.84
C GLN H 202 77.34 28.26 -15.68
N THR H 203 76.69 27.67 -16.67
CA THR H 203 75.69 28.39 -17.47
C THR H 203 74.28 27.92 -17.15
N TYR H 204 73.33 28.86 -17.24
CA TYR H 204 71.96 28.64 -16.84
C TYR H 204 71.02 29.01 -17.97
N ILE H 205 70.16 28.07 -18.36
CA ILE H 205 69.13 28.36 -19.34
C ILE H 205 67.77 27.96 -18.80
N CYS H 206 66.76 28.79 -19.03
CA CYS H 206 65.40 28.42 -18.63
C CYS H 206 64.68 27.79 -19.81
N ASN H 207 64.01 26.67 -19.55
CA ASN H 207 63.31 25.92 -20.57
C ASN H 207 61.81 26.17 -20.45
N VAL H 208 61.32 27.12 -21.22
CA VAL H 208 59.93 27.50 -21.21
C VAL H 208 59.17 26.66 -22.23
N ASN H 209 57.91 26.37 -21.94
CA ASN H 209 57.06 25.66 -22.88
C ASN H 209 55.61 26.07 -22.73
N HIS H 210 54.97 26.34 -23.87
CA HIS H 210 53.60 26.82 -23.92
C HIS H 210 52.88 26.07 -25.04
N LYS H 211 52.36 24.89 -24.69
CA LYS H 211 51.76 23.98 -25.67
C LYS H 211 50.61 24.57 -26.48
N PRO H 212 49.73 25.37 -25.84
CA PRO H 212 48.66 26.04 -26.59
C PRO H 212 49.09 26.82 -27.84
N SER H 213 50.30 27.37 -27.84
CA SER H 213 50.82 28.13 -28.99
C SER H 213 52.03 27.47 -29.64
N ASN H 214 52.37 26.26 -29.19
CA ASN H 214 53.58 25.56 -29.62
C ASN H 214 54.87 26.38 -29.48
N THR H 215 54.84 27.43 -28.67
CA THR H 215 56.04 28.17 -28.35
C THR H 215 56.84 27.29 -27.41
N LYS H 216 58.01 26.88 -27.86
CA LYS H 216 58.99 26.19 -27.02
C LYS H 216 60.24 27.04 -27.08
N VAL H 217 60.72 27.50 -25.92
CA VAL H 217 61.86 28.40 -25.86
C VAL H 217 62.91 27.93 -24.85
N ASP H 218 64.18 28.00 -25.24
CA ASP H 218 65.31 27.68 -24.36
C ASP H 218 66.23 28.88 -24.29
N LYS H 219 65.93 29.81 -23.38
CA LYS H 219 66.70 31.04 -23.22
C LYS H 219 67.84 30.81 -22.23
N LYS H 220 69.04 31.23 -22.61
CA LYS H 220 70.19 31.26 -21.72
C LYS H 220 70.21 32.56 -20.95
N VAL H 221 70.69 32.51 -19.71
CA VAL H 221 70.73 33.68 -18.84
C VAL H 221 72.17 33.84 -18.30
N GLU H 222 72.81 34.95 -18.64
CA GLU H 222 74.20 35.19 -18.24
C GLU H 222 74.42 36.59 -17.66
N PRO H 223 75.49 36.75 -16.85
CA PRO H 223 75.72 37.98 -16.11
C PRO H 223 75.84 39.22 -16.99
N LYS H 224 75.60 40.38 -16.38
CA LYS H 224 75.54 41.65 -17.09
C LYS H 224 76.88 42.05 -17.73
N SER H 225 76.83 42.38 -19.01
CA SER H 225 77.97 42.95 -19.74
C SER H 225 77.94 44.48 -19.65
N CYS H 226 76.74 45.04 -19.88
CA CYS H 226 76.46 46.49 -19.88
C CYS H 226 77.59 47.41 -20.40
#